data_9OSW
#
_entry.id   9OSW
#
_cell.length_a   1.00
_cell.length_b   1.00
_cell.length_c   1.00
_cell.angle_alpha   90.00
_cell.angle_beta   90.00
_cell.angle_gamma   90.00
#
_symmetry.space_group_name_H-M   'P 1'
#
loop_
_entity.id
_entity.type
_entity.pdbx_description
1 polymer 'DNA polymerase theta'
2 non-polymer "(3M)-2'-chloro-N-{5-[(1S,2S)-2-(4-cyanophenyl)cyclopropyl]-1,3,4-thiadiazol-2-yl}-5'-methoxy[3,4'-bipyridine]-4-carboxamide"
#
_entity_poly.entity_id   1
_entity_poly.type   'polypeptide(L)'
_entity_poly.pdbx_seq_one_letter_code
;MNLLRRSGKRRRSESGSDSFSGSGGDSSASPQFLSGSVLSPPPGLGRCLKAAAAGECKPTVPDYERDKLLLANWGLPKAV
LEKYHSFGVKKMFEWQAECLLLGQVLEGKNLVYSAPTSAGKTLVAELLILKRVLEMRKKALFILPFVSVAKEKKYYLQSL
FQEVGIKVDGYMGSTSPSRHFSSLDIAVCTIERANGLINRLIEENKMDLLGMVVVDELHMLGDSHRGYLLELLLTKICYI
TRKSASCQADLASSLSNAVQIVGMSATLPNLELVASWLNAELYHTDFRPVPLLESVKVGNSIYDSSMKLVREFEPMLQVK
GDEDHVVSLCYETICDNHSVLLFCPSKKWCEKLADIIAREFYNLHHQAEGLVKPSECPPVILEQKELLEVMDQLRRLPSG
LDSVLQKTVPWGVAFHHAGLTFEERDIIEGAFRQGLIRVLAATSTLSSGVNLPARRVIIRTPIFGGRPLDILTYKQMVGR
AGRKGVDTVGESILICKNSEKSKGIALLQGSLKPVRSCLQRREGEEVTGSMIRAILEIIVGGVASTSQDMHTYAACTFLA
ASMKEGKQGIQRNQESVQLGAIEACVMWLLENEFIQSTEASDGTEGKVYHPTHLGSATLSSSLSPADTLDIFADLQRAMK
GFVLENDLHILYLVTPMFEDWTTIDWYRFFCLWEKLPTSMKRVAELVGVEEGFLARCVKGKVVARTERQHRQMAIHKRFF
TSLVLLDLISEVPLREINQKYGCNRGQIQSLQQSAAVYAGMITVFSNRLGWHNMELLLSQFQKRLTFGIQRELCDLVRVS
LLNAQRARVLYASGFHTVADLARANIVEVEVILKNAVPFKSARKAVDEEEEAVEERRNMRTIWVTGRKGLTEREAAALIV
EEARMILQQDLVEMGVQWNPCALL
;
_entity_poly.pdbx_strand_id   A,B,C,D
#
loop_
_chem_comp.id
_chem_comp.type
_chem_comp.name
_chem_comp.formula
A1CER non-polymer (3M)-2'-chloro-N-{5-[(1S,2S)-2-(4-cyanophenyl)cyclopropyl]-1,3,4-thiadiazol-2-yl}-5'-methoxy[3,4'-bipyridine]-4-carboxamide 'C24 H17 Cl N6 O2 S'
#
# COMPACT_ATOMS: atom_id res chain seq x y z
N GLY A 108 35.26 25.84 46.53
CA GLY A 108 34.36 25.69 45.40
C GLY A 108 33.34 26.81 45.31
N LYS A 109 33.82 28.06 45.37
CA LYS A 109 32.98 29.23 45.27
C LYS A 109 32.80 29.70 43.83
N ASN A 110 32.95 28.79 42.87
CA ASN A 110 32.85 29.13 41.45
C ASN A 110 33.90 30.16 41.07
N LEU A 111 33.98 30.50 39.78
CA LEU A 111 34.98 31.42 39.28
C LEU A 111 34.63 31.79 37.85
N VAL A 112 34.85 33.05 37.49
CA VAL A 112 34.74 33.51 36.12
C VAL A 112 35.89 34.47 35.86
N TYR A 113 36.58 34.27 34.74
CA TYR A 113 37.73 35.10 34.41
C TYR A 113 37.86 35.20 32.90
N SER A 114 38.54 36.26 32.46
CA SER A 114 38.79 36.51 31.06
C SER A 114 40.22 36.97 30.88
N ALA A 115 40.75 36.73 29.69
CA ALA A 115 42.10 37.13 29.33
C ALA A 115 42.29 36.88 27.85
N PRO A 116 43.16 37.64 27.19
CA PRO A 116 43.39 37.41 25.76
C PRO A 116 44.06 36.07 25.53
N THR A 117 43.75 35.47 24.39
CA THR A 117 44.40 34.22 24.02
C THR A 117 45.86 34.47 23.66
N SER A 118 46.63 33.39 23.59
CA SER A 118 48.07 33.48 23.36
C SER A 118 48.78 34.05 24.58
N ALA A 119 48.18 33.86 25.75
CA ALA A 119 48.75 34.34 27.00
C ALA A 119 48.68 33.27 28.09
N GLY A 120 48.71 32.00 27.71
CA GLY A 120 48.64 30.93 28.68
C GLY A 120 47.39 31.00 29.54
N LYS A 121 46.26 31.37 28.95
CA LYS A 121 45.08 31.69 29.74
C LYS A 121 44.34 30.45 30.19
N THR A 122 44.60 29.30 29.57
CA THR A 122 43.97 28.05 29.99
C THR A 122 44.71 27.36 31.13
N LEU A 123 45.90 27.84 31.49
CA LEU A 123 46.70 27.17 32.52
C LEU A 123 46.00 27.19 33.86
N VAL A 124 45.37 28.31 34.22
CA VAL A 124 44.66 28.38 35.49
C VAL A 124 43.56 27.33 35.55
N ALA A 125 42.87 27.11 34.44
CA ALA A 125 41.86 26.07 34.40
C ALA A 125 42.46 24.69 34.61
N GLU A 126 43.63 24.42 34.00
CA GLU A 126 44.29 23.14 34.20
C GLU A 126 44.62 22.93 35.68
N LEU A 127 45.18 23.95 36.32
CA LEU A 127 45.51 23.81 37.74
C LEU A 127 44.25 23.59 38.57
N LEU A 128 43.20 24.35 38.31
CA LEU A 128 41.97 24.21 39.10
C LEU A 128 41.37 22.82 38.93
N ILE A 129 41.34 22.32 37.70
CA ILE A 129 40.73 21.02 37.47
C ILE A 129 41.56 19.94 38.14
N LEU A 130 42.89 20.01 38.00
CA LEU A 130 43.74 19.04 38.66
C LEU A 130 43.47 19.03 40.16
N LYS A 131 43.44 20.21 40.77
CA LYS A 131 43.22 20.29 42.21
C LYS A 131 41.87 19.68 42.59
N ARG A 132 40.81 20.04 41.85
CA ARG A 132 39.48 19.60 42.23
C ARG A 132 39.31 18.09 42.06
N VAL A 133 39.73 17.54 40.92
CA VAL A 133 39.61 16.10 40.72
C VAL A 133 40.47 15.35 41.73
N LEU A 134 41.69 15.81 41.99
CA LEU A 134 42.54 15.09 42.93
C LEU A 134 42.00 15.15 44.35
N GLU A 135 41.39 16.27 44.74
CA GLU A 135 40.91 16.41 46.11
C GLU A 135 39.55 15.73 46.30
N MET A 136 38.52 16.20 45.58
CA MET A 136 37.18 15.67 45.76
C MET A 136 36.98 14.32 45.08
N ARG A 137 37.88 13.92 44.19
CA ARG A 137 37.76 12.65 43.49
C ARG A 137 36.47 12.58 42.67
N LYS A 138 36.00 13.73 42.22
CA LYS A 138 34.78 13.83 41.43
C LYS A 138 35.11 14.30 40.02
N LYS A 139 34.14 14.16 39.13
CA LYS A 139 34.34 14.43 37.72
C LYS A 139 34.56 15.92 37.48
N ALA A 140 34.93 16.26 36.25
CA ALA A 140 35.12 17.66 35.86
C ALA A 140 34.92 17.77 34.36
N LEU A 141 33.77 18.30 33.96
CA LEU A 141 33.51 18.51 32.54
C LEU A 141 34.29 19.71 32.03
N PHE A 142 34.91 19.57 30.88
CA PHE A 142 35.63 20.64 30.20
C PHE A 142 34.87 20.92 28.90
N ILE A 143 33.99 21.90 28.94
CA ILE A 143 33.10 22.19 27.82
C ILE A 143 33.82 23.09 26.82
N LEU A 144 33.80 22.69 25.56
CA LEU A 144 34.43 23.41 24.46
C LEU A 144 33.38 23.70 23.39
N PRO A 145 33.55 24.77 22.63
CA PRO A 145 32.55 25.10 21.60
C PRO A 145 32.54 24.14 20.42
N PHE A 146 33.70 23.89 19.84
CA PHE A 146 33.83 23.13 18.60
C PHE A 146 34.43 21.76 18.86
N VAL A 147 34.19 20.86 17.91
CA VAL A 147 34.68 19.49 18.05
C VAL A 147 36.19 19.41 17.83
N SER A 148 36.75 20.20 16.91
CA SER A 148 38.19 20.15 16.70
C SER A 148 38.94 20.61 17.93
N VAL A 149 38.54 21.74 18.51
CA VAL A 149 39.18 22.22 19.73
C VAL A 149 38.92 21.27 20.89
N ALA A 150 37.74 20.65 20.93
CA ALA A 150 37.48 19.67 21.98
C ALA A 150 38.42 18.47 21.86
N LYS A 151 38.64 17.97 20.64
CA LYS A 151 39.59 16.89 20.44
C LYS A 151 40.98 17.29 20.87
N GLU A 152 41.43 18.47 20.43
CA GLU A 152 42.78 18.91 20.76
C GLU A 152 42.95 19.05 22.26
N LYS A 153 41.96 19.63 22.94
CA LYS A 153 42.05 19.78 24.39
C LYS A 153 42.00 18.44 25.10
N LYS A 154 41.21 17.49 24.58
CA LYS A 154 41.19 16.16 25.17
C LYS A 154 42.56 15.51 25.07
N TYR A 155 43.22 15.63 23.92
CA TYR A 155 44.57 15.08 23.78
C TYR A 155 45.53 15.79 24.71
N TYR A 156 45.43 17.11 24.82
CA TYR A 156 46.30 17.86 25.72
C TYR A 156 46.15 17.39 27.16
N LEU A 157 44.91 17.28 27.63
CA LEU A 157 44.67 16.85 29.00
C LEU A 157 45.08 15.40 29.21
N GLN A 158 44.89 14.55 28.21
CA GLN A 158 45.36 13.17 28.31
C GLN A 158 46.87 13.14 28.51
N SER A 159 47.60 13.90 27.69
CA SER A 159 49.05 13.93 27.82
C SER A 159 49.47 14.47 29.18
N LEU A 160 48.80 15.52 29.66
CA LEU A 160 49.22 16.17 30.89
C LEU A 160 48.75 15.47 32.16
N PHE A 161 47.79 14.54 32.07
CA PHE A 161 47.27 13.89 33.26
C PHE A 161 47.30 12.37 33.16
N GLN A 162 47.98 11.81 32.16
CA GLN A 162 48.14 10.36 32.12
C GLN A 162 48.96 9.85 33.30
N GLU A 163 49.99 10.60 33.69
CA GLU A 163 50.94 10.15 34.70
C GLU A 163 50.43 10.32 36.13
N VAL A 164 49.13 10.57 36.30
CA VAL A 164 48.57 10.77 37.64
C VAL A 164 47.34 9.89 37.83
N GLY A 165 47.16 8.92 36.92
CA GLY A 165 46.00 8.05 37.02
C GLY A 165 44.67 8.77 36.90
N ILE A 166 44.57 9.68 35.95
CA ILE A 166 43.35 10.46 35.72
C ILE A 166 42.86 10.13 34.32
N LYS A 167 41.68 9.52 34.23
CA LYS A 167 41.10 9.20 32.93
C LYS A 167 40.54 10.47 32.28
N VAL A 168 40.79 10.62 30.98
CA VAL A 168 40.37 11.81 30.23
C VAL A 168 39.79 11.34 28.91
N ASP A 169 38.48 11.44 28.76
CA ASP A 169 37.81 11.05 27.52
C ASP A 169 36.49 11.80 27.46
N GLY A 170 36.31 12.63 26.43
CA GLY A 170 35.16 13.50 26.33
C GLY A 170 34.12 12.99 25.35
N TYR A 171 33.01 13.74 25.29
CA TYR A 171 31.88 13.44 24.42
C TYR A 171 31.77 14.60 23.43
N MET A 172 32.35 14.45 22.24
CA MET A 172 32.35 15.51 21.24
C MET A 172 32.01 14.92 19.88
N GLY A 173 31.25 15.69 19.09
CA GLY A 173 30.83 15.19 17.80
C GLY A 173 29.96 13.96 17.96
N SER A 174 30.11 13.05 16.99
CA SER A 174 29.39 11.77 17.06
C SER A 174 30.10 10.76 17.96
N THR A 175 31.34 11.02 18.33
CA THR A 175 32.13 10.04 19.04
C THR A 175 31.74 9.99 20.52
N SER A 176 32.36 9.07 21.24
CA SER A 176 32.10 8.90 22.65
C SER A 176 33.13 7.93 23.22
N PRO A 177 33.40 7.99 24.52
CA PRO A 177 34.39 7.07 25.10
C PRO A 177 33.91 5.64 25.07
N SER A 178 34.87 4.72 25.00
CA SER A 178 34.59 3.29 25.02
C SER A 178 34.46 2.73 26.43
N ARG A 179 34.22 3.60 27.42
CA ARG A 179 34.08 3.18 28.80
C ARG A 179 33.00 4.04 29.45
N HIS A 180 32.41 3.51 30.51
CA HIS A 180 31.30 4.19 31.15
C HIS A 180 31.72 5.57 31.67
N PHE A 181 30.72 6.39 31.97
CA PHE A 181 30.96 7.70 32.56
C PHE A 181 31.48 7.60 33.98
N SER A 182 31.21 6.49 34.68
CA SER A 182 31.68 6.34 36.04
C SER A 182 33.21 6.30 36.11
N SER A 183 33.82 5.49 35.24
CA SER A 183 35.26 5.36 35.24
C SER A 183 35.96 6.66 34.87
N LEU A 184 35.29 7.54 34.14
CA LEU A 184 35.90 8.77 33.69
C LEU A 184 36.19 9.71 34.86
N ASP A 185 37.16 10.57 34.67
CA ASP A 185 37.48 11.63 35.62
C ASP A 185 37.33 13.02 35.03
N ILE A 186 37.71 13.21 33.77
CA ILE A 186 37.55 14.48 33.07
C ILE A 186 36.91 14.19 31.72
N ALA A 187 35.75 14.79 31.48
CA ALA A 187 35.04 14.62 30.22
C ALA A 187 35.14 15.91 29.44
N VAL A 188 35.95 15.91 28.39
CA VAL A 188 36.14 17.12 27.56
C VAL A 188 35.07 17.06 26.48
N CYS A 189 33.89 17.53 26.84
CA CYS A 189 32.72 17.45 25.97
C CYS A 189 32.49 18.78 25.26
N THR A 190 31.66 18.72 24.22
CA THR A 190 31.18 19.90 23.53
C THR A 190 29.87 20.36 24.17
N ILE A 191 29.50 21.61 23.90
CA ILE A 191 28.40 22.23 24.62
C ILE A 191 27.14 21.39 24.51
N GLU A 192 26.80 20.95 23.29
CA GLU A 192 25.55 20.23 23.10
C GLU A 192 25.53 18.92 23.86
N ARG A 193 26.67 18.24 23.94
CA ARG A 193 26.72 16.93 24.58
C ARG A 193 26.89 17.04 26.09
N ALA A 194 27.48 18.14 26.57
CA ALA A 194 27.52 18.39 28.01
C ALA A 194 26.11 18.55 28.57
N ASN A 195 25.22 19.21 27.83
CA ASN A 195 23.84 19.32 28.25
C ASN A 195 23.21 17.95 28.43
N GLY A 196 23.44 17.03 27.48
CA GLY A 196 22.91 15.69 27.61
C GLY A 196 23.51 14.95 28.79
N LEU A 197 24.81 15.13 29.02
CA LEU A 197 25.44 14.53 30.19
C LEU A 197 24.75 14.99 31.48
N ILE A 198 24.54 16.30 31.61
CA ILE A 198 23.89 16.83 32.80
C ILE A 198 22.45 16.33 32.89
N ASN A 199 21.75 16.24 31.76
CA ASN A 199 20.38 15.74 31.79
C ASN A 199 20.32 14.31 32.29
N ARG A 200 21.22 13.45 31.81
CA ARG A 200 21.20 12.07 32.27
C ARG A 200 21.63 11.96 33.72
N LEU A 201 22.56 12.81 34.16
CA LEU A 201 22.90 12.82 35.58
C LEU A 201 21.69 13.21 36.43
N ILE A 202 20.94 14.23 36.01
CA ILE A 202 19.77 14.64 36.77
C ILE A 202 18.72 13.54 36.79
N GLU A 203 18.47 12.92 35.63
CA GLU A 203 17.45 11.87 35.58
C GLU A 203 17.86 10.66 36.38
N GLU A 204 19.16 10.39 36.48
CA GLU A 204 19.65 9.29 37.31
C GLU A 204 19.89 9.72 38.75
N ASN A 205 19.68 10.99 39.09
CA ASN A 205 19.81 11.49 40.45
C ASN A 205 21.21 11.21 41.00
N LYS A 206 22.21 11.39 40.12
CA LYS A 206 23.61 11.25 40.46
C LYS A 206 24.34 12.56 40.23
N MET A 207 23.68 13.67 40.52
CA MET A 207 24.27 14.97 40.24
C MET A 207 25.50 15.24 41.08
N ASP A 208 25.55 14.69 42.30
CA ASP A 208 26.68 14.93 43.19
C ASP A 208 27.98 14.33 42.67
N LEU A 209 27.92 13.47 41.65
CA LEU A 209 29.15 12.89 41.12
C LEU A 209 30.06 13.95 40.50
N LEU A 210 29.50 15.10 40.13
CA LEU A 210 30.30 16.15 39.51
C LEU A 210 30.95 17.03 40.55
N GLY A 211 32.21 17.39 40.29
CA GLY A 211 32.96 18.24 41.18
C GLY A 211 33.16 19.64 40.63
N MET A 212 33.22 19.75 39.30
CA MET A 212 33.45 21.04 38.67
C MET A 212 32.97 20.94 37.23
N VAL A 213 32.71 22.12 36.64
CA VAL A 213 32.34 22.22 35.23
C VAL A 213 33.05 23.42 34.63
N VAL A 214 34.13 23.19 33.89
CA VAL A 214 34.85 24.27 33.24
C VAL A 214 34.22 24.55 31.89
N VAL A 215 34.13 25.83 31.54
CA VAL A 215 33.61 26.27 30.25
C VAL A 215 34.63 27.17 29.59
N ASP A 216 34.92 26.90 28.32
CA ASP A 216 35.93 27.64 27.57
C ASP A 216 35.24 28.49 26.51
N GLU A 217 35.80 29.68 26.26
CA GLU A 217 35.30 30.58 25.23
C GLU A 217 33.82 30.88 25.46
N LEU A 218 33.56 31.55 26.58
CA LEU A 218 32.21 31.86 27.03
C LEU A 218 31.52 32.93 26.19
N HIS A 219 32.24 33.64 25.33
CA HIS A 219 31.58 34.65 24.50
C HIS A 219 30.50 34.02 23.62
N MET A 220 30.59 32.71 23.38
CA MET A 220 29.57 31.99 22.63
C MET A 220 28.24 31.92 23.37
N LEU A 221 28.21 32.31 24.65
CA LEU A 221 26.95 32.37 25.39
C LEU A 221 25.93 33.25 24.70
N GLY A 222 26.37 34.31 24.02
CA GLY A 222 25.46 35.28 23.47
C GLY A 222 24.82 34.86 22.16
N ASP A 223 24.85 35.74 21.17
CA ASP A 223 24.19 35.49 19.89
C ASP A 223 24.87 34.31 19.22
N SER A 224 24.20 33.17 19.19
CA SER A 224 24.74 31.95 18.63
C SER A 224 23.67 30.88 18.66
N HIS A 225 23.80 29.91 17.76
CA HIS A 225 22.85 28.81 17.66
C HIS A 225 23.15 27.67 18.63
N ARG A 226 24.14 27.85 19.50
CA ARG A 226 24.46 26.88 20.54
C ARG A 226 24.60 27.48 21.92
N GLY A 227 24.68 28.81 22.04
CA GLY A 227 24.87 29.43 23.33
C GLY A 227 23.75 29.15 24.31
N TYR A 228 22.51 29.05 23.81
CA TYR A 228 21.40 28.78 24.71
C TYR A 228 21.59 27.45 25.42
N LEU A 229 22.22 26.48 24.75
CA LEU A 229 22.54 25.22 25.41
C LEU A 229 23.48 25.45 26.58
N LEU A 230 24.49 26.31 26.40
CA LEU A 230 25.37 26.66 27.50
C LEU A 230 24.59 27.32 28.63
N GLU A 231 23.65 28.20 28.28
CA GLU A 231 22.86 28.90 29.28
C GLU A 231 22.04 27.92 30.11
N LEU A 232 21.33 27.01 29.45
CA LEU A 232 20.56 26.00 30.18
C LEU A 232 21.47 25.10 30.99
N LEU A 233 22.61 24.71 30.43
CA LEU A 233 23.54 23.82 31.11
C LEU A 233 24.02 24.43 32.41
N LEU A 234 24.37 25.72 32.38
CA LEU A 234 24.84 26.37 33.60
C LEU A 234 23.68 26.67 34.56
N THR A 235 22.50 26.96 34.02
CA THR A 235 21.34 27.22 34.86
C THR A 235 20.97 25.98 35.67
N LYS A 236 21.05 24.80 35.05
CA LYS A 236 20.79 23.58 35.82
C LYS A 236 21.76 23.45 36.97
N ILE A 237 23.06 23.70 36.73
CA ILE A 237 24.03 23.58 37.80
C ILE A 237 23.71 24.55 38.93
N CYS A 238 23.47 25.81 38.59
CA CYS A 238 23.20 26.79 39.65
C CYS A 238 21.94 26.45 40.42
N TYR A 239 20.88 26.05 39.71
CA TYR A 239 19.62 25.71 40.37
C TYR A 239 19.83 24.54 41.32
N ILE A 240 20.45 23.47 40.83
CA ILE A 240 20.61 22.28 41.67
C ILE A 240 21.51 22.58 42.86
N THR A 241 22.56 23.36 42.65
CA THR A 241 23.44 23.72 43.77
C THR A 241 22.69 24.50 44.83
N ARG A 242 21.88 25.48 44.41
CA ARG A 242 21.21 26.31 45.41
C ARG A 242 20.08 25.57 46.12
N LYS A 243 19.34 24.71 45.39
CA LYS A 243 18.32 23.92 46.08
C LYS A 243 18.97 22.94 47.06
N SER A 244 20.08 22.32 46.67
CA SER A 244 20.75 21.29 47.49
C SER A 244 22.22 21.67 47.58
N ALA A 245 22.62 22.17 48.74
CA ALA A 245 24.00 22.54 48.98
C ALA A 245 24.81 21.34 49.46
N SER A 256 29.03 24.96 49.47
CA SER A 256 30.37 25.48 49.67
C SER A 256 31.37 24.83 48.72
N ASN A 257 31.28 23.50 48.58
CA ASN A 257 32.17 22.73 47.73
C ASN A 257 31.36 21.71 46.92
N ALA A 258 30.28 22.18 46.30
CA ALA A 258 29.38 21.28 45.58
C ALA A 258 29.77 21.13 44.10
N VAL A 259 29.75 22.23 43.36
CA VAL A 259 30.11 22.20 41.94
C VAL A 259 30.74 23.53 41.55
N GLN A 260 32.03 23.52 41.23
CA GLN A 260 32.71 24.74 40.82
C GLN A 260 32.55 24.97 39.32
N ILE A 261 32.40 26.23 38.94
CA ILE A 261 32.23 26.62 37.55
C ILE A 261 33.34 27.61 37.20
N VAL A 262 33.98 27.38 36.06
CA VAL A 262 35.07 28.23 35.59
C VAL A 262 34.80 28.61 34.14
N GLY A 263 34.99 29.87 33.81
CA GLY A 263 34.72 30.36 32.48
C GLY A 263 35.92 31.05 31.89
N MET A 264 35.88 31.22 30.56
CA MET A 264 36.94 31.90 29.84
C MET A 264 36.31 32.76 28.74
N SER A 265 36.97 33.85 28.40
CA SER A 265 36.51 34.68 27.28
C SER A 265 37.51 35.80 27.06
N ALA A 266 37.32 36.51 25.95
CA ALA A 266 38.09 37.71 25.65
C ALA A 266 37.52 38.85 26.50
N THR A 267 37.82 40.10 26.11
CA THR A 267 37.34 41.24 26.88
C THR A 267 35.84 41.44 26.67
N LEU A 268 35.04 40.87 27.56
CA LEU A 268 33.59 40.98 27.48
C LEU A 268 33.12 42.26 28.15
N PRO A 269 32.31 43.08 27.46
CA PRO A 269 31.81 44.31 28.11
C PRO A 269 31.02 44.06 29.37
N ASN A 270 30.45 42.87 29.55
CA ASN A 270 29.61 42.56 30.70
C ASN A 270 30.10 41.28 31.38
N LEU A 271 31.41 41.16 31.56
CA LEU A 271 31.96 40.02 32.27
C LEU A 271 31.48 39.98 33.72
N GLU A 272 31.49 41.14 34.40
CA GLU A 272 31.00 41.20 35.77
C GLU A 272 29.56 40.76 35.86
N LEU A 273 28.76 41.06 34.84
CA LEU A 273 27.37 40.59 34.85
C LEU A 273 27.30 39.08 34.82
N VAL A 274 28.14 38.44 34.00
CA VAL A 274 28.17 36.99 33.95
C VAL A 274 28.60 36.41 35.29
N ALA A 275 29.62 37.01 35.90
CA ALA A 275 30.05 36.54 37.21
C ALA A 275 28.94 36.67 38.24
N SER A 276 28.21 37.78 38.22
CA SER A 276 27.09 37.96 39.13
C SER A 276 26.02 36.90 38.90
N TRP A 277 25.73 36.59 37.64
CA TRP A 277 24.78 35.53 37.34
C TRP A 277 25.24 34.21 37.92
N LEU A 278 26.52 33.88 37.75
CA LEU A 278 27.05 32.61 38.21
C LEU A 278 27.44 32.62 39.69
N ASN A 279 27.42 33.78 40.35
CA ASN A 279 27.88 33.90 41.73
C ASN A 279 29.34 33.46 41.84
N ALA A 280 30.19 34.13 41.07
CA ALA A 280 31.59 33.76 40.97
C ALA A 280 32.45 35.02 41.01
N GLU A 281 33.73 34.83 41.23
CA GLU A 281 34.67 35.94 41.29
C GLU A 281 34.89 36.49 39.88
N LEU A 282 35.78 37.48 39.77
CA LEU A 282 36.02 38.17 38.52
C LEU A 282 37.51 38.44 38.36
N TYR A 283 38.01 38.24 37.14
CA TYR A 283 39.38 38.60 36.81
C TYR A 283 39.41 38.92 35.33
N HIS A 284 39.74 40.16 34.99
CA HIS A 284 39.84 40.61 33.62
C HIS A 284 41.15 41.36 33.44
N THR A 285 41.92 40.99 32.43
CA THR A 285 43.20 41.62 32.16
C THR A 285 43.50 41.54 30.68
N ASP A 286 44.22 42.54 30.19
CA ASP A 286 44.64 42.62 28.79
C ASP A 286 46.15 42.62 28.76
N PHE A 287 46.74 41.41 28.75
CA PHE A 287 48.18 41.24 28.76
C PHE A 287 48.55 40.09 27.84
N ARG A 288 49.64 40.26 27.09
CA ARG A 288 50.13 39.23 26.19
C ARG A 288 51.64 39.38 26.07
N PRO A 289 52.37 38.27 25.98
CA PRO A 289 53.84 38.36 25.91
C PRO A 289 54.31 38.98 24.61
N VAL A 290 53.54 38.79 23.55
CA VAL A 290 53.85 39.36 22.24
C VAL A 290 52.93 40.55 22.00
N PRO A 291 53.31 41.76 22.38
CA PRO A 291 52.40 42.91 22.23
C PRO A 291 52.07 43.15 20.77
N LEU A 292 50.79 43.05 20.43
CA LEU A 292 50.35 43.31 19.07
C LEU A 292 50.33 44.80 18.77
N LEU A 293 50.67 45.15 17.53
CA LEU A 293 50.67 46.52 17.05
C LEU A 293 49.73 46.60 15.86
N GLU A 294 48.51 47.09 16.09
CA GLU A 294 47.57 47.31 14.99
C GLU A 294 47.90 48.62 14.29
N SER A 295 48.06 48.54 12.97
CA SER A 295 48.35 49.73 12.17
C SER A 295 47.74 49.50 10.79
N VAL A 296 46.67 50.25 10.48
CA VAL A 296 46.04 50.14 9.17
C VAL A 296 46.87 50.90 8.14
N LYS A 297 46.99 50.32 6.95
CA LYS A 297 47.67 50.97 5.84
C LYS A 297 46.84 50.76 4.57
N VAL A 298 46.98 51.70 3.65
CA VAL A 298 46.20 51.66 2.42
C VAL A 298 46.96 52.38 1.31
N ASP A 324 51.05 48.54 -6.16
CA ASP A 324 52.49 48.53 -6.03
C ASP A 324 52.92 48.14 -4.62
N HIS A 325 54.19 47.76 -4.48
CA HIS A 325 54.78 47.39 -3.20
C HIS A 325 54.20 46.10 -2.62
N VAL A 326 53.42 45.35 -3.42
CA VAL A 326 52.84 44.10 -2.93
C VAL A 326 53.89 43.00 -2.92
N VAL A 327 54.59 42.82 -4.04
CA VAL A 327 55.67 41.84 -4.09
C VAL A 327 56.77 42.22 -3.11
N SER A 328 57.04 43.52 -2.97
CA SER A 328 58.04 43.96 -2.01
C SER A 328 57.65 43.58 -0.59
N LEU A 329 56.38 43.79 -0.22
CA LEU A 329 55.93 43.41 1.11
C LEU A 329 56.02 41.91 1.32
N CYS A 330 55.61 41.12 0.31
CA CYS A 330 55.68 39.68 0.44
C CYS A 330 57.13 39.22 0.63
N TYR A 331 58.05 39.75 -0.18
CA TYR A 331 59.44 39.35 -0.09
C TYR A 331 60.05 39.76 1.25
N GLU A 332 59.74 40.97 1.73
CA GLU A 332 60.34 41.41 2.98
C GLU A 332 59.76 40.68 4.18
N THR A 333 58.49 40.25 4.09
CA THR A 333 57.91 39.48 5.19
C THR A 333 58.42 38.05 5.20
N ILE A 334 58.59 37.45 4.02
CA ILE A 334 59.06 36.07 3.96
C ILE A 334 60.55 35.98 4.28
N CYS A 335 61.34 36.96 3.85
CA CYS A 335 62.78 36.92 4.08
C CYS A 335 63.14 36.98 5.56
N ASP A 336 62.24 37.49 6.40
CA ASP A 336 62.52 37.60 7.83
C ASP A 336 62.44 36.27 8.56
N ASN A 337 62.09 35.18 7.87
CA ASN A 337 61.99 33.86 8.48
C ASN A 337 60.79 33.78 9.42
N HIS A 338 59.70 34.45 9.04
CA HIS A 338 58.48 34.46 9.82
C HIS A 338 57.30 34.12 8.92
N SER A 339 56.30 33.48 9.50
CA SER A 339 55.12 33.03 8.78
C SER A 339 54.14 34.19 8.58
N VAL A 340 53.12 33.93 7.76
CA VAL A 340 52.03 34.88 7.54
C VAL A 340 50.73 34.12 7.49
N LEU A 341 49.72 34.64 8.17
CA LEU A 341 48.40 34.03 8.24
C LEU A 341 47.41 35.02 7.61
N LEU A 342 47.01 34.75 6.38
CA LEU A 342 46.07 35.59 5.67
C LEU A 342 44.67 35.01 5.80
N PHE A 343 43.69 35.88 5.98
CA PHE A 343 42.29 35.50 6.13
C PHE A 343 41.51 36.02 4.93
N CYS A 344 40.81 35.12 4.25
CA CYS A 344 40.06 35.46 3.06
C CYS A 344 38.63 34.94 3.22
N PRO A 345 37.61 35.73 2.89
CA PRO A 345 36.23 35.28 3.11
C PRO A 345 35.79 34.19 2.13
N SER A 346 36.14 34.38 0.86
CA SER A 346 35.68 33.49 -0.20
C SER A 346 36.59 32.29 -0.32
N LYS A 347 35.99 31.10 -0.38
CA LYS A 347 36.76 29.87 -0.51
C LYS A 347 37.50 29.82 -1.83
N LYS A 348 36.78 30.04 -2.94
CA LYS A 348 37.40 29.99 -4.25
C LYS A 348 38.49 31.06 -4.39
N TRP A 349 38.19 32.28 -3.95
CA TRP A 349 39.19 33.34 -4.03
C TRP A 349 40.34 33.08 -3.08
N CYS A 350 40.06 32.45 -1.93
CA CYS A 350 41.15 32.06 -1.04
C CYS A 350 42.10 31.07 -1.72
N GLU A 351 41.54 30.06 -2.38
CA GLU A 351 42.37 29.09 -3.09
C GLU A 351 43.16 29.77 -4.21
N LYS A 352 42.51 30.63 -4.99
CA LYS A 352 43.22 31.28 -6.09
C LYS A 352 44.29 32.24 -5.57
N LEU A 353 44.02 32.91 -4.44
CA LEU A 353 45.01 33.78 -3.84
C LEU A 353 46.24 33.00 -3.38
N ALA A 354 46.01 31.87 -2.71
CA ALA A 354 47.14 31.02 -2.35
C ALA A 354 47.90 30.55 -3.57
N ASP A 355 47.17 30.18 -4.63
CA ASP A 355 47.81 29.70 -5.85
C ASP A 355 48.69 30.78 -6.47
N ILE A 356 48.20 32.02 -6.50
CA ILE A 356 49.01 33.05 -7.16
C ILE A 356 50.15 33.52 -6.26
N ILE A 357 50.03 33.37 -4.93
CA ILE A 357 51.18 33.61 -4.06
C ILE A 357 52.25 32.57 -4.31
N ALA A 358 51.85 31.31 -4.42
CA ALA A 358 52.82 30.27 -4.76
C ALA A 358 53.43 30.52 -6.13
N ARG A 359 52.63 31.01 -7.09
CA ARG A 359 53.17 31.32 -8.41
C ARG A 359 54.22 32.42 -8.35
N GLU A 360 53.95 33.49 -7.58
CA GLU A 360 54.96 34.54 -7.45
C GLU A 360 56.22 34.02 -6.79
N PHE A 361 56.07 33.19 -5.75
CA PHE A 361 57.26 32.62 -5.12
C PHE A 361 58.04 31.74 -6.09
N TYR A 362 57.34 30.94 -6.88
CA TYR A 362 58.01 30.09 -7.86
C TYR A 362 58.74 30.92 -8.91
N ASN A 363 58.11 31.99 -9.39
CA ASN A 363 58.76 32.84 -10.39
C ASN A 363 59.99 33.52 -9.80
N LEU A 364 59.86 34.11 -8.61
CA LEU A 364 60.97 34.83 -8.01
C LEU A 364 62.08 33.90 -7.52
N HIS A 365 61.82 32.60 -7.48
CA HIS A 365 62.84 31.64 -7.06
C HIS A 365 63.85 31.39 -8.16
N GLU A 383 61.98 22.93 5.65
CA GLU A 383 63.00 22.15 4.96
C GLU A 383 62.39 21.25 3.89
N GLN A 384 63.16 21.00 2.82
CA GLN A 384 62.63 20.27 1.68
C GLN A 384 62.28 18.84 2.04
N LYS A 385 63.08 18.17 2.88
CA LYS A 385 62.76 16.81 3.28
C LYS A 385 61.45 16.76 4.05
N GLU A 386 61.27 17.68 5.01
CA GLU A 386 60.03 17.69 5.79
C GLU A 386 58.83 18.08 4.93
N LEU A 387 59.03 19.00 3.99
CA LEU A 387 57.94 19.36 3.09
C LEU A 387 57.56 18.20 2.19
N LEU A 388 58.54 17.40 1.74
CA LEU A 388 58.24 16.19 1.01
C LEU A 388 57.51 15.18 1.88
N GLU A 389 57.86 15.11 3.17
CA GLU A 389 57.12 14.26 4.09
C GLU A 389 55.66 14.68 4.17
N VAL A 390 55.41 16.00 4.23
CA VAL A 390 54.04 16.49 4.25
C VAL A 390 53.35 16.16 2.93
N MET A 391 54.08 16.29 1.81
CA MET A 391 53.55 15.84 0.52
C MET A 391 53.06 14.41 0.60
N ASP A 392 53.92 13.50 1.07
CA ASP A 392 53.55 12.09 1.12
C ASP A 392 52.38 11.86 2.07
N GLN A 393 52.36 12.56 3.21
CA GLN A 393 51.25 12.42 4.14
C GLN A 393 49.94 12.84 3.49
N LEU A 394 49.97 13.92 2.71
CA LEU A 394 48.77 14.35 1.98
C LEU A 394 48.40 13.36 0.89
N ARG A 395 49.39 12.71 0.27
CA ARG A 395 49.11 11.84 -0.87
C ARG A 395 48.21 10.68 -0.47
N ARG A 396 48.53 9.99 0.62
CA ARG A 396 47.78 8.79 0.99
C ARG A 396 46.65 9.18 1.93
N LEU A 397 45.57 9.68 1.35
CA LEU A 397 44.37 10.02 2.11
C LEU A 397 43.18 9.48 1.33
N PRO A 398 42.06 9.23 2.01
CA PRO A 398 40.87 8.76 1.28
C PRO A 398 40.48 9.70 0.15
N SER A 399 40.65 11.01 0.33
CA SER A 399 40.37 11.97 -0.72
C SER A 399 41.58 12.25 -1.61
N GLY A 400 42.78 11.89 -1.15
CA GLY A 400 43.97 12.09 -1.95
C GLY A 400 44.56 13.49 -1.81
N LEU A 401 45.22 13.96 -2.86
CA LEU A 401 45.88 15.26 -2.86
C LEU A 401 45.27 16.13 -3.95
N ASP A 402 44.95 17.37 -3.60
CA ASP A 402 44.33 18.28 -4.55
C ASP A 402 45.36 18.75 -5.58
N SER A 403 44.86 19.03 -6.80
CA SER A 403 45.74 19.51 -7.85
C SER A 403 46.37 20.86 -7.49
N VAL A 404 45.55 21.79 -7.02
CA VAL A 404 46.07 23.12 -6.67
C VAL A 404 46.97 23.03 -5.44
N LEU A 405 46.58 22.24 -4.45
CA LEU A 405 47.40 22.08 -3.25
C LEU A 405 48.76 21.48 -3.59
N GLN A 406 48.80 20.53 -4.53
CA GLN A 406 50.08 19.94 -4.91
C GLN A 406 51.06 21.00 -5.40
N LYS A 407 50.62 21.90 -6.27
CA LYS A 407 51.51 22.91 -6.81
C LYS A 407 51.78 24.01 -5.79
N THR A 408 50.88 24.22 -4.83
CA THR A 408 51.02 25.35 -3.92
C THR A 408 51.88 25.00 -2.70
N VAL A 409 51.79 23.76 -2.20
CA VAL A 409 52.43 23.43 -0.93
C VAL A 409 53.95 23.60 -1.01
N PRO A 410 54.65 23.13 -2.05
CA PRO A 410 56.18 23.22 -2.03
C PRO A 410 56.82 24.59 -2.25
N TRP A 411 56.06 25.69 -2.12
CA TRP A 411 56.58 27.05 -2.07
C TRP A 411 56.19 27.76 -0.77
N GLY A 412 55.99 26.98 0.28
CA GLY A 412 55.63 27.52 1.59
C GLY A 412 54.30 28.23 1.62
N VAL A 413 53.35 27.78 0.79
CA VAL A 413 52.02 28.37 0.74
C VAL A 413 50.99 27.27 0.86
N ALA A 414 49.95 27.51 1.66
CA ALA A 414 48.88 26.55 1.82
C ALA A 414 47.58 27.32 2.03
N PHE A 415 46.46 26.59 1.95
CA PHE A 415 45.15 27.18 2.20
C PHE A 415 44.37 26.26 3.12
N HIS A 416 43.40 26.86 3.82
CA HIS A 416 42.65 26.17 4.86
C HIS A 416 41.21 26.67 4.82
N HIS A 417 40.28 25.77 4.53
CA HIS A 417 38.87 26.12 4.49
C HIS A 417 38.05 24.86 4.74
N ALA A 418 36.77 25.06 5.05
CA ALA A 418 35.88 23.95 5.34
C ALA A 418 35.74 23.00 4.16
N GLY A 419 36.11 23.43 2.95
CA GLY A 419 36.02 22.55 1.80
C GLY A 419 36.90 21.33 1.93
N LEU A 420 38.08 21.48 2.54
CA LEU A 420 38.96 20.35 2.73
C LEU A 420 38.36 19.36 3.73
N THR A 421 39.02 18.22 3.87
CA THR A 421 38.64 17.25 4.89
C THR A 421 39.25 17.65 6.24
N PHE A 422 38.75 17.02 7.31
CA PHE A 422 39.34 17.25 8.61
C PHE A 422 40.80 16.84 8.63
N GLU A 423 41.13 15.75 7.94
CA GLU A 423 42.50 15.27 7.91
C GLU A 423 43.42 16.24 7.18
N GLU A 424 42.96 16.76 6.03
CA GLU A 424 43.77 17.73 5.30
C GLU A 424 43.96 19.01 6.10
N ARG A 425 42.91 19.46 6.78
CA ARG A 425 43.03 20.61 7.66
C ARG A 425 44.05 20.34 8.75
N ASP A 426 44.03 19.13 9.33
CA ASP A 426 45.01 18.78 10.35
C ASP A 426 46.43 18.79 9.80
N ILE A 427 46.64 18.25 8.59
CA ILE A 427 47.96 18.28 7.99
C ILE A 427 48.44 19.72 7.84
N ILE A 428 47.59 20.57 7.29
CA ILE A 428 48.01 21.95 7.03
C ILE A 428 48.27 22.68 8.33
N GLU A 429 47.42 22.48 9.34
CA GLU A 429 47.61 23.13 10.63
C GLU A 429 48.92 22.70 11.27
N GLY A 430 49.21 21.40 11.24
CA GLY A 430 50.47 20.92 11.78
C GLY A 430 51.67 21.47 11.03
N ALA A 431 51.58 21.52 9.70
CA ALA A 431 52.69 22.03 8.90
C ALA A 431 52.94 23.50 9.21
N PHE A 432 51.88 24.30 9.32
CA PHE A 432 52.06 25.72 9.65
C PHE A 432 52.60 25.90 11.06
N ARG A 433 52.07 25.15 12.03
CA ARG A 433 52.52 25.30 13.40
C ARG A 433 54.00 24.94 13.53
N GLN A 434 54.43 23.86 12.88
CA GLN A 434 55.85 23.50 12.90
C GLN A 434 56.71 24.50 12.16
N GLY A 435 56.12 25.36 11.33
CA GLY A 435 56.86 26.31 10.52
C GLY A 435 57.17 25.83 9.13
N LEU A 436 56.78 24.61 8.77
CA LEU A 436 57.03 24.11 7.43
C LEU A 436 56.32 24.97 6.38
N ILE A 437 55.13 25.45 6.71
CA ILE A 437 54.35 26.31 5.83
C ILE A 437 54.50 27.74 6.31
N ARG A 438 54.89 28.64 5.39
CA ARG A 438 55.16 30.03 5.75
C ARG A 438 53.91 30.90 5.60
N VAL A 439 53.20 30.75 4.50
CA VAL A 439 52.00 31.52 4.22
C VAL A 439 50.80 30.58 4.23
N LEU A 440 49.76 30.96 4.97
CA LEU A 440 48.55 30.15 5.07
C LEU A 440 47.34 31.04 4.84
N ALA A 441 46.61 30.80 3.76
CA ALA A 441 45.35 31.49 3.48
C ALA A 441 44.22 30.69 4.08
N ALA A 442 43.78 31.08 5.27
CA ALA A 442 42.68 30.43 5.95
C ALA A 442 41.39 31.19 5.66
N THR A 443 40.31 30.81 6.34
CA THR A 443 39.02 31.49 6.19
C THR A 443 38.46 31.75 7.59
N SER A 444 37.23 32.26 7.64
CA SER A 444 36.62 32.57 8.93
C SER A 444 36.47 31.36 9.83
N THR A 445 36.51 30.14 9.26
CA THR A 445 36.39 28.95 10.08
C THR A 445 37.55 28.83 11.07
N LEU A 446 38.77 29.07 10.61
CA LEU A 446 39.94 28.95 11.47
C LEU A 446 39.98 29.99 12.57
N SER A 447 39.23 31.09 12.44
CA SER A 447 39.30 32.15 13.44
C SER A 447 38.99 31.63 14.84
N SER A 448 38.01 30.75 14.96
CA SER A 448 37.63 30.15 16.24
C SER A 448 38.10 28.70 16.33
N GLY A 449 39.09 28.34 15.54
CA GLY A 449 39.60 26.98 15.46
C GLY A 449 40.72 26.71 16.45
N VAL A 450 41.51 25.69 16.14
CA VAL A 450 42.59 25.28 17.03
C VAL A 450 43.57 26.44 17.21
N ASN A 451 44.28 26.43 18.33
CA ASN A 451 45.32 27.43 18.57
C ASN A 451 46.42 27.29 17.53
N LEU A 452 46.58 28.31 16.69
CA LEU A 452 47.56 28.30 15.61
C LEU A 452 48.18 29.67 15.47
N PRO A 453 49.08 30.03 16.39
CA PRO A 453 49.65 31.39 16.35
C PRO A 453 50.53 31.60 15.13
N ALA A 454 50.61 32.86 14.71
CA ALA A 454 51.45 33.27 13.59
C ALA A 454 52.21 34.53 13.97
N ARG A 455 53.13 34.94 13.09
CA ARG A 455 53.89 36.15 13.34
C ARG A 455 53.17 37.39 12.82
N ARG A 456 52.63 37.32 11.60
CA ARG A 456 51.94 38.43 10.98
C ARG A 456 50.60 37.95 10.45
N VAL A 457 49.52 38.56 10.92
CA VAL A 457 48.17 38.27 10.44
C VAL A 457 47.80 39.33 9.41
N ILE A 458 47.08 38.91 8.37
CA ILE A 458 46.58 39.81 7.35
C ILE A 458 45.15 39.41 7.03
N ILE A 459 44.35 40.37 6.58
CA ILE A 459 42.97 40.13 6.22
C ILE A 459 42.73 40.68 4.81
N ARG A 460 42.08 39.87 3.96
CA ARG A 460 41.84 40.28 2.59
C ARG A 460 40.94 41.51 2.52
N THR A 461 39.85 41.53 3.30
CA THR A 461 38.93 42.65 3.30
C THR A 461 37.91 42.53 4.41
N PRO A 462 37.56 43.63 5.07
CA PRO A 462 36.50 43.59 6.05
C PRO A 462 35.23 42.90 5.58
N ILE A 463 34.90 42.98 4.30
CA ILE A 463 33.64 42.43 3.81
C ILE A 463 33.73 40.90 3.88
N PHE A 464 32.79 40.28 4.60
CA PHE A 464 32.73 38.84 4.76
C PHE A 464 31.29 38.40 4.54
N GLY A 465 31.02 37.74 3.42
CA GLY A 465 29.67 37.33 3.09
C GLY A 465 28.72 38.47 2.85
N GLY A 466 29.15 39.49 2.11
CA GLY A 466 28.29 40.63 1.81
C GLY A 466 27.88 41.42 3.03
N ARG A 467 28.82 41.69 3.93
CA ARG A 467 28.53 42.46 5.13
C ARG A 467 29.82 42.74 5.89
N PRO A 468 29.84 43.72 6.78
CA PRO A 468 31.04 43.98 7.58
C PRO A 468 31.40 42.77 8.43
N LEU A 469 32.70 42.55 8.58
CA LEU A 469 33.18 41.43 9.38
C LEU A 469 32.78 41.61 10.84
N ASP A 470 32.35 40.51 11.46
CA ASP A 470 32.00 40.55 12.87
C ASP A 470 33.19 40.99 13.70
N ILE A 471 32.94 41.88 14.66
CA ILE A 471 33.99 42.34 15.54
C ILE A 471 34.55 41.20 16.40
N LEU A 472 33.69 40.28 16.83
CA LEU A 472 34.17 39.14 17.59
C LEU A 472 35.15 38.31 16.77
N THR A 473 34.84 38.09 15.50
CA THR A 473 35.74 37.35 14.62
C THR A 473 37.08 38.06 14.50
N TYR A 474 37.06 39.39 14.33
CA TYR A 474 38.32 40.13 14.24
C TYR A 474 39.11 40.03 15.53
N LYS A 475 38.42 40.11 16.67
CA LYS A 475 39.11 40.04 17.96
C LYS A 475 39.78 38.68 18.15
N GLN A 476 39.09 37.60 17.79
CA GLN A 476 39.72 36.29 17.91
C GLN A 476 40.75 36.05 16.82
N MET A 477 40.66 36.77 15.71
CA MET A 477 41.66 36.66 14.65
C MET A 477 42.98 37.27 15.09
N VAL A 478 42.94 38.48 15.66
CA VAL A 478 44.17 39.16 16.04
C VAL A 478 44.98 38.36 17.06
N GLY A 479 44.34 37.54 17.87
CA GLY A 479 45.06 36.76 18.85
C GLY A 479 46.07 35.81 18.24
N ARG A 480 45.92 35.49 16.95
CA ARG A 480 46.82 34.58 16.26
C ARG A 480 47.99 35.29 15.60
N ALA A 481 48.37 36.47 16.11
CA ALA A 481 49.49 37.24 15.57
C ALA A 481 50.50 37.43 16.70
N GLY A 482 51.40 36.46 16.84
CA GLY A 482 52.44 36.51 17.85
C GLY A 482 52.62 35.20 18.57
N ARG A 483 53.84 34.69 18.59
CA ARG A 483 54.17 33.42 19.24
C ARG A 483 54.85 33.70 20.57
N LYS A 484 54.28 33.17 21.64
CA LYS A 484 54.80 33.41 22.99
C LYS A 484 55.94 32.43 23.26
N GLY A 485 57.17 32.90 23.09
CA GLY A 485 58.34 32.09 23.37
C GLY A 485 59.44 32.22 22.34
N VAL A 486 59.07 32.52 21.10
CA VAL A 486 60.04 32.62 20.01
C VAL A 486 59.93 33.98 19.33
N ASP A 487 58.77 34.62 19.45
CA ASP A 487 58.52 35.90 18.81
C ASP A 487 58.61 37.03 19.83
N THR A 488 59.04 38.20 19.35
CA THR A 488 59.12 39.40 20.19
C THR A 488 57.87 40.25 20.04
N VAL A 489 57.48 40.55 18.79
CA VAL A 489 56.31 41.38 18.52
C VAL A 489 55.51 40.73 17.39
N GLY A 490 54.23 41.09 17.32
CA GLY A 490 53.35 40.56 16.29
C GLY A 490 52.53 41.68 15.69
N GLU A 491 52.11 41.46 14.45
CA GLU A 491 51.38 42.47 13.68
C GLU A 491 50.10 41.87 13.14
N SER A 492 49.08 42.73 13.00
CA SER A 492 47.80 42.35 12.38
C SER A 492 47.46 43.45 11.39
N ILE A 493 47.93 43.30 10.15
CA ILE A 493 47.70 44.28 9.09
C ILE A 493 46.34 44.02 8.48
N LEU A 494 45.68 45.10 8.07
CA LEU A 494 44.32 45.04 7.55
C LEU A 494 44.23 45.97 6.35
N ILE A 495 44.35 45.42 5.14
CA ILE A 495 44.29 46.25 3.94
C ILE A 495 42.88 46.81 3.77
N CYS A 496 42.80 48.02 3.22
CA CYS A 496 41.52 48.69 3.04
C CYS A 496 41.53 49.39 1.68
N LYS A 497 40.35 49.88 1.30
CA LYS A 497 40.14 50.59 0.05
C LYS A 497 39.50 51.95 0.36
N ASN A 498 39.19 52.70 -0.71
CA ASN A 498 38.59 54.02 -0.52
C ASN A 498 37.23 53.92 0.16
N SER A 499 36.35 53.06 -0.37
CA SER A 499 35.06 52.86 0.26
C SER A 499 35.16 52.02 1.53
N GLU A 500 36.12 51.10 1.58
CA GLU A 500 36.31 50.25 2.75
C GLU A 500 37.12 50.92 3.85
N LYS A 501 37.63 52.13 3.61
CA LYS A 501 38.41 52.81 4.66
C LYS A 501 37.55 53.05 5.89
N SER A 502 36.32 53.51 5.71
CA SER A 502 35.44 53.76 6.84
C SER A 502 35.14 52.48 7.60
N LYS A 503 34.83 51.40 6.88
CA LYS A 503 34.54 50.14 7.53
C LYS A 503 35.76 49.63 8.31
N GLY A 504 36.95 49.74 7.71
CA GLY A 504 38.15 49.30 8.40
C GLY A 504 38.43 50.13 9.64
N ILE A 505 38.24 51.44 9.55
CA ILE A 505 38.45 52.29 10.72
C ILE A 505 37.47 51.93 11.83
N ALA A 506 36.21 51.70 11.47
CA ALA A 506 35.22 51.30 12.46
C ALA A 506 35.59 49.96 13.10
N LEU A 507 36.10 49.03 12.29
CA LEU A 507 36.46 47.72 12.81
C LEU A 507 37.69 47.80 13.71
N LEU A 508 38.62 48.70 13.42
CA LEU A 508 39.82 48.83 14.25
C LEU A 508 39.46 49.19 15.67
N GLN A 509 38.54 50.13 15.84
CA GLN A 509 38.12 50.58 17.16
C GLN A 509 36.87 49.83 17.60
N GLY A 510 36.64 49.84 18.92
CA GLY A 510 35.46 49.22 19.47
C GLY A 510 35.66 47.76 19.81
N SER A 511 35.37 47.38 21.05
CA SER A 511 35.49 46.00 21.48
C SER A 511 34.27 45.21 21.02
N LEU A 512 34.10 44.00 21.53
CA LEU A 512 33.02 43.14 21.06
C LEU A 512 31.69 43.54 21.68
N LYS A 513 30.62 43.18 20.98
CA LYS A 513 29.27 43.53 21.40
C LYS A 513 28.89 42.74 22.66
N PRO A 514 27.84 43.18 23.36
CA PRO A 514 27.50 42.53 24.63
C PRO A 514 26.90 41.15 24.41
N VAL A 515 26.96 40.34 25.47
CA VAL A 515 26.42 38.98 25.41
C VAL A 515 24.91 39.03 25.58
N ARG A 516 24.19 38.43 24.64
CA ARG A 516 22.74 38.33 24.69
C ARG A 516 22.34 37.03 25.39
N SER A 517 21.06 36.67 25.31
CA SER A 517 20.58 35.42 25.90
C SER A 517 19.87 34.54 24.89
N CYS A 518 19.11 35.12 23.97
CA CYS A 518 18.34 34.34 22.99
C CYS A 518 17.31 33.46 23.69
N LEU A 519 16.54 34.05 24.61
CA LEU A 519 15.45 33.38 25.28
C LEU A 519 14.29 34.34 25.52
N VAL A 527 7.91 31.60 24.09
CA VAL A 527 7.50 31.22 22.75
C VAL A 527 8.69 30.62 22.00
N THR A 528 9.89 31.03 22.39
CA THR A 528 11.10 30.53 21.75
C THR A 528 11.31 29.05 22.10
N GLY A 529 11.83 28.30 21.13
CA GLY A 529 12.07 26.88 21.34
C GLY A 529 13.04 26.61 22.47
N SER A 530 13.94 27.56 22.75
CA SER A 530 14.89 27.37 23.84
C SER A 530 14.19 27.27 25.18
N MET A 531 13.18 28.10 25.42
CA MET A 531 12.45 28.02 26.68
C MET A 531 11.64 26.75 26.76
N ILE A 532 11.13 26.26 25.63
CA ILE A 532 10.44 24.97 25.63
C ILE A 532 11.41 23.87 26.04
N ARG A 533 12.62 23.89 25.47
CA ARG A 533 13.62 22.91 25.85
C ARG A 533 13.95 23.01 27.33
N ALA A 534 14.12 24.23 27.84
CA ALA A 534 14.45 24.42 29.24
C ALA A 534 13.36 23.87 30.16
N ILE A 535 12.10 24.20 29.86
CA ILE A 535 10.99 23.72 30.67
C ILE A 535 10.93 22.20 30.63
N LEU A 536 11.12 21.62 29.45
CA LEU A 536 11.13 20.16 29.35
C LEU A 536 12.25 19.58 30.19
N GLU A 537 13.46 20.14 30.09
CA GLU A 537 14.58 19.61 30.86
C GLU A 537 14.25 19.61 32.34
N ILE A 538 13.74 20.73 32.85
CA ILE A 538 13.52 20.82 34.30
C ILE A 538 12.37 19.92 34.74
N ILE A 539 11.29 19.84 33.95
CA ILE A 539 10.14 19.04 34.39
C ILE A 539 10.43 17.55 34.28
N VAL A 540 10.93 17.11 33.13
CA VAL A 540 11.28 15.69 32.97
C VAL A 540 12.39 15.29 33.93
N GLY A 541 13.35 16.18 34.19
CA GLY A 541 14.38 15.85 35.16
C GLY A 541 13.84 15.68 36.56
N GLY A 542 12.65 16.19 36.82
CA GLY A 542 12.07 16.08 38.14
C GLY A 542 12.55 17.13 39.12
N VAL A 543 13.11 18.23 38.62
CA VAL A 543 13.61 19.30 39.49
C VAL A 543 12.68 20.51 39.54
N ALA A 544 11.69 20.61 38.66
CA ALA A 544 10.71 21.68 38.72
C ALA A 544 9.40 21.10 38.19
N SER A 545 8.57 20.60 39.12
CA SER A 545 7.35 19.92 38.78
C SER A 545 6.10 20.77 38.98
N THR A 546 6.16 21.80 39.82
CA THR A 546 5.01 22.62 40.13
C THR A 546 5.32 24.07 39.83
N SER A 547 4.27 24.83 39.50
CA SER A 547 4.46 26.23 39.12
C SER A 547 5.26 27.02 40.14
N GLN A 548 5.12 26.70 41.42
CA GLN A 548 5.72 27.52 42.46
C GLN A 548 7.23 27.66 42.26
N ASP A 549 7.89 26.59 41.84
CA ASP A 549 9.34 26.60 41.70
C ASP A 549 9.82 26.88 40.28
N MET A 550 9.01 26.59 39.26
CA MET A 550 9.44 26.87 37.90
C MET A 550 9.73 28.35 37.68
N HIS A 551 9.05 29.24 38.41
CA HIS A 551 9.37 30.66 38.30
C HIS A 551 10.77 30.97 38.82
N THR A 552 11.25 30.24 39.83
CA THR A 552 12.61 30.46 40.29
C THR A 552 13.63 30.13 39.21
N TYR A 553 13.36 29.11 38.38
CA TYR A 553 14.24 28.83 37.26
C TYR A 553 14.40 30.04 36.36
N ALA A 554 13.34 30.79 36.14
CA ALA A 554 13.46 32.01 35.32
C ALA A 554 14.47 32.97 35.93
N ALA A 555 14.40 33.17 37.25
CA ALA A 555 15.38 34.01 37.92
C ALA A 555 16.78 33.43 37.80
N CYS A 556 16.89 32.11 37.74
CA CYS A 556 18.21 31.48 37.63
C CYS A 556 18.88 31.76 36.30
N THR A 557 18.13 32.14 35.27
CA THR A 557 18.68 32.27 33.93
C THR A 557 19.48 33.56 33.79
N PHE A 558 20.22 33.64 32.68
CA PHE A 558 20.96 34.85 32.35
C PHE A 558 20.10 35.93 31.71
N LEU A 559 18.98 35.55 31.08
CA LEU A 559 18.02 36.55 30.62
C LEU A 559 17.46 37.33 31.80
N ALA A 560 17.12 36.63 32.89
CA ALA A 560 16.58 37.31 34.06
C ALA A 560 17.64 38.17 34.74
N ALA A 561 18.81 37.61 35.00
CA ALA A 561 19.85 38.36 35.71
C ALA A 561 20.30 39.57 34.91
N SER A 562 20.17 39.51 33.59
CA SER A 562 20.55 40.64 32.74
C SER A 562 19.46 41.70 32.73
N GLY A 580 7.56 36.34 31.35
CA GLY A 580 6.37 35.52 31.53
C GLY A 580 6.15 34.55 30.39
N ALA A 581 7.24 34.21 29.69
CA ALA A 581 7.16 33.28 28.57
C ALA A 581 7.09 31.82 29.00
N ILE A 582 7.23 31.55 30.29
CA ILE A 582 7.16 30.16 30.75
C ILE A 582 5.79 29.56 30.50
N GLU A 583 4.72 30.30 30.82
CA GLU A 583 3.37 29.76 30.65
C GLU A 583 3.09 29.45 29.18
N ALA A 584 3.52 30.33 28.27
CA ALA A 584 3.30 30.08 26.85
C ALA A 584 4.01 28.81 26.40
N CYS A 585 5.19 28.55 26.96
CA CYS A 585 5.92 27.32 26.64
C CYS A 585 5.30 26.10 27.32
N VAL A 586 4.87 26.24 28.58
CA VAL A 586 4.32 25.10 29.30
C VAL A 586 3.07 24.59 28.59
N MET A 587 2.19 25.50 28.18
CA MET A 587 1.01 25.09 27.42
C MET A 587 1.39 24.45 26.09
N TRP A 588 2.44 24.97 25.43
CA TRP A 588 2.90 24.35 24.18
C TRP A 588 3.26 22.89 24.41
N LEU A 589 3.81 22.57 25.58
CA LEU A 589 4.18 21.18 25.86
C LEU A 589 2.96 20.32 26.15
N LEU A 590 2.00 20.84 26.92
CA LEU A 590 0.75 20.11 27.13
C LEU A 590 -0.05 20.02 25.84
N GLU A 591 -0.03 21.08 25.03
CA GLU A 591 -0.71 21.02 23.74
C GLU A 591 -0.19 19.87 22.90
N ASN A 592 1.12 19.64 22.93
CA ASN A 592 1.75 18.57 22.16
C ASN A 592 1.96 17.30 22.98
N GLU A 593 1.32 17.19 24.13
CA GLU A 593 1.32 15.97 24.94
C GLU A 593 2.73 15.59 25.39
N PHE A 594 3.63 16.57 25.47
CA PHE A 594 4.96 16.31 26.01
C PHE A 594 4.91 16.06 27.51
N ILE A 595 3.92 16.64 28.21
CA ILE A 595 3.77 16.48 29.65
C ILE A 595 2.29 16.37 29.99
N GLN A 596 2.02 15.93 31.22
CA GLN A 596 0.66 15.75 31.72
C GLN A 596 0.49 16.55 33.00
N SER A 597 -0.59 17.31 33.08
CA SER A 597 -0.87 18.12 34.26
C SER A 597 -1.59 17.28 35.32
N THR A 598 -1.38 17.64 36.58
CA THR A 598 -2.00 16.95 37.69
C THR A 598 -2.26 17.90 38.85
N LYS A 607 -1.10 21.15 41.95
CA LYS A 607 -0.92 21.16 40.50
C LYS A 607 0.50 20.77 40.13
N VAL A 608 0.78 19.48 40.15
CA VAL A 608 2.09 18.95 39.80
C VAL A 608 2.09 18.57 38.32
N TYR A 609 3.27 18.61 37.71
CA TYR A 609 3.45 18.27 36.31
C TYR A 609 4.33 17.04 36.20
N HIS A 610 4.17 16.30 35.10
CA HIS A 610 4.97 15.11 34.86
C HIS A 610 5.04 14.87 33.37
N PRO A 611 6.04 14.10 32.91
CA PRO A 611 6.06 13.65 31.52
C PRO A 611 5.40 12.29 31.37
N THR A 612 4.83 12.04 30.19
CA THR A 612 4.08 10.80 29.98
C THR A 612 4.95 9.71 29.38
N HIS A 613 5.30 9.84 28.09
CA HIS A 613 6.32 9.01 27.49
C HIS A 613 7.21 9.82 26.56
N LEU A 614 6.61 10.75 25.83
CA LEU A 614 7.34 11.47 24.79
C LEU A 614 8.28 12.50 25.38
N GLY A 615 7.90 13.11 26.50
CA GLY A 615 8.81 14.00 27.19
C GLY A 615 10.01 13.26 27.74
N SER A 616 9.78 12.10 28.35
CA SER A 616 10.88 11.30 28.86
C SER A 616 11.82 10.87 27.74
N ALA A 617 11.25 10.45 26.61
CA ALA A 617 12.08 10.04 25.48
C ALA A 617 12.68 11.23 24.76
N THR A 618 12.09 12.42 24.89
CA THR A 618 12.64 13.59 24.21
C THR A 618 13.87 14.13 24.92
N LEU A 619 13.87 14.09 26.26
CA LEU A 619 15.01 14.61 27.00
C LEU A 619 16.18 13.64 26.96
N SER A 620 15.92 12.34 27.01
CA SER A 620 17.00 11.37 26.95
C SER A 620 17.70 11.43 25.59
N SER A 621 16.94 11.67 24.52
CA SER A 621 17.52 11.75 23.20
C SER A 621 18.19 13.08 22.92
N SER A 622 18.06 14.06 23.82
CA SER A 622 18.65 15.38 23.63
C SER A 622 18.19 16.01 22.32
N LEU A 623 16.97 15.69 21.91
CA LEU A 623 16.38 16.25 20.71
C LEU A 623 15.60 17.51 21.06
N SER A 624 15.54 18.43 20.11
CA SER A 624 14.74 19.63 20.33
C SER A 624 13.26 19.26 20.35
N PRO A 625 12.52 19.66 21.39
CA PRO A 625 11.09 19.30 21.44
C PRO A 625 10.31 19.80 20.25
N ALA A 626 10.76 20.86 19.58
CA ALA A 626 10.08 21.32 18.37
C ALA A 626 10.07 20.24 17.29
N ASP A 627 11.22 19.64 17.03
CA ASP A 627 11.35 18.65 15.97
C ASP A 627 10.99 17.24 16.43
N THR A 628 10.81 17.02 17.72
CA THR A 628 10.51 15.68 18.20
C THR A 628 9.13 15.21 17.75
N LEU A 629 8.18 16.14 17.55
CA LEU A 629 6.88 15.74 17.05
C LEU A 629 6.97 15.23 15.61
N ASP A 630 7.73 15.94 14.77
CA ASP A 630 7.95 15.47 13.40
C ASP A 630 8.70 14.14 13.40
N ILE A 631 9.69 14.00 14.27
CA ILE A 631 10.44 12.75 14.35
C ILE A 631 9.53 11.62 14.78
N PHE A 632 8.68 11.86 15.77
CA PHE A 632 7.73 10.86 16.22
C PHE A 632 6.82 10.42 15.10
N ALA A 633 6.27 11.39 14.35
CA ALA A 633 5.39 11.06 13.23
C ALA A 633 6.13 10.26 12.16
N ASP A 634 7.36 10.67 11.82
CA ASP A 634 8.09 9.97 10.77
C ASP A 634 8.49 8.57 11.18
N LEU A 635 8.87 8.37 12.44
CA LEU A 635 9.21 7.04 12.92
C LEU A 635 7.98 6.15 12.96
N GLN A 636 6.89 6.64 13.56
CA GLN A 636 5.68 5.84 13.63
C GLN A 636 5.17 5.49 12.23
N ARG A 637 5.21 6.43 11.30
CA ARG A 637 4.82 6.11 9.93
C ARG A 637 5.75 5.07 9.33
N ALA A 638 7.06 5.18 9.59
CA ALA A 638 8.01 4.26 8.99
C ALA A 638 7.77 2.82 9.44
N MET A 639 7.53 2.62 10.73
CA MET A 639 7.38 1.26 11.24
C MET A 639 6.18 0.56 10.62
N LYS A 640 5.18 1.30 10.14
CA LYS A 640 4.03 0.67 9.50
C LYS A 640 4.41 -0.05 8.22
N GLY A 641 5.28 0.57 7.41
CA GLY A 641 5.60 0.03 6.10
C GLY A 641 7.08 -0.05 5.84
N PHE A 642 7.86 -0.42 6.84
CA PHE A 642 9.31 -0.32 6.74
C PHE A 642 9.85 -1.17 5.60
N VAL A 643 10.89 -0.66 4.94
CA VAL A 643 11.56 -1.35 3.84
C VAL A 643 12.91 -1.83 4.36
N LEU A 644 13.09 -3.14 4.40
CA LEU A 644 14.33 -3.74 4.86
C LEU A 644 15.24 -4.19 3.73
N GLU A 645 14.84 -3.98 2.48
CA GLU A 645 15.66 -4.45 1.36
C GLU A 645 17.02 -3.79 1.36
N ASN A 646 17.10 -2.53 1.76
CA ASN A 646 18.37 -1.79 1.80
C ASN A 646 18.35 -0.86 3.00
N ASP A 647 19.46 -0.16 3.18
CA ASP A 647 19.61 0.76 4.30
C ASP A 647 18.96 2.11 4.05
N LEU A 648 18.44 2.34 2.84
CA LEU A 648 18.00 3.69 2.49
C LEU A 648 16.84 4.16 3.37
N HIS A 649 15.91 3.28 3.71
CA HIS A 649 14.80 3.69 4.57
C HIS A 649 15.30 3.97 5.98
N ILE A 650 16.29 3.22 6.46
CA ILE A 650 16.86 3.51 7.76
C ILE A 650 17.65 4.80 7.72
N LEU A 651 18.40 5.03 6.64
CA LEU A 651 19.15 6.27 6.51
C LEU A 651 18.22 7.48 6.45
N TYR A 652 17.10 7.37 5.73
CA TYR A 652 16.21 8.51 5.60
C TYR A 652 15.73 8.99 6.97
N LEU A 653 15.53 8.05 7.90
CA LEU A 653 15.04 8.39 9.23
C LEU A 653 16.12 8.90 10.15
N VAL A 654 17.39 8.79 9.79
CA VAL A 654 18.49 9.33 10.57
C VAL A 654 19.23 10.36 9.75
N THR A 655 18.52 11.00 8.83
CA THR A 655 19.07 12.07 8.02
C THR A 655 18.65 13.41 8.62
N PRO A 656 19.57 14.23 9.09
CA PRO A 656 19.19 15.55 9.60
C PRO A 656 19.12 16.59 8.50
N MET A 657 18.13 17.48 8.62
CA MET A 657 17.97 18.60 7.70
C MET A 657 17.64 19.86 8.46
N PHE A 658 18.33 20.08 9.58
CA PHE A 658 18.15 21.32 10.34
C PHE A 658 19.02 22.46 9.81
N GLU A 659 20.02 22.17 8.98
CA GLU A 659 20.78 23.19 8.28
C GLU A 659 20.97 22.79 6.83
N ASP A 660 21.31 23.77 6.00
CA ASP A 660 21.55 23.58 4.57
C ASP A 660 23.01 23.16 4.38
N TRP A 661 23.27 21.87 4.53
CA TRP A 661 24.64 21.39 4.49
C TRP A 661 25.27 21.55 3.10
N THR A 662 24.45 21.67 2.06
CA THR A 662 24.98 21.88 0.72
C THR A 662 23.84 22.30 -0.20
N THR A 663 24.21 22.95 -1.30
CA THR A 663 23.24 23.33 -2.32
C THR A 663 23.01 22.14 -3.25
N ILE A 664 21.73 21.82 -3.47
CA ILE A 664 21.33 20.64 -4.22
C ILE A 664 21.18 21.01 -5.69
N ASP A 665 21.83 20.26 -6.57
CA ASP A 665 21.63 20.38 -8.01
C ASP A 665 20.52 19.43 -8.42
N TRP A 666 19.36 19.99 -8.78
CA TRP A 666 18.19 19.16 -9.03
C TRP A 666 18.25 18.41 -10.35
N TYR A 667 19.06 18.87 -11.31
CA TYR A 667 19.19 18.12 -12.56
C TYR A 667 19.92 16.80 -12.35
N ARG A 668 21.06 16.84 -11.65
CA ARG A 668 21.76 15.61 -11.32
C ARG A 668 20.91 14.74 -10.40
N PHE A 669 20.14 15.36 -9.51
CA PHE A 669 19.25 14.58 -8.65
C PHE A 669 18.18 13.87 -9.46
N PHE A 670 17.64 14.53 -10.49
CA PHE A 670 16.69 13.87 -11.37
C PHE A 670 17.35 12.73 -12.14
N CYS A 671 18.57 12.93 -12.61
CA CYS A 671 19.28 11.85 -13.30
C CYS A 671 19.44 10.64 -12.38
N LEU A 672 19.89 10.88 -11.14
CA LEU A 672 20.02 9.79 -10.19
C LEU A 672 18.67 9.13 -9.91
N TRP A 673 17.62 9.95 -9.78
CA TRP A 673 16.29 9.42 -9.53
C TRP A 673 15.85 8.46 -10.64
N GLU A 674 16.02 8.88 -11.89
CA GLU A 674 15.63 8.01 -13.00
C GLU A 674 16.57 6.82 -13.15
N LYS A 675 17.78 6.90 -12.59
CA LYS A 675 18.70 5.77 -12.59
C LYS A 675 18.58 4.90 -11.33
N LEU A 676 17.68 5.24 -10.41
CA LEU A 676 17.61 4.53 -9.14
C LEU A 676 17.01 3.13 -9.33
N PRO A 677 17.37 2.18 -8.48
CA PRO A 677 16.65 0.89 -8.47
C PRO A 677 15.25 1.05 -7.91
N THR A 678 14.42 0.04 -8.19
CA THR A 678 13.03 0.07 -7.74
C THR A 678 12.94 -0.08 -6.22
N SER A 679 13.86 -0.82 -5.61
CA SER A 679 13.82 -0.98 -4.16
C SER A 679 13.97 0.38 -3.47
N MET A 680 14.87 1.22 -3.96
CA MET A 680 15.07 2.55 -3.42
C MET A 680 13.92 3.48 -3.77
N LYS A 681 13.21 3.24 -4.87
CA LYS A 681 12.07 4.05 -5.24
C LYS A 681 10.84 3.73 -4.42
N ARG A 682 10.71 2.49 -3.93
CA ARG A 682 9.60 2.18 -3.03
C ARG A 682 9.69 3.01 -1.75
N VAL A 683 10.89 3.09 -1.16
CA VAL A 683 11.06 3.93 0.02
C VAL A 683 10.88 5.40 -0.34
N ALA A 684 11.29 5.81 -1.54
CA ALA A 684 11.08 7.19 -1.95
C ALA A 684 9.60 7.54 -1.99
N GLU A 685 8.78 6.65 -2.57
CA GLU A 685 7.34 6.86 -2.54
C GLU A 685 6.80 6.84 -1.12
N LEU A 686 7.31 5.94 -0.27
CA LEU A 686 6.82 5.86 1.09
C LEU A 686 7.06 7.14 1.86
N VAL A 687 8.27 7.71 1.72
CA VAL A 687 8.63 8.89 2.50
C VAL A 687 7.85 10.12 2.02
N GLY A 688 7.65 10.24 0.71
CA GLY A 688 6.87 11.34 0.17
C GLY A 688 7.41 11.91 -1.12
N VAL A 689 8.55 11.40 -1.60
CA VAL A 689 9.12 11.91 -2.84
C VAL A 689 8.16 11.65 -3.99
N GLU A 690 8.01 12.65 -4.86
CA GLU A 690 7.14 12.57 -6.02
C GLU A 690 7.90 12.99 -7.26
N GLU A 691 7.67 12.27 -8.36
CA GLU A 691 8.31 12.62 -9.62
C GLU A 691 7.86 13.99 -10.11
N GLY A 692 6.67 14.42 -9.72
CA GLY A 692 6.20 15.73 -10.14
C GLY A 692 7.03 16.87 -9.59
N PHE A 693 7.39 16.79 -8.31
CA PHE A 693 8.21 17.84 -7.71
C PHE A 693 9.60 17.88 -8.31
N LEU A 694 10.20 16.70 -8.54
CA LEU A 694 11.51 16.69 -9.18
C LEU A 694 11.44 17.22 -10.60
N ALA A 695 10.36 16.92 -11.33
CA ALA A 695 10.15 17.49 -12.65
C ALA A 695 9.99 19.00 -12.60
N ARG A 696 9.31 19.52 -11.57
CA ARG A 696 9.22 20.96 -11.41
C ARG A 696 10.60 21.57 -11.19
N CYS A 697 11.41 20.93 -10.34
CA CYS A 697 12.70 21.50 -9.97
C CYS A 697 13.77 21.35 -11.04
N VAL A 698 13.70 20.31 -11.86
CA VAL A 698 14.78 20.05 -12.82
C VAL A 698 14.91 21.20 -13.82
N LYS A 699 13.77 21.70 -14.32
CA LYS A 699 13.76 22.78 -15.30
C LYS A 699 13.32 24.10 -14.70
N GLY A 700 12.18 24.12 -14.02
CA GLY A 700 11.69 25.34 -13.42
C GLY A 700 12.56 25.80 -12.27
N LYS A 701 12.47 27.09 -11.98
CA LYS A 701 13.23 27.67 -10.88
C LYS A 701 12.82 27.02 -9.56
N VAL A 702 13.75 27.03 -8.61
CA VAL A 702 13.48 26.45 -7.30
C VAL A 702 12.19 27.04 -6.75
N VAL A 703 11.23 26.16 -6.43
CA VAL A 703 9.92 26.62 -5.98
C VAL A 703 10.06 27.33 -4.64
N ALA A 704 9.45 28.49 -4.53
CA ALA A 704 9.47 29.24 -3.28
C ALA A 704 8.61 28.53 -2.25
N ARG A 705 9.17 28.33 -1.06
CA ARG A 705 8.44 27.68 0.04
C ARG A 705 7.75 28.75 0.90
N THR A 706 6.95 29.57 0.22
CA THR A 706 6.28 30.67 0.90
C THR A 706 5.35 30.17 2.01
N GLU A 707 4.75 29.00 1.81
CA GLU A 707 3.74 28.49 2.72
C GLU A 707 4.32 27.42 3.64
N ARG A 708 3.82 27.41 4.89
CA ARG A 708 4.25 26.41 5.85
C ARG A 708 3.93 25.00 5.39
N GLN A 709 2.93 24.83 4.52
CA GLN A 709 2.56 23.51 4.04
C GLN A 709 3.58 22.94 3.07
N HIS A 710 4.59 23.71 2.69
CA HIS A 710 5.57 23.26 1.69
C HIS A 710 6.82 22.69 2.36
N ARG A 711 6.64 22.00 3.48
CA ARG A 711 7.69 21.16 4.03
C ARG A 711 8.00 19.98 3.14
N GLN A 712 7.17 19.73 2.13
CA GLN A 712 7.45 18.66 1.17
C GLN A 712 8.64 19.00 0.27
N MET A 713 9.12 20.24 0.32
CA MET A 713 10.43 20.54 -0.26
C MET A 713 11.54 19.93 0.59
N ALA A 714 11.33 19.90 1.92
CA ALA A 714 12.33 19.30 2.80
C ALA A 714 12.37 17.79 2.63
N ILE A 715 11.27 17.17 2.18
CA ILE A 715 11.29 15.72 1.97
C ILE A 715 12.27 15.33 0.88
N HIS A 716 12.31 16.11 -0.20
CA HIS A 716 13.18 15.76 -1.32
C HIS A 716 14.64 16.07 -1.00
N LYS A 717 14.90 17.17 -0.29
CA LYS A 717 16.25 17.42 0.19
C LYS A 717 16.71 16.34 1.15
N ARG A 718 15.81 15.88 2.02
CA ARG A 718 16.13 14.80 2.94
C ARG A 718 16.45 13.52 2.18
N PHE A 719 15.67 13.22 1.14
CA PHE A 719 15.94 12.01 0.35
C PHE A 719 17.26 12.11 -0.38
N PHE A 720 17.58 13.28 -0.94
CA PHE A 720 18.88 13.46 -1.57
C PHE A 720 20.01 13.25 -0.59
N THR A 721 19.88 13.83 0.61
CA THR A 721 20.90 13.66 1.64
C THR A 721 21.01 12.20 2.06
N SER A 722 19.88 11.49 2.16
CA SER A 722 19.93 10.09 2.55
C SER A 722 20.57 9.24 1.46
N LEU A 723 20.38 9.58 0.20
CA LEU A 723 21.11 8.88 -0.86
C LEU A 723 22.61 9.13 -0.74
N VAL A 724 22.99 10.37 -0.43
CA VAL A 724 24.41 10.65 -0.22
C VAL A 724 24.93 9.82 0.94
N LEU A 725 24.17 9.75 2.03
CA LEU A 725 24.59 8.97 3.19
C LEU A 725 24.67 7.49 2.89
N LEU A 726 23.79 6.98 2.02
CA LEU A 726 23.89 5.57 1.63
C LEU A 726 25.15 5.31 0.83
N ASP A 727 25.45 6.16 -0.15
CA ASP A 727 26.73 6.04 -0.83
C ASP A 727 27.88 6.20 0.14
N LEU A 728 27.67 6.94 1.23
CA LEU A 728 28.70 7.15 2.22
C LEU A 728 28.99 5.87 3.01
N ILE A 729 27.96 5.31 3.63
CA ILE A 729 28.13 4.08 4.40
C ILE A 729 28.41 2.88 3.52
N SER A 730 28.23 3.01 2.21
CA SER A 730 28.65 1.95 1.30
C SER A 730 30.16 1.92 1.11
N GLU A 731 30.88 2.89 1.68
CA GLU A 731 32.34 2.91 1.67
C GLU A 731 32.88 3.20 0.26
N VAL A 732 32.22 4.13 -0.42
CA VAL A 732 32.69 4.59 -1.73
C VAL A 732 33.55 5.82 -1.50
N PRO A 733 34.57 6.08 -2.32
CA PRO A 733 35.47 7.20 -2.04
C PRO A 733 34.75 8.53 -2.10
N LEU A 734 35.27 9.49 -1.33
CA LEU A 734 34.65 10.80 -1.26
C LEU A 734 34.57 11.46 -2.63
N ARG A 735 35.57 11.24 -3.48
CA ARG A 735 35.54 11.82 -4.82
C ARG A 735 34.35 11.27 -5.61
N GLU A 736 34.09 9.97 -5.51
CA GLU A 736 32.95 9.39 -6.22
C GLU A 736 31.64 9.99 -5.74
N ILE A 737 31.49 10.20 -4.43
CA ILE A 737 30.29 10.87 -3.92
C ILE A 737 30.23 12.30 -4.42
N ASN A 738 31.38 12.95 -4.58
CA ASN A 738 31.42 14.33 -5.06
C ASN A 738 30.92 14.42 -6.50
N GLN A 739 31.47 13.61 -7.40
CA GLN A 739 31.04 13.67 -8.79
C GLN A 739 29.58 13.25 -8.92
N LYS A 740 29.17 12.22 -8.18
CA LYS A 740 27.81 11.70 -8.31
C LYS A 740 26.77 12.67 -7.77
N TYR A 741 27.12 13.46 -6.75
CA TYR A 741 26.16 14.34 -6.09
C TYR A 741 26.55 15.81 -6.10
N GLY A 742 27.82 16.14 -6.31
CA GLY A 742 28.26 17.51 -6.39
C GLY A 742 28.72 18.12 -5.09
N CYS A 743 28.46 17.47 -3.96
CA CYS A 743 28.93 17.97 -2.67
C CYS A 743 30.39 17.62 -2.48
N ASN A 744 31.20 18.61 -2.09
CA ASN A 744 32.62 18.37 -1.90
C ASN A 744 32.86 17.60 -0.61
N ARG A 745 34.11 17.16 -0.44
CA ARG A 745 34.43 16.23 0.64
C ARG A 745 34.24 16.85 2.02
N GLY A 746 34.55 18.14 2.17
CA GLY A 746 34.34 18.78 3.46
C GLY A 746 32.87 18.81 3.85
N GLN A 747 32.01 19.14 2.90
CA GLN A 747 30.57 19.07 3.16
C GLN A 747 30.13 17.66 3.47
N ILE A 748 30.71 16.67 2.78
CA ILE A 748 30.35 15.28 3.03
C ILE A 748 30.75 14.86 4.44
N GLN A 749 31.89 15.37 4.93
CA GLN A 749 32.32 15.02 6.27
C GLN A 749 31.48 15.72 7.33
N SER A 750 31.09 16.98 7.09
CA SER A 750 30.16 17.62 7.99
C SER A 750 28.84 16.87 8.03
N LEU A 751 28.37 16.41 6.88
CA LEU A 751 27.18 15.59 6.83
C LEU A 751 27.39 14.27 7.57
N GLN A 752 28.55 13.65 7.41
CA GLN A 752 28.90 12.48 8.19
C GLN A 752 28.64 12.73 9.67
N GLN A 753 29.29 13.76 10.22
CA GLN A 753 29.20 14.00 11.66
C GLN A 753 27.77 14.30 12.08
N SER A 754 27.09 15.18 11.35
CA SER A 754 25.73 15.54 11.72
C SER A 754 24.81 14.34 11.65
N ALA A 755 24.93 13.52 10.61
CA ALA A 755 24.08 12.35 10.45
C ALA A 755 24.36 11.31 11.52
N ALA A 756 25.62 11.10 11.88
CA ALA A 756 25.94 10.15 12.93
C ALA A 756 25.40 10.61 14.27
N VAL A 757 25.55 11.90 14.58
CA VAL A 757 25.02 12.43 15.83
C VAL A 757 23.50 12.26 15.86
N TYR A 758 22.85 12.60 14.76
CA TYR A 758 21.39 12.46 14.69
C TYR A 758 20.97 11.01 14.81
N ALA A 759 21.72 10.09 14.19
CA ALA A 759 21.39 8.68 14.30
C ALA A 759 21.49 8.20 15.73
N GLY A 760 22.52 8.63 16.46
CA GLY A 760 22.61 8.28 17.87
C GLY A 760 21.44 8.83 18.67
N MET A 761 21.09 10.10 18.42
CA MET A 761 19.97 10.69 19.13
C MET A 761 18.68 9.94 18.86
N ILE A 762 18.44 9.59 17.60
CA ILE A 762 17.23 8.87 17.23
C ILE A 762 17.24 7.47 17.82
N THR A 763 18.41 6.83 17.90
CA THR A 763 18.48 5.53 18.53
C THR A 763 18.09 5.61 19.99
N VAL A 764 18.56 6.62 20.70
CA VAL A 764 18.19 6.76 22.11
C VAL A 764 16.70 7.07 22.22
N PHE A 765 16.18 7.92 21.33
CA PHE A 765 14.76 8.22 21.31
C PHE A 765 13.92 6.96 21.18
N SER A 766 14.25 6.12 20.18
CA SER A 766 13.53 4.87 19.98
C SER A 766 13.70 3.93 21.17
N ASN A 767 14.91 3.85 21.72
CA ASN A 767 15.14 2.98 22.87
C ASN A 767 14.19 3.36 24.00
N ARG A 768 14.12 4.66 24.32
CA ARG A 768 13.29 5.10 25.44
C ARG A 768 11.81 4.96 25.12
N LEU A 769 11.41 5.16 23.86
CA LEU A 769 10.01 5.07 23.51
C LEU A 769 9.48 3.63 23.55
N GLY A 770 10.36 2.64 23.64
CA GLY A 770 9.94 1.26 23.64
C GLY A 770 9.86 0.61 22.27
N TRP A 771 10.48 1.22 21.26
CA TRP A 771 10.47 0.67 19.90
C TRP A 771 11.72 -0.16 19.72
N HIS A 772 11.63 -1.43 20.09
CA HIS A 772 12.81 -2.29 20.12
C HIS A 772 13.33 -2.60 18.73
N ASN A 773 12.44 -2.93 17.79
CA ASN A 773 12.88 -3.24 16.44
C ASN A 773 13.52 -2.04 15.77
N MET A 774 12.93 -0.87 15.93
CA MET A 774 13.51 0.34 15.36
C MET A 774 14.86 0.64 15.99
N GLU A 775 14.97 0.50 17.30
CA GLU A 775 16.25 0.71 17.96
C GLU A 775 17.30 -0.26 17.44
N LEU A 776 16.93 -1.53 17.27
CA LEU A 776 17.87 -2.52 16.77
C LEU A 776 18.33 -2.18 15.37
N LEU A 777 17.40 -1.77 14.50
CA LEU A 777 17.78 -1.40 13.14
C LEU A 777 18.66 -0.15 13.11
N LEU A 778 18.46 0.76 14.06
CA LEU A 778 19.19 2.02 14.09
C LEU A 778 20.55 1.92 14.76
N SER A 779 20.75 0.95 15.65
CA SER A 779 21.94 0.98 16.51
C SER A 779 23.22 0.93 15.71
N GLN A 780 23.31 0.04 14.72
CA GLN A 780 24.55 -0.10 13.97
C GLN A 780 24.89 1.16 13.20
N PHE A 781 23.88 1.97 12.87
CA PHE A 781 24.09 3.05 11.91
C PHE A 781 24.86 4.22 12.47
N GLN A 782 24.87 4.42 13.79
CA GLN A 782 25.62 5.52 14.37
C GLN A 782 27.12 5.37 14.09
N LYS A 783 27.68 4.19 14.36
CA LYS A 783 29.09 3.96 14.11
C LYS A 783 29.41 3.94 12.62
N ARG A 784 28.54 3.32 11.82
CA ARG A 784 28.75 3.29 10.39
C ARG A 784 28.79 4.70 9.80
N LEU A 785 27.91 5.58 10.30
CA LEU A 785 27.91 6.96 9.84
C LEU A 785 29.13 7.71 10.35
N THR A 786 29.52 7.48 11.60
CA THR A 786 30.70 8.14 12.15
C THR A 786 31.93 7.82 11.30
N PHE A 787 32.10 6.56 10.93
CA PHE A 787 33.28 6.14 10.20
C PHE A 787 33.02 5.92 8.71
N GLY A 788 31.77 5.89 8.27
CA GLY A 788 31.47 5.65 6.88
C GLY A 788 31.93 4.29 6.41
N ILE A 789 31.58 3.26 7.18
CA ILE A 789 32.06 1.91 6.95
C ILE A 789 30.86 0.96 6.87
N GLN A 790 31.13 -0.23 6.36
CA GLN A 790 30.15 -1.30 6.26
C GLN A 790 29.99 -2.01 7.60
N ARG A 791 28.99 -2.88 7.67
CA ARG A 791 28.73 -3.58 8.92
C ARG A 791 29.94 -4.38 9.39
N GLU A 792 30.69 -4.97 8.45
CA GLU A 792 31.78 -5.87 8.83
C GLU A 792 32.91 -5.14 9.53
N LEU A 793 33.17 -3.89 9.15
CA LEU A 793 34.26 -3.11 9.73
C LEU A 793 33.88 -2.47 11.06
N CYS A 794 32.64 -2.63 11.51
CA CYS A 794 32.19 -1.92 12.70
C CYS A 794 32.88 -2.44 13.95
N ASP A 795 33.13 -3.74 14.02
CA ASP A 795 33.84 -4.34 15.15
C ASP A 795 35.33 -4.09 15.08
N LEU A 796 35.82 -3.55 13.96
CA LEU A 796 37.24 -3.33 13.74
C LEU A 796 37.69 -1.89 13.93
N VAL A 797 36.77 -0.93 13.87
CA VAL A 797 37.13 0.48 14.04
C VAL A 797 37.05 0.86 15.52
N ARG A 798 36.88 -0.15 16.38
CA ARG A 798 36.93 0.11 17.81
C ARG A 798 38.31 0.60 18.23
N VAL A 799 39.35 0.27 17.46
CA VAL A 799 40.68 0.78 17.74
C VAL A 799 40.80 2.19 17.20
N SER A 800 41.12 3.13 18.10
CA SER A 800 41.15 4.54 17.71
C SER A 800 42.10 4.77 16.54
N LEU A 801 43.16 3.99 16.45
CA LEU A 801 44.17 4.16 15.41
C LEU A 801 43.82 3.35 14.16
N LEU A 802 42.60 3.52 13.66
CA LEU A 802 42.16 2.75 12.49
C LEU A 802 41.13 3.57 11.72
N ASN A 803 41.56 4.17 10.61
CA ASN A 803 40.67 4.93 9.74
C ASN A 803 39.74 3.97 9.00
N ALA A 804 38.90 4.52 8.13
CA ALA A 804 38.06 3.66 7.29
C ALA A 804 38.91 2.89 6.30
N GLN A 805 39.94 3.52 5.72
CA GLN A 805 40.82 2.82 4.80
C GLN A 805 41.70 1.83 5.56
N ARG A 806 42.22 2.23 6.71
CA ARG A 806 43.07 1.33 7.49
C ARG A 806 42.29 0.19 8.12
N ALA A 807 40.96 0.28 8.15
CA ALA A 807 40.14 -0.84 8.59
C ALA A 807 39.82 -1.78 7.45
N ARG A 808 39.79 -1.26 6.21
CA ARG A 808 39.55 -2.12 5.05
C ARG A 808 40.78 -2.95 4.71
N VAL A 809 41.96 -2.34 4.76
CA VAL A 809 43.18 -3.07 4.42
C VAL A 809 43.37 -4.25 5.37
N LEU A 810 43.18 -4.03 6.67
CA LEU A 810 43.28 -5.13 7.62
C LEU A 810 42.16 -6.14 7.43
N TYR A 811 40.94 -5.69 7.14
CA TYR A 811 39.85 -6.62 6.90
C TYR A 811 40.10 -7.46 5.65
N ALA A 812 40.62 -6.83 4.59
CA ALA A 812 40.95 -7.59 3.40
C ALA A 812 42.03 -8.63 3.68
N SER A 813 43.00 -8.29 4.52
CA SER A 813 44.04 -9.25 4.87
C SER A 813 43.47 -10.46 5.59
N GLY A 814 42.53 -10.24 6.51
CA GLY A 814 41.94 -11.34 7.24
C GLY A 814 41.64 -11.01 8.68
N PHE A 815 42.11 -9.86 9.15
CA PHE A 815 41.82 -9.40 10.51
C PHE A 815 40.40 -8.85 10.53
N HIS A 816 39.45 -9.74 10.78
CA HIS A 816 38.02 -9.41 10.76
C HIS A 816 37.49 -9.10 12.16
N THR A 817 38.37 -8.78 13.10
CA THR A 817 37.95 -8.54 14.48
C THR A 817 39.14 -8.01 15.26
N VAL A 818 38.86 -7.14 16.24
CA VAL A 818 39.93 -6.56 17.03
C VAL A 818 40.70 -7.65 17.78
N ALA A 819 39.98 -8.66 18.28
CA ALA A 819 40.67 -9.78 18.93
C ALA A 819 41.62 -10.47 17.97
N ASP A 820 41.19 -10.68 16.72
CA ASP A 820 42.09 -11.25 15.72
C ASP A 820 43.27 -10.34 15.46
N LEU A 821 43.03 -9.03 15.39
CA LEU A 821 44.10 -8.09 15.11
C LEU A 821 45.10 -8.01 16.25
N ALA A 822 44.68 -8.35 17.47
CA ALA A 822 45.62 -8.42 18.59
C ALA A 822 46.59 -9.57 18.41
N ARG A 823 46.10 -10.73 17.93
CA ARG A 823 46.93 -11.90 17.73
C ARG A 823 47.61 -11.78 16.36
N ALA A 824 48.69 -11.02 16.34
CA ALA A 824 49.45 -10.81 15.11
C ALA A 824 50.75 -10.10 15.44
N ASN A 825 51.77 -10.38 14.63
CA ASN A 825 53.06 -9.73 14.81
C ASN A 825 53.05 -8.34 14.17
N ILE A 826 53.97 -7.49 14.63
CA ILE A 826 54.03 -6.12 14.15
C ILE A 826 54.49 -6.06 12.70
N VAL A 827 55.43 -6.93 12.31
CA VAL A 827 55.95 -6.88 10.95
C VAL A 827 54.87 -7.23 9.93
N GLU A 828 53.98 -8.15 10.27
CA GLU A 828 52.89 -8.50 9.37
C GLU A 828 52.04 -7.29 9.05
N VAL A 829 51.54 -6.62 10.10
CA VAL A 829 50.71 -5.43 9.90
C VAL A 829 51.52 -4.34 9.20
N GLU A 830 52.81 -4.26 9.48
CA GLU A 830 53.66 -3.27 8.81
C GLU A 830 53.68 -3.50 7.31
N VAL A 831 53.86 -4.76 6.88
CA VAL A 831 53.91 -5.02 5.45
C VAL A 831 52.54 -4.81 4.83
N ILE A 832 51.46 -5.14 5.53
CA ILE A 832 50.15 -4.86 4.96
C ILE A 832 49.93 -3.37 4.79
N LEU A 833 50.29 -2.57 5.80
CA LEU A 833 50.11 -1.13 5.71
C LEU A 833 50.96 -0.55 4.58
N LYS A 834 52.20 -1.03 4.45
CA LYS A 834 53.06 -0.55 3.36
C LYS A 834 52.45 -0.87 2.01
N ASN A 835 51.88 -2.06 1.86
CA ASN A 835 51.24 -2.45 0.61
C ASN A 835 49.83 -1.85 0.52
N ASN A 858 60.37 4.62 8.74
CA ASN A 858 61.16 5.77 9.12
C ASN A 858 60.52 7.07 8.63
N MET A 859 59.78 6.97 7.52
CA MET A 859 59.10 8.13 6.95
C MET A 859 57.67 8.18 7.46
N ARG A 860 57.29 9.31 8.04
CA ARG A 860 55.94 9.51 8.55
C ARG A 860 55.01 9.74 7.36
N THR A 861 54.16 8.77 7.07
CA THR A 861 53.33 8.82 5.87
C THR A 861 51.85 8.75 6.22
N ILE A 862 51.50 8.02 7.28
CA ILE A 862 50.12 7.95 7.73
C ILE A 862 49.84 9.18 8.59
N TRP A 863 48.57 9.41 8.90
CA TRP A 863 48.18 10.48 9.82
C TRP A 863 47.04 10.00 10.71
N VAL A 864 47.10 10.42 11.97
CA VAL A 864 46.04 10.13 12.94
C VAL A 864 45.86 11.36 13.81
N THR A 865 44.65 11.52 14.34
CA THR A 865 44.35 12.67 15.17
C THR A 865 45.23 12.66 16.42
N GLY A 866 45.94 13.76 16.65
CA GLY A 866 46.86 13.83 17.77
C GLY A 866 47.97 12.81 17.65
N ARG A 867 48.81 12.95 16.62
CA ARG A 867 49.86 12.00 16.34
C ARG A 867 51.20 12.52 16.88
N LYS A 868 52.23 11.70 16.71
CA LYS A 868 53.58 12.03 17.13
C LYS A 868 54.51 11.50 16.03
N GLY A 869 55.78 11.32 16.36
CA GLY A 869 56.72 10.86 15.35
C GLY A 869 56.42 9.43 14.95
N LEU A 870 55.28 9.27 14.27
CA LEU A 870 54.69 7.96 13.97
C LEU A 870 54.94 7.62 12.50
N THR A 871 55.42 6.39 12.26
CA THR A 871 55.64 5.93 10.90
C THR A 871 54.92 4.61 10.68
N GLU A 872 55.11 4.01 9.50
CA GLU A 872 54.49 2.73 9.19
C GLU A 872 54.96 1.63 10.13
N ARG A 873 56.19 1.74 10.64
CA ARG A 873 56.73 0.71 11.52
C ARG A 873 56.03 0.70 12.88
N GLU A 874 56.14 1.82 13.62
CA GLU A 874 55.61 1.84 14.98
C GLU A 874 54.10 2.06 15.00
N ALA A 875 53.50 2.49 13.90
CA ALA A 875 52.05 2.56 13.83
C ALA A 875 51.43 1.17 13.93
N ALA A 876 52.02 0.19 13.23
CA ALA A 876 51.54 -1.18 13.35
C ALA A 876 51.76 -1.73 14.75
N ALA A 877 52.83 -1.31 15.42
CA ALA A 877 53.09 -1.75 16.79
C ALA A 877 52.00 -1.26 17.73
N LEU A 878 51.56 -0.01 17.56
CA LEU A 878 50.52 0.55 18.41
C LEU A 878 49.13 0.03 18.07
N ILE A 879 48.89 -0.36 16.81
CA ILE A 879 47.59 -0.90 16.44
C ILE A 879 47.33 -2.19 17.23
N VAL A 880 48.32 -3.09 17.26
CA VAL A 880 48.14 -4.34 18.00
C VAL A 880 48.11 -4.07 19.50
N GLU A 881 48.93 -3.12 19.97
CA GLU A 881 48.97 -2.84 21.40
C GLU A 881 47.63 -2.31 21.88
N GLU A 882 47.02 -1.37 21.14
CA GLU A 882 45.72 -0.85 21.53
C GLU A 882 44.64 -1.93 21.47
N ALA A 883 44.74 -2.84 20.49
CA ALA A 883 43.77 -3.94 20.42
C ALA A 883 43.85 -4.79 21.67
N ARG A 884 45.05 -5.06 22.17
CA ARG A 884 45.20 -5.83 23.40
C ARG A 884 44.51 -5.15 24.56
N MET A 885 44.68 -3.83 24.69
CA MET A 885 44.03 -3.11 25.79
C MET A 885 42.52 -3.19 25.69
N ILE A 886 41.97 -3.12 24.49
CA ILE A 886 40.52 -3.23 24.33
C ILE A 886 40.02 -4.56 24.87
N LEU A 887 40.75 -5.64 24.62
CA LEU A 887 40.40 -6.94 25.17
C LEU A 887 40.80 -7.00 26.65
N GLY B 108 39.49 -48.39 13.13
CA GLY B 108 38.43 -47.57 12.59
C GLY B 108 37.79 -48.16 11.35
N LYS B 109 37.49 -49.45 11.41
CA LYS B 109 36.86 -50.17 10.30
C LYS B 109 35.34 -50.13 10.39
N ASN B 110 34.78 -49.12 11.05
CA ASN B 110 33.34 -49.01 11.25
C ASN B 110 32.80 -50.20 12.03
N LEU B 111 31.51 -50.19 12.33
CA LEU B 111 30.90 -51.23 13.13
C LEU B 111 29.38 -51.05 13.09
N VAL B 112 28.66 -52.16 13.05
CA VAL B 112 27.21 -52.15 13.20
C VAL B 112 26.82 -53.32 14.07
N TYR B 113 25.99 -53.07 15.08
CA TYR B 113 25.56 -54.13 15.97
C TYR B 113 24.16 -53.83 16.47
N SER B 114 23.47 -54.88 16.88
CA SER B 114 22.12 -54.77 17.43
C SER B 114 22.02 -55.62 18.68
N ALA B 115 21.12 -55.23 19.57
CA ALA B 115 20.89 -55.93 20.81
C ALA B 115 19.62 -55.38 21.46
N PRO B 116 18.87 -56.18 22.20
CA PRO B 116 17.65 -55.67 22.82
C PRO B 116 17.98 -54.61 23.87
N THR B 117 17.06 -53.66 24.01
CA THR B 117 17.23 -52.63 25.03
C THR B 117 17.14 -53.27 26.41
N SER B 118 17.64 -52.53 27.41
CA SER B 118 17.72 -53.04 28.77
C SER B 118 18.75 -54.16 28.87
N ALA B 119 19.76 -54.11 27.98
CA ALA B 119 20.84 -55.09 28.01
C ALA B 119 22.21 -54.42 27.92
N GLY B 120 22.29 -53.13 28.25
CA GLY B 120 23.57 -52.43 28.18
C GLY B 120 24.14 -52.35 26.78
N LYS B 121 23.28 -52.21 25.77
CA LYS B 121 23.76 -52.15 24.41
C LYS B 121 24.60 -50.90 24.17
N THR B 122 24.30 -49.80 24.87
CA THR B 122 25.06 -48.57 24.71
C THR B 122 26.44 -48.65 25.34
N LEU B 123 26.69 -49.64 26.19
CA LEU B 123 27.99 -49.71 26.88
C LEU B 123 29.14 -49.85 25.90
N VAL B 124 28.98 -50.73 24.91
CA VAL B 124 30.02 -50.91 23.90
C VAL B 124 30.26 -49.60 23.17
N ALA B 125 29.19 -48.88 22.87
CA ALA B 125 29.34 -47.60 22.19
C ALA B 125 30.09 -46.60 23.05
N GLU B 126 29.80 -46.55 24.35
CA GLU B 126 30.53 -45.62 25.22
C GLU B 126 32.00 -45.97 25.28
N LEU B 127 32.33 -47.26 25.39
CA LEU B 127 33.74 -47.64 25.39
C LEU B 127 34.41 -47.25 24.08
N LEU B 128 33.74 -47.51 22.96
CA LEU B 128 34.34 -47.20 21.66
C LEU B 128 34.58 -45.70 21.51
N ILE B 129 33.61 -44.89 21.91
CA ILE B 129 33.78 -43.44 21.76
C ILE B 129 34.89 -42.96 22.68
N LEU B 130 34.91 -43.45 23.91
CA LEU B 130 35.99 -43.05 24.82
C LEU B 130 37.34 -43.35 24.20
N LYS B 131 37.50 -44.58 23.68
CA LYS B 131 38.78 -44.96 23.09
C LYS B 131 39.12 -44.05 21.91
N ARG B 132 38.16 -43.81 21.02
CA ARG B 132 38.47 -43.05 19.80
C ARG B 132 38.80 -41.60 20.12
N VAL B 133 38.01 -40.94 20.96
CA VAL B 133 38.31 -39.55 21.31
C VAL B 133 39.64 -39.47 22.05
N LEU B 134 39.89 -40.38 22.99
CA LEU B 134 41.14 -40.32 23.74
C LEU B 134 42.35 -40.55 22.83
N GLU B 135 42.23 -41.45 21.85
CA GLU B 135 43.38 -41.79 21.01
C GLU B 135 43.58 -40.77 19.90
N MET B 136 42.60 -40.63 19.02
CA MET B 136 42.75 -39.73 17.87
C MET B 136 42.57 -38.27 18.23
N ARG B 137 42.00 -37.98 19.40
CA ARG B 137 41.78 -36.59 19.82
C ARG B 137 40.84 -35.85 18.87
N LYS B 138 39.99 -36.61 18.18
CA LYS B 138 39.03 -36.07 17.24
C LYS B 138 37.62 -36.18 17.81
N LYS B 139 36.67 -35.51 17.16
CA LYS B 139 35.32 -35.41 17.68
C LYS B 139 34.60 -36.75 17.57
N ALA B 140 33.37 -36.80 18.08
CA ALA B 140 32.55 -38.00 17.98
C ALA B 140 31.09 -37.57 18.16
N LEU B 141 30.30 -37.68 17.10
CA LEU B 141 28.89 -37.32 17.15
C LEU B 141 28.09 -38.51 17.64
N PHE B 142 27.32 -38.30 18.69
CA PHE B 142 26.40 -39.31 19.20
C PHE B 142 25.00 -38.91 18.73
N ILE B 143 24.54 -39.53 17.66
CA ILE B 143 23.28 -39.15 17.02
C ILE B 143 22.14 -39.91 17.69
N LEU B 144 21.11 -39.18 18.11
CA LEU B 144 19.94 -39.72 18.76
C LEU B 144 18.70 -39.32 18.00
N PRO B 145 17.63 -40.13 18.08
CA PRO B 145 16.40 -39.79 17.35
C PRO B 145 15.66 -38.59 17.92
N PHE B 146 15.40 -38.61 19.23
CA PHE B 146 14.55 -37.64 19.88
C PHE B 146 15.36 -36.70 20.76
N VAL B 147 14.77 -35.54 21.04
CA VAL B 147 15.43 -34.53 21.86
C VAL B 147 15.49 -34.92 23.33
N SER B 148 14.47 -35.60 23.85
CA SER B 148 14.51 -36.01 25.25
C SER B 148 15.61 -37.03 25.49
N VAL B 149 15.69 -38.05 24.64
CA VAL B 149 16.74 -39.04 24.77
C VAL B 149 18.11 -38.41 24.50
N ALA B 150 18.18 -37.46 23.58
CA ALA B 150 19.44 -36.76 23.35
C ALA B 150 19.88 -36.00 24.59
N LYS B 151 18.95 -35.29 25.25
CA LYS B 151 19.27 -34.61 26.50
C LYS B 151 19.78 -35.59 27.54
N GLU B 152 19.04 -36.69 27.72
CA GLU B 152 19.42 -37.66 28.75
C GLU B 152 20.80 -38.25 28.46
N LYS B 153 21.07 -38.58 27.20
CA LYS B 153 22.36 -39.16 26.85
C LYS B 153 23.47 -38.13 27.00
N LYS B 154 23.20 -36.86 26.68
CA LYS B 154 24.20 -35.82 26.88
C LYS B 154 24.55 -35.69 28.35
N TYR B 155 23.54 -35.72 29.23
CA TYR B 155 23.83 -35.68 30.66
C TYR B 155 24.60 -36.91 31.11
N TYR B 156 24.23 -38.08 30.61
CA TYR B 156 24.94 -39.31 30.96
C TYR B 156 26.41 -39.23 30.57
N LEU B 157 26.68 -38.83 29.34
CA LEU B 157 28.07 -38.73 28.88
C LEU B 157 28.82 -37.63 29.60
N GLN B 158 28.16 -36.53 29.93
CA GLN B 158 28.82 -35.49 30.72
C GLN B 158 29.25 -36.04 32.07
N SER B 159 28.34 -36.75 32.76
CA SER B 159 28.69 -37.32 34.05
C SER B 159 29.83 -38.32 33.92
N LEU B 160 29.79 -39.16 32.88
CA LEU B 160 30.78 -40.23 32.75
C LEU B 160 32.12 -39.78 32.18
N PHE B 161 32.20 -38.60 31.57
CA PHE B 161 33.44 -38.16 30.95
C PHE B 161 33.89 -36.78 31.42
N GLN B 162 33.27 -36.25 32.48
CA GLN B 162 33.76 -34.99 33.03
C GLN B 162 35.15 -35.15 33.63
N GLU B 163 35.42 -36.28 34.27
CA GLU B 163 36.66 -36.49 35.00
C GLU B 163 37.83 -36.86 34.10
N VAL B 164 37.71 -36.69 32.79
CA VAL B 164 38.79 -37.04 31.86
C VAL B 164 39.07 -35.88 30.92
N GLY B 165 38.54 -34.70 31.26
CA GLY B 165 38.77 -33.54 30.41
C GLY B 165 38.18 -33.69 29.02
N ILE B 166 36.95 -34.20 28.92
CA ILE B 166 36.28 -34.40 27.65
C ILE B 166 35.02 -33.54 27.66
N LYS B 167 34.95 -32.58 26.74
CA LYS B 167 33.78 -31.72 26.63
C LYS B 167 32.65 -32.48 25.94
N VAL B 168 31.44 -32.34 26.48
CA VAL B 168 30.27 -33.05 25.98
C VAL B 168 29.12 -32.08 25.93
N ASP B 169 28.75 -31.62 24.72
CA ASP B 169 27.64 -30.71 24.54
C ASP B 169 27.09 -30.92 23.14
N GLY B 170 25.82 -31.30 23.04
CA GLY B 170 25.24 -31.65 21.76
C GLY B 170 24.34 -30.56 21.19
N TYR B 171 23.96 -30.77 19.93
CA TYR B 171 23.07 -29.87 19.20
C TYR B 171 21.74 -30.60 19.02
N MET B 172 20.76 -30.29 19.85
CA MET B 172 19.49 -31.00 19.83
C MET B 172 18.36 -30.04 20.11
N GLY B 173 17.23 -30.25 19.43
CA GLY B 173 16.13 -29.32 19.53
C GLY B 173 16.54 -27.95 19.03
N SER B 174 15.99 -26.92 19.66
CA SER B 174 16.37 -25.55 19.34
C SER B 174 17.65 -25.12 20.04
N THR B 175 18.13 -25.90 21.01
CA THR B 175 19.26 -25.49 21.82
C THR B 175 20.56 -25.72 21.08
N SER B 176 21.66 -25.31 21.71
CA SER B 176 22.99 -25.46 21.15
C SER B 176 24.00 -25.11 22.22
N PRO B 177 25.23 -25.62 22.12
CA PRO B 177 26.24 -25.28 23.12
C PRO B 177 26.63 -23.81 23.05
N SER B 178 27.01 -23.28 24.22
CA SER B 178 27.48 -21.91 24.34
C SER B 178 28.95 -21.76 23.98
N ARG B 179 29.54 -22.77 23.36
CA ARG B 179 30.94 -22.74 22.97
C ARG B 179 31.06 -23.31 21.57
N HIS B 180 32.13 -22.92 20.88
CA HIS B 180 32.31 -23.31 19.50
C HIS B 180 32.38 -24.83 19.37
N PHE B 181 32.23 -25.30 18.13
CA PHE B 181 32.36 -26.73 17.83
C PHE B 181 33.79 -27.20 17.95
N SER B 182 34.77 -26.31 17.79
CA SER B 182 36.17 -26.71 17.90
C SER B 182 36.49 -27.21 19.31
N SER B 183 36.05 -26.48 20.33
CA SER B 183 36.34 -26.87 21.71
C SER B 183 35.65 -28.17 22.10
N LEU B 184 34.58 -28.55 21.40
CA LEU B 184 33.83 -29.73 21.75
C LEU B 184 34.63 -31.00 21.44
N ASP B 185 34.30 -32.07 22.16
CA ASP B 185 34.85 -33.39 21.91
C ASP B 185 33.79 -34.42 21.56
N ILE B 186 32.64 -34.37 22.21
CA ILE B 186 31.51 -35.24 21.91
C ILE B 186 30.28 -34.38 21.75
N ALA B 187 29.62 -34.49 20.60
CA ALA B 187 28.41 -33.74 20.30
C ALA B 187 27.25 -34.71 20.23
N VAL B 188 26.39 -34.69 21.24
CA VAL B 188 25.23 -35.59 21.29
C VAL B 188 24.09 -34.86 20.58
N CYS B 189 24.07 -34.96 19.27
CA CYS B 189 23.12 -34.24 18.45
C CYS B 189 21.95 -35.14 18.03
N THR B 190 20.89 -34.50 17.55
CA THR B 190 19.78 -35.20 16.93
C THR B 190 20.04 -35.31 15.42
N ILE B 191 19.27 -36.18 14.76
CA ILE B 191 19.60 -36.57 13.39
C ILE B 191 19.67 -35.35 12.49
N GLU B 192 18.65 -34.49 12.52
CA GLU B 192 18.63 -33.33 11.64
C GLU B 192 19.78 -32.38 11.94
N ARG B 193 20.05 -32.13 13.21
CA ARG B 193 21.13 -31.23 13.58
C ARG B 193 22.50 -31.85 13.33
N ALA B 194 22.61 -33.17 13.46
CA ALA B 194 23.84 -33.84 13.05
C ALA B 194 24.07 -33.69 11.55
N ASN B 195 23.01 -33.82 10.76
CA ASN B 195 23.12 -33.61 9.32
C ASN B 195 23.60 -32.20 9.02
N GLY B 196 23.03 -31.21 9.71
CA GLY B 196 23.50 -29.84 9.52
C GLY B 196 24.95 -29.65 9.92
N LEU B 197 25.36 -30.27 11.03
CA LEU B 197 26.76 -30.20 11.45
C LEU B 197 27.67 -30.75 10.38
N ILE B 198 27.32 -31.91 9.82
CA ILE B 198 28.17 -32.50 8.79
C ILE B 198 28.17 -31.65 7.53
N ASN B 199 27.02 -31.04 7.20
CA ASN B 199 26.99 -30.15 6.03
C ASN B 199 27.94 -28.99 6.21
N ARG B 200 27.95 -28.37 7.39
CA ARG B 200 28.85 -27.24 7.60
C ARG B 200 30.30 -27.68 7.66
N LEU B 201 30.57 -28.88 8.20
CA LEU B 201 31.93 -29.40 8.15
C LEU B 201 32.40 -29.57 6.71
N ILE B 202 31.54 -30.14 5.86
CA ILE B 202 31.90 -30.32 4.46
C ILE B 202 32.13 -28.97 3.79
N GLU B 203 31.25 -28.00 4.05
CA GLU B 203 31.39 -26.70 3.40
C GLU B 203 32.65 -25.98 3.88
N GLU B 204 33.03 -26.18 5.13
CA GLU B 204 34.26 -25.58 5.65
C GLU B 204 35.49 -26.42 5.37
N ASN B 205 35.34 -27.57 4.71
CA ASN B 205 36.47 -28.43 4.34
C ASN B 205 37.29 -28.81 5.57
N LYS B 206 36.60 -29.08 6.67
CA LYS B 206 37.21 -29.53 7.91
C LYS B 206 36.67 -30.90 8.30
N MET B 207 36.39 -31.74 7.30
CA MET B 207 35.81 -33.04 7.58
C MET B 207 36.75 -33.95 8.37
N ASP B 208 38.06 -33.75 8.25
CA ASP B 208 39.01 -34.58 8.98
C ASP B 208 38.95 -34.35 10.48
N LEU B 209 38.26 -33.30 10.94
CA LEU B 209 38.14 -33.06 12.38
C LEU B 209 37.42 -34.20 13.08
N LEU B 210 36.52 -34.89 12.39
CA LEU B 210 35.77 -35.97 13.01
C LEU B 210 36.57 -37.27 13.01
N GLY B 211 36.28 -38.11 13.99
CA GLY B 211 36.92 -39.41 14.10
C GLY B 211 35.95 -40.52 14.40
N MET B 212 34.68 -40.19 14.60
CA MET B 212 33.66 -41.19 14.87
C MET B 212 32.29 -40.55 14.74
N VAL B 213 31.31 -41.37 14.37
CA VAL B 213 29.91 -40.97 14.36
C VAL B 213 29.06 -42.12 14.84
N VAL B 214 28.64 -42.07 16.10
CA VAL B 214 27.78 -43.11 16.64
C VAL B 214 26.32 -42.76 16.36
N VAL B 215 25.54 -43.78 16.03
CA VAL B 215 24.11 -43.63 15.76
C VAL B 215 23.35 -44.59 16.64
N ASP B 216 22.29 -44.09 17.29
CA ASP B 216 21.49 -44.87 18.22
C ASP B 216 20.11 -45.09 17.61
N GLU B 217 19.54 -46.27 17.86
CA GLU B 217 18.20 -46.61 17.37
C GLU B 217 18.13 -46.44 15.86
N LEU B 218 18.93 -47.27 15.18
CA LEU B 218 19.09 -47.21 13.73
C LEU B 218 17.86 -47.68 12.97
N HIS B 219 16.91 -48.36 13.62
CA HIS B 219 15.72 -48.80 12.90
C HIS B 219 14.90 -47.62 12.39
N MET B 220 15.13 -46.42 12.91
CA MET B 220 14.45 -45.23 12.41
C MET B 220 14.82 -44.91 10.97
N LEU B 221 15.87 -45.54 10.44
CA LEU B 221 16.27 -45.30 9.05
C LEU B 221 15.16 -45.64 8.08
N GLY B 222 14.25 -46.54 8.47
CA GLY B 222 13.22 -47.00 7.57
C GLY B 222 12.08 -46.01 7.39
N ASP B 223 10.84 -46.50 7.39
CA ASP B 223 9.67 -45.65 7.17
C ASP B 223 9.56 -44.67 8.32
N SER B 224 9.88 -43.41 8.05
CA SER B 224 9.91 -42.38 9.08
C SER B 224 10.16 -41.03 8.40
N HIS B 225 9.64 -39.98 9.04
CA HIS B 225 9.77 -38.63 8.49
C HIS B 225 11.11 -37.99 8.82
N ARG B 226 11.97 -38.69 9.56
CA ARG B 226 13.33 -38.24 9.83
C ARG B 226 14.39 -39.24 9.39
N GLY B 227 14.01 -40.49 9.10
CA GLY B 227 15.00 -41.49 8.74
C GLY B 227 15.82 -41.13 7.52
N TYR B 228 15.20 -40.49 6.53
CA TYR B 228 15.95 -40.11 5.34
C TYR B 228 17.09 -39.16 5.68
N LEU B 229 16.92 -38.32 6.70
CA LEU B 229 18.02 -37.47 7.13
C LEU B 229 19.19 -38.29 7.63
N LEU B 230 18.90 -39.34 8.41
CA LEU B 230 19.96 -40.25 8.85
C LEU B 230 20.62 -40.95 7.67
N GLU B 231 19.81 -41.37 6.70
CA GLU B 231 20.35 -42.04 5.51
C GLU B 231 21.32 -41.13 4.78
N LEU B 232 20.90 -39.90 4.48
CA LEU B 232 21.80 -38.96 3.80
C LEU B 232 23.00 -38.58 4.66
N LEU B 233 22.80 -38.50 5.98
CA LEU B 233 23.90 -38.18 6.88
C LEU B 233 24.99 -39.24 6.81
N LEU B 234 24.59 -40.51 6.81
CA LEU B 234 25.57 -41.59 6.71
C LEU B 234 26.12 -41.73 5.30
N THR B 235 25.34 -41.40 4.27
CA THR B 235 25.82 -41.56 2.90
C THR B 235 26.99 -40.63 2.61
N LYS B 236 27.06 -39.47 3.25
CA LYS B 236 28.19 -38.57 3.01
C LYS B 236 29.48 -39.09 3.64
N ILE B 237 29.39 -39.72 4.81
CA ILE B 237 30.58 -40.17 5.51
C ILE B 237 31.33 -41.19 4.68
N CYS B 238 30.62 -42.22 4.19
CA CYS B 238 31.27 -43.25 3.40
C CYS B 238 31.86 -42.66 2.12
N TYR B 239 31.12 -41.77 1.46
CA TYR B 239 31.61 -41.16 0.23
C TYR B 239 32.91 -40.40 0.50
N ILE B 240 32.91 -39.53 1.51
CA ILE B 240 34.08 -38.72 1.78
C ILE B 240 35.26 -39.60 2.19
N THR B 241 35.00 -40.67 2.95
CA THR B 241 36.08 -41.56 3.35
C THR B 241 36.68 -42.27 2.14
N ARG B 242 35.83 -42.77 1.24
CA ARG B 242 36.34 -43.54 0.11
C ARG B 242 37.07 -42.66 -0.90
N LYS B 243 36.58 -41.42 -1.12
CA LYS B 243 37.32 -40.52 -2.00
C LYS B 243 38.65 -40.11 -1.38
N SER B 244 38.68 -39.89 -0.07
CA SER B 244 39.87 -39.43 0.64
C SER B 244 40.04 -40.31 1.88
N ALA B 245 40.95 -41.27 1.80
CA ALA B 245 41.24 -42.15 2.92
C ALA B 245 42.23 -41.51 3.88
N SER B 256 40.20 -47.51 4.63
CA SER B 256 38.92 -47.03 5.15
C SER B 256 39.00 -46.81 6.65
N ASN B 257 40.00 -46.04 7.09
CA ASN B 257 40.18 -45.69 8.50
C ASN B 257 40.33 -44.17 8.60
N ALA B 258 39.20 -43.49 8.58
CA ALA B 258 39.14 -42.06 8.89
C ALA B 258 38.04 -41.72 9.88
N VAL B 259 36.88 -42.39 9.78
CA VAL B 259 35.72 -42.08 10.60
C VAL B 259 34.99 -43.38 10.89
N GLN B 260 34.87 -43.73 12.17
CA GLN B 260 34.21 -44.97 12.57
C GLN B 260 32.72 -44.72 12.80
N ILE B 261 31.90 -45.58 12.23
CA ILE B 261 30.45 -45.50 12.35
C ILE B 261 29.98 -46.67 13.20
N VAL B 262 29.09 -46.38 14.15
CA VAL B 262 28.52 -47.39 15.04
C VAL B 262 27.02 -47.23 15.05
N GLY B 263 26.32 -48.34 15.21
CA GLY B 263 24.86 -48.33 15.15
C GLY B 263 24.26 -49.24 16.19
N MET B 264 22.99 -48.99 16.50
CA MET B 264 22.21 -49.82 17.42
C MET B 264 20.82 -50.03 16.84
N SER B 265 20.17 -51.09 17.28
CA SER B 265 18.76 -51.32 16.97
C SER B 265 18.32 -52.60 17.65
N ALA B 266 17.02 -52.88 17.56
CA ALA B 266 16.48 -54.16 17.97
C ALA B 266 16.80 -55.20 16.90
N THR B 267 16.09 -56.33 16.91
CA THR B 267 16.38 -57.39 15.95
C THR B 267 15.91 -56.99 14.56
N LEU B 268 16.82 -56.40 13.77
CA LEU B 268 16.51 -56.01 12.40
C LEU B 268 16.62 -57.21 11.47
N PRO B 269 15.58 -57.53 10.69
CA PRO B 269 15.71 -58.65 9.75
C PRO B 269 16.84 -58.49 8.75
N ASN B 270 17.25 -57.27 8.45
CA ASN B 270 18.29 -57.00 7.46
C ASN B 270 19.44 -56.21 8.08
N LEU B 271 19.86 -56.61 9.27
CA LEU B 271 21.03 -56.00 9.90
C LEU B 271 22.29 -56.21 9.05
N GLU B 272 22.47 -57.44 8.55
CA GLU B 272 23.62 -57.72 7.70
C GLU B 272 23.63 -56.81 6.47
N LEU B 273 22.45 -56.53 5.90
CA LEU B 273 22.39 -55.65 4.74
C LEU B 273 22.86 -54.25 5.09
N VAL B 274 22.44 -53.74 6.26
CA VAL B 274 22.87 -52.42 6.69
C VAL B 274 24.38 -52.38 6.90
N ALA B 275 24.92 -53.43 7.54
CA ALA B 275 26.36 -53.48 7.73
C ALA B 275 27.09 -53.50 6.39
N SER B 276 26.59 -54.28 5.43
CA SER B 276 27.19 -54.31 4.10
C SER B 276 27.15 -52.94 3.44
N TRP B 277 26.04 -52.22 3.58
CA TRP B 277 25.98 -50.85 3.06
C TRP B 277 27.05 -49.99 3.72
N LEU B 278 27.20 -50.09 5.03
CA LEU B 278 28.16 -49.27 5.75
C LEU B 278 29.58 -49.81 5.70
N ASN B 279 29.78 -51.02 5.20
CA ASN B 279 31.10 -51.68 5.22
C ASN B 279 31.60 -51.80 6.65
N ALA B 280 30.81 -52.49 7.47
CA ALA B 280 31.09 -52.63 8.89
C ALA B 280 30.83 -54.07 9.32
N GLU B 281 31.27 -54.39 10.53
CA GLU B 281 31.12 -55.73 11.07
C GLU B 281 29.66 -55.92 11.50
N LEU B 282 29.36 -57.05 12.13
CA LEU B 282 27.99 -57.40 12.48
C LEU B 282 28.00 -58.14 13.80
N TYR B 283 27.07 -57.78 14.68
CA TYR B 283 26.86 -58.49 15.93
C TYR B 283 25.38 -58.39 16.26
N HIS B 284 24.70 -59.53 16.31
CA HIS B 284 23.28 -59.59 16.62
C HIS B 284 23.07 -60.67 17.67
N THR B 285 22.36 -60.32 18.74
CA THR B 285 22.10 -61.26 19.82
C THR B 285 20.80 -60.89 20.51
N ASP B 286 20.20 -61.88 21.17
CA ASP B 286 18.96 -61.71 21.92
C ASP B 286 19.24 -62.16 23.36
N PHE B 287 19.73 -61.23 24.17
CA PHE B 287 20.07 -61.50 25.56
C PHE B 287 19.46 -60.41 26.43
N ARG B 288 18.99 -60.82 27.61
CA ARG B 288 18.49 -59.86 28.59
C ARG B 288 18.47 -60.53 29.95
N PRO B 289 19.07 -59.92 30.99
CA PRO B 289 19.10 -60.58 32.29
C PRO B 289 17.73 -60.82 32.89
N VAL B 290 16.72 -60.06 32.48
CA VAL B 290 15.36 -60.24 32.94
C VAL B 290 14.54 -60.82 31.78
N PRO B 291 14.53 -62.14 31.61
CA PRO B 291 13.80 -62.71 30.47
C PRO B 291 12.31 -62.43 30.56
N LEU B 292 11.68 -62.25 29.40
CA LEU B 292 10.25 -62.01 29.31
C LEU B 292 9.53 -63.31 29.00
N LEU B 293 8.42 -63.54 29.70
CA LEU B 293 7.63 -64.75 29.54
C LEU B 293 6.31 -64.43 28.87
N GLU B 294 5.72 -65.45 28.23
CA GLU B 294 4.47 -65.29 27.50
C GLU B 294 3.67 -66.58 27.61
N SER B 295 2.47 -66.48 28.19
CA SER B 295 1.60 -67.63 28.32
C SER B 295 0.20 -67.20 28.75
N VAL B 296 -0.84 -67.68 28.06
CA VAL B 296 -2.21 -67.33 28.41
C VAL B 296 -2.66 -68.17 29.60
N LYS B 297 -3.17 -67.49 30.63
CA LYS B 297 -3.59 -68.16 31.85
C LYS B 297 -4.89 -67.54 32.33
N VAL B 298 -5.78 -68.38 32.86
CA VAL B 298 -7.06 -67.91 33.37
C VAL B 298 -6.85 -67.04 34.59
N ASP B 324 -13.35 -56.72 35.55
CA ASP B 324 -13.02 -57.31 34.25
C ASP B 324 -11.67 -58.01 34.30
N HIS B 325 -11.41 -58.72 35.40
CA HIS B 325 -10.15 -59.42 35.60
C HIS B 325 -8.97 -58.45 35.60
N VAL B 326 -9.22 -57.19 35.96
CA VAL B 326 -8.18 -56.17 35.99
C VAL B 326 -7.98 -55.69 37.43
N VAL B 327 -9.06 -55.70 38.21
CA VAL B 327 -8.95 -55.25 39.61
C VAL B 327 -8.08 -56.21 40.40
N SER B 328 -8.36 -57.51 40.28
CA SER B 328 -7.54 -58.50 40.97
C SER B 328 -6.10 -58.47 40.46
N LEU B 329 -5.92 -58.33 39.15
CA LEU B 329 -4.57 -58.24 38.61
C LEU B 329 -3.81 -57.08 39.24
N CYS B 330 -4.45 -55.90 39.31
CA CYS B 330 -3.80 -54.74 39.89
C CYS B 330 -3.48 -54.96 41.36
N TYR B 331 -4.42 -55.52 42.11
CA TYR B 331 -4.19 -55.73 43.54
C TYR B 331 -3.04 -56.69 43.79
N GLU B 332 -3.01 -57.81 43.07
CA GLU B 332 -1.93 -58.77 43.28
C GLU B 332 -0.60 -58.26 42.75
N THR B 333 -0.61 -57.40 41.73
CA THR B 333 0.64 -56.87 41.22
C THR B 333 1.19 -55.77 42.14
N ILE B 334 0.30 -55.03 42.81
CA ILE B 334 0.75 -53.97 43.71
C ILE B 334 1.12 -54.53 45.08
N CYS B 335 0.49 -55.64 45.49
CA CYS B 335 0.81 -56.22 46.79
C CYS B 335 2.27 -56.67 46.85
N ASP B 336 2.77 -57.26 45.78
CA ASP B 336 4.13 -57.77 45.74
C ASP B 336 5.18 -56.69 45.58
N ASN B 337 4.79 -55.41 45.67
CA ASN B 337 5.73 -54.30 45.65
C ASN B 337 6.47 -54.22 44.31
N HIS B 338 5.69 -54.16 43.23
CA HIS B 338 6.24 -54.00 41.89
C HIS B 338 5.41 -52.97 41.14
N SER B 339 6.07 -52.30 40.19
CA SER B 339 5.43 -51.28 39.38
C SER B 339 4.65 -51.90 38.23
N VAL B 340 3.82 -51.07 37.59
CA VAL B 340 3.08 -51.48 36.41
C VAL B 340 3.07 -50.31 35.43
N LEU B 341 3.32 -50.61 34.17
CA LEU B 341 3.37 -49.60 33.10
C LEU B 341 2.30 -49.96 32.08
N LEU B 342 1.17 -49.27 32.13
CA LEU B 342 0.08 -49.51 31.20
C LEU B 342 0.20 -48.54 30.03
N PHE B 343 -0.14 -49.03 28.83
CA PHE B 343 -0.06 -48.25 27.61
C PHE B 343 -1.47 -48.05 27.06
N CYS B 344 -1.77 -46.82 26.66
CA CYS B 344 -3.09 -46.47 26.18
C CYS B 344 -2.99 -45.84 24.80
N PRO B 345 -4.02 -45.99 23.96
CA PRO B 345 -3.95 -45.47 22.59
C PRO B 345 -4.20 -43.97 22.49
N SER B 346 -5.04 -43.44 23.37
CA SER B 346 -5.48 -42.06 23.30
C SER B 346 -5.11 -41.32 24.58
N LYS B 347 -5.25 -39.99 24.53
CA LYS B 347 -4.93 -39.11 25.64
C LYS B 347 -6.08 -38.99 26.63
N LYS B 348 -7.29 -38.74 26.14
CA LYS B 348 -8.43 -38.58 27.04
C LYS B 348 -8.68 -39.84 27.85
N TRP B 349 -8.66 -41.00 27.20
CA TRP B 349 -8.90 -42.24 27.93
C TRP B 349 -7.71 -42.61 28.80
N CYS B 350 -6.50 -42.20 28.39
CA CYS B 350 -5.33 -42.41 29.23
C CYS B 350 -5.45 -41.64 30.54
N GLU B 351 -5.95 -40.41 30.49
CA GLU B 351 -6.23 -39.67 31.71
C GLU B 351 -7.42 -40.25 32.46
N LYS B 352 -8.43 -40.71 31.74
CA LYS B 352 -9.65 -41.20 32.38
C LYS B 352 -9.39 -42.44 33.22
N LEU B 353 -8.73 -43.45 32.63
CA LEU B 353 -8.55 -44.69 33.37
C LEU B 353 -7.58 -44.50 34.53
N ALA B 354 -6.61 -43.61 34.39
CA ALA B 354 -5.70 -43.37 35.51
C ALA B 354 -6.45 -42.86 36.72
N ASP B 355 -7.47 -42.03 36.51
CA ASP B 355 -8.28 -41.54 37.62
C ASP B 355 -9.02 -42.68 38.31
N ILE B 356 -9.59 -43.60 37.54
CA ILE B 356 -10.39 -44.65 38.16
C ILE B 356 -9.52 -45.70 38.85
N ILE B 357 -8.30 -45.97 38.35
CA ILE B 357 -7.42 -46.86 39.10
C ILE B 357 -7.10 -46.29 40.47
N ALA B 358 -6.77 -45.00 40.52
CA ALA B 358 -6.55 -44.36 41.81
C ALA B 358 -7.83 -44.34 42.64
N ARG B 359 -8.99 -44.22 42.00
CA ARG B 359 -10.24 -44.26 42.75
C ARG B 359 -10.45 -45.61 43.41
N GLU B 360 -10.16 -46.71 42.71
CA GLU B 360 -10.27 -48.02 43.35
C GLU B 360 -9.25 -48.17 44.47
N PHE B 361 -8.02 -47.72 44.25
CA PHE B 361 -7.03 -47.80 45.32
C PHE B 361 -7.45 -46.99 46.53
N TYR B 362 -8.12 -45.85 46.32
CA TYR B 362 -8.59 -45.04 47.44
C TYR B 362 -9.77 -45.70 48.14
N ASN B 363 -10.70 -46.27 47.38
CA ASN B 363 -11.86 -46.94 47.97
C ASN B 363 -11.44 -48.14 48.81
N LEU B 364 -10.46 -48.91 48.33
CA LEU B 364 -10.02 -50.12 49.03
C LEU B 364 -8.96 -49.84 50.08
N HIS B 365 -8.91 -48.62 50.59
CA HIS B 365 -8.01 -48.28 51.68
C HIS B 365 -8.60 -47.16 52.53
N GLU B 383 7.04 -43.72 49.37
CA GLU B 383 6.85 -43.17 50.71
C GLU B 383 6.05 -41.87 50.65
N GLN B 384 5.30 -41.61 51.73
CA GLN B 384 4.42 -40.45 51.75
C GLN B 384 5.22 -39.14 51.68
N LYS B 385 6.36 -39.08 52.37
CA LYS B 385 7.17 -37.87 52.32
C LYS B 385 7.67 -37.62 50.90
N GLU B 386 8.13 -38.65 50.20
CA GLU B 386 8.62 -38.48 48.84
C GLU B 386 7.49 -38.15 47.88
N LEU B 387 6.31 -38.75 48.08
CA LEU B 387 5.17 -38.39 47.24
C LEU B 387 4.77 -36.93 47.46
N LEU B 388 4.83 -36.46 48.70
CA LEU B 388 4.59 -35.05 48.97
C LEU B 388 5.65 -34.17 48.32
N GLU B 389 6.90 -34.64 48.30
CA GLU B 389 7.95 -33.91 47.60
C GLU B 389 7.64 -33.78 46.11
N VAL B 390 7.17 -34.86 45.50
CA VAL B 390 6.78 -34.81 44.09
C VAL B 390 5.58 -33.88 43.90
N MET B 391 4.63 -33.92 44.84
CA MET B 391 3.54 -32.97 44.83
C MET B 391 4.05 -31.53 44.78
N ASP B 392 4.94 -31.18 45.70
CA ASP B 392 5.43 -29.81 45.76
C ASP B 392 6.22 -29.45 44.50
N GLN B 393 7.01 -30.39 43.98
CA GLN B 393 7.74 -30.13 42.75
C GLN B 393 6.80 -29.85 41.59
N LEU B 394 5.68 -30.58 41.53
CA LEU B 394 4.68 -30.32 40.49
C LEU B 394 3.95 -29.01 40.73
N ARG B 395 3.79 -28.61 42.00
CA ARG B 395 2.98 -27.44 42.31
C ARG B 395 3.57 -26.18 41.69
N ARG B 396 4.86 -25.94 41.91
CA ARG B 396 5.49 -24.71 41.43
C ARG B 396 6.05 -24.97 40.04
N LEU B 397 5.17 -24.94 39.05
CA LEU B 397 5.56 -25.05 37.65
C LEU B 397 4.85 -23.94 36.90
N PRO B 398 5.39 -23.54 35.74
CA PRO B 398 4.71 -22.48 34.97
C PRO B 398 3.27 -22.84 34.65
N SER B 399 2.99 -24.13 34.43
CA SER B 399 1.63 -24.58 34.18
C SER B 399 0.91 -25.06 35.44
N GLY B 400 1.65 -25.26 36.53
CA GLY B 400 1.03 -25.68 37.76
C GLY B 400 0.72 -27.17 37.80
N LEU B 401 -0.15 -27.53 38.74
CA LEU B 401 -0.53 -28.92 38.97
C LEU B 401 -1.92 -29.18 38.41
N ASP B 402 -2.05 -30.30 37.70
CA ASP B 402 -3.32 -30.66 37.09
C ASP B 402 -4.35 -31.02 38.15
N SER B 403 -5.62 -30.81 37.80
CA SER B 403 -6.71 -31.12 38.70
C SER B 403 -6.89 -32.62 38.90
N VAL B 404 -6.69 -33.41 37.85
CA VAL B 404 -6.81 -34.87 37.97
C VAL B 404 -5.53 -35.50 38.50
N LEU B 405 -4.38 -34.97 38.09
CA LEU B 405 -3.11 -35.49 38.59
C LEU B 405 -2.99 -35.32 40.10
N GLN B 406 -3.47 -34.19 40.63
CA GLN B 406 -3.33 -33.92 42.06
C GLN B 406 -4.02 -34.97 42.91
N LYS B 407 -5.15 -35.52 42.43
CA LYS B 407 -5.85 -36.55 43.19
C LYS B 407 -5.40 -37.95 42.80
N THR B 408 -4.85 -38.13 41.60
CA THR B 408 -4.44 -39.46 41.16
C THR B 408 -3.08 -39.86 41.73
N VAL B 409 -2.15 -38.93 41.82
CA VAL B 409 -0.78 -39.21 42.25
C VAL B 409 -0.73 -39.80 43.65
N PRO B 410 -1.45 -39.24 44.64
CA PRO B 410 -1.35 -39.80 46.06
C PRO B 410 -1.42 -41.31 46.19
N TRP B 411 -2.00 -42.01 45.22
CA TRP B 411 -2.20 -43.45 45.32
C TRP B 411 -1.27 -44.23 44.39
N GLY B 412 -0.08 -43.69 44.13
CA GLY B 412 0.88 -44.35 43.28
C GLY B 412 0.41 -44.58 41.86
N VAL B 413 -0.40 -43.67 41.32
CA VAL B 413 -0.89 -43.74 39.96
C VAL B 413 -0.58 -42.41 39.27
N ALA B 414 -0.06 -42.48 38.06
CA ALA B 414 0.21 -41.29 37.28
C ALA B 414 -0.05 -41.60 35.80
N PHE B 415 -0.03 -40.55 34.98
CA PHE B 415 -0.19 -40.70 33.55
C PHE B 415 0.84 -39.85 32.84
N HIS B 416 1.13 -40.24 31.60
CA HIS B 416 2.19 -39.62 30.82
C HIS B 416 1.76 -39.56 29.36
N HIS B 417 1.68 -38.36 28.81
CA HIS B 417 1.30 -38.17 27.42
C HIS B 417 1.85 -36.82 26.96
N ALA B 418 1.83 -36.63 25.64
CA ALA B 418 2.34 -35.40 25.06
C ALA B 418 1.57 -34.18 25.52
N GLY B 419 0.36 -34.37 26.06
CA GLY B 419 -0.41 -33.23 26.55
C GLY B 419 0.28 -32.51 27.68
N LEU B 420 0.99 -33.23 28.54
CA LEU B 420 1.71 -32.59 29.62
C LEU B 420 2.89 -31.78 29.07
N THR B 421 3.49 -30.99 29.96
CA THR B 421 4.70 -30.26 29.61
C THR B 421 5.90 -31.19 29.69
N PHE B 422 7.03 -30.74 29.12
CA PHE B 422 8.26 -31.51 29.24
C PHE B 422 8.65 -31.67 30.70
N GLU B 423 8.46 -30.62 31.50
CA GLU B 423 8.83 -30.69 32.91
C GLU B 423 7.93 -31.67 33.66
N GLU B 424 6.63 -31.66 33.40
CA GLU B 424 5.73 -32.62 34.04
C GLU B 424 6.08 -34.05 33.64
N ARG B 425 6.37 -34.26 32.36
CA ARG B 425 6.78 -35.58 31.91
C ARG B 425 8.05 -36.02 32.64
N ASP B 426 9.03 -35.12 32.75
CA ASP B 426 10.27 -35.46 33.42
C ASP B 426 10.02 -35.79 34.89
N ILE B 427 9.16 -35.01 35.56
CA ILE B 427 8.85 -35.26 36.96
C ILE B 427 8.25 -36.65 37.11
N ILE B 428 7.27 -36.98 36.27
CA ILE B 428 6.58 -38.26 36.39
C ILE B 428 7.54 -39.41 36.08
N GLU B 429 8.39 -39.24 35.05
CA GLU B 429 9.34 -40.28 34.71
C GLU B 429 10.32 -40.52 35.85
N GLY B 430 10.82 -39.44 36.47
CA GLY B 430 11.70 -39.61 37.61
C GLY B 430 11.00 -40.28 38.78
N ALA B 431 9.75 -39.90 39.05
CA ALA B 431 9.02 -40.51 40.15
C ALA B 431 8.81 -42.01 39.92
N PHE B 432 8.46 -42.40 38.69
CA PHE B 432 8.27 -43.81 38.39
C PHE B 432 9.59 -44.57 38.44
N ARG B 433 10.66 -44.00 37.90
CA ARG B 433 11.95 -44.69 37.91
C ARG B 433 12.43 -44.93 39.33
N GLN B 434 12.31 -43.93 40.20
CA GLN B 434 12.67 -44.10 41.60
C GLN B 434 11.77 -45.10 42.31
N GLY B 435 10.60 -45.38 41.75
CA GLY B 435 9.64 -46.27 42.39
C GLY B 435 8.56 -45.57 43.18
N LEU B 436 8.57 -44.24 43.26
CA LEU B 436 7.53 -43.53 43.98
C LEU B 436 6.17 -43.76 43.33
N ILE B 437 6.13 -43.79 42.01
CA ILE B 437 4.91 -44.06 41.26
C ILE B 437 4.89 -45.54 40.89
N ARG B 438 3.83 -46.24 41.27
CA ARG B 438 3.72 -47.67 41.05
C ARG B 438 3.05 -47.99 39.71
N VAL B 439 1.99 -47.27 39.38
CA VAL B 439 1.24 -47.48 38.14
C VAL B 439 1.39 -46.23 37.28
N LEU B 440 1.78 -46.41 36.03
CA LEU B 440 1.94 -45.29 35.11
C LEU B 440 1.22 -45.62 33.81
N ALA B 441 0.21 -44.83 33.48
CA ALA B 441 -0.51 -44.96 32.21
C ALA B 441 0.15 -44.02 31.21
N ALA B 442 1.02 -44.57 30.38
CA ALA B 442 1.72 -43.80 29.35
C ALA B 442 0.97 -43.94 28.03
N THR B 443 1.57 -43.44 26.95
CA THR B 443 0.99 -43.53 25.62
C THR B 443 2.09 -43.94 24.66
N SER B 444 1.75 -43.97 23.37
CA SER B 444 2.73 -44.38 22.36
C SER B 444 3.95 -43.48 22.34
N THR B 445 3.85 -42.26 22.86
CA THR B 445 4.99 -41.36 22.88
C THR B 445 6.13 -41.92 23.70
N LEU B 446 5.83 -42.46 24.89
CA LEU B 446 6.86 -42.98 25.77
C LEU B 446 7.51 -44.25 25.23
N SER B 447 6.88 -44.93 24.27
CA SER B 447 7.43 -46.19 23.77
C SER B 447 8.85 -46.02 23.27
N SER B 448 9.14 -44.92 22.59
CA SER B 448 10.47 -44.62 22.07
C SER B 448 11.14 -43.51 22.88
N GLY B 449 10.70 -43.33 24.13
CA GLY B 449 11.18 -42.27 24.98
C GLY B 449 12.37 -42.70 25.82
N VAL B 450 12.57 -42.00 26.93
CA VAL B 450 13.71 -42.25 27.80
C VAL B 450 13.63 -43.67 28.35
N ASN B 451 14.79 -44.22 28.72
CA ASN B 451 14.84 -45.53 29.34
C ASN B 451 14.08 -45.52 30.67
N LEU B 452 12.95 -46.22 30.72
CA LEU B 452 12.10 -46.24 31.92
C LEU B 452 11.58 -47.66 32.12
N PRO B 453 12.44 -48.55 32.62
CA PRO B 453 12.03 -49.96 32.78
C PRO B 453 10.94 -50.10 33.84
N ALA B 454 10.13 -51.15 33.66
CA ALA B 454 9.06 -51.47 34.59
C ALA B 454 9.02 -52.99 34.78
N ARG B 455 8.52 -53.41 35.95
CA ARG B 455 8.43 -54.84 36.22
C ARG B 455 7.42 -55.52 35.31
N ARG B 456 6.22 -54.95 35.20
CA ARG B 456 5.15 -55.52 34.40
C ARG B 456 4.61 -54.45 33.46
N VAL B 457 4.61 -54.77 32.17
CA VAL B 457 4.03 -53.92 31.14
C VAL B 457 2.65 -54.46 30.80
N ILE B 458 1.72 -53.55 30.50
CA ILE B 458 0.36 -53.92 30.10
C ILE B 458 -0.03 -53.05 28.93
N ILE B 459 -0.75 -53.64 27.97
CA ILE B 459 -1.24 -52.91 26.80
C ILE B 459 -2.76 -52.98 26.80
N ARG B 460 -3.40 -51.82 26.72
CA ARG B 460 -4.85 -51.76 26.84
C ARG B 460 -5.53 -52.47 25.67
N THR B 461 -5.06 -52.22 24.44
CA THR B 461 -5.69 -52.80 23.26
C THR B 461 -4.77 -52.58 22.08
N PRO B 462 -4.68 -53.53 21.14
CA PRO B 462 -3.80 -53.35 19.98
C PRO B 462 -4.22 -52.19 19.09
N ILE B 463 -5.48 -51.75 19.13
CA ILE B 463 -5.93 -50.67 18.27
C ILE B 463 -5.32 -49.36 18.75
N PHE B 464 -4.51 -48.74 17.91
CA PHE B 464 -3.86 -47.47 18.21
C PHE B 464 -4.10 -46.52 17.04
N GLY B 465 -5.20 -45.77 17.10
CA GLY B 465 -5.49 -44.79 16.07
C GLY B 465 -6.14 -45.39 14.84
N GLY B 466 -7.26 -46.09 15.03
CA GLY B 466 -7.98 -46.68 13.93
C GLY B 466 -7.19 -47.72 13.16
N ARG B 467 -6.35 -48.49 13.84
CA ARG B 467 -5.57 -49.52 13.16
C ARG B 467 -4.81 -50.35 14.19
N PRO B 468 -4.30 -51.51 13.80
CA PRO B 468 -3.50 -52.32 14.75
C PRO B 468 -2.22 -51.60 15.15
N LEU B 469 -1.72 -51.95 16.33
CA LEU B 469 -0.50 -51.35 16.82
C LEU B 469 0.67 -51.72 15.92
N ASP B 470 1.54 -50.74 15.67
CA ASP B 470 2.74 -50.97 14.87
C ASP B 470 3.60 -52.03 15.54
N ILE B 471 4.14 -52.96 14.74
CA ILE B 471 4.98 -54.01 15.30
C ILE B 471 6.30 -53.45 15.82
N LEU B 472 6.87 -52.45 15.15
CA LEU B 472 8.07 -51.81 15.66
C LEU B 472 7.84 -51.22 17.04
N THR B 473 6.68 -50.59 17.23
CA THR B 473 6.38 -49.98 18.53
C THR B 473 6.20 -51.03 19.62
N TYR B 474 5.61 -52.18 19.28
CA TYR B 474 5.39 -53.22 20.29
C TYR B 474 6.70 -53.75 20.86
N LYS B 475 7.73 -53.92 20.03
CA LYS B 475 9.00 -54.44 20.54
C LYS B 475 9.57 -53.51 21.60
N GLN B 476 9.64 -52.20 21.30
CA GLN B 476 10.15 -51.26 22.27
C GLN B 476 9.21 -51.14 23.47
N MET B 477 7.91 -51.35 23.27
CA MET B 477 6.99 -51.36 24.40
C MET B 477 7.35 -52.47 25.38
N VAL B 478 7.50 -53.70 24.87
CA VAL B 478 7.84 -54.83 25.74
C VAL B 478 9.25 -54.73 26.30
N GLY B 479 10.16 -54.04 25.61
CA GLY B 479 11.52 -53.92 26.11
C GLY B 479 11.58 -53.31 27.50
N ARG B 480 10.56 -52.53 27.87
CA ARG B 480 10.50 -51.88 29.16
C ARG B 480 9.86 -52.74 30.24
N ALA B 481 9.88 -54.06 30.08
CA ALA B 481 9.29 -55.00 31.03
C ALA B 481 10.41 -55.80 31.68
N GLY B 482 10.95 -55.27 32.77
CA GLY B 482 12.01 -55.94 33.51
C GLY B 482 13.17 -55.03 33.84
N ARG B 483 13.54 -54.96 35.12
CA ARG B 483 14.62 -54.11 35.61
C ARG B 483 15.86 -54.98 35.80
N LYS B 484 16.93 -54.66 35.07
CA LYS B 484 18.16 -55.44 35.11
C LYS B 484 18.97 -55.02 36.33
N GLY B 485 18.85 -55.79 37.42
CA GLY B 485 19.61 -55.52 38.62
C GLY B 485 18.83 -55.72 39.90
N VAL B 486 17.51 -55.56 39.82
CA VAL B 486 16.65 -55.70 41.00
C VAL B 486 15.54 -56.69 40.70
N ASP B 487 15.23 -56.89 39.43
CA ASP B 487 14.15 -57.78 39.01
C ASP B 487 14.71 -59.10 38.51
N THR B 488 13.95 -60.18 38.75
CA THR B 488 14.31 -61.50 38.26
C THR B 488 13.71 -61.78 36.89
N VAL B 489 12.40 -61.58 36.74
CA VAL B 489 11.70 -61.80 35.50
C VAL B 489 10.74 -60.65 35.24
N GLY B 490 10.39 -60.45 33.96
CA GLY B 490 9.47 -59.42 33.57
C GLY B 490 8.37 -59.99 32.69
N GLU B 491 7.24 -59.27 32.68
CA GLU B 491 6.06 -59.73 31.97
C GLU B 491 5.49 -58.59 31.14
N SER B 492 4.81 -58.94 30.05
CA SER B 492 4.10 -57.98 29.22
C SER B 492 2.75 -58.60 28.84
N ILE B 493 1.69 -58.11 29.48
CA ILE B 493 0.34 -58.60 29.24
C ILE B 493 -0.32 -57.74 28.18
N LEU B 494 -0.94 -58.39 27.19
CA LEU B 494 -1.63 -57.73 26.08
C LEU B 494 -3.07 -58.24 26.10
N ILE B 495 -3.95 -57.55 26.83
CA ILE B 495 -5.34 -57.97 26.89
C ILE B 495 -5.97 -57.84 25.51
N CYS B 496 -6.88 -58.75 25.20
CA CYS B 496 -7.54 -58.79 23.90
C CYS B 496 -9.03 -59.04 24.10
N LYS B 497 -9.76 -59.06 23.00
CA LYS B 497 -11.21 -59.28 22.98
C LYS B 497 -11.52 -60.35 21.95
N ASN B 498 -12.82 -60.62 21.77
CA ASN B 498 -13.23 -61.63 20.79
C ASN B 498 -12.79 -61.25 19.39
N SER B 499 -13.10 -60.03 18.95
CA SER B 499 -12.66 -59.57 17.64
C SER B 499 -11.17 -59.23 17.64
N GLU B 500 -10.63 -58.77 18.77
CA GLU B 500 -9.23 -58.39 18.85
C GLU B 500 -8.30 -59.56 19.12
N LYS B 501 -8.84 -60.77 19.32
CA LYS B 501 -7.97 -61.92 19.57
C LYS B 501 -7.07 -62.19 18.38
N SER B 502 -7.62 -62.12 17.16
CA SER B 502 -6.80 -62.35 15.97
C SER B 502 -5.70 -61.32 15.85
N LYS B 503 -6.04 -60.04 16.05
CA LYS B 503 -5.02 -59.00 15.97
C LYS B 503 -3.96 -59.19 17.05
N GLY B 504 -4.38 -59.57 18.25
CA GLY B 504 -3.42 -59.77 19.33
C GLY B 504 -2.46 -60.91 19.04
N ILE B 505 -2.98 -62.04 18.54
CA ILE B 505 -2.08 -63.15 18.23
C ILE B 505 -1.18 -62.79 17.06
N ALA B 506 -1.69 -62.03 16.09
CA ALA B 506 -0.85 -61.61 14.98
C ALA B 506 0.28 -60.71 15.45
N LEU B 507 -0.01 -59.79 16.37
CA LEU B 507 1.01 -58.88 16.89
C LEU B 507 1.98 -59.55 17.83
N LEU B 508 1.53 -60.57 18.57
CA LEU B 508 2.43 -61.27 19.48
C LEU B 508 3.57 -61.94 18.73
N GLN B 509 3.26 -62.58 17.60
CA GLN B 509 4.25 -63.22 16.77
C GLN B 509 4.73 -62.29 15.67
N GLY B 510 5.89 -62.61 15.11
CA GLY B 510 6.45 -61.82 14.02
C GLY B 510 7.25 -60.64 14.52
N SER B 511 8.46 -60.48 14.02
CA SER B 511 9.34 -59.38 14.42
C SER B 511 8.98 -58.14 13.62
N LEU B 512 9.82 -57.11 13.71
CA LEU B 512 9.56 -55.87 13.02
C LEU B 512 9.77 -56.04 11.50
N LYS B 513 9.12 -55.15 10.74
CA LYS B 513 9.16 -55.23 9.29
C LYS B 513 10.52 -54.76 8.77
N PRO B 514 10.84 -55.08 7.52
CA PRO B 514 12.14 -54.69 6.97
C PRO B 514 12.24 -53.18 6.80
N VAL B 515 13.47 -52.70 6.81
CA VAL B 515 13.74 -51.27 6.69
C VAL B 515 13.61 -50.83 5.24
N ARG B 516 13.00 -49.66 5.03
CA ARG B 516 12.89 -49.05 3.72
C ARG B 516 14.01 -48.03 3.54
N SER B 517 13.92 -47.23 2.48
CA SER B 517 14.88 -46.15 2.25
C SER B 517 14.22 -44.80 2.06
N CYS B 518 12.96 -44.76 1.61
CA CYS B 518 12.24 -43.51 1.42
C CYS B 518 13.02 -42.54 0.54
N LEU B 519 13.61 -43.07 -0.53
CA LEU B 519 14.35 -42.26 -1.49
C LEU B 519 13.90 -42.55 -2.92
N VAL B 527 12.54 -37.69 -7.86
CA VAL B 527 11.34 -36.85 -7.78
C VAL B 527 11.03 -36.54 -6.32
N THR B 528 11.43 -37.44 -5.44
CA THR B 528 11.21 -37.24 -4.01
C THR B 528 12.07 -36.11 -3.48
N GLY B 529 11.52 -35.33 -2.55
CA GLY B 529 12.24 -34.22 -1.97
C GLY B 529 13.54 -34.62 -1.29
N SER B 530 13.61 -35.86 -0.78
CA SER B 530 14.83 -36.32 -0.15
C SER B 530 15.99 -36.36 -1.12
N MET B 531 15.74 -36.81 -2.35
CA MET B 531 16.81 -36.84 -3.34
C MET B 531 17.20 -35.43 -3.77
N ILE B 532 16.25 -34.50 -3.78
CA ILE B 532 16.58 -33.11 -4.06
C ILE B 532 17.51 -32.57 -2.97
N ARG B 533 17.18 -32.85 -1.72
CA ARG B 533 18.03 -32.42 -0.61
C ARG B 533 19.42 -33.05 -0.73
N ALA B 534 19.48 -34.34 -1.06
CA ALA B 534 20.77 -35.01 -1.19
C ALA B 534 21.61 -34.40 -2.30
N ILE B 535 21.02 -34.16 -3.47
CA ILE B 535 21.76 -33.58 -4.59
C ILE B 535 22.25 -32.19 -4.22
N LEU B 536 21.39 -31.39 -3.59
CA LEU B 536 21.83 -30.06 -3.17
C LEU B 536 22.96 -30.16 -2.17
N GLU B 537 22.84 -31.05 -1.19
CA GLU B 537 23.90 -31.19 -0.19
C GLU B 537 25.22 -31.49 -0.87
N ILE B 538 25.24 -32.47 -1.79
CA ILE B 538 26.52 -32.88 -2.38
C ILE B 538 27.07 -31.80 -3.31
N ILE B 539 26.20 -31.12 -4.07
CA ILE B 539 26.71 -30.14 -5.04
C ILE B 539 27.18 -28.88 -4.32
N VAL B 540 26.32 -28.29 -3.47
CA VAL B 540 26.74 -27.13 -2.70
C VAL B 540 27.92 -27.44 -1.79
N GLY B 541 28.03 -28.66 -1.26
CA GLY B 541 29.19 -29.01 -0.48
C GLY B 541 30.46 -29.05 -1.29
N GLY B 542 30.35 -29.14 -2.61
CA GLY B 542 31.51 -29.22 -3.46
C GLY B 542 32.13 -30.59 -3.56
N VAL B 543 31.39 -31.64 -3.20
CA VAL B 543 31.91 -33.00 -3.26
C VAL B 543 31.38 -33.77 -4.46
N ALA B 544 30.37 -33.27 -5.16
CA ALA B 544 29.88 -33.89 -6.40
C ALA B 544 29.40 -32.75 -7.30
N SER B 545 30.29 -32.30 -8.18
CA SER B 545 30.02 -31.17 -9.04
C SER B 545 29.71 -31.55 -10.48
N THR B 546 30.13 -32.74 -10.93
CA THR B 546 29.95 -33.15 -12.31
C THR B 546 29.23 -34.49 -12.34
N SER B 547 28.49 -34.72 -13.43
CA SER B 547 27.66 -35.90 -13.55
C SER B 547 28.45 -37.19 -13.37
N GLN B 548 29.74 -37.19 -13.69
CA GLN B 548 30.52 -38.42 -13.63
C GLN B 548 30.53 -39.01 -12.24
N ASP B 549 30.63 -38.16 -11.20
CA ASP B 549 30.74 -38.63 -9.83
C ASP B 549 29.41 -38.68 -9.09
N MET B 550 28.42 -37.89 -9.50
CA MET B 550 27.14 -37.89 -8.79
C MET B 550 26.48 -39.25 -8.84
N HIS B 551 26.71 -40.02 -9.91
CA HIS B 551 26.16 -41.37 -9.99
C HIS B 551 26.75 -42.28 -8.92
N THR B 552 28.02 -42.07 -8.57
CA THR B 552 28.62 -42.85 -7.49
C THR B 552 27.92 -42.62 -6.17
N TYR B 553 27.49 -41.38 -5.91
CA TYR B 553 26.70 -41.10 -4.71
C TYR B 553 25.46 -41.97 -4.66
N ALA B 554 24.82 -42.21 -5.81
CA ALA B 554 23.65 -43.08 -5.83
C ALA B 554 24.01 -44.48 -5.35
N ALA B 555 25.13 -45.01 -5.82
CA ALA B 555 25.57 -46.32 -5.35
C ALA B 555 25.91 -46.28 -3.86
N CYS B 556 26.34 -45.13 -3.35
CA CYS B 556 26.69 -45.02 -1.94
C CYS B 556 25.46 -45.08 -1.03
N THR B 557 24.27 -44.88 -1.56
CA THR B 557 23.07 -44.81 -0.74
C THR B 557 22.65 -46.20 -0.27
N PHE B 558 21.78 -46.21 0.74
CA PHE B 558 21.23 -47.46 1.23
C PHE B 558 20.10 -47.97 0.33
N LEU B 559 19.44 -47.07 -0.40
CA LEU B 559 18.49 -47.52 -1.42
C LEU B 559 19.18 -48.34 -2.49
N ALA B 560 20.35 -47.88 -2.94
CA ALA B 560 21.08 -48.61 -3.98
C ALA B 560 21.58 -49.95 -3.47
N ALA B 561 22.24 -49.96 -2.31
CA ALA B 561 22.80 -51.20 -1.79
C ALA B 561 21.71 -52.22 -1.48
N SER B 562 20.48 -51.76 -1.24
CA SER B 562 19.38 -52.67 -0.97
C SER B 562 18.82 -53.24 -2.27
N GLY B 580 17.44 -43.87 -11.39
CA GLY B 580 17.68 -42.79 -12.34
C GLY B 580 16.93 -41.52 -11.97
N ALA B 581 16.62 -41.37 -10.68
CA ALA B 581 15.88 -40.20 -10.21
C ALA B 581 16.78 -38.99 -9.99
N ILE B 582 18.10 -39.14 -10.15
CA ILE B 582 19.00 -38.01 -9.95
C ILE B 582 18.72 -36.91 -10.97
N GLU B 583 18.56 -37.28 -12.24
CA GLU B 583 18.36 -36.27 -13.27
C GLU B 583 17.07 -35.48 -13.04
N ALA B 584 16.01 -36.16 -12.62
CA ALA B 584 14.75 -35.45 -12.34
C ALA B 584 14.94 -34.42 -11.25
N CYS B 585 15.75 -34.74 -10.23
CA CYS B 585 16.05 -33.78 -9.18
C CYS B 585 17.01 -32.70 -9.63
N VAL B 586 18.04 -33.06 -10.39
CA VAL B 586 19.03 -32.07 -10.80
C VAL B 586 18.38 -30.99 -11.65
N MET B 587 17.51 -31.38 -12.57
CA MET B 587 16.77 -30.38 -13.34
C MET B 587 15.83 -29.59 -12.45
N TRP B 588 15.20 -30.25 -11.47
CA TRP B 588 14.35 -29.53 -10.53
C TRP B 588 15.11 -28.42 -9.83
N LEU B 589 16.38 -28.65 -9.52
CA LEU B 589 17.18 -27.61 -8.88
C LEU B 589 17.55 -26.50 -9.85
N LEU B 590 17.92 -26.86 -11.08
CA LEU B 590 18.16 -25.84 -12.10
C LEU B 590 16.87 -25.12 -12.47
N GLU B 591 15.76 -25.83 -12.51
CA GLU B 591 14.48 -25.19 -12.79
C GLU B 591 14.19 -24.09 -11.77
N ASN B 592 14.48 -24.34 -10.50
CA ASN B 592 14.24 -23.40 -9.43
C ASN B 592 15.47 -22.57 -9.10
N GLU B 593 16.47 -22.56 -9.97
CA GLU B 593 17.64 -21.69 -9.85
C GLU B 593 18.41 -21.96 -8.56
N PHE B 594 18.30 -23.16 -8.02
CA PHE B 594 19.10 -23.53 -6.86
C PHE B 594 20.57 -23.69 -7.24
N ILE B 595 20.85 -24.09 -8.48
CA ILE B 595 22.21 -24.30 -8.96
C ILE B 595 22.32 -23.77 -10.38
N GLN B 596 23.56 -23.61 -10.84
CA GLN B 596 23.88 -23.12 -12.17
C GLN B 596 24.75 -24.14 -12.89
N SER B 597 24.37 -24.49 -14.12
CA SER B 597 25.13 -25.44 -14.90
C SER B 597 26.27 -24.75 -15.64
N THR B 598 27.35 -25.49 -15.86
CA THR B 598 28.51 -24.97 -16.56
C THR B 598 29.23 -26.09 -17.33
N LYS B 607 31.49 -30.23 -18.19
CA LYS B 607 30.25 -29.88 -17.52
C LYS B 607 30.40 -29.95 -16.00
N VAL B 608 30.28 -28.80 -15.35
CA VAL B 608 30.38 -28.70 -13.90
C VAL B 608 29.15 -27.96 -13.39
N TYR B 609 28.78 -28.25 -12.14
CA TYR B 609 27.63 -27.65 -11.50
C TYR B 609 28.09 -26.84 -10.30
N HIS B 610 27.34 -25.79 -9.97
CA HIS B 610 27.67 -24.94 -8.85
C HIS B 610 26.39 -24.31 -8.31
N PRO B 611 26.40 -23.85 -7.06
CA PRO B 611 25.27 -23.06 -6.54
C PRO B 611 25.51 -21.57 -6.74
N THR B 612 24.42 -20.83 -6.89
CA THR B 612 24.55 -19.40 -7.19
C THR B 612 24.52 -18.56 -5.92
N HIS B 613 23.34 -18.45 -5.30
CA HIS B 613 23.24 -17.89 -3.96
C HIS B 613 22.25 -18.67 -3.11
N LEU B 614 21.15 -19.09 -3.73
CA LEU B 614 20.05 -19.70 -2.99
C LEU B 614 20.39 -21.12 -2.57
N GLY B 615 21.15 -21.85 -3.37
CA GLY B 615 21.62 -23.16 -2.96
C GLY B 615 22.58 -23.06 -1.78
N SER B 616 23.51 -22.12 -1.84
CA SER B 616 24.44 -21.92 -0.74
C SER B 616 23.70 -21.53 0.54
N ALA B 617 22.71 -20.65 0.42
CA ALA B 617 21.93 -20.24 1.60
C ALA B 617 20.97 -21.32 2.03
N THR B 618 20.56 -22.22 1.12
CA THR B 618 19.64 -23.28 1.50
C THR B 618 20.35 -24.39 2.26
N LEU B 619 21.60 -24.67 1.91
CA LEU B 619 22.35 -25.72 2.60
C LEU B 619 22.75 -25.28 4.00
N SER B 620 23.22 -24.05 4.14
CA SER B 620 23.65 -23.57 5.46
C SER B 620 22.46 -23.50 6.41
N SER B 621 21.28 -23.15 5.90
CA SER B 621 20.11 -23.04 6.74
C SER B 621 19.50 -24.40 7.09
N SER B 622 19.98 -25.48 6.46
CA SER B 622 19.43 -26.81 6.70
C SER B 622 17.93 -26.85 6.45
N LEU B 623 17.46 -26.05 5.50
CA LEU B 623 16.07 -26.02 5.12
C LEU B 623 15.83 -26.96 3.95
N SER B 624 14.62 -27.51 3.88
CA SER B 624 14.28 -28.36 2.76
C SER B 624 14.18 -27.52 1.49
N PRO B 625 14.90 -27.88 0.42
CA PRO B 625 14.84 -27.07 -0.80
C PRO B 625 13.44 -26.93 -1.36
N ALA B 626 12.53 -27.85 -1.05
CA ALA B 626 11.15 -27.70 -1.48
C ALA B 626 10.52 -26.44 -0.92
N ASP B 627 10.68 -26.21 0.39
CA ASP B 627 10.06 -25.07 1.06
C ASP B 627 10.90 -23.81 0.99
N THR B 628 12.15 -23.91 0.54
CA THR B 628 13.01 -22.73 0.51
C THR B 628 12.53 -21.72 -0.51
N LEU B 629 11.89 -22.16 -1.60
CA LEU B 629 11.33 -21.20 -2.56
C LEU B 629 10.22 -20.37 -1.93
N ASP B 630 9.31 -21.04 -1.21
CA ASP B 630 8.25 -20.32 -0.50
C ASP B 630 8.82 -19.40 0.55
N ILE B 631 9.84 -19.87 1.27
CA ILE B 631 10.47 -19.03 2.29
C ILE B 631 11.13 -17.81 1.66
N PHE B 632 11.81 -18.01 0.54
CA PHE B 632 12.43 -16.91 -0.18
C PHE B 632 11.39 -15.89 -0.60
N ALA B 633 10.27 -16.36 -1.17
CA ALA B 633 9.22 -15.44 -1.60
C ALA B 633 8.63 -14.68 -0.41
N ASP B 634 8.38 -15.38 0.70
CA ASP B 634 7.77 -14.73 1.85
C ASP B 634 8.70 -13.73 2.50
N LEU B 635 10.00 -14.03 2.57
CA LEU B 635 10.95 -13.08 3.14
C LEU B 635 11.10 -11.87 2.23
N GLN B 636 11.30 -12.11 0.94
CA GLN B 636 11.45 -10.99 0.02
C GLN B 636 10.22 -10.09 0.02
N ARG B 637 9.02 -10.69 0.08
CA ARG B 637 7.82 -9.88 0.18
C ARG B 637 7.80 -9.08 1.47
N ALA B 638 8.27 -9.67 2.57
CA ALA B 638 8.29 -8.97 3.85
C ALA B 638 9.22 -7.78 3.84
N MET B 639 10.40 -7.90 3.23
CA MET B 639 11.37 -6.82 3.22
C MET B 639 10.99 -5.66 2.32
N LYS B 640 9.76 -5.64 1.80
CA LYS B 640 9.26 -4.47 1.06
C LYS B 640 8.28 -3.66 1.86
N GLY B 641 7.54 -4.28 2.78
CA GLY B 641 6.52 -3.60 3.54
C GLY B 641 6.53 -3.97 5.01
N PHE B 642 7.72 -4.20 5.57
CA PHE B 642 7.81 -4.78 6.89
C PHE B 642 7.13 -3.89 7.95
N VAL B 643 6.54 -4.55 8.94
CA VAL B 643 5.87 -3.88 10.05
C VAL B 643 6.74 -4.06 11.29
N LEU B 644 7.08 -2.95 11.93
CA LEU B 644 7.96 -2.97 13.10
C LEU B 644 7.25 -2.55 14.38
N GLU B 645 5.95 -2.26 14.34
CA GLU B 645 5.25 -1.85 15.55
C GLU B 645 5.33 -2.95 16.61
N ASN B 646 5.17 -4.21 16.19
CA ASN B 646 5.17 -5.33 17.09
C ASN B 646 5.97 -6.47 16.47
N ASP B 647 6.09 -7.56 17.22
CA ASP B 647 6.83 -8.73 16.78
C ASP B 647 6.05 -9.63 15.84
N LEU B 648 4.76 -9.35 15.61
CA LEU B 648 3.91 -10.31 14.91
C LEU B 648 4.41 -10.57 13.49
N HIS B 649 4.84 -9.52 12.78
CA HIS B 649 5.32 -9.73 11.42
C HIS B 649 6.61 -10.54 11.41
N ILE B 650 7.47 -10.35 12.41
CA ILE B 650 8.66 -11.17 12.51
C ILE B 650 8.29 -12.60 12.90
N LEU B 651 7.33 -12.75 13.82
CA LEU B 651 6.90 -14.09 14.20
C LEU B 651 6.27 -14.83 13.03
N TYR B 652 5.46 -14.15 12.23
CA TYR B 652 4.80 -14.82 11.12
C TYR B 652 5.82 -15.44 10.18
N LEU B 653 6.97 -14.80 10.00
CA LEU B 653 8.00 -15.31 9.10
C LEU B 653 8.85 -16.40 9.71
N VAL B 654 8.76 -16.64 11.02
CA VAL B 654 9.48 -17.72 11.66
C VAL B 654 8.47 -18.67 12.28
N THR B 655 7.27 -18.74 11.70
CA THR B 655 6.25 -19.68 12.13
C THR B 655 6.28 -20.88 11.22
N PRO B 656 6.57 -22.08 11.72
CA PRO B 656 6.52 -23.27 10.87
C PRO B 656 5.12 -23.85 10.79
N MET B 657 4.78 -24.36 9.60
CA MET B 657 3.50 -25.03 9.40
C MET B 657 3.69 -26.30 8.57
N PHE B 658 4.77 -27.04 8.81
CA PHE B 658 4.99 -28.29 8.09
C PHE B 658 4.25 -29.47 8.72
N GLU B 659 3.74 -29.32 9.95
CA GLU B 659 2.87 -30.30 10.56
C GLU B 659 1.70 -29.60 11.24
N ASP B 660 0.64 -30.38 11.48
CA ASP B 660 -0.58 -29.89 12.13
C ASP B 660 -0.36 -29.97 13.65
N TRP B 661 0.28 -28.95 14.20
CA TRP B 661 0.63 -28.99 15.62
C TRP B 661 -0.59 -28.95 16.52
N THR B 662 -1.73 -28.49 16.01
CA THR B 662 -2.96 -28.49 16.79
C THR B 662 -4.14 -28.22 15.88
N THR B 663 -5.32 -28.61 16.33
CA THR B 663 -6.56 -28.32 15.61
C THR B 663 -7.04 -26.93 15.95
N ILE B 664 -7.33 -26.14 14.93
CA ILE B 664 -7.68 -24.73 15.09
C ILE B 664 -9.19 -24.61 15.24
N ASP B 665 -9.63 -23.93 16.28
CA ASP B 665 -11.03 -23.57 16.46
C ASP B 665 -11.25 -22.22 15.80
N TRP B 666 -11.97 -22.19 14.68
CA TRP B 666 -12.10 -20.97 13.90
C TRP B 666 -13.05 -19.96 14.52
N TYR B 667 -13.95 -20.39 15.42
CA TYR B 667 -14.82 -19.43 16.09
C TYR B 667 -14.04 -18.55 17.06
N ARG B 668 -13.23 -19.18 17.91
CA ARG B 668 -12.37 -18.40 18.81
C ARG B 668 -11.36 -17.58 18.02
N PHE B 669 -10.87 -18.11 16.90
CA PHE B 669 -9.95 -17.35 16.07
C PHE B 669 -10.64 -16.13 15.48
N PHE B 670 -11.90 -16.26 15.07
CA PHE B 670 -12.66 -15.10 14.60
C PHE B 670 -12.87 -14.09 15.71
N CYS B 671 -13.17 -14.56 16.93
CA CYS B 671 -13.30 -13.62 18.04
C CYS B 671 -12.01 -12.85 18.28
N LEU B 672 -10.88 -13.56 18.29
CA LEU B 672 -9.59 -12.89 18.47
C LEU B 672 -9.32 -11.91 17.33
N TRP B 673 -9.65 -12.30 16.10
CA TRP B 673 -9.51 -11.40 14.97
C TRP B 673 -10.31 -10.13 15.18
N GLU B 674 -11.54 -10.27 15.68
CA GLU B 674 -12.35 -9.09 15.99
C GLU B 674 -11.68 -8.23 17.03
N LYS B 675 -11.08 -8.84 18.05
CA LYS B 675 -10.47 -8.09 19.14
C LYS B 675 -9.04 -7.65 18.86
N LEU B 676 -8.49 -7.98 17.69
CA LEU B 676 -7.10 -7.65 17.41
C LEU B 676 -6.91 -6.14 17.26
N PRO B 677 -5.75 -5.62 17.65
CA PRO B 677 -5.43 -4.21 17.35
C PRO B 677 -5.21 -4.00 15.86
N THR B 678 -5.19 -2.73 15.48
CA THR B 678 -5.00 -2.39 14.07
C THR B 678 -3.59 -2.67 13.60
N SER B 679 -2.60 -2.49 14.48
CA SER B 679 -1.22 -2.78 14.08
C SER B 679 -1.06 -4.23 13.70
N MET B 680 -1.66 -5.13 14.47
CA MET B 680 -1.63 -6.56 14.17
C MET B 680 -2.46 -6.92 12.95
N LYS B 681 -3.47 -6.12 12.62
CA LYS B 681 -4.29 -6.37 11.45
C LYS B 681 -3.63 -5.88 10.16
N ARG B 682 -2.77 -4.86 10.24
CA ARG B 682 -2.01 -4.46 9.06
C ARG B 682 -1.10 -5.59 8.58
N VAL B 683 -0.40 -6.23 9.51
CA VAL B 683 0.43 -7.38 9.13
C VAL B 683 -0.45 -8.52 8.63
N ALA B 684 -1.64 -8.69 9.22
CA ALA B 684 -2.54 -9.75 8.76
C ALA B 684 -2.93 -9.53 7.31
N GLU B 685 -3.28 -8.29 6.95
CA GLU B 685 -3.56 -7.99 5.55
C GLU B 685 -2.33 -8.17 4.68
N LEU B 686 -1.16 -7.78 5.18
CA LEU B 686 0.05 -7.91 4.37
C LEU B 686 0.36 -9.36 4.05
N VAL B 687 0.22 -10.25 5.04
CA VAL B 687 0.59 -11.66 4.82
C VAL B 687 -0.41 -12.34 3.90
N GLY B 688 -1.69 -12.03 4.03
CA GLY B 688 -2.69 -12.59 3.15
C GLY B 688 -4.00 -12.94 3.84
N VAL B 689 -4.08 -12.74 5.15
CA VAL B 689 -5.30 -13.04 5.88
C VAL B 689 -6.44 -12.16 5.36
N GLU B 690 -7.61 -12.76 5.21
CA GLU B 690 -8.79 -12.05 4.72
C GLU B 690 -9.97 -12.34 5.63
N GLU B 691 -10.77 -11.30 5.89
CA GLU B 691 -11.97 -11.47 6.70
C GLU B 691 -12.96 -12.43 6.05
N GLY B 692 -12.94 -12.50 4.71
CA GLY B 692 -13.86 -13.40 4.03
C GLY B 692 -13.61 -14.86 4.34
N PHE B 693 -12.34 -15.27 4.36
CA PHE B 693 -12.03 -16.67 4.66
C PHE B 693 -12.38 -17.02 6.10
N LEU B 694 -12.09 -16.11 7.04
CA LEU B 694 -12.46 -16.36 8.42
C LEU B 694 -13.98 -16.42 8.57
N ALA B 695 -14.70 -15.58 7.84
CA ALA B 695 -16.16 -15.66 7.84
C ALA B 695 -16.65 -16.98 7.29
N ARG B 696 -16.01 -17.48 6.24
CA ARG B 696 -16.37 -18.80 5.71
C ARG B 696 -16.15 -19.88 6.77
N CYS B 697 -15.02 -19.82 7.47
CA CYS B 697 -14.66 -20.88 8.41
C CYS B 697 -15.42 -20.81 9.72
N VAL B 698 -15.86 -19.63 10.15
CA VAL B 698 -16.47 -19.50 11.47
C VAL B 698 -17.78 -20.29 11.53
N LYS B 699 -18.59 -20.21 10.48
CA LYS B 699 -19.88 -20.90 10.42
C LYS B 699 -19.86 -22.10 9.49
N GLY B 700 -19.40 -21.90 8.25
CA GLY B 700 -19.36 -23.00 7.31
C GLY B 700 -18.33 -24.04 7.68
N LYS B 701 -18.51 -25.23 7.13
CA LYS B 701 -17.59 -26.32 7.39
C LYS B 701 -16.21 -25.97 6.85
N VAL B 702 -15.19 -26.58 7.46
CA VAL B 702 -13.82 -26.32 7.04
C VAL B 702 -13.70 -26.55 5.54
N VAL B 703 -13.27 -25.52 4.82
CA VAL B 703 -13.20 -25.59 3.37
C VAL B 703 -12.21 -26.66 2.96
N ALA B 704 -12.62 -27.51 2.01
CA ALA B 704 -11.73 -28.54 1.50
C ALA B 704 -10.67 -27.91 0.62
N ARG B 705 -9.41 -28.24 0.89
CA ARG B 705 -8.28 -27.72 0.11
C ARG B 705 -7.97 -28.67 -1.05
N THR B 706 -9.01 -28.95 -1.84
CA THR B 706 -8.87 -29.88 -2.95
C THR B 706 -7.83 -29.41 -3.95
N GLU B 707 -7.70 -28.10 -4.14
CA GLU B 707 -6.85 -27.54 -5.18
C GLU B 707 -5.54 -27.05 -4.60
N ARG B 708 -4.47 -27.20 -5.39
CA ARG B 708 -3.16 -26.72 -4.97
C ARG B 708 -3.14 -25.22 -4.76
N GLN B 709 -4.01 -24.47 -5.43
CA GLN B 709 -4.05 -23.02 -5.28
C GLN B 709 -4.60 -22.58 -3.94
N HIS B 710 -5.08 -23.51 -3.12
CA HIS B 710 -5.71 -23.18 -1.84
C HIS B 710 -4.71 -23.31 -0.69
N ARG B 711 -3.45 -22.96 -0.96
CA ARG B 711 -2.48 -22.78 0.12
C ARG B 711 -2.82 -21.58 0.98
N GLN B 712 -3.80 -20.77 0.59
CA GLN B 712 -4.25 -19.65 1.41
C GLN B 712 -4.99 -20.11 2.65
N MET B 713 -5.34 -21.40 2.75
CA MET B 713 -5.74 -21.94 4.03
C MET B 713 -4.55 -22.02 4.99
N ALA B 714 -3.36 -22.29 4.45
CA ALA B 714 -2.17 -22.33 5.29
C ALA B 714 -1.79 -20.95 5.80
N ILE B 715 -2.17 -19.89 5.08
CA ILE B 715 -1.86 -18.55 5.54
C ILE B 715 -2.57 -18.24 6.85
N HIS B 716 -3.84 -18.65 6.96
CA HIS B 716 -4.60 -18.33 8.16
C HIS B 716 -4.18 -19.21 9.34
N LYS B 717 -3.86 -20.48 9.07
CA LYS B 717 -3.29 -21.31 10.13
C LYS B 717 -1.95 -20.75 10.60
N ARG B 718 -1.13 -20.29 9.66
CA ARG B 718 0.14 -19.68 10.02
C ARG B 718 -0.07 -18.43 10.86
N PHE B 719 -1.05 -17.61 10.51
CA PHE B 719 -1.31 -16.40 11.29
C PHE B 719 -1.81 -16.75 12.69
N PHE B 720 -2.67 -17.75 12.80
CA PHE B 720 -3.12 -18.20 14.12
C PHE B 720 -1.95 -18.67 14.96
N THR B 721 -1.07 -19.48 14.36
CA THR B 721 0.10 -19.97 15.08
C THR B 721 1.01 -18.82 15.48
N SER B 722 1.18 -17.83 14.60
CA SER B 722 2.02 -16.68 14.93
C SER B 722 1.44 -15.85 16.05
N LEU B 723 0.11 -15.73 16.12
CA LEU B 723 -0.50 -15.06 17.26
C LEU B 723 -0.23 -15.83 18.55
N VAL B 724 -0.33 -17.16 18.48
CA VAL B 724 0.00 -17.97 19.66
C VAL B 724 1.45 -17.74 20.06
N LEU B 725 2.36 -17.71 19.09
CA LEU B 725 3.77 -17.48 19.38
C LEU B 725 4.02 -16.08 19.94
N LEU B 726 3.27 -15.08 19.49
CA LEU B 726 3.40 -13.75 20.04
C LEU B 726 2.99 -13.72 21.50
N ASP B 727 1.84 -14.31 21.82
CA ASP B 727 1.46 -14.39 23.22
C ASP B 727 2.43 -15.28 24.00
N LEU B 728 3.15 -16.15 23.30
CA LEU B 728 4.14 -17.00 23.95
C LEU B 728 5.36 -16.20 24.36
N ILE B 729 5.98 -15.51 23.40
CA ILE B 729 7.17 -14.69 23.69
C ILE B 729 6.82 -13.47 24.51
N SER B 730 5.54 -13.13 24.64
CA SER B 730 5.14 -12.09 25.57
C SER B 730 5.19 -12.56 27.03
N GLU B 731 5.52 -13.82 27.25
CA GLU B 731 5.71 -14.35 28.60
C GLU B 731 4.40 -14.39 29.37
N VAL B 732 3.35 -14.86 28.72
CA VAL B 732 2.06 -15.05 29.39
C VAL B 732 1.96 -16.51 29.77
N PRO B 733 1.28 -16.87 30.86
CA PRO B 733 1.28 -18.26 31.30
C PRO B 733 0.64 -19.18 30.28
N LEU B 734 1.10 -20.44 30.29
CA LEU B 734 0.60 -21.41 29.32
C LEU B 734 -0.91 -21.59 29.44
N ARG B 735 -1.45 -21.51 30.66
CA ARG B 735 -2.90 -21.63 30.82
C ARG B 735 -3.63 -20.51 30.09
N GLU B 736 -3.12 -19.29 30.19
CA GLU B 736 -3.74 -18.17 29.48
C GLU B 736 -3.72 -18.38 27.97
N ILE B 737 -2.62 -18.88 27.44
CA ILE B 737 -2.56 -19.18 26.02
C ILE B 737 -3.54 -20.30 25.67
N ASN B 738 -3.72 -21.26 26.58
CA ASN B 738 -4.63 -22.36 26.33
C ASN B 738 -6.07 -21.87 26.25
N GLN B 739 -6.52 -21.09 27.24
CA GLN B 739 -7.88 -20.58 27.20
C GLN B 739 -8.09 -19.66 25.99
N LYS B 740 -7.11 -18.82 25.69
CA LYS B 740 -7.27 -17.84 24.63
C LYS B 740 -7.31 -18.50 23.25
N TYR B 741 -6.61 -19.61 23.07
CA TYR B 741 -6.45 -20.24 21.76
C TYR B 741 -6.95 -21.67 21.72
N GLY B 742 -6.87 -22.40 22.83
CA GLY B 742 -7.41 -23.74 22.90
C GLY B 742 -6.35 -24.83 22.90
N CYS B 743 -5.17 -24.52 22.37
CA CYS B 743 -4.08 -25.48 22.38
C CYS B 743 -3.58 -25.69 23.80
N ASN B 744 -3.37 -26.95 24.17
CA ASN B 744 -2.91 -27.27 25.51
C ASN B 744 -1.40 -27.01 25.63
N ARG B 745 -0.91 -27.13 26.86
CA ARG B 745 0.47 -26.70 27.14
C ARG B 745 1.48 -27.58 26.41
N GLY B 746 1.23 -28.89 26.30
CA GLY B 746 2.16 -29.74 25.58
C GLY B 746 2.27 -29.36 24.11
N GLN B 747 1.13 -29.09 23.47
CA GLN B 747 1.16 -28.62 22.10
C GLN B 747 1.87 -27.27 21.99
N ILE B 748 1.68 -26.39 22.98
CA ILE B 748 2.33 -25.09 22.95
C ILE B 748 3.84 -25.26 23.07
N GLN B 749 4.30 -26.22 23.86
CA GLN B 749 5.73 -26.44 24.01
C GLN B 749 6.33 -27.05 22.75
N SER B 750 5.62 -27.99 22.13
CA SER B 750 6.09 -28.53 20.86
C SER B 750 6.17 -27.42 19.81
N LEU B 751 5.16 -26.53 19.79
CA LEU B 751 5.21 -25.37 18.90
C LEU B 751 6.38 -24.48 19.25
N GLN B 752 6.66 -24.29 20.55
CA GLN B 752 7.82 -23.52 20.97
C GLN B 752 9.08 -24.06 20.32
N GLN B 753 9.32 -25.36 20.47
CA GLN B 753 10.57 -25.94 19.97
C GLN B 753 10.62 -25.85 18.45
N SER B 754 9.53 -26.18 17.77
CA SER B 754 9.53 -26.14 16.31
C SER B 754 9.74 -24.71 15.82
N ALA B 755 9.09 -23.74 16.45
CA ALA B 755 9.22 -22.35 16.04
C ALA B 755 10.62 -21.81 16.30
N ALA B 756 11.22 -22.19 17.43
CA ALA B 756 12.59 -21.75 17.70
C ALA B 756 13.57 -22.34 16.70
N VAL B 757 13.43 -23.64 16.40
CA VAL B 757 14.30 -24.26 15.41
C VAL B 757 14.14 -23.57 14.06
N TYR B 758 12.89 -23.33 13.66
CA TYR B 758 12.64 -22.69 12.38
C TYR B 758 13.18 -21.27 12.37
N ALA B 759 13.07 -20.54 13.48
CA ALA B 759 13.61 -19.19 13.55
C ALA B 759 15.11 -19.19 13.39
N GLY B 760 15.80 -20.14 14.03
CA GLY B 760 17.24 -20.24 13.82
C GLY B 760 17.60 -20.56 12.39
N MET B 761 16.86 -21.49 11.77
CA MET B 761 17.12 -21.84 10.37
C MET B 761 16.94 -20.63 9.47
N ILE B 762 15.84 -19.88 9.68
CA ILE B 762 15.57 -18.70 8.87
C ILE B 762 16.62 -17.62 9.10
N THR B 763 17.09 -17.48 10.34
CA THR B 763 18.15 -16.52 10.62
C THR B 763 19.40 -16.85 9.84
N VAL B 764 19.78 -18.13 9.82
CA VAL B 764 20.97 -18.51 9.04
C VAL B 764 20.72 -18.31 7.55
N PHE B 765 19.52 -18.63 7.07
CA PHE B 765 19.17 -18.41 5.67
C PHE B 765 19.36 -16.94 5.30
N SER B 766 18.78 -16.04 6.09
CA SER B 766 18.92 -14.62 5.84
C SER B 766 20.38 -14.17 5.93
N ASN B 767 21.10 -14.66 6.93
CA ASN B 767 22.51 -14.29 7.07
C ASN B 767 23.27 -14.61 5.79
N ARG B 768 23.08 -15.84 5.28
CA ARG B 768 23.83 -16.25 4.11
C ARG B 768 23.35 -15.53 2.84
N LEU B 769 22.06 -15.20 2.78
CA LEU B 769 21.55 -14.52 1.60
C LEU B 769 22.00 -13.07 1.50
N GLY B 770 22.60 -12.52 2.55
CA GLY B 770 23.01 -11.14 2.56
C GLY B 770 21.96 -10.17 3.03
N TRP B 771 20.89 -10.64 3.69
CA TRP B 771 19.83 -9.78 4.19
C TRP B 771 20.15 -9.42 5.63
N HIS B 772 20.91 -8.34 5.80
CA HIS B 772 21.43 -7.99 7.12
C HIS B 772 20.33 -7.51 8.06
N ASN B 773 19.43 -6.66 7.56
CA ASN B 773 18.38 -6.14 8.43
C ASN B 773 17.44 -7.26 8.87
N MET B 774 17.08 -8.15 7.95
CA MET B 774 16.23 -9.27 8.31
C MET B 774 16.92 -10.19 9.31
N GLU B 775 18.20 -10.47 9.09
CA GLU B 775 18.95 -11.29 10.04
C GLU B 775 18.97 -10.64 11.41
N LEU B 776 19.20 -9.33 11.47
CA LEU B 776 19.23 -8.63 12.74
C LEU B 776 17.90 -8.71 13.45
N LEU B 777 16.80 -8.51 12.71
CA LEU B 777 15.48 -8.59 13.33
C LEU B 777 15.16 -10.01 13.79
N LEU B 778 15.69 -11.02 13.11
CA LEU B 778 15.38 -12.40 13.44
C LEU B 778 16.27 -12.98 14.53
N SER B 779 17.46 -12.43 14.74
CA SER B 779 18.45 -13.09 15.59
C SER B 779 17.93 -13.29 17.01
N GLN B 780 17.35 -12.25 17.60
CA GLN B 780 16.91 -12.36 18.99
C GLN B 780 15.81 -13.39 19.15
N PHE B 781 15.09 -13.71 18.08
CA PHE B 781 13.84 -14.46 18.24
C PHE B 781 14.06 -15.94 18.49
N GLN B 782 15.20 -16.52 18.09
CA GLN B 782 15.40 -17.93 18.31
C GLN B 782 15.47 -18.25 19.80
N LYS B 783 16.22 -17.43 20.55
CA LYS B 783 16.31 -17.63 22.00
C LYS B 783 14.99 -17.31 22.70
N ARG B 784 14.34 -16.22 22.28
CA ARG B 784 13.06 -15.86 22.87
C ARG B 784 12.03 -16.97 22.67
N LEU B 785 12.04 -17.60 21.49
CA LEU B 785 11.13 -18.70 21.23
C LEU B 785 11.53 -19.95 22.01
N THR B 786 12.84 -20.22 22.11
CA THR B 786 13.29 -21.38 22.87
C THR B 786 12.83 -21.28 24.31
N PHE B 787 12.96 -20.11 24.93
CA PHE B 787 12.62 -19.93 26.33
C PHE B 787 11.28 -19.23 26.54
N GLY B 788 10.68 -18.65 25.51
CA GLY B 788 9.43 -17.95 25.67
C GLY B 788 9.55 -16.75 26.58
N ILE B 789 10.57 -15.93 26.35
CA ILE B 789 10.90 -14.81 27.23
C ILE B 789 10.97 -13.54 26.41
N GLN B 790 10.98 -12.41 27.12
CA GLN B 790 11.08 -11.09 26.52
C GLN B 790 12.54 -10.78 26.23
N ARG B 791 12.76 -9.64 25.53
CA ARG B 791 14.12 -9.28 25.16
C ARG B 791 15.01 -9.13 26.39
N GLU B 792 14.48 -8.60 27.49
CA GLU B 792 15.31 -8.29 28.64
C GLU B 792 15.89 -9.54 29.30
N LEU B 793 15.13 -10.63 29.31
CA LEU B 793 15.57 -11.88 29.93
C LEU B 793 16.52 -12.67 29.04
N CYS B 794 16.78 -12.23 27.82
CA CYS B 794 17.55 -13.04 26.89
C CYS B 794 19.00 -13.16 27.33
N ASP B 795 19.58 -12.09 27.89
CA ASP B 795 20.93 -12.11 28.41
C ASP B 795 21.01 -12.87 29.73
N LEU B 796 19.87 -13.16 30.35
CA LEU B 796 19.82 -13.80 31.66
C LEU B 796 19.56 -15.30 31.61
N VAL B 797 19.04 -15.83 30.52
CA VAL B 797 18.76 -17.26 30.42
C VAL B 797 19.97 -17.98 29.84
N ARG B 798 21.10 -17.28 29.75
CA ARG B 798 22.34 -17.94 29.35
C ARG B 798 22.78 -18.97 30.37
N VAL B 799 22.34 -18.82 31.62
CA VAL B 799 22.64 -19.81 32.65
C VAL B 799 21.68 -20.97 32.50
N SER B 800 22.22 -22.17 32.30
CA SER B 800 21.38 -23.34 32.05
C SER B 800 20.36 -23.55 33.16
N LEU B 801 20.71 -23.20 34.39
CA LEU B 801 19.84 -23.40 35.54
C LEU B 801 18.93 -22.20 35.77
N LEU B 802 18.21 -21.78 34.72
CA LEU B 802 17.32 -20.62 34.84
C LEU B 802 16.17 -20.79 33.86
N ASN B 803 15.01 -21.16 34.39
CA ASN B 803 13.79 -21.29 33.59
C ASN B 803 13.29 -19.91 33.21
N ALA B 804 12.17 -19.85 32.48
CA ALA B 804 11.56 -18.56 32.18
C ALA B 804 11.05 -17.89 33.45
N GLN B 805 10.45 -18.67 34.36
CA GLN B 805 10.00 -18.09 35.63
C GLN B 805 11.18 -17.72 36.51
N ARG B 806 12.19 -18.58 36.59
CA ARG B 806 13.36 -18.31 37.41
C ARG B 806 14.21 -17.19 36.84
N ALA B 807 14.00 -16.82 35.58
CA ALA B 807 14.68 -15.66 35.02
C ALA B 807 13.89 -14.38 35.29
N ARG B 808 12.57 -14.47 35.45
CA ARG B 808 11.76 -13.31 35.77
C ARG B 808 11.93 -12.90 37.23
N VAL B 809 11.95 -13.88 38.13
CA VAL B 809 12.09 -13.56 39.55
C VAL B 809 13.41 -12.85 39.81
N LEU B 810 14.49 -13.33 39.23
CA LEU B 810 15.78 -12.65 39.37
C LEU B 810 15.78 -11.30 38.67
N TYR B 811 15.13 -11.20 37.51
CA TYR B 811 15.04 -9.91 36.84
C TYR B 811 14.21 -8.92 37.64
N ALA B 812 13.12 -9.39 38.23
CA ALA B 812 12.31 -8.51 39.08
C ALA B 812 13.11 -8.01 40.27
N SER B 813 13.94 -8.87 40.85
CA SER B 813 14.77 -8.46 41.98
C SER B 813 15.75 -7.37 41.57
N GLY B 814 16.35 -7.48 40.40
CA GLY B 814 17.30 -6.49 39.93
C GLY B 814 18.48 -7.08 39.19
N PHE B 815 18.56 -8.40 39.14
CA PHE B 815 19.62 -9.09 38.39
C PHE B 815 19.24 -9.06 36.91
N HIS B 816 19.66 -8.01 36.22
CA HIS B 816 19.32 -7.81 34.82
C HIS B 816 20.38 -8.38 33.88
N THR B 817 21.38 -9.08 34.40
CA THR B 817 22.47 -9.58 33.58
C THR B 817 23.18 -10.68 34.33
N VAL B 818 23.72 -11.64 33.57
CA VAL B 818 24.42 -12.77 34.18
C VAL B 818 25.61 -12.28 34.99
N ALA B 819 26.33 -11.28 34.49
CA ALA B 819 27.42 -10.70 35.25
C ALA B 819 26.93 -10.14 36.58
N ASP B 820 25.78 -9.44 36.56
CA ASP B 820 25.19 -8.96 37.81
C ASP B 820 24.83 -10.13 38.72
N LEU B 821 24.26 -11.19 38.16
CA LEU B 821 23.85 -12.33 38.96
C LEU B 821 25.03 -13.04 39.58
N ALA B 822 26.21 -12.95 38.96
CA ALA B 822 27.42 -13.51 39.56
C ALA B 822 27.81 -12.74 40.80
N ARG B 823 27.72 -11.41 40.76
CA ARG B 823 28.08 -10.55 41.88
C ARG B 823 26.90 -10.48 42.84
N ALA B 824 26.76 -11.51 43.67
CA ALA B 824 25.68 -11.57 44.64
C ALA B 824 25.93 -12.71 45.61
N ASN B 825 25.57 -12.50 46.87
CA ASN B 825 25.67 -13.56 47.86
C ASN B 825 24.62 -14.63 47.59
N ILE B 826 24.93 -15.85 48.01
CA ILE B 826 24.07 -16.98 47.70
C ILE B 826 22.75 -16.87 48.47
N VAL B 827 22.81 -16.38 49.71
CA VAL B 827 21.60 -16.31 50.54
C VAL B 827 20.59 -15.35 49.95
N GLU B 828 21.05 -14.28 49.30
CA GLU B 828 20.13 -13.36 48.64
C GLU B 828 19.30 -14.09 47.59
N VAL B 829 19.97 -14.81 46.68
CA VAL B 829 19.25 -15.56 45.67
C VAL B 829 18.38 -16.63 46.31
N GLU B 830 18.85 -17.23 47.40
CA GLU B 830 18.06 -18.22 48.11
C GLU B 830 16.72 -17.65 48.58
N VAL B 831 16.77 -16.48 49.23
CA VAL B 831 15.54 -15.89 49.76
C VAL B 831 14.64 -15.44 48.62
N ILE B 832 15.22 -14.89 47.55
CA ILE B 832 14.40 -14.50 46.41
C ILE B 832 13.70 -15.72 45.80
N LEU B 833 14.42 -16.82 45.63
CA LEU B 833 13.82 -18.02 45.08
C LEU B 833 12.71 -18.54 45.99
N LYS B 834 12.95 -18.53 47.31
CA LYS B 834 11.91 -18.96 48.24
C LYS B 834 10.68 -18.07 48.12
N ASN B 835 10.88 -16.76 47.99
CA ASN B 835 9.77 -15.83 47.83
C ASN B 835 9.26 -15.84 46.39
N ASN B 858 16.40 -27.20 52.24
CA ASN B 858 16.57 -28.61 52.57
C ASN B 858 15.59 -29.48 51.76
N MET B 859 14.46 -28.91 51.38
CA MET B 859 13.43 -29.61 50.64
C MET B 859 13.50 -29.25 49.16
N ARG B 860 13.46 -30.27 48.31
CA ARG B 860 13.55 -30.08 46.86
C ARG B 860 12.20 -29.66 46.31
N THR B 861 12.14 -28.47 45.70
CA THR B 861 10.87 -27.94 45.21
C THR B 861 10.98 -27.53 43.75
N ILE B 862 12.16 -27.08 43.32
CA ILE B 862 12.38 -26.71 41.93
C ILE B 862 12.65 -27.97 41.12
N TRP B 863 12.65 -27.84 39.80
CA TRP B 863 13.05 -28.92 38.92
C TRP B 863 13.87 -28.36 37.77
N VAL B 864 14.93 -29.09 37.40
CA VAL B 864 15.78 -28.74 36.27
C VAL B 864 16.14 -30.02 35.54
N THR B 865 16.38 -29.89 34.24
CA THR B 865 16.70 -31.06 33.41
C THR B 865 17.99 -31.70 33.91
N GLY B 866 17.93 -32.99 34.19
CA GLY B 866 19.08 -33.68 34.73
C GLY B 866 19.51 -33.13 36.08
N ARG B 867 18.64 -33.25 37.07
CA ARG B 867 18.88 -32.70 38.38
C ARG B 867 19.41 -33.77 39.34
N LYS B 868 19.70 -33.33 40.56
CA LYS B 868 20.19 -34.20 41.63
C LYS B 868 19.51 -33.73 42.91
N GLY B 869 20.07 -34.08 44.06
CA GLY B 869 19.45 -33.69 45.31
C GLY B 869 19.52 -32.19 45.49
N LEU B 870 18.75 -31.49 44.66
CA LEU B 870 18.82 -30.04 44.51
C LEU B 870 17.65 -29.41 45.25
N THR B 871 17.96 -28.51 46.18
CA THR B 871 16.97 -27.77 46.95
C THR B 871 17.08 -26.28 46.63
N GLU B 872 16.19 -25.50 47.22
CA GLU B 872 16.25 -24.05 47.08
C GLU B 872 17.56 -23.48 47.63
N ARG B 873 18.15 -24.14 48.62
CA ARG B 873 19.38 -23.64 49.23
C ARG B 873 20.55 -23.69 48.25
N GLU B 874 20.92 -24.90 47.83
CA GLU B 874 22.11 -25.07 47.00
C GLU B 874 21.81 -24.94 45.51
N ALA B 875 20.54 -24.77 45.13
CA ALA B 875 20.25 -24.38 43.76
C ALA B 875 20.73 -22.97 43.48
N ALA B 876 20.50 -22.05 44.42
CA ALA B 876 21.05 -20.70 44.30
C ALA B 876 22.57 -20.72 44.28
N ALA B 877 23.18 -21.73 44.90
CA ALA B 877 24.64 -21.83 44.91
C ALA B 877 25.18 -22.08 43.51
N LEU B 878 24.52 -22.96 42.75
CA LEU B 878 24.94 -23.27 41.39
C LEU B 878 24.58 -22.18 40.39
N ILE B 879 23.51 -21.41 40.66
CA ILE B 879 23.15 -20.33 39.75
C ILE B 879 24.27 -19.30 39.69
N VAL B 880 24.80 -18.90 40.85
CA VAL B 880 25.89 -17.93 40.87
C VAL B 880 27.17 -18.58 40.38
N GLU B 881 27.42 -19.84 40.74
CA GLU B 881 28.64 -20.50 40.31
C GLU B 881 28.69 -20.64 38.80
N GLU B 882 27.58 -21.06 38.18
CA GLU B 882 27.55 -21.18 36.73
C GLU B 882 27.67 -19.82 36.06
N ALA B 883 27.09 -18.78 36.65
CA ALA B 883 27.24 -17.44 36.10
C ALA B 883 28.70 -17.02 36.07
N ARG B 884 29.46 -17.35 37.12
CA ARG B 884 30.88 -17.04 37.14
C ARG B 884 31.61 -17.74 36.00
N MET B 885 31.30 -19.02 35.76
CA MET B 885 31.96 -19.75 34.68
C MET B 885 31.66 -19.12 33.32
N ILE B 886 30.43 -18.65 33.12
CA ILE B 886 30.09 -18.01 31.84
C ILE B 886 30.99 -16.80 31.60
N LEU B 887 31.26 -16.03 32.64
CA LEU B 887 32.17 -14.90 32.53
C LEU B 887 33.62 -15.38 32.53
N GLY C 108 -44.47 -28.47 -36.04
CA GLY C 108 -43.39 -28.19 -35.11
C GLY C 108 -42.86 -29.42 -34.41
N LYS C 109 -42.72 -30.51 -35.17
CA LYS C 109 -42.21 -31.78 -34.65
C LYS C 109 -40.68 -31.87 -34.75
N ASN C 110 -39.99 -30.73 -34.78
CA ASN C 110 -38.55 -30.71 -34.90
C ASN C 110 -38.11 -31.34 -36.22
N LEU C 111 -36.80 -31.28 -36.50
CA LEU C 111 -36.27 -31.79 -37.76
C LEU C 111 -34.76 -31.83 -37.66
N VAL C 112 -34.17 -32.85 -38.28
CA VAL C 112 -32.71 -32.93 -38.44
C VAL C 112 -32.44 -33.50 -39.83
N TYR C 113 -31.53 -32.86 -40.56
CA TYR C 113 -31.20 -33.31 -41.90
C TYR C 113 -29.76 -32.95 -42.21
N SER C 114 -29.19 -33.68 -43.15
CA SER C 114 -27.83 -33.46 -43.60
C SER C 114 -27.78 -33.52 -45.11
N ALA C 115 -26.87 -32.76 -45.69
CA ALA C 115 -26.66 -32.74 -47.13
C ALA C 115 -25.33 -32.05 -47.40
N PRO C 116 -24.64 -32.43 -48.48
CA PRO C 116 -23.35 -31.79 -48.77
C PRO C 116 -23.54 -30.32 -49.10
N THR C 117 -22.53 -29.52 -48.76
CA THR C 117 -22.55 -28.11 -49.11
C THR C 117 -22.40 -27.96 -50.63
N SER C 118 -22.70 -26.76 -51.12
CA SER C 118 -22.74 -26.49 -52.55
C SER C 118 -23.92 -27.20 -53.21
N ALA C 119 -24.92 -27.54 -52.40
CA ALA C 119 -26.13 -28.19 -52.90
C ALA C 119 -27.39 -27.51 -52.38
N GLY C 120 -27.31 -26.25 -51.96
CA GLY C 120 -28.48 -25.54 -51.48
C GLY C 120 -29.09 -26.15 -50.24
N LYS C 121 -28.25 -26.71 -49.37
CA LYS C 121 -28.78 -27.39 -48.19
C LYS C 121 -29.49 -26.40 -47.26
N THR C 122 -28.98 -25.18 -47.17
CA THR C 122 -29.61 -24.17 -46.31
C THR C 122 -30.95 -23.69 -46.85
N LEU C 123 -31.27 -23.99 -48.11
CA LEU C 123 -32.50 -23.45 -48.69
C LEU C 123 -33.74 -23.86 -47.90
N VAL C 124 -33.82 -25.13 -47.50
CA VAL C 124 -34.96 -25.57 -46.69
C VAL C 124 -35.03 -24.76 -45.41
N ALA C 125 -33.89 -24.36 -44.86
CA ALA C 125 -33.87 -23.59 -43.63
C ALA C 125 -34.63 -22.28 -43.81
N GLU C 126 -34.35 -21.56 -44.90
CA GLU C 126 -35.00 -20.27 -45.10
C GLU C 126 -36.52 -20.42 -45.15
N LEU C 127 -37.01 -21.42 -45.88
CA LEU C 127 -38.45 -21.63 -45.95
C LEU C 127 -39.02 -21.99 -44.58
N LEU C 128 -38.32 -22.85 -43.83
CA LEU C 128 -38.84 -23.23 -42.52
C LEU C 128 -38.93 -22.03 -41.59
N ILE C 129 -37.88 -21.21 -41.53
CA ILE C 129 -37.94 -20.01 -40.69
C ILE C 129 -39.05 -19.08 -41.17
N LEU C 130 -39.14 -18.85 -42.49
CA LEU C 130 -40.17 -17.95 -42.98
C LEU C 130 -41.55 -18.43 -42.52
N LYS C 131 -41.84 -19.71 -42.72
CA LYS C 131 -43.15 -20.23 -42.34
C LYS C 131 -43.39 -20.08 -40.84
N ARG C 132 -42.41 -20.49 -40.01
CA ARG C 132 -42.63 -20.48 -38.57
C ARG C 132 -42.80 -19.06 -38.04
N VAL C 133 -41.92 -18.14 -38.45
CA VAL C 133 -42.06 -16.75 -37.98
C VAL C 133 -43.35 -16.13 -38.46
N LEU C 134 -43.75 -16.33 -39.73
CA LEU C 134 -44.98 -15.71 -40.17
C LEU C 134 -46.21 -16.32 -39.50
N GLU C 135 -46.18 -17.62 -39.19
CA GLU C 135 -47.35 -18.26 -38.61
C GLU C 135 -47.46 -18.00 -37.12
N MET C 136 -46.46 -18.44 -36.34
CA MET C 136 -46.52 -18.29 -34.89
C MET C 136 -46.14 -16.90 -34.42
N ARG C 137 -45.54 -16.08 -35.29
CA ARG C 137 -45.14 -14.72 -34.93
C ARG C 137 -44.14 -14.72 -33.77
N LYS C 138 -43.40 -15.82 -33.63
CA LYS C 138 -42.39 -15.98 -32.60
C LYS C 138 -41.01 -15.87 -33.22
N LYS C 139 -39.98 -15.90 -32.37
CA LYS C 139 -38.61 -15.67 -32.81
C LYS C 139 -38.05 -16.93 -33.47
N ALA C 140 -36.81 -16.82 -33.96
CA ALA C 140 -36.13 -17.96 -34.57
C ALA C 140 -34.64 -17.68 -34.54
N LEU C 141 -33.90 -18.44 -33.75
CA LEU C 141 -32.45 -18.29 -33.64
C LEU C 141 -31.79 -19.11 -34.74
N PHE C 142 -30.93 -18.48 -35.51
CA PHE C 142 -30.12 -19.15 -36.53
C PHE C 142 -28.70 -19.22 -35.99
N ILE C 143 -28.36 -20.35 -35.40
CA ILE C 143 -27.07 -20.53 -34.73
C ILE C 143 -26.02 -20.93 -35.76
N LEU C 144 -24.90 -20.23 -35.75
CA LEU C 144 -23.79 -20.45 -36.67
C LEU C 144 -22.53 -20.70 -35.86
N PRO C 145 -21.57 -21.44 -36.42
CA PRO C 145 -20.34 -21.73 -35.66
C PRO C 145 -19.44 -20.52 -35.48
N PHE C 146 -19.12 -19.83 -36.57
CA PHE C 146 -18.15 -18.75 -36.58
C PHE C 146 -18.84 -17.40 -36.78
N VAL C 147 -18.11 -16.34 -36.43
CA VAL C 147 -18.64 -14.99 -36.52
C VAL C 147 -18.69 -14.49 -37.97
N SER C 148 -17.74 -14.90 -38.81
CA SER C 148 -17.77 -14.48 -40.21
C SER C 148 -18.98 -15.05 -40.92
N VAL C 149 -19.20 -16.36 -40.77
CA VAL C 149 -20.37 -16.99 -41.39
C VAL C 149 -21.65 -16.45 -40.77
N ALA C 150 -21.63 -16.15 -39.47
CA ALA C 150 -22.82 -15.55 -38.84
C ALA C 150 -23.13 -14.18 -39.46
N LYS C 151 -22.11 -13.35 -39.65
CA LYS C 151 -22.32 -12.06 -40.33
C LYS C 151 -22.89 -12.27 -41.72
N GLU C 152 -22.28 -13.17 -42.50
CA GLU C 152 -22.72 -13.38 -43.87
C GLU C 152 -24.17 -13.86 -43.90
N LYS C 153 -24.53 -14.79 -43.03
CA LYS C 153 -25.89 -15.30 -43.00
C LYS C 153 -26.87 -14.23 -42.53
N LYS C 154 -26.45 -13.38 -41.58
CA LYS C 154 -27.30 -12.29 -41.15
C LYS C 154 -27.60 -11.34 -42.30
N TYR C 155 -26.58 -11.01 -43.09
CA TYR C 155 -26.80 -10.16 -44.26
C TYR C 155 -27.71 -10.85 -45.28
N TYR C 156 -27.49 -12.15 -45.50
CA TYR C 156 -28.33 -12.89 -46.44
C TYR C 156 -29.79 -12.85 -46.01
N LEU C 157 -30.06 -13.16 -44.74
CA LEU C 157 -31.43 -13.15 -44.25
C LEU C 157 -32.02 -11.75 -44.25
N GLN C 158 -31.20 -10.74 -43.96
CA GLN C 158 -31.69 -9.36 -44.05
C GLN C 158 -32.15 -9.06 -45.47
N SER C 159 -31.32 -9.38 -46.46
CA SER C 159 -31.70 -9.11 -47.84
C SER C 159 -32.96 -9.89 -48.23
N LEU C 160 -33.06 -11.15 -47.81
CA LEU C 160 -34.16 -11.99 -48.24
C LEU C 160 -35.45 -11.78 -47.46
N PHE C 161 -35.42 -11.11 -46.31
CA PHE C 161 -36.62 -10.93 -45.50
C PHE C 161 -36.88 -9.48 -45.13
N GLN C 162 -36.16 -8.53 -45.75
CA GLN C 162 -36.48 -7.12 -45.51
C GLN C 162 -37.85 -6.75 -46.08
N GLU C 163 -38.24 -7.34 -47.21
CA GLU C 163 -39.46 -6.96 -47.90
C GLU C 163 -40.71 -7.59 -47.29
N VAL C 164 -40.61 -8.19 -46.10
CA VAL C 164 -41.76 -8.84 -45.48
C VAL C 164 -41.93 -8.34 -44.05
N GLY C 165 -41.23 -7.26 -43.71
CA GLY C 165 -41.33 -6.72 -42.36
C GLY C 165 -40.85 -7.68 -41.29
N ILE C 166 -39.72 -8.34 -41.52
CA ILE C 166 -39.13 -9.28 -40.58
C ILE C 166 -37.77 -8.73 -40.17
N LYS C 167 -37.65 -8.35 -38.90
CA LYS C 167 -36.37 -7.87 -38.39
C LYS C 167 -35.39 -9.01 -38.26
N VAL C 168 -34.14 -8.75 -38.65
CA VAL C 168 -33.08 -9.77 -38.65
C VAL C 168 -31.81 -9.12 -38.13
N ASP C 169 -31.42 -9.46 -36.90
CA ASP C 169 -30.21 -8.93 -36.29
C ASP C 169 -29.76 -9.92 -35.24
N GLY C 170 -28.55 -10.46 -35.39
CA GLY C 170 -28.05 -11.51 -34.53
C GLY C 170 -27.05 -11.01 -33.51
N TYR C 171 -26.66 -11.94 -32.63
CA TYR C 171 -25.69 -11.69 -31.56
C TYR C 171 -24.47 -12.54 -31.87
N MET C 172 -23.46 -11.95 -32.50
CA MET C 172 -22.27 -12.70 -32.89
C MET C 172 -21.04 -11.88 -32.57
N GLY C 173 -19.98 -12.54 -32.11
CA GLY C 173 -18.78 -11.85 -31.73
C GLY C 173 -19.04 -10.93 -30.55
N SER C 174 -18.34 -9.79 -30.55
CA SER C 174 -18.57 -8.78 -29.53
C SER C 174 -19.77 -7.90 -29.84
N THR C 175 -20.27 -7.95 -31.07
CA THR C 175 -21.32 -7.03 -31.49
C THR C 175 -22.66 -7.46 -30.91
N SER C 176 -23.69 -6.69 -31.25
CA SER C 176 -25.04 -6.95 -30.78
C SER C 176 -25.97 -5.95 -31.44
N PRO C 177 -27.25 -6.27 -31.58
CA PRO C 177 -28.19 -5.35 -32.21
C PRO C 177 -28.43 -4.12 -31.34
N SER C 178 -28.74 -3.01 -32.02
CA SER C 178 -29.04 -1.74 -31.37
C SER C 178 -30.51 -1.64 -30.95
N ARG C 179 -31.21 -2.76 -30.89
CA ARG C 179 -32.61 -2.78 -30.50
C ARG C 179 -32.85 -4.01 -29.62
N HIS C 180 -33.90 -3.93 -28.81
CA HIS C 180 -34.17 -4.99 -27.86
C HIS C 180 -34.42 -6.31 -28.58
N PHE C 181 -34.35 -7.39 -27.81
CA PHE C 181 -34.65 -8.72 -28.34
C PHE C 181 -36.13 -8.88 -28.66
N SER C 182 -37.00 -8.11 -28.02
CA SER C 182 -38.43 -8.22 -28.29
C SER C 182 -38.74 -7.84 -29.74
N SER C 183 -38.19 -6.73 -30.22
CA SER C 183 -38.48 -6.28 -31.57
C SER C 183 -37.94 -7.22 -32.63
N LEU C 184 -36.97 -8.06 -32.29
CA LEU C 184 -36.35 -8.94 -33.26
C LEU C 184 -37.29 -10.06 -33.67
N ASP C 185 -37.04 -10.62 -34.83
CA ASP C 185 -37.76 -11.80 -35.33
C ASP C 185 -36.83 -12.97 -35.60
N ILE C 186 -35.67 -12.73 -36.20
CA ILE C 186 -34.66 -13.76 -36.42
C ILE C 186 -33.35 -13.22 -35.85
N ALA C 187 -32.75 -13.99 -34.95
CA ALA C 187 -31.47 -13.64 -34.34
C ALA C 187 -30.41 -14.61 -34.85
N VAL C 188 -29.54 -14.13 -35.73
CA VAL C 188 -28.49 -14.99 -36.32
C VAL C 188 -27.30 -14.90 -35.37
N CYS C 189 -27.34 -15.72 -34.32
CA CYS C 189 -26.35 -15.69 -33.27
C CYS C 189 -25.31 -16.79 -33.47
N THR C 190 -24.19 -16.65 -32.77
CA THR C 190 -23.19 -17.70 -32.71
C THR C 190 -23.47 -18.62 -31.52
N ILE C 191 -22.82 -19.79 -31.53
CA ILE C 191 -23.18 -20.83 -30.57
C ILE C 191 -23.10 -20.30 -29.14
N GLU C 192 -21.99 -19.64 -28.80
CA GLU C 192 -21.79 -19.21 -27.42
C GLU C 192 -22.80 -18.15 -27.00
N ARG C 193 -23.21 -17.27 -27.92
CA ARG C 193 -24.14 -16.21 -27.57
C ARG C 193 -25.58 -16.67 -27.61
N ALA C 194 -25.89 -17.69 -28.42
CA ALA C 194 -27.21 -18.30 -28.36
C ALA C 194 -27.46 -18.93 -27.00
N ASN C 195 -26.46 -19.55 -26.41
CA ASN C 195 -26.60 -20.10 -25.07
C ASN C 195 -26.95 -19.00 -24.08
N GLY C 196 -26.30 -17.85 -24.17
CA GLY C 196 -26.63 -16.75 -23.28
C GLY C 196 -28.03 -16.21 -23.52
N LEU C 197 -28.45 -16.15 -24.78
CA LEU C 197 -29.82 -15.75 -25.08
C LEU C 197 -30.82 -16.69 -24.42
N ILE C 198 -30.57 -18.00 -24.53
CA ILE C 198 -31.48 -18.96 -23.93
C ILE C 198 -31.47 -18.85 -22.41
N ASN C 199 -30.30 -18.64 -21.82
CA ASN C 199 -30.24 -18.46 -20.36
C ASN C 199 -31.04 -17.24 -19.93
N ARG C 200 -30.91 -16.13 -20.66
CA ARG C 200 -31.66 -14.93 -20.32
C ARG C 200 -33.16 -15.17 -20.45
N LEU C 201 -33.58 -15.87 -21.51
CA LEU C 201 -35.00 -16.19 -21.65
C LEU C 201 -35.48 -17.04 -20.48
N ILE C 202 -34.72 -18.05 -20.10
CA ILE C 202 -35.12 -18.93 -19.01
C ILE C 202 -35.23 -18.15 -17.71
N GLU C 203 -34.24 -17.29 -17.43
CA GLU C 203 -34.27 -16.53 -16.19
C GLU C 203 -35.40 -15.51 -16.18
N GLU C 204 -35.77 -14.99 -17.36
CA GLU C 204 -36.90 -14.07 -17.45
C GLU C 204 -38.23 -14.80 -17.64
N ASN C 205 -38.21 -16.14 -17.72
CA ASN C 205 -39.42 -16.93 -17.84
C ASN C 205 -40.25 -16.51 -19.05
N LYS C 206 -39.54 -16.28 -20.16
CA LYS C 206 -40.16 -15.89 -21.42
C LYS C 206 -39.74 -16.86 -22.52
N MET C 207 -39.64 -18.15 -22.18
CA MET C 207 -39.20 -19.14 -23.16
C MET C 207 -40.20 -19.33 -24.28
N ASP C 208 -41.48 -19.11 -24.02
CA ASP C 208 -42.50 -19.30 -25.06
C ASP C 208 -42.35 -18.31 -26.21
N LEU C 209 -41.56 -17.25 -26.05
CA LEU C 209 -41.38 -16.29 -27.13
C LEU C 209 -40.72 -16.91 -28.34
N LEU C 210 -39.98 -18.00 -28.17
CA LEU C 210 -39.26 -18.62 -29.27
C LEU C 210 -40.16 -19.55 -30.06
N GLY C 211 -40.01 -19.53 -31.38
CA GLY C 211 -40.78 -20.38 -32.26
C GLY C 211 -39.95 -21.54 -32.79
N MET C 212 -38.67 -21.31 -33.03
CA MET C 212 -37.79 -22.37 -33.50
C MET C 212 -36.35 -21.96 -33.22
N VAL C 213 -35.45 -22.93 -33.36
CA VAL C 213 -34.01 -22.70 -33.22
C VAL C 213 -33.28 -23.50 -34.28
N VAL C 214 -32.84 -22.84 -35.34
CA VAL C 214 -32.10 -23.51 -36.39
C VAL C 214 -30.63 -23.55 -36.01
N VAL C 215 -29.98 -24.67 -36.28
CA VAL C 215 -28.55 -24.87 -36.02
C VAL C 215 -27.87 -25.28 -37.31
N ASP C 216 -26.76 -24.63 -37.63
CA ASP C 216 -26.03 -24.89 -38.86
C ASP C 216 -24.71 -25.58 -38.53
N GLU C 217 -24.32 -26.52 -39.39
CA GLU C 217 -23.08 -27.27 -39.22
C GLU C 217 -23.05 -27.96 -37.86
N LEU C 218 -23.99 -28.90 -37.70
CA LEU C 218 -24.20 -29.60 -36.44
C LEU C 218 -23.07 -30.55 -36.08
N HIS C 219 -22.22 -30.93 -37.03
CA HIS C 219 -21.10 -31.81 -36.71
C HIS C 219 -20.16 -31.18 -35.69
N MET C 220 -20.23 -29.86 -35.53
CA MET C 220 -19.45 -29.18 -34.50
C MET C 220 -19.89 -29.55 -33.10
N LEU C 221 -21.04 -30.23 -32.96
CA LEU C 221 -21.50 -30.67 -31.65
C LEU C 221 -20.49 -31.58 -30.97
N GLY C 222 -19.67 -32.29 -31.73
CA GLY C 222 -18.74 -33.25 -31.17
C GLY C 222 -17.49 -32.63 -30.61
N ASP C 223 -16.34 -33.21 -30.93
CA ASP C 223 -15.07 -32.73 -30.40
C ASP C 223 -14.80 -31.31 -30.89
N SER C 224 -14.93 -30.34 -30.00
CA SER C 224 -14.75 -28.94 -30.37
C SER C 224 -14.64 -28.10 -29.10
N HIS C 225 -14.13 -26.88 -29.27
CA HIS C 225 -14.03 -25.93 -28.17
C HIS C 225 -15.37 -25.30 -27.81
N ARG C 226 -16.39 -25.45 -28.67
CA ARG C 226 -17.69 -24.86 -28.43
C ARG C 226 -18.83 -25.86 -28.58
N GLY C 227 -18.55 -27.10 -28.99
CA GLY C 227 -19.62 -28.07 -29.19
C GLY C 227 -20.45 -28.31 -27.95
N TYR C 228 -19.82 -28.31 -26.78
CA TYR C 228 -20.57 -28.55 -25.56
C TYR C 228 -21.60 -27.45 -25.32
N LEU C 229 -21.27 -26.20 -25.71
CA LEU C 229 -22.25 -25.13 -25.59
C LEU C 229 -23.47 -25.42 -26.44
N LEU C 230 -23.26 -25.89 -27.68
CA LEU C 230 -24.37 -26.28 -28.52
C LEU C 230 -25.16 -27.43 -27.91
N GLU C 231 -24.46 -28.40 -27.31
CA GLU C 231 -25.14 -29.52 -26.66
C GLU C 231 -26.06 -29.03 -25.55
N LEU C 232 -25.53 -28.19 -24.65
CA LEU C 232 -26.36 -27.69 -23.55
C LEU C 232 -27.49 -26.82 -24.08
N LEU C 233 -27.22 -26.00 -25.09
CA LEU C 233 -28.24 -25.13 -25.65
C LEU C 233 -29.39 -25.95 -26.21
N LEU C 234 -29.09 -27.04 -26.92
CA LEU C 234 -30.15 -27.89 -27.43
C LEU C 234 -30.84 -28.66 -26.31
N THR C 235 -30.09 -29.09 -25.29
CA THR C 235 -30.67 -29.84 -24.19
C THR C 235 -31.70 -29.00 -23.44
N LYS C 236 -31.42 -27.71 -23.22
CA LYS C 236 -32.38 -26.88 -22.51
C LYS C 236 -33.71 -26.82 -23.24
N ILE C 237 -33.68 -26.69 -24.57
CA ILE C 237 -34.92 -26.58 -25.33
C ILE C 237 -35.75 -27.85 -25.18
N CYS C 238 -35.12 -29.01 -25.36
CA CYS C 238 -35.87 -30.27 -25.24
C CYS C 238 -36.40 -30.44 -23.82
N TYR C 239 -35.60 -30.12 -22.81
CA TYR C 239 -36.06 -30.26 -21.44
C TYR C 239 -37.28 -29.38 -21.20
N ILE C 240 -37.18 -28.10 -21.54
CA ILE C 240 -38.27 -27.18 -21.28
C ILE C 240 -39.51 -27.58 -22.05
N THR C 241 -39.36 -28.00 -23.31
CA THR C 241 -40.52 -28.43 -24.08
C THR C 241 -41.19 -29.65 -23.46
N ARG C 242 -40.41 -30.62 -23.01
CA ARG C 242 -41.01 -31.83 -22.47
C ARG C 242 -41.66 -31.59 -21.11
N LYS C 243 -41.08 -30.71 -20.28
CA LYS C 243 -41.75 -30.36 -19.03
C LYS C 243 -43.00 -29.55 -19.29
N SER C 244 -42.98 -28.66 -20.28
CA SER C 244 -44.09 -27.77 -20.56
C SER C 244 -44.35 -27.79 -22.07
N ALA C 245 -45.40 -28.51 -22.47
CA ALA C 245 -45.77 -28.60 -23.87
C ALA C 245 -46.63 -27.41 -24.28
N SER C 256 -43.28 -31.26 -27.51
CA SER C 256 -44.22 -31.59 -28.57
C SER C 256 -44.16 -30.55 -29.69
N ASN C 257 -44.99 -29.51 -29.58
CA ASN C 257 -45.02 -28.44 -30.57
C ASN C 257 -44.94 -27.11 -29.81
N ALA C 258 -43.72 -26.72 -29.45
CA ALA C 258 -43.49 -25.40 -28.89
C ALA C 258 -42.31 -24.71 -29.56
N VAL C 259 -41.25 -25.46 -29.84
CA VAL C 259 -40.02 -24.91 -30.38
C VAL C 259 -39.43 -25.91 -31.37
N GLN C 260 -39.52 -25.61 -32.66
CA GLN C 260 -38.94 -26.49 -33.67
C GLN C 260 -37.42 -26.33 -33.69
N ILE C 261 -36.74 -27.42 -34.04
CA ILE C 261 -35.28 -27.45 -34.13
C ILE C 261 -34.90 -28.01 -35.49
N VAL C 262 -33.87 -27.43 -36.09
CA VAL C 262 -33.38 -27.86 -37.39
C VAL C 262 -31.86 -27.94 -37.33
N GLY C 263 -31.30 -28.86 -38.10
CA GLY C 263 -29.86 -29.07 -38.09
C GLY C 263 -29.32 -29.33 -39.47
N MET C 264 -28.02 -29.11 -39.64
CA MET C 264 -27.34 -29.37 -40.90
C MET C 264 -25.98 -29.98 -40.61
N SER C 265 -25.45 -30.71 -41.57
CA SER C 265 -24.09 -31.25 -41.48
C SER C 265 -23.79 -32.02 -42.76
N ALA C 266 -22.55 -32.46 -42.87
CA ALA C 266 -22.15 -33.38 -43.93
C ALA C 266 -22.65 -34.79 -43.57
N THR C 267 -22.07 -35.81 -44.20
CA THR C 267 -22.51 -37.17 -43.94
C THR C 267 -22.07 -37.64 -42.56
N LEU C 268 -22.93 -37.47 -41.56
CA LEU C 268 -22.61 -37.88 -40.20
C LEU C 268 -22.89 -39.37 -40.02
N PRO C 269 -21.92 -40.15 -39.53
CA PRO C 269 -22.21 -41.57 -39.26
C PRO C 269 -23.35 -41.77 -38.27
N ASN C 270 -23.58 -40.82 -37.37
CA ASN C 270 -24.58 -40.94 -36.32
C ASN C 270 -25.67 -39.90 -36.46
N LEU C 271 -26.03 -39.57 -37.71
CA LEU C 271 -27.12 -38.61 -37.92
C LEU C 271 -28.42 -39.11 -37.33
N GLU C 272 -28.74 -40.39 -37.55
CA GLU C 272 -29.94 -40.97 -36.95
C GLU C 272 -29.88 -40.88 -35.43
N LEU C 273 -28.70 -41.09 -34.86
CA LEU C 273 -28.56 -40.98 -33.41
C LEU C 273 -28.88 -39.57 -32.93
N VAL C 274 -28.39 -38.55 -33.64
CA VAL C 274 -28.66 -37.17 -33.26
C VAL C 274 -30.14 -36.87 -33.39
N ALA C 275 -30.78 -37.33 -34.47
CA ALA C 275 -32.21 -37.13 -34.61
C ALA C 275 -32.98 -37.79 -33.47
N SER C 276 -32.59 -39.01 -33.11
CA SER C 276 -33.25 -39.70 -32.00
C SER C 276 -33.08 -38.91 -30.71
N TRP C 277 -31.89 -38.36 -30.47
CA TRP C 277 -31.68 -37.52 -29.29
C TRP C 277 -32.61 -36.32 -29.32
N LEU C 278 -32.76 -35.68 -30.47
CA LEU C 278 -33.58 -34.48 -30.58
C LEU C 278 -35.06 -34.78 -30.80
N ASN C 279 -35.43 -36.04 -31.02
CA ASN C 279 -36.80 -36.41 -31.35
C ASN C 279 -37.26 -35.67 -32.60
N ALA C 280 -36.53 -35.90 -33.68
CA ALA C 280 -36.76 -35.21 -34.94
C ALA C 280 -36.65 -36.20 -36.09
N GLU C 281 -37.12 -35.79 -37.25
CA GLU C 281 -37.07 -36.63 -38.44
C GLU C 281 -35.64 -36.73 -38.95
N LEU C 282 -35.46 -37.41 -40.08
CA LEU C 282 -34.14 -37.66 -40.64
C LEU C 282 -34.20 -37.51 -42.15
N TYR C 283 -33.17 -36.90 -42.71
CA TYR C 283 -33.01 -36.80 -44.16
C TYR C 283 -31.53 -36.69 -44.45
N HIS C 284 -30.99 -37.68 -45.15
CA HIS C 284 -29.57 -37.71 -45.50
C HIS C 284 -29.44 -38.10 -46.97
N THR C 285 -28.75 -37.27 -47.74
CA THR C 285 -28.56 -37.53 -49.15
C THR C 285 -27.23 -36.95 -49.59
N ASP C 286 -26.54 -37.68 -50.48
CA ASP C 286 -25.26 -37.26 -51.03
C ASP C 286 -25.48 -36.93 -52.50
N PHE C 287 -25.85 -35.68 -52.75
CA PHE C 287 -26.13 -35.21 -54.11
C PHE C 287 -25.63 -33.77 -54.26
N ARG C 288 -24.97 -33.51 -55.38
CA ARG C 288 -24.47 -32.17 -55.68
C ARG C 288 -24.59 -31.93 -57.18
N PRO C 289 -24.85 -30.69 -57.60
CA PRO C 289 -25.03 -30.43 -59.02
C PRO C 289 -23.72 -30.52 -59.79
N VAL C 290 -22.62 -30.20 -59.13
CA VAL C 290 -21.29 -30.30 -59.72
C VAL C 290 -20.60 -31.52 -59.13
N PRO C 291 -20.75 -32.71 -59.72
CA PRO C 291 -20.14 -33.91 -59.15
C PRO C 291 -18.63 -33.78 -59.05
N LEU C 292 -18.07 -34.20 -57.93
CA LEU C 292 -16.64 -34.15 -57.72
C LEU C 292 -15.97 -35.41 -58.26
N LEU C 293 -14.82 -35.24 -58.89
CA LEU C 293 -14.05 -36.35 -59.44
C LEU C 293 -12.64 -36.29 -58.89
N GLU C 294 -12.10 -37.46 -58.54
CA GLU C 294 -10.74 -37.54 -58.00
C GLU C 294 -10.24 -38.96 -58.17
N SER C 295 -9.14 -39.12 -58.91
CA SER C 295 -8.56 -40.43 -59.17
C SER C 295 -7.11 -40.23 -59.60
N VAL C 296 -6.37 -41.33 -59.65
CA VAL C 296 -4.96 -41.34 -60.05
C VAL C 296 -4.88 -41.92 -61.45
N LYS C 297 -4.35 -41.14 -62.38
CA LYS C 297 -4.25 -41.55 -63.78
C LYS C 297 -2.84 -42.07 -64.08
N VAL C 298 -2.77 -43.01 -65.00
CA VAL C 298 -1.50 -43.62 -65.37
C VAL C 298 -1.51 -44.01 -66.85
N ASP C 324 7.11 -30.48 -57.11
CA ASP C 324 5.71 -30.14 -56.90
C ASP C 324 4.91 -30.34 -58.19
N HIS C 325 5.53 -30.00 -59.31
CA HIS C 325 4.89 -30.13 -60.63
C HIS C 325 3.55 -29.40 -60.66
N VAL C 326 3.57 -28.13 -60.27
CA VAL C 326 2.36 -27.31 -60.29
C VAL C 326 2.36 -26.31 -61.44
N VAL C 327 3.48 -26.12 -62.12
CA VAL C 327 3.57 -25.10 -63.16
C VAL C 327 2.60 -25.41 -64.31
N SER C 328 2.79 -26.56 -64.95
CA SER C 328 1.90 -26.95 -66.04
C SER C 328 0.47 -27.16 -65.55
N LEU C 329 0.33 -27.75 -64.35
CA LEU C 329 -1.01 -27.97 -63.81
C LEU C 329 -1.78 -26.66 -63.70
N CYS C 330 -1.13 -25.60 -63.22
CA CYS C 330 -1.79 -24.31 -63.11
C CYS C 330 -1.96 -23.63 -64.46
N TYR C 331 -0.99 -23.80 -65.37
CA TYR C 331 -1.11 -23.18 -66.68
C TYR C 331 -2.30 -23.73 -67.46
N GLU C 332 -2.45 -25.04 -67.50
CA GLU C 332 -3.60 -25.63 -68.20
C GLU C 332 -4.92 -25.28 -67.53
N THR C 333 -4.93 -25.12 -66.21
CA THR C 333 -6.16 -24.75 -65.52
C THR C 333 -6.53 -23.30 -65.76
N ILE C 334 -5.55 -22.40 -65.73
CA ILE C 334 -5.81 -20.98 -65.97
C ILE C 334 -6.20 -20.76 -67.43
N CYS C 335 -5.59 -21.49 -68.36
CA CYS C 335 -5.95 -21.34 -69.77
C CYS C 335 -7.42 -21.67 -70.00
N ASP C 336 -8.02 -22.48 -69.13
CA ASP C 336 -9.42 -22.87 -69.27
C ASP C 336 -10.37 -21.83 -68.68
N ASN C 337 -9.85 -20.73 -68.12
CA ASN C 337 -10.68 -19.66 -67.57
C ASN C 337 -11.41 -20.14 -66.31
N HIS C 338 -10.69 -20.89 -65.48
CA HIS C 338 -11.23 -21.40 -64.23
C HIS C 338 -10.27 -21.10 -63.09
N SER C 339 -10.83 -20.92 -61.91
CA SER C 339 -10.05 -20.57 -60.72
C SER C 339 -9.40 -21.82 -60.11
N VAL C 340 -8.54 -21.58 -59.13
CA VAL C 340 -7.90 -22.65 -58.37
C VAL C 340 -7.80 -22.23 -56.91
N LEU C 341 -8.10 -23.16 -56.02
CA LEU C 341 -8.09 -22.91 -54.58
C LEU C 341 -7.08 -23.86 -53.95
N LEU C 342 -5.90 -23.35 -53.65
CA LEU C 342 -4.86 -24.14 -53.01
C LEU C 342 -4.96 -23.99 -51.50
N PHE C 343 -4.70 -25.07 -50.78
CA PHE C 343 -4.72 -25.09 -49.33
C PHE C 343 -3.33 -25.43 -48.81
N CYS C 344 -2.91 -24.70 -47.79
CA CYS C 344 -1.57 -24.84 -47.25
C CYS C 344 -1.59 -24.69 -45.73
N PRO C 345 -0.94 -25.59 -44.97
CA PRO C 345 -1.02 -25.50 -43.51
C PRO C 345 -0.29 -24.29 -42.96
N SER C 346 0.93 -24.08 -43.46
CA SER C 346 1.78 -23.01 -42.95
C SER C 346 1.39 -21.66 -43.55
N LYS C 347 1.73 -20.60 -42.83
CA LYS C 347 1.43 -19.23 -43.23
C LYS C 347 2.55 -18.62 -44.07
N LYS C 348 3.78 -18.61 -43.55
CA LYS C 348 4.89 -18.03 -44.29
C LYS C 348 5.13 -18.80 -45.58
N TRP C 349 5.10 -20.13 -45.52
CA TRP C 349 5.32 -20.91 -46.74
C TRP C 349 4.13 -20.79 -47.69
N CYS C 350 2.91 -20.60 -47.16
CA CYS C 350 1.79 -20.33 -48.03
C CYS C 350 1.99 -19.02 -48.79
N GLU C 351 2.43 -17.98 -48.10
CA GLU C 351 2.71 -16.71 -48.76
C GLU C 351 3.81 -16.87 -49.80
N LYS C 352 4.88 -17.60 -49.45
CA LYS C 352 5.98 -17.78 -50.40
C LYS C 352 5.55 -18.58 -51.61
N LEU C 353 4.70 -19.59 -51.42
CA LEU C 353 4.26 -20.41 -52.53
C LEU C 353 3.23 -19.70 -53.39
N ALA C 354 2.54 -18.70 -52.84
CA ALA C 354 1.77 -17.80 -53.70
C ALA C 354 2.69 -16.83 -54.45
N ASP C 355 3.75 -16.37 -53.79
CA ASP C 355 4.67 -15.44 -54.42
C ASP C 355 5.37 -16.08 -55.62
N ILE C 356 5.77 -17.34 -55.49
CA ILE C 356 6.50 -17.96 -56.61
C ILE C 356 5.57 -18.16 -57.81
N ILE C 357 4.30 -18.54 -57.58
CA ILE C 357 3.39 -18.70 -58.71
C ILE C 357 3.11 -17.35 -59.36
N ALA C 358 2.98 -16.29 -58.55
CA ALA C 358 2.80 -14.96 -59.11
C ALA C 358 4.02 -14.57 -59.96
N ARG C 359 5.22 -14.86 -59.47
CA ARG C 359 6.43 -14.56 -60.23
C ARG C 359 6.46 -15.35 -61.53
N GLU C 360 6.03 -16.62 -61.49
CA GLU C 360 6.00 -17.43 -62.71
C GLU C 360 5.05 -16.83 -63.73
N PHE C 361 3.85 -16.43 -63.29
CA PHE C 361 2.92 -15.79 -64.21
C PHE C 361 3.47 -14.47 -64.75
N TYR C 362 4.15 -13.70 -63.91
CA TYR C 362 4.76 -12.45 -64.37
C TYR C 362 5.83 -12.72 -65.44
N ASN C 363 6.64 -13.76 -65.24
CA ASN C 363 7.73 -14.05 -66.17
C ASN C 363 7.21 -14.62 -67.48
N LEU C 364 6.55 -15.77 -67.42
CA LEU C 364 6.14 -16.45 -68.65
C LEU C 364 4.93 -15.76 -69.29
N HIS C 365 3.82 -15.71 -68.58
CA HIS C 365 2.61 -15.10 -69.11
C HIS C 365 2.74 -13.58 -69.09
N GLU C 383 -10.57 -8.62 -64.92
CA GLU C 383 -10.27 -7.47 -65.75
C GLU C 383 -9.36 -6.49 -65.02
N GLN C 384 -8.52 -5.79 -65.79
CA GLN C 384 -7.52 -4.92 -65.20
C GLN C 384 -8.13 -3.76 -64.45
N LYS C 385 -9.22 -3.18 -64.97
CA LYS C 385 -9.87 -2.08 -64.27
C LYS C 385 -10.41 -2.53 -62.91
N GLU C 386 -11.08 -3.68 -62.88
CA GLU C 386 -11.61 -4.19 -61.61
C GLU C 386 -10.49 -4.61 -60.67
N LEU C 387 -9.40 -5.18 -61.19
CA LEU C 387 -8.27 -5.52 -60.35
C LEU C 387 -7.63 -4.27 -59.76
N LEU C 388 -7.55 -3.18 -60.53
CA LEU C 388 -7.08 -1.92 -59.98
C LEU C 388 -8.04 -1.38 -58.94
N GLU C 389 -9.34 -1.59 -59.12
CA GLU C 389 -10.30 -1.21 -58.08
C GLU C 389 -10.03 -1.97 -56.80
N VAL C 390 -9.73 -3.27 -56.91
CA VAL C 390 -9.38 -4.06 -55.73
C VAL C 390 -8.09 -3.54 -55.11
N MET C 391 -7.12 -3.17 -55.94
CA MET C 391 -5.92 -2.51 -55.44
C MET C 391 -6.27 -1.31 -54.59
N ASP C 392 -7.08 -0.40 -55.13
CA ASP C 392 -7.40 0.82 -54.39
C ASP C 392 -8.17 0.50 -53.12
N GLN C 393 -9.05 -0.49 -53.16
CA GLN C 393 -9.78 -0.90 -51.96
C GLN C 393 -8.83 -1.41 -50.89
N LEU C 394 -7.80 -2.17 -51.30
CA LEU C 394 -6.82 -2.67 -50.34
C LEU C 394 -5.92 -1.55 -49.83
N ARG C 395 -5.66 -0.53 -50.65
CA ARG C 395 -4.71 0.50 -50.25
C ARG C 395 -5.21 1.28 -49.05
N ARG C 396 -6.46 1.74 -49.07
CA ARG C 396 -6.98 2.59 -48.02
C ARG C 396 -7.60 1.71 -46.93
N LEU C 397 -6.74 1.11 -46.12
CA LEU C 397 -7.17 0.32 -44.99
C LEU C 397 -6.35 0.75 -43.78
N PRO C 398 -6.85 0.53 -42.57
CA PRO C 398 -6.05 0.89 -41.39
C PRO C 398 -4.68 0.23 -41.40
N SER C 399 -4.58 -0.99 -41.91
CA SER C 399 -3.30 -1.67 -42.01
C SER C 399 -2.62 -1.44 -43.36
N GLY C 400 -3.37 -1.03 -44.37
CA GLY C 400 -2.79 -0.74 -45.67
C GLY C 400 -2.55 -1.99 -46.49
N LEU C 401 -1.95 -1.77 -47.66
CA LEU C 401 -1.65 -2.86 -48.58
C LEU C 401 -0.31 -3.49 -48.21
N ASP C 402 -0.27 -4.82 -48.18
CA ASP C 402 0.95 -5.53 -47.85
C ASP C 402 1.93 -5.49 -49.02
N SER C 403 3.22 -5.56 -48.69
CA SER C 403 4.25 -5.52 -49.72
C SER C 403 4.14 -6.72 -50.66
N VAL C 404 4.03 -7.93 -50.10
CA VAL C 404 3.95 -9.12 -50.92
C VAL C 404 2.62 -9.17 -51.68
N LEU C 405 1.53 -8.81 -51.01
CA LEU C 405 0.22 -8.82 -51.66
C LEU C 405 0.18 -7.86 -52.83
N GLN C 406 0.84 -6.70 -52.71
CA GLN C 406 0.84 -5.72 -53.79
C GLN C 406 1.37 -6.34 -55.08
N LYS C 407 2.50 -7.03 -55.02
CA LYS C 407 3.08 -7.62 -56.22
C LYS C 407 2.40 -8.92 -56.62
N THR C 408 1.77 -9.61 -55.69
CA THR C 408 1.13 -10.89 -56.00
C THR C 408 -0.24 -10.74 -56.65
N VAL C 409 -1.03 -9.75 -56.23
CA VAL C 409 -2.41 -9.67 -56.69
C VAL C 409 -2.52 -9.49 -58.21
N PRO C 410 -1.75 -8.60 -58.84
CA PRO C 410 -1.98 -8.28 -60.26
C PRO C 410 -1.87 -9.46 -61.21
N TRP C 411 -1.52 -10.66 -60.75
CA TRP C 411 -1.39 -11.82 -61.62
C TRP C 411 -2.39 -12.91 -61.25
N GLY C 412 -3.58 -12.51 -60.78
CA GLY C 412 -4.61 -13.47 -60.44
C GLY C 412 -4.23 -14.42 -59.33
N VAL C 413 -3.43 -13.96 -58.36
CA VAL C 413 -3.01 -14.77 -57.23
C VAL C 413 -3.22 -13.97 -55.96
N ALA C 414 -3.79 -14.62 -54.95
CA ALA C 414 -3.95 -14.02 -53.63
C ALA C 414 -3.72 -15.10 -52.59
N PHE C 415 -3.59 -14.67 -51.34
CA PHE C 415 -3.45 -15.60 -50.23
C PHE C 415 -4.41 -15.18 -49.12
N HIS C 416 -4.79 -16.16 -48.31
CA HIS C 416 -5.80 -15.98 -47.27
C HIS C 416 -5.41 -16.76 -46.04
N HIS C 417 -5.17 -16.05 -44.94
CA HIS C 417 -4.81 -16.69 -43.69
C HIS C 417 -5.21 -15.76 -42.55
N ALA C 418 -5.23 -16.31 -41.34
CA ALA C 418 -5.61 -15.55 -40.17
C ALA C 418 -4.68 -14.38 -39.91
N GLY C 419 -3.49 -14.38 -40.51
CA GLY C 419 -2.57 -13.27 -40.33
C GLY C 419 -3.12 -11.95 -40.84
N LEU C 420 -3.88 -11.99 -41.93
CA LEU C 420 -4.49 -10.78 -42.46
C LEU C 420 -5.57 -10.27 -41.51
N THR C 421 -6.08 -9.08 -41.83
CA THR C 421 -7.22 -8.53 -41.10
C THR C 421 -8.51 -9.11 -41.65
N PHE C 422 -9.59 -8.92 -40.88
CA PHE C 422 -10.90 -9.34 -41.37
C PHE C 422 -11.26 -8.63 -42.67
N GLU C 423 -10.89 -7.36 -42.78
CA GLU C 423 -11.21 -6.58 -43.97
C GLU C 423 -10.43 -7.08 -45.18
N GLU C 424 -9.13 -7.36 -45.00
CA GLU C 424 -8.34 -7.90 -46.10
C GLU C 424 -8.86 -9.27 -46.52
N ARG C 425 -9.22 -10.12 -45.56
CA ARG C 425 -9.81 -11.40 -45.89
C ARG C 425 -11.10 -11.22 -46.68
N ASP C 426 -11.94 -10.29 -46.25
CA ASP C 426 -13.19 -10.05 -46.97
C ASP C 426 -12.93 -9.56 -48.39
N ILE C 427 -11.95 -8.68 -48.55
CA ILE C 427 -11.60 -8.19 -49.90
C ILE C 427 -11.18 -9.35 -50.78
N ILE C 428 -10.28 -10.20 -50.27
CA ILE C 428 -9.77 -11.30 -51.08
C ILE C 428 -10.89 -12.29 -51.40
N GLU C 429 -11.74 -12.58 -50.42
CA GLU C 429 -12.85 -13.50 -50.67
C GLU C 429 -13.79 -12.97 -51.73
N GLY C 430 -14.12 -11.67 -51.66
CA GLY C 430 -14.96 -11.08 -52.69
C GLY C 430 -14.31 -11.11 -54.05
N ALA C 431 -13.01 -10.80 -54.12
CA ALA C 431 -12.31 -10.81 -55.39
C ALA C 431 -12.30 -12.19 -56.01
N PHE C 432 -12.05 -13.22 -55.20
CA PHE C 432 -12.04 -14.59 -55.72
C PHE C 432 -13.44 -15.03 -56.14
N ARG C 433 -14.46 -14.71 -55.33
CA ARG C 433 -15.82 -15.12 -55.66
C ARG C 433 -16.28 -14.48 -56.97
N GLN C 434 -15.98 -13.20 -57.16
CA GLN C 434 -16.32 -12.53 -58.41
C GLN C 434 -15.52 -13.06 -59.59
N GLY C 435 -14.47 -13.83 -59.34
CA GLY C 435 -13.59 -14.31 -60.39
C GLY C 435 -12.42 -13.40 -60.70
N LEU C 436 -12.32 -12.25 -60.02
CA LEU C 436 -11.18 -11.36 -60.27
C LEU C 436 -9.87 -12.05 -59.91
N ILE C 437 -9.86 -12.82 -58.84
CA ILE C 437 -8.69 -13.57 -58.42
C ILE C 437 -8.86 -15.01 -58.90
N ARG C 438 -7.87 -15.51 -59.64
CA ARG C 438 -7.96 -16.84 -60.24
C ARG C 438 -7.39 -17.91 -59.32
N VAL C 439 -6.28 -17.62 -58.65
CA VAL C 439 -5.63 -18.57 -57.75
C VAL C 439 -5.66 -17.99 -56.34
N LEU C 440 -6.07 -18.79 -55.37
CA LEU C 440 -6.13 -18.35 -53.98
C LEU C 440 -5.49 -19.41 -53.11
N ALA C 441 -4.40 -19.05 -52.45
CA ALA C 441 -3.74 -19.92 -51.48
C ALA C 441 -4.30 -19.61 -50.10
N ALA C 442 -5.29 -20.38 -49.68
CA ALA C 442 -5.91 -20.20 -48.38
C ALA C 442 -5.21 -21.12 -47.37
N THR C 443 -5.79 -21.24 -46.17
CA THR C 443 -5.27 -22.11 -45.14
C THR C 443 -6.44 -22.86 -44.52
N SER C 444 -6.17 -23.61 -43.45
CA SER C 444 -7.21 -24.38 -42.81
C SER C 444 -8.33 -23.50 -42.26
N THR C 445 -8.07 -22.20 -42.06
CA THR C 445 -9.10 -21.32 -41.55
C THR C 445 -10.27 -21.22 -42.52
N LEU C 446 -9.98 -21.06 -43.81
CA LEU C 446 -11.04 -20.92 -44.81
C LEU C 446 -11.84 -22.19 -45.03
N SER C 447 -11.34 -23.34 -44.57
CA SER C 447 -12.04 -24.59 -44.82
C SER C 447 -13.45 -24.56 -44.24
N SER C 448 -13.62 -24.01 -43.04
CA SER C 448 -14.92 -23.89 -42.40
C SER C 448 -15.43 -22.45 -42.44
N GLY C 449 -14.92 -21.66 -43.38
CA GLY C 449 -15.24 -20.26 -43.50
C GLY C 449 -16.44 -20.00 -44.39
N VAL C 450 -16.52 -18.77 -44.92
CA VAL C 450 -17.64 -18.38 -45.75
C VAL C 450 -17.71 -19.29 -46.98
N ASN C 451 -18.91 -19.41 -47.54
CA ASN C 451 -19.09 -20.16 -48.77
C ASN C 451 -18.32 -19.49 -49.90
N LEU C 452 -17.32 -20.19 -50.44
CA LEU C 452 -16.46 -19.65 -51.49
C LEU C 452 -16.10 -20.77 -52.45
N PRO C 453 -17.03 -21.16 -53.32
CA PRO C 453 -16.77 -22.28 -54.23
C PRO C 453 -15.69 -21.96 -55.25
N ALA C 454 -15.01 -23.01 -55.69
CA ALA C 454 -13.97 -22.91 -56.70
C ALA C 454 -14.11 -24.05 -57.69
N ARG C 455 -13.46 -23.92 -58.85
CA ARG C 455 -13.54 -24.96 -59.87
C ARG C 455 -12.64 -26.13 -59.52
N ARG C 456 -11.37 -25.86 -59.22
CA ARG C 456 -10.39 -26.89 -58.89
C ARG C 456 -9.81 -26.58 -57.52
N VAL C 457 -9.74 -27.60 -56.67
CA VAL C 457 -9.17 -27.49 -55.33
C VAL C 457 -7.87 -28.29 -55.32
N ILE C 458 -6.88 -27.77 -54.61
CA ILE C 458 -5.58 -28.44 -54.46
C ILE C 458 -5.16 -28.31 -53.01
N ILE C 459 -4.42 -29.31 -52.52
CA ILE C 459 -3.92 -29.32 -51.16
C ILE C 459 -2.41 -29.53 -51.18
N ARG C 460 -1.69 -28.70 -50.44
CA ARG C 460 -0.23 -28.75 -50.46
C ARG C 460 0.29 -30.10 -49.97
N THR C 461 -0.21 -30.57 -48.83
CA THR C 461 0.27 -31.81 -48.24
C THR C 461 -0.65 -32.20 -47.10
N PRO C 462 -0.89 -33.50 -46.89
CA PRO C 462 -1.73 -33.91 -45.75
C PRO C 462 -1.20 -33.42 -44.41
N ILE C 463 0.12 -33.32 -44.25
CA ILE C 463 0.69 -32.90 -42.97
C ILE C 463 0.19 -31.50 -42.64
N PHE C 464 -0.44 -31.36 -41.48
CA PHE C 464 -0.96 -30.07 -41.01
C PHE C 464 -0.56 -29.92 -39.55
N GLY C 465 0.40 -29.04 -39.29
CA GLY C 465 0.86 -28.84 -37.92
C GLY C 465 1.50 -30.07 -37.30
N GLY C 466 2.36 -30.75 -38.05
CA GLY C 466 3.00 -31.95 -37.53
C GLY C 466 2.05 -33.09 -37.26
N ARG C 467 1.08 -33.30 -38.14
CA ARG C 467 0.12 -34.39 -37.97
C ARG C 467 -0.69 -34.56 -39.25
N PRO C 468 -1.33 -35.71 -39.45
CA PRO C 468 -2.17 -35.88 -40.63
C PRO C 468 -3.36 -34.93 -40.61
N LEU C 469 -3.78 -34.51 -41.81
CA LEU C 469 -4.90 -33.60 -41.93
C LEU C 469 -6.18 -34.25 -41.40
N ASP C 470 -6.97 -33.46 -40.69
CA ASP C 470 -8.24 -33.95 -40.18
C ASP C 470 -9.16 -34.33 -41.33
N ILE C 471 -9.90 -35.43 -41.15
CA ILE C 471 -10.77 -35.90 -42.22
C ILE C 471 -11.97 -34.99 -42.40
N LEU C 472 -12.52 -34.47 -41.30
CA LEU C 472 -13.65 -33.54 -41.42
C LEU C 472 -13.22 -32.27 -42.15
N THR C 473 -12.00 -31.80 -41.88
CA THR C 473 -11.49 -30.63 -42.60
C THR C 473 -11.37 -30.93 -44.09
N TYR C 474 -10.89 -32.12 -44.44
CA TYR C 474 -10.81 -32.49 -45.85
C TYR C 474 -12.19 -32.55 -46.48
N LYS C 475 -13.17 -33.10 -45.76
CA LYS C 475 -14.53 -33.20 -46.28
C LYS C 475 -15.11 -31.82 -46.55
N GLN C 476 -14.89 -30.87 -45.65
CA GLN C 476 -15.40 -29.52 -45.88
C GLN C 476 -14.57 -28.77 -46.93
N MET C 477 -13.29 -29.11 -47.09
CA MET C 477 -12.50 -28.54 -48.17
C MET C 477 -13.06 -28.93 -49.53
N VAL C 478 -13.30 -30.23 -49.73
CA VAL C 478 -13.71 -30.71 -51.06
C VAL C 478 -15.02 -30.08 -51.49
N GLY C 479 -15.89 -29.69 -50.55
CA GLY C 479 -17.14 -29.06 -50.94
C GLY C 479 -16.96 -27.79 -51.73
N ARG C 480 -15.80 -27.15 -51.62
CA ARG C 480 -15.51 -25.90 -52.31
C ARG C 480 -14.92 -26.14 -53.70
N ALA C 481 -15.18 -27.30 -54.31
CA ALA C 481 -14.67 -27.65 -55.64
C ALA C 481 -15.87 -27.86 -56.56
N GLY C 482 -16.35 -26.78 -57.17
CA GLY C 482 -17.46 -26.84 -58.08
C GLY C 482 -18.50 -25.77 -57.82
N ARG C 483 -18.82 -25.00 -58.86
CA ARG C 483 -19.79 -23.90 -58.76
C ARG C 483 -21.11 -24.36 -59.36
N LYS C 484 -22.17 -24.30 -58.56
CA LYS C 484 -23.49 -24.76 -58.99
C LYS C 484 -24.17 -23.65 -59.78
N GLY C 485 -24.12 -23.75 -61.11
CA GLY C 485 -24.78 -22.79 -61.98
C GLY C 485 -23.96 -22.38 -63.18
N VAL C 486 -22.63 -22.41 -63.05
CA VAL C 486 -21.74 -22.00 -64.13
C VAL C 486 -20.76 -23.12 -64.45
N ASP C 487 -20.51 -24.01 -63.49
CA ASP C 487 -19.56 -25.10 -63.65
C ASP C 487 -20.28 -26.40 -63.92
N THR C 488 -19.65 -27.26 -64.73
CA THR C 488 -20.20 -28.58 -65.01
C THR C 488 -19.67 -29.64 -64.06
N VAL C 489 -18.34 -29.67 -63.87
CA VAL C 489 -17.70 -30.64 -63.00
C VAL C 489 -16.65 -29.92 -62.15
N GLY C 490 -16.32 -30.52 -61.02
CA GLY C 490 -15.31 -29.97 -60.13
C GLY C 490 -14.32 -31.05 -59.72
N GLU C 491 -13.11 -30.61 -59.41
CA GLU C 491 -12.01 -31.50 -59.10
C GLU C 491 -11.36 -31.10 -57.79
N SER C 492 -10.81 -32.09 -57.08
CA SER C 492 -10.09 -31.87 -55.84
C SER C 492 -8.85 -32.75 -55.86
N ILE C 493 -7.75 -32.19 -56.37
CA ILE C 493 -6.48 -32.91 -56.48
C ILE C 493 -5.71 -32.75 -55.18
N LEU C 494 -5.08 -33.83 -54.74
CA LEU C 494 -4.32 -33.85 -53.49
C LEU C 494 -2.95 -34.45 -53.79
N ILE C 495 -1.95 -33.58 -53.97
CA ILE C 495 -0.61 -34.07 -54.26
C ILE C 495 -0.06 -34.84 -53.06
N CYS C 496 0.70 -35.89 -53.35
CA CYS C 496 1.27 -36.75 -52.32
C CYS C 496 2.74 -36.98 -52.64
N LYS C 497 3.41 -37.74 -51.77
CA LYS C 497 4.81 -38.08 -51.90
C LYS C 497 4.99 -39.56 -51.61
N ASN C 498 6.24 -40.03 -51.62
CA ASN C 498 6.52 -41.43 -51.37
C ASN C 498 6.05 -41.83 -49.97
N SER C 499 6.48 -41.09 -48.96
CA SER C 499 6.03 -41.37 -47.59
C SER C 499 4.60 -40.93 -47.36
N GLU C 500 4.16 -39.87 -48.04
CA GLU C 500 2.82 -39.35 -47.87
C GLU C 500 1.77 -40.09 -48.71
N LYS C 501 2.19 -41.05 -49.54
CA LYS C 501 1.22 -41.80 -50.34
C LYS C 501 0.25 -42.56 -49.45
N SER C 502 0.77 -43.21 -48.40
CA SER C 502 -0.08 -43.97 -47.49
C SER C 502 -1.09 -43.05 -46.80
N LYS C 503 -0.63 -41.91 -46.30
CA LYS C 503 -1.54 -40.97 -45.65
C LYS C 503 -2.58 -40.44 -46.63
N GLY C 504 -2.16 -40.16 -47.87
CA GLY C 504 -3.11 -39.66 -48.86
C GLY C 504 -4.19 -40.66 -49.20
N ILE C 505 -3.79 -41.92 -49.42
CA ILE C 505 -4.78 -42.94 -49.72
C ILE C 505 -5.68 -43.18 -48.52
N ALA C 506 -5.13 -43.11 -47.31
CA ALA C 506 -5.96 -43.24 -46.11
C ALA C 506 -6.99 -42.12 -46.03
N LEU C 507 -6.58 -40.90 -46.35
CA LEU C 507 -7.47 -39.74 -46.27
C LEU C 507 -8.50 -39.72 -47.40
N LEU C 508 -8.17 -40.28 -48.57
CA LEU C 508 -9.13 -40.32 -49.65
C LEU C 508 -10.37 -41.12 -49.25
N GLN C 509 -10.17 -42.25 -48.60
CA GLN C 509 -11.28 -43.10 -48.16
C GLN C 509 -11.63 -42.78 -46.71
N GLY C 510 -12.85 -43.17 -46.32
CA GLY C 510 -13.31 -42.99 -44.97
C GLY C 510 -13.97 -41.65 -44.74
N SER C 511 -15.19 -41.67 -44.23
CA SER C 511 -15.93 -40.45 -43.96
C SER C 511 -15.48 -39.87 -42.62
N LEU C 512 -16.22 -38.89 -42.11
CA LEU C 512 -15.83 -38.23 -40.87
C LEU C 512 -16.05 -39.14 -39.67
N LYS C 513 -15.29 -38.89 -38.61
CA LYS C 513 -15.35 -39.71 -37.42
C LYS C 513 -16.65 -39.48 -36.67
N PRO C 514 -16.98 -40.36 -35.72
CA PRO C 514 -18.25 -40.23 -35.00
C PRO C 514 -18.27 -38.99 -34.13
N VAL C 515 -19.48 -38.50 -33.85
CA VAL C 515 -19.64 -37.32 -33.02
C VAL C 515 -19.52 -37.72 -31.55
N ARG C 516 -18.61 -37.06 -30.83
CA ARG C 516 -18.45 -37.28 -29.40
C ARG C 516 -19.42 -36.38 -28.65
N SER C 517 -19.25 -36.27 -27.34
CA SER C 517 -20.06 -35.37 -26.54
C SER C 517 -19.24 -34.37 -25.73
N CYS C 518 -18.09 -34.79 -25.20
CA CYS C 518 -17.25 -33.92 -24.37
C CYS C 518 -18.00 -33.50 -23.10
N LEU C 519 -18.59 -34.49 -22.42
CA LEU C 519 -19.27 -34.26 -21.15
C LEU C 519 -19.08 -35.46 -20.23
N VAL C 527 -17.11 -34.14 -13.46
CA VAL C 527 -15.84 -33.51 -13.10
C VAL C 527 -15.45 -32.47 -14.16
N THR C 528 -15.95 -32.66 -15.38
CA THR C 528 -15.67 -31.72 -16.45
C THR C 528 -16.40 -30.41 -16.23
N GLY C 529 -15.73 -29.31 -16.61
CA GLY C 529 -16.33 -27.99 -16.45
C GLY C 529 -17.64 -27.82 -17.19
N SER C 530 -17.82 -28.58 -18.29
CA SER C 530 -19.05 -28.48 -19.04
C SER C 530 -20.25 -28.91 -18.20
N MET C 531 -20.10 -30.00 -17.43
CA MET C 531 -21.20 -30.44 -16.59
C MET C 531 -21.45 -29.45 -15.46
N ILE C 532 -20.40 -28.79 -14.96
CA ILE C 532 -20.60 -27.76 -13.95
C ILE C 532 -21.42 -26.61 -14.54
N ARG C 533 -21.08 -26.19 -15.76
CA ARG C 533 -21.85 -25.14 -16.41
C ARG C 533 -23.29 -25.57 -16.62
N ALA C 534 -23.50 -26.82 -17.05
CA ALA C 534 -24.85 -27.30 -17.26
C ALA C 534 -25.67 -27.29 -15.97
N ILE C 535 -25.08 -27.80 -14.89
CA ILE C 535 -25.79 -27.86 -13.61
C ILE C 535 -26.11 -26.45 -13.13
N LEU C 536 -25.15 -25.54 -13.22
CA LEU C 536 -25.41 -24.16 -12.80
C LEU C 536 -26.52 -23.54 -13.65
N GLU C 537 -26.45 -23.71 -14.96
CA GLU C 537 -27.47 -23.16 -15.84
C GLU C 537 -28.86 -23.64 -15.42
N ILE C 538 -29.01 -24.95 -15.24
CA ILE C 538 -30.34 -25.47 -14.92
C ILE C 538 -30.77 -25.07 -13.52
N ILE C 539 -29.86 -24.96 -12.56
CA ILE C 539 -30.25 -24.67 -11.19
C ILE C 539 -30.67 -23.21 -11.05
N VAL C 540 -29.79 -22.28 -11.43
CA VAL C 540 -30.15 -20.88 -11.28
C VAL C 540 -31.21 -20.47 -12.31
N GLY C 541 -31.37 -21.25 -13.38
CA GLY C 541 -32.49 -21.00 -14.27
C GLY C 541 -33.83 -21.32 -13.67
N GLY C 542 -33.85 -22.08 -12.58
CA GLY C 542 -35.10 -22.45 -11.95
C GLY C 542 -35.80 -23.63 -12.59
N VAL C 543 -35.13 -24.36 -13.45
CA VAL C 543 -35.72 -25.50 -14.14
C VAL C 543 -35.30 -26.84 -13.55
N ALA C 544 -34.28 -26.86 -12.69
CA ALA C 544 -33.89 -28.09 -11.98
C ALA C 544 -33.38 -27.66 -10.61
N SER C 545 -34.27 -27.67 -9.63
CA SER C 545 -33.95 -27.22 -8.29
C SER C 545 -33.68 -28.35 -7.31
N THR C 546 -34.38 -29.47 -7.45
CA THR C 546 -34.25 -30.61 -6.55
C THR C 546 -33.56 -31.77 -7.27
N SER C 547 -32.89 -32.61 -6.48
CA SER C 547 -32.16 -33.73 -7.06
C SER C 547 -33.03 -34.57 -7.99
N GLN C 548 -34.30 -34.77 -7.64
CA GLN C 548 -35.14 -35.72 -8.35
C GLN C 548 -35.17 -35.42 -9.84
N ASP C 549 -35.27 -34.15 -10.21
CA ASP C 549 -35.40 -33.77 -11.61
C ASP C 549 -34.07 -33.57 -12.33
N MET C 550 -33.01 -33.21 -11.61
CA MET C 550 -31.72 -33.03 -12.26
C MET C 550 -31.21 -34.31 -12.90
N HIS C 551 -31.63 -35.48 -12.42
CA HIS C 551 -31.25 -36.72 -13.09
C HIS C 551 -31.89 -36.82 -14.48
N THR C 552 -33.11 -36.30 -14.64
CA THR C 552 -33.72 -36.30 -15.96
C THR C 552 -32.92 -35.46 -16.96
N TYR C 553 -32.33 -34.36 -16.52
CA TYR C 553 -31.47 -33.59 -17.40
C TYR C 553 -30.36 -34.45 -17.98
N ALA C 554 -29.78 -35.34 -17.18
CA ALA C 554 -28.75 -36.23 -17.71
C ALA C 554 -29.29 -37.07 -18.86
N ALA C 555 -30.49 -37.62 -18.70
CA ALA C 555 -31.11 -38.37 -19.79
C ALA C 555 -31.36 -37.48 -21.00
N CYS C 556 -31.62 -36.19 -20.78
CA CYS C 556 -31.90 -35.28 -21.88
C CYS C 556 -30.67 -34.98 -22.73
N THR C 557 -29.48 -35.26 -22.22
CA THR C 557 -28.26 -34.88 -22.91
C THR C 557 -27.95 -35.84 -24.06
N PHE C 558 -27.01 -35.42 -24.91
CA PHE C 558 -26.55 -36.26 -26.01
C PHE C 558 -25.56 -37.31 -25.54
N LEU C 559 -24.85 -37.06 -24.44
CA LEU C 559 -24.01 -38.09 -23.85
C LEU C 559 -24.85 -39.28 -23.40
N ALA C 560 -25.99 -39.02 -22.77
CA ALA C 560 -26.83 -40.11 -22.29
C ALA C 560 -27.47 -40.86 -23.44
N ALA C 561 -28.07 -40.14 -24.40
CA ALA C 561 -28.74 -40.81 -25.51
C ALA C 561 -27.77 -41.62 -26.34
N SER C 562 -26.49 -41.26 -26.34
CA SER C 562 -25.48 -42.00 -27.10
C SER C 562 -25.06 -43.24 -26.34
N GLY C 580 -22.88 -40.63 -13.53
CA GLY C 580 -23.04 -40.17 -12.16
C GLY C 580 -22.13 -39.01 -11.82
N ALA C 581 -21.74 -38.25 -12.85
CA ALA C 581 -20.85 -37.11 -12.65
C ALA C 581 -21.59 -35.86 -12.19
N ILE C 582 -22.92 -35.91 -12.10
CA ILE C 582 -23.68 -34.74 -11.65
C ILE C 582 -23.35 -34.41 -10.21
N GLU C 583 -23.29 -35.42 -9.34
CA GLU C 583 -23.02 -35.16 -7.93
C GLU C 583 -21.64 -34.55 -7.73
N ALA C 584 -20.64 -35.05 -8.47
CA ALA C 584 -19.30 -34.49 -8.35
C ALA C 584 -19.28 -33.01 -8.74
N CYS C 585 -20.07 -32.63 -9.75
CA CYS C 585 -20.18 -31.23 -10.12
C CYS C 585 -21.02 -30.43 -9.14
N VAL C 586 -22.13 -31.02 -8.66
CA VAL C 586 -22.99 -30.29 -7.73
C VAL C 586 -22.24 -29.93 -6.46
N MET C 587 -21.47 -30.87 -5.92
CA MET C 587 -20.64 -30.55 -4.77
C MET C 587 -19.60 -29.50 -5.10
N TRP C 588 -19.02 -29.57 -6.30
CA TRP C 588 -18.06 -28.56 -6.71
C TRP C 588 -18.68 -27.16 -6.65
N LEU C 589 -19.97 -27.06 -6.97
CA LEU C 589 -20.64 -25.76 -6.90
C LEU C 589 -20.93 -25.37 -5.45
N LEU C 590 -21.33 -26.33 -4.62
CA LEU C 590 -21.45 -26.05 -3.19
C LEU C 590 -20.11 -25.71 -2.58
N GLU C 591 -19.05 -26.42 -2.97
CA GLU C 591 -17.72 -26.13 -2.45
C GLU C 591 -17.33 -24.69 -2.72
N ASN C 592 -17.62 -24.19 -3.91
CA ASN C 592 -17.26 -22.84 -4.31
C ASN C 592 -18.38 -21.84 -4.09
N GLU C 593 -19.39 -22.20 -3.29
CA GLU C 593 -20.45 -21.28 -2.88
C GLU C 593 -21.20 -20.71 -4.08
N PHE C 594 -21.22 -21.44 -5.19
CA PHE C 594 -22.03 -21.02 -6.33
C PHE C 594 -23.51 -21.17 -6.05
N ILE C 595 -23.89 -22.14 -5.22
CA ILE C 595 -25.29 -22.42 -4.89
C ILE C 595 -25.39 -22.75 -3.41
N GLN C 596 -26.62 -22.71 -2.91
CA GLN C 596 -26.92 -22.98 -1.51
C GLN C 596 -27.95 -24.11 -1.43
N SER C 597 -27.66 -25.10 -0.60
CA SER C 597 -28.55 -26.24 -0.43
C SER C 597 -29.63 -25.93 0.59
N THR C 598 -30.84 -26.42 0.32
CA THR C 598 -31.98 -26.19 1.21
C THR C 598 -32.92 -27.39 1.19
N LYS C 607 -34.36 -32.18 -1.35
CA LYS C 607 -33.56 -31.00 -1.03
C LYS C 607 -33.56 -30.02 -2.19
N VAL C 608 -34.16 -28.85 -1.98
CA VAL C 608 -34.24 -27.81 -3.00
C VAL C 608 -32.97 -26.98 -2.98
N TYR C 609 -32.41 -26.72 -4.16
CA TYR C 609 -31.17 -25.98 -4.32
C TYR C 609 -31.48 -24.60 -4.88
N HIS C 610 -30.57 -23.66 -4.67
CA HIS C 610 -30.75 -22.30 -5.15
C HIS C 610 -29.39 -21.65 -5.32
N PRO C 611 -29.30 -20.58 -6.10
CA PRO C 611 -28.07 -19.78 -6.13
C PRO C 611 -28.15 -18.62 -5.17
N THR C 612 -26.98 -18.19 -4.67
CA THR C 612 -26.96 -17.14 -3.66
C THR C 612 -26.77 -15.75 -4.28
N HIS C 613 -25.56 -15.47 -4.77
CA HIS C 613 -25.35 -14.28 -5.59
C HIS C 613 -24.42 -14.58 -6.75
N LEU C 614 -23.39 -15.40 -6.50
CA LEU C 614 -22.34 -15.61 -7.48
C LEU C 614 -22.81 -16.52 -8.61
N GLY C 615 -23.70 -17.49 -8.30
CA GLY C 615 -24.28 -18.28 -9.36
C GLY C 615 -25.14 -17.46 -10.30
N SER C 616 -25.98 -16.59 -9.74
CA SER C 616 -26.80 -15.72 -10.57
C SER C 616 -25.95 -14.80 -11.42
N ALA C 617 -24.90 -14.22 -10.84
CA ALA C 617 -24.02 -13.35 -11.61
C ALA C 617 -23.19 -14.13 -12.61
N THR C 618 -22.94 -15.41 -12.34
CA THR C 618 -22.15 -16.22 -13.27
C THR C 618 -22.98 -16.63 -14.47
N LEU C 619 -24.27 -16.89 -14.27
CA LEU C 619 -25.14 -17.28 -15.38
C LEU C 619 -25.43 -16.11 -16.31
N SER C 620 -25.75 -14.95 -15.73
CA SER C 620 -26.06 -13.79 -16.55
C SER C 620 -24.85 -13.34 -17.36
N SER C 621 -23.65 -13.50 -16.81
CA SER C 621 -22.44 -13.11 -17.50
C SER C 621 -21.97 -14.14 -18.53
N SER C 622 -22.60 -15.30 -18.58
CA SER C 622 -22.22 -16.37 -19.51
C SER C 622 -20.74 -16.72 -19.36
N LEU C 623 -20.21 -16.58 -18.15
CA LEU C 623 -18.84 -16.93 -17.85
C LEU C 623 -18.76 -18.39 -17.41
N SER C 624 -17.63 -19.02 -17.68
CA SER C 624 -17.43 -20.37 -17.21
C SER C 624 -17.27 -20.37 -15.70
N PRO C 625 -18.06 -21.16 -14.97
CA PRO C 625 -17.93 -21.16 -13.50
C PRO C 625 -16.53 -21.52 -13.03
N ALA C 626 -15.74 -22.22 -13.84
CA ALA C 626 -14.37 -22.52 -13.46
C ALA C 626 -13.56 -21.25 -13.26
N ASP C 627 -13.66 -20.31 -14.21
CA ASP C 627 -12.88 -19.09 -14.18
C ASP C 627 -13.54 -17.97 -13.39
N THR C 628 -14.80 -18.16 -12.99
CA THR C 628 -15.50 -17.09 -12.27
C THR C 628 -14.91 -16.87 -10.88
N LEU C 629 -14.33 -17.90 -10.26
CA LEU C 629 -13.68 -17.68 -8.98
C LEU C 629 -12.48 -16.77 -9.12
N ASP C 630 -11.63 -17.02 -10.13
CA ASP C 630 -10.50 -16.15 -10.38
C ASP C 630 -10.96 -14.73 -10.75
N ILE C 631 -12.03 -14.64 -11.55
CA ILE C 631 -12.53 -13.32 -11.93
C ILE C 631 -13.05 -12.57 -10.70
N PHE C 632 -13.79 -13.27 -9.84
CA PHE C 632 -14.29 -12.67 -8.61
C PHE C 632 -13.14 -12.17 -7.75
N ALA C 633 -12.09 -12.99 -7.60
CA ALA C 633 -10.95 -12.57 -6.80
C ALA C 633 -10.26 -11.35 -7.40
N ASP C 634 -10.05 -11.35 -8.72
CA ASP C 634 -9.34 -10.24 -9.34
C ASP C 634 -10.17 -8.96 -9.28
N LEU C 635 -11.48 -9.05 -9.46
CA LEU C 635 -12.31 -7.86 -9.37
C LEU C 635 -12.36 -7.33 -7.96
N GLN C 636 -12.61 -8.21 -6.97
CA GLN C 636 -12.65 -7.75 -5.59
C GLN C 636 -11.32 -7.16 -5.16
N ARG C 637 -10.21 -7.76 -5.56
CA ARG C 637 -8.90 -7.18 -5.25
C ARG C 637 -8.73 -5.83 -5.93
N ALA C 638 -9.34 -5.63 -7.10
CA ALA C 638 -9.20 -4.37 -7.81
C ALA C 638 -9.98 -3.24 -7.14
N MET C 639 -11.15 -3.55 -6.59
CA MET C 639 -12.00 -2.54 -5.97
C MET C 639 -11.52 -2.14 -4.58
N LYS C 640 -10.29 -2.49 -4.21
CA LYS C 640 -9.67 -2.01 -2.99
C LYS C 640 -8.55 -1.01 -3.25
N GLY C 641 -7.87 -1.12 -4.39
CA GLY C 641 -6.75 -0.27 -4.70
C GLY C 641 -6.75 0.22 -6.13
N PHE C 642 -7.93 0.46 -6.68
CA PHE C 642 -8.06 0.70 -8.11
C PHE C 642 -7.27 1.93 -8.53
N VAL C 643 -6.70 1.85 -9.75
CA VAL C 643 -5.91 2.93 -10.34
C VAL C 643 -6.75 3.56 -11.44
N LEU C 644 -6.92 4.88 -11.37
CA LEU C 644 -7.75 5.61 -12.33
C LEU C 644 -6.96 6.58 -13.20
N GLU C 645 -5.65 6.67 -13.05
CA GLU C 645 -4.88 7.57 -13.91
C GLU C 645 -5.03 7.20 -15.38
N ASN C 646 -5.03 5.92 -15.70
CA ASN C 646 -5.13 5.45 -17.07
C ASN C 646 -6.10 4.27 -17.12
N ASP C 647 -6.34 3.79 -18.33
CA ASP C 647 -7.24 2.68 -18.56
C ASP C 647 -6.58 1.32 -18.30
N LEU C 648 -5.28 1.30 -18.00
CA LEU C 648 -4.56 0.04 -17.96
C LEU C 648 -5.10 -0.90 -16.89
N HIS C 649 -5.47 -0.37 -15.72
CA HIS C 649 -6.02 -1.24 -14.69
C HIS C 649 -7.39 -1.77 -15.07
N ILE C 650 -8.18 -0.96 -15.78
CA ILE C 650 -9.47 -1.46 -16.27
C ILE C 650 -9.26 -2.47 -17.38
N LEU C 651 -8.30 -2.22 -18.26
CA LEU C 651 -8.02 -3.18 -19.32
C LEU C 651 -7.53 -4.50 -18.76
N TYR C 652 -6.68 -4.47 -17.75
CA TYR C 652 -6.15 -5.71 -17.20
C TYR C 652 -7.27 -6.62 -16.73
N LEU C 653 -8.33 -6.04 -16.17
CA LEU C 653 -9.44 -6.83 -15.65
C LEU C 653 -10.40 -7.31 -16.73
N VAL C 654 -10.28 -6.80 -17.96
CA VAL C 654 -11.09 -7.27 -19.07
C VAL C 654 -10.18 -7.84 -20.14
N THR C 655 -9.02 -8.35 -19.73
CA THR C 655 -8.10 -9.01 -20.63
C THR C 655 -8.30 -10.51 -20.53
N PRO C 656 -8.70 -11.19 -21.59
CA PRO C 656 -8.83 -12.65 -21.52
C PRO C 656 -7.52 -13.35 -21.83
N MET C 657 -7.29 -14.46 -21.11
CA MET C 657 -6.12 -15.28 -21.37
C MET C 657 -6.49 -16.76 -21.33
N PHE C 658 -7.63 -17.13 -21.91
CA PHE C 658 -8.02 -18.53 -21.97
C PHE C 658 -7.41 -19.26 -23.16
N GLU C 659 -6.92 -18.54 -24.18
CA GLU C 659 -6.12 -19.13 -25.24
C GLU C 659 -4.85 -18.32 -25.42
N ASP C 660 -3.88 -18.94 -26.11
CA ASP C 660 -2.59 -18.32 -26.42
C ASP C 660 -2.74 -17.53 -27.72
N TRP C 661 -3.22 -16.29 -27.62
CA TRP C 661 -3.52 -15.53 -28.82
C TRP C 661 -2.27 -15.15 -29.59
N THR C 662 -1.10 -15.18 -28.96
CA THR C 662 0.15 -14.91 -29.66
C THR C 662 1.32 -15.32 -28.78
N THR C 663 2.46 -15.55 -29.43
CA THR C 663 3.70 -15.85 -28.71
C THR C 663 4.35 -14.55 -28.26
N ILE C 664 4.69 -14.48 -26.98
CA ILE C 664 5.20 -13.26 -26.36
C ILE C 664 6.72 -13.26 -26.47
N ASP C 665 7.28 -12.18 -27.00
CA ASP C 665 8.72 -11.96 -27.00
C ASP C 665 9.08 -11.21 -25.72
N TRP C 666 9.76 -11.89 -24.80
CA TRP C 666 10.02 -11.33 -23.49
C TRP C 666 11.11 -10.27 -23.49
N TYR C 667 11.97 -10.23 -24.52
CA TYR C 667 12.97 -9.17 -24.58
C TYR C 667 12.33 -7.82 -24.89
N ARG C 668 11.47 -7.78 -25.91
CA ARG C 668 10.75 -6.55 -26.22
C ARG C 668 9.82 -6.17 -25.07
N PHE C 669 9.22 -7.16 -24.41
CA PHE C 669 8.38 -6.86 -23.24
C PHE C 669 9.21 -6.27 -22.13
N PHE C 670 10.44 -6.76 -21.93
CA PHE C 670 11.33 -6.15 -20.95
C PHE C 670 11.66 -4.71 -21.32
N CYS C 671 11.94 -4.46 -22.59
CA CYS C 671 12.22 -3.09 -23.00
C CYS C 671 11.02 -2.17 -22.73
N LEU C 672 9.82 -2.63 -23.09
CA LEU C 672 8.62 -1.84 -22.82
C LEU C 672 8.44 -1.60 -21.33
N TRP C 673 8.68 -2.64 -20.53
CA TRP C 673 8.60 -2.48 -19.08
C TRP C 673 9.57 -1.41 -18.60
N GLU C 674 10.78 -1.40 -19.15
CA GLU C 674 11.75 -0.38 -18.79
C GLU C 674 11.23 1.01 -19.16
N LYS C 675 10.58 1.13 -20.31
CA LYS C 675 10.12 2.42 -20.79
C LYS C 675 8.73 2.80 -20.27
N LEU C 676 8.10 1.97 -19.45
CA LEU C 676 6.75 2.24 -19.00
C LEU C 676 6.73 3.45 -18.05
N PRO C 677 5.67 4.23 -18.06
CA PRO C 677 5.50 5.28 -17.04
C PRO C 677 5.24 4.67 -15.66
N THR C 678 5.36 5.52 -14.64
CA THR C 678 5.17 5.06 -13.28
C THR C 678 3.71 4.73 -12.99
N SER C 679 2.78 5.47 -13.60
CA SER C 679 1.37 5.18 -13.37
C SER C 679 1.02 3.76 -13.82
N MET C 680 1.55 3.36 -14.97
CA MET C 680 1.34 2.01 -15.47
C MET C 680 2.06 0.97 -14.65
N LYS C 681 3.18 1.33 -14.01
CA LYS C 681 3.92 0.40 -13.18
C LYS C 681 3.26 0.19 -11.82
N ARG C 682 2.53 1.19 -11.31
CA ARG C 682 1.78 0.98 -10.08
C ARG C 682 0.73 -0.12 -10.26
N VAL C 683 -0.01 -0.07 -11.37
CA VAL C 683 -0.97 -1.13 -11.64
C VAL C 683 -0.26 -2.45 -11.88
N ALA C 684 0.92 -2.42 -12.51
CA ALA C 684 1.67 -3.65 -12.72
C ALA C 684 2.02 -4.30 -11.39
N GLU C 685 2.51 -3.52 -10.44
CA GLU C 685 2.77 -4.05 -9.11
C GLU C 685 1.49 -4.54 -8.44
N LEU C 686 0.39 -3.81 -8.60
CA LEU C 686 -0.86 -4.20 -7.96
C LEU C 686 -1.34 -5.55 -8.48
N VAL C 687 -1.27 -5.77 -9.79
CA VAL C 687 -1.81 -6.99 -10.37
C VAL C 687 -0.94 -8.18 -10.00
N GLY C 688 0.38 -8.00 -9.98
CA GLY C 688 1.28 -9.07 -9.58
C GLY C 688 2.57 -9.15 -10.38
N VAL C 689 2.71 -8.27 -11.37
CA VAL C 689 3.92 -8.29 -12.18
C VAL C 689 5.13 -7.96 -11.31
N GLU C 690 6.22 -8.70 -11.51
CA GLU C 690 7.44 -8.52 -10.75
C GLU C 690 8.62 -8.39 -11.70
N GLU C 691 9.53 -7.48 -11.37
CA GLU C 691 10.74 -7.34 -12.19
C GLU C 691 11.56 -8.61 -12.20
N GLY C 692 11.48 -9.40 -11.13
CA GLY C 692 12.24 -10.64 -11.07
C GLY C 692 11.84 -11.63 -12.15
N PHE C 693 10.54 -11.81 -12.37
CA PHE C 693 10.09 -12.76 -13.38
C PHE C 693 10.45 -12.29 -14.78
N LEU C 694 10.32 -11.00 -15.06
CA LEU C 694 10.72 -10.49 -16.37
C LEU C 694 12.22 -10.63 -16.56
N ALA C 695 13.00 -10.42 -15.50
CA ALA C 695 14.44 -10.64 -15.59
C ALA C 695 14.76 -12.11 -15.86
N ARG C 696 14.02 -13.03 -15.25
CA ARG C 696 14.20 -14.45 -15.54
C ARG C 696 13.91 -14.74 -17.00
N CYS C 697 12.82 -14.19 -17.53
CA CYS C 697 12.38 -14.52 -18.88
C CYS C 697 13.20 -13.83 -19.97
N VAL C 698 13.77 -12.65 -19.70
CA VAL C 698 14.44 -11.91 -20.76
C VAL C 698 15.63 -12.70 -21.30
N LYS C 699 16.42 -13.30 -20.42
CA LYS C 699 17.61 -14.05 -20.79
C LYS C 699 17.41 -15.56 -20.67
N GLY C 700 16.95 -16.02 -19.51
CA GLY C 700 16.74 -17.44 -19.32
C GLY C 700 15.60 -17.97 -20.15
N LYS C 701 15.62 -19.29 -20.36
CA LYS C 701 14.58 -19.93 -21.13
C LYS C 701 13.23 -19.78 -20.43
N VAL C 702 12.17 -19.82 -21.23
CA VAL C 702 10.82 -19.66 -20.69
C VAL C 702 10.63 -20.66 -19.55
N VAL C 703 10.30 -20.14 -18.37
CA VAL C 703 10.16 -20.99 -17.20
C VAL C 703 9.05 -22.00 -17.41
N ALA C 704 9.31 -23.25 -17.07
CA ALA C 704 8.30 -24.30 -17.17
C ALA C 704 7.28 -24.12 -16.05
N ARG C 705 6.01 -24.10 -16.41
CA ARG C 705 4.93 -23.98 -15.43
C ARG C 705 4.47 -25.36 -14.97
N THR C 706 5.44 -26.14 -14.49
CA THR C 706 5.15 -27.50 -14.06
C THR C 706 4.13 -27.53 -12.93
N GLU C 707 4.16 -26.53 -12.06
CA GLU C 707 3.35 -26.52 -10.85
C GLU C 707 2.12 -25.63 -11.03
N ARG C 708 1.01 -26.06 -10.41
CA ARG C 708 -0.22 -25.28 -10.45
C ARG C 708 -0.06 -23.91 -9.81
N GLN C 709 0.89 -23.77 -8.88
CA GLN C 709 1.10 -22.50 -8.21
C GLN C 709 1.75 -21.45 -9.12
N HIS C 710 2.15 -21.84 -10.33
CA HIS C 710 2.85 -20.94 -11.24
C HIS C 710 1.88 -20.32 -12.24
N ARG C 711 0.67 -20.01 -11.79
CA ARG C 711 -0.23 -19.16 -12.55
C ARG C 711 0.28 -17.73 -12.65
N GLN C 712 1.33 -17.38 -11.90
CA GLN C 712 1.93 -16.06 -12.00
C GLN C 712 2.67 -15.87 -13.31
N MET C 713 2.85 -16.92 -14.11
CA MET C 713 3.24 -16.73 -15.50
C MET C 713 2.11 -16.14 -16.30
N ALA C 714 0.87 -16.50 -15.96
CA ALA C 714 -0.29 -15.94 -16.65
C ALA C 714 -0.49 -14.47 -16.30
N ILE C 715 -0.01 -14.04 -15.14
CA ILE C 715 -0.16 -12.63 -14.77
C ILE C 715 0.64 -11.75 -15.73
N HIS C 716 1.85 -12.17 -16.10
CA HIS C 716 2.69 -11.35 -16.96
C HIS C 716 2.21 -11.39 -18.41
N LYS C 717 1.72 -12.54 -18.85
CA LYS C 717 1.10 -12.60 -20.18
C LYS C 717 -0.15 -11.73 -20.22
N ARG C 718 -0.94 -11.74 -19.14
CA ARG C 718 -2.12 -10.89 -19.07
C ARG C 718 -1.74 -9.42 -19.12
N PHE C 719 -0.68 -9.04 -18.40
CA PHE C 719 -0.25 -7.65 -18.42
C PHE C 719 0.25 -7.23 -19.80
N PHE C 720 1.01 -8.12 -20.47
CA PHE C 720 1.44 -7.83 -21.83
C PHE C 720 0.26 -7.62 -22.75
N THR C 721 -0.73 -8.52 -22.66
CA THR C 721 -1.93 -8.38 -23.48
C THR C 721 -2.69 -7.11 -23.16
N SER C 722 -2.76 -6.74 -21.88
CA SER C 722 -3.46 -5.52 -21.51
C SER C 722 -2.74 -4.28 -22.02
N LEU C 723 -1.41 -4.30 -22.05
CA LEU C 723 -0.68 -3.20 -22.68
C LEU C 723 -0.99 -3.12 -24.17
N VAL C 724 -1.06 -4.27 -24.84
CA VAL C 724 -1.44 -4.27 -26.24
C VAL C 724 -2.83 -3.68 -26.41
N LEU C 725 -3.76 -4.08 -25.54
CA LEU C 725 -5.13 -3.57 -25.62
C LEU C 725 -5.19 -2.08 -25.33
N LEU C 726 -4.33 -1.58 -24.44
CA LEU C 726 -4.31 -0.13 -24.17
C LEU C 726 -3.83 0.63 -25.39
N ASP C 727 -2.73 0.20 -25.99
CA ASP C 727 -2.32 0.83 -27.25
C ASP C 727 -3.36 0.61 -28.35
N LEU C 728 -4.21 -0.40 -28.20
CA LEU C 728 -5.28 -0.64 -29.16
C LEU C 728 -6.37 0.41 -29.03
N ILE C 729 -6.96 0.53 -27.83
CA ILE C 729 -8.01 1.51 -27.59
C ILE C 729 -7.49 2.93 -27.64
N SER C 730 -6.18 3.12 -27.62
CA SER C 730 -5.62 4.45 -27.84
C SER C 730 -5.69 4.87 -29.31
N GLU C 731 -6.14 3.98 -30.20
CA GLU C 731 -6.36 4.31 -31.61
C GLU C 731 -5.05 4.53 -32.33
N VAL C 732 -4.06 3.69 -32.03
CA VAL C 732 -2.78 3.72 -32.73
C VAL C 732 -2.86 2.70 -33.86
N PRO C 733 -2.19 2.92 -34.99
CA PRO C 733 -2.35 2.00 -36.12
C PRO C 733 -1.85 0.60 -35.79
N LEU C 734 -2.46 -0.38 -36.46
CA LEU C 734 -2.11 -1.77 -36.20
C LEU C 734 -0.63 -2.04 -36.45
N ARG C 735 -0.03 -1.37 -37.43
CA ARG C 735 1.39 -1.56 -37.68
C ARG C 735 2.23 -1.12 -36.49
N GLU C 736 1.85 0.01 -35.87
CA GLU C 736 2.58 0.47 -34.70
C GLU C 736 2.48 -0.52 -33.54
N ILE C 737 1.31 -1.11 -33.33
CA ILE C 737 1.16 -2.14 -32.30
C ILE C 737 1.98 -3.36 -32.67
N ASN C 738 2.08 -3.67 -33.96
CA ASN C 738 2.85 -4.84 -34.40
C ASN C 738 4.33 -4.65 -34.11
N GLN C 739 4.90 -3.51 -34.52
CA GLN C 739 6.32 -3.29 -34.27
C GLN C 739 6.61 -3.20 -32.78
N LYS C 740 5.72 -2.54 -32.04
CA LYS C 740 5.96 -2.32 -30.61
C LYS C 740 5.85 -3.61 -29.82
N TYR C 741 5.03 -4.57 -30.28
CA TYR C 741 4.76 -5.79 -29.54
C TYR C 741 5.04 -7.07 -30.31
N GLY C 742 5.12 -7.03 -31.63
CA GLY C 742 5.43 -8.19 -32.43
C GLY C 742 4.24 -9.00 -32.89
N CYS C 743 3.06 -8.73 -32.34
CA CYS C 743 1.85 -9.44 -32.77
C CYS C 743 1.33 -8.82 -34.06
N ASN C 744 1.05 -9.66 -35.05
CA ASN C 744 0.58 -9.16 -36.33
C ASN C 744 -0.88 -8.71 -36.23
N ARG C 745 -1.35 -8.08 -37.29
CA ARG C 745 -2.66 -7.41 -37.23
C ARG C 745 -3.80 -8.40 -37.06
N GLY C 746 -3.71 -9.58 -37.70
CA GLY C 746 -4.75 -10.57 -37.52
C GLY C 746 -4.88 -11.04 -36.09
N GLN C 747 -3.74 -11.29 -35.44
CA GLN C 747 -3.76 -11.65 -34.03
C GLN C 747 -4.31 -10.50 -33.20
N ILE C 748 -3.98 -9.26 -33.56
CA ILE C 748 -4.48 -8.12 -32.81
C ILE C 748 -5.99 -8.00 -32.95
N GLN C 749 -6.54 -8.33 -34.12
CA GLN C 749 -7.98 -8.26 -34.31
C GLN C 749 -8.69 -9.39 -33.56
N SER C 750 -8.11 -10.58 -33.56
CA SER C 750 -8.68 -11.65 -32.75
C SER C 750 -8.66 -11.28 -31.28
N LEU C 751 -7.57 -10.66 -30.83
CA LEU C 751 -7.53 -10.16 -29.46
C LEU C 751 -8.56 -9.07 -29.23
N GLN C 752 -8.74 -8.18 -30.20
CA GLN C 752 -9.83 -7.19 -30.14
C GLN C 752 -11.14 -7.87 -29.81
N GLN C 753 -11.54 -8.82 -30.64
CA GLN C 753 -12.85 -9.45 -30.48
C GLN C 753 -12.95 -10.18 -29.15
N SER C 754 -11.93 -10.96 -28.80
CA SER C 754 -11.98 -11.72 -27.56
C SER C 754 -12.04 -10.79 -26.35
N ALA C 755 -11.25 -9.71 -26.38
CA ALA C 755 -11.23 -8.77 -25.26
C ALA C 755 -12.54 -8.02 -25.14
N ALA C 756 -13.14 -7.64 -26.27
CA ALA C 756 -14.42 -6.95 -26.21
C ALA C 756 -15.51 -7.87 -25.67
N VAL C 757 -15.54 -9.12 -26.12
CA VAL C 757 -16.52 -10.08 -25.62
C VAL C 757 -16.32 -10.26 -24.12
N TYR C 758 -15.07 -10.44 -23.69
CA TYR C 758 -14.80 -10.62 -22.28
C TYR C 758 -15.17 -9.40 -21.47
N ALA C 759 -14.93 -8.20 -22.01
CA ALA C 759 -15.30 -6.98 -21.31
C ALA C 759 -16.80 -6.89 -21.12
N GLY C 760 -17.57 -7.24 -22.15
CA GLY C 760 -19.02 -7.27 -21.99
C GLY C 760 -19.47 -8.27 -20.95
N MET C 761 -18.88 -9.46 -20.96
CA MET C 761 -19.24 -10.48 -19.97
C MET C 761 -18.93 -10.00 -18.56
N ILE C 762 -17.75 -9.40 -18.38
CA ILE C 762 -17.36 -8.90 -17.06
C ILE C 762 -18.26 -7.75 -16.64
N THR C 763 -18.67 -6.90 -17.58
CA THR C 763 -19.59 -5.82 -17.24
C THR C 763 -20.90 -6.38 -16.73
N VAL C 764 -21.44 -7.40 -17.38
CA VAL C 764 -22.68 -8.00 -16.90
C VAL C 764 -22.47 -8.67 -15.54
N PHE C 765 -21.32 -9.34 -15.37
CA PHE C 765 -21.01 -9.95 -14.08
C PHE C 765 -21.03 -8.91 -12.97
N SER C 766 -20.33 -7.80 -13.17
CA SER C 766 -20.29 -6.72 -12.18
C SER C 766 -21.68 -6.12 -11.96
N ASN C 767 -22.44 -5.92 -13.04
CA ASN C 767 -23.78 -5.37 -12.90
C ASN C 767 -24.61 -6.24 -11.97
N ARG C 768 -24.59 -7.56 -12.21
CA ARG C 768 -25.42 -8.46 -11.42
C ARG C 768 -24.90 -8.59 -9.99
N LEU C 769 -23.59 -8.51 -9.80
CA LEU C 769 -23.03 -8.64 -8.45
C LEU C 769 -23.32 -7.43 -7.57
N GLY C 770 -23.81 -6.34 -8.14
CA GLY C 770 -24.05 -5.13 -7.38
C GLY C 770 -22.88 -4.19 -7.28
N TRP C 771 -21.86 -4.35 -8.14
CA TRP C 771 -20.68 -3.50 -8.13
C TRP C 771 -20.90 -2.37 -9.13
N HIS C 772 -21.53 -1.29 -8.66
CA HIS C 772 -21.95 -0.23 -9.57
C HIS C 772 -20.78 0.55 -10.12
N ASN C 773 -19.80 0.89 -9.29
CA ASN C 773 -18.66 1.65 -9.77
C ASN C 773 -17.85 0.84 -10.78
N MET C 774 -17.64 -0.44 -10.49
CA MET C 774 -16.92 -1.29 -11.43
C MET C 774 -17.67 -1.41 -12.76
N GLU C 775 -18.99 -1.61 -12.68
CA GLU C 775 -19.79 -1.68 -13.89
C GLU C 775 -19.68 -0.38 -14.70
N LEU C 776 -19.74 0.76 -14.02
CA LEU C 776 -19.65 2.03 -14.71
C LEU C 776 -18.30 2.20 -15.38
N LEU C 777 -17.23 1.83 -14.70
CA LEU C 777 -15.90 1.93 -15.30
C LEU C 777 -15.74 0.98 -16.47
N LEU C 778 -16.40 -0.18 -16.43
CA LEU C 778 -16.27 -1.18 -17.46
C LEU C 778 -17.17 -0.97 -18.67
N SER C 779 -18.27 -0.23 -18.51
CA SER C 779 -19.30 -0.21 -19.55
C SER C 779 -18.77 0.32 -20.87
N GLN C 780 -18.04 1.44 -20.83
CA GLN C 780 -17.58 2.03 -22.09
C GLN C 780 -16.60 1.13 -22.82
N PHE C 781 -15.95 0.21 -22.10
CA PHE C 781 -14.80 -0.49 -22.67
C PHE C 781 -15.19 -1.55 -23.67
N GLN C 782 -16.39 -2.11 -23.60
CA GLN C 782 -16.77 -3.15 -24.57
C GLN C 782 -16.81 -2.58 -25.98
N LYS C 783 -17.43 -1.41 -26.15
CA LYS C 783 -17.50 -0.78 -27.46
C LYS C 783 -16.13 -0.28 -27.91
N ARG C 784 -15.36 0.32 -27.00
CA ARG C 784 -14.02 0.79 -27.35
C ARG C 784 -13.15 -0.36 -27.81
N LEU C 785 -13.28 -1.52 -27.16
CA LEU C 785 -12.51 -2.69 -27.58
C LEU C 785 -13.03 -3.25 -28.89
N THR C 786 -14.35 -3.28 -29.09
CA THR C 786 -14.91 -3.76 -30.33
C THR C 786 -14.39 -2.96 -31.51
N PHE C 787 -14.35 -1.63 -31.38
CA PHE C 787 -13.94 -0.77 -32.47
C PHE C 787 -12.53 -0.22 -32.32
N GLY C 788 -11.91 -0.37 -31.15
CA GLY C 788 -10.57 0.15 -30.94
C GLY C 788 -10.52 1.65 -31.06
N ILE C 789 -11.45 2.34 -30.38
CA ILE C 789 -11.62 3.77 -30.50
C ILE C 789 -11.56 4.40 -29.10
N GLN C 790 -11.39 5.71 -29.09
CA GLN C 790 -11.35 6.50 -27.87
C GLN C 790 -12.77 6.79 -27.39
N ARG C 791 -12.87 7.35 -26.19
CA ARG C 791 -14.18 7.62 -25.61
C ARG C 791 -15.02 8.53 -26.51
N GLU C 792 -14.39 9.53 -27.14
CA GLU C 792 -15.15 10.51 -27.90
C GLU C 792 -15.85 9.89 -29.10
N LEU C 793 -15.26 8.85 -29.69
CA LEU C 793 -15.82 8.24 -30.89
C LEU C 793 -16.90 7.20 -30.58
N CYS C 794 -17.16 6.94 -29.30
CA CYS C 794 -18.10 5.88 -28.93
C CYS C 794 -19.51 6.20 -29.41
N ASP C 795 -19.94 7.45 -29.28
CA ASP C 795 -21.26 7.87 -29.70
C ASP C 795 -21.37 8.00 -31.22
N LEU C 796 -20.24 7.88 -31.92
CA LEU C 796 -20.21 8.06 -33.36
C LEU C 796 -20.10 6.76 -34.15
N VAL C 797 -19.68 5.67 -33.53
CA VAL C 797 -19.56 4.38 -34.24
C VAL C 797 -20.87 3.62 -34.12
N ARG C 798 -21.92 4.28 -33.62
CA ARG C 798 -23.23 3.66 -33.62
C ARG C 798 -23.76 3.43 -35.02
N VAL C 799 -23.24 4.14 -36.01
CA VAL C 799 -23.60 3.92 -37.40
C VAL C 799 -22.77 2.77 -37.94
N SER C 800 -23.45 1.72 -38.39
CA SER C 800 -22.74 0.52 -38.85
C SER C 800 -21.77 0.86 -39.98
N LEU C 801 -22.06 1.89 -40.76
CA LEU C 801 -21.22 2.22 -41.91
C LEU C 801 -19.90 2.84 -41.47
N LEU C 802 -19.80 3.24 -40.21
CA LEU C 802 -18.64 4.01 -39.75
C LEU C 802 -17.63 3.11 -39.06
N ASN C 803 -16.40 3.13 -39.57
CA ASN C 803 -15.28 2.35 -39.07
C ASN C 803 -14.50 3.18 -38.05
N ALA C 804 -13.41 2.61 -37.55
CA ALA C 804 -12.54 3.35 -36.65
C ALA C 804 -11.89 4.53 -37.36
N GLN C 805 -11.43 4.32 -38.60
CA GLN C 805 -10.84 5.44 -39.33
C GLN C 805 -11.90 6.39 -39.85
N ARG C 806 -13.02 5.85 -40.36
CA ARG C 806 -14.09 6.70 -40.88
C ARG C 806 -14.83 7.44 -39.78
N ALA C 807 -14.65 7.03 -38.52
CA ALA C 807 -15.22 7.78 -37.42
C ALA C 807 -14.27 8.89 -36.95
N ARG C 808 -12.97 8.71 -37.15
CA ARG C 808 -12.01 9.75 -36.79
C ARG C 808 -12.05 10.91 -37.79
N VAL C 809 -12.14 10.60 -39.09
CA VAL C 809 -12.17 11.66 -40.09
C VAL C 809 -13.37 12.57 -39.87
N LEU C 810 -14.54 11.99 -39.60
CA LEU C 810 -15.72 12.80 -39.31
C LEU C 810 -15.59 13.54 -37.99
N TYR C 811 -15.02 12.90 -36.97
CA TYR C 811 -14.81 13.58 -35.70
C TYR C 811 -13.85 14.75 -35.85
N ALA C 812 -12.79 14.57 -36.63
CA ALA C 812 -11.87 15.67 -36.88
C ALA C 812 -12.56 16.83 -37.59
N SER C 813 -13.46 16.52 -38.53
CA SER C 813 -14.19 17.56 -39.23
C SER C 813 -15.06 18.36 -38.28
N GLY C 814 -15.73 17.69 -37.33
CA GLY C 814 -16.59 18.37 -36.39
C GLY C 814 -17.85 17.60 -36.06
N PHE C 815 -18.09 16.51 -36.75
CA PHE C 815 -19.24 15.65 -36.47
C PHE C 815 -18.92 14.81 -35.25
N HIS C 816 -19.19 15.37 -34.07
CA HIS C 816 -18.87 14.73 -32.80
C HIS C 816 -20.06 13.96 -32.23
N THR C 817 -21.03 13.58 -33.07
CA THR C 817 -22.21 12.91 -32.59
C THR C 817 -23.04 12.47 -33.79
N VAL C 818 -23.73 11.35 -33.64
CA VAL C 818 -24.56 10.83 -34.74
C VAL C 818 -25.64 11.83 -35.10
N ALA C 819 -26.24 12.47 -34.11
CA ALA C 819 -27.24 13.51 -34.40
C ALA C 819 -26.62 14.63 -35.24
N ASP C 820 -25.40 15.04 -34.90
CA ASP C 820 -24.73 16.05 -35.72
C ASP C 820 -24.48 15.54 -37.13
N LEU C 821 -24.07 14.28 -37.26
CA LEU C 821 -23.79 13.72 -38.57
C LEU C 821 -25.05 13.60 -39.42
N ALA C 822 -26.21 13.47 -38.78
CA ALA C 822 -27.47 13.47 -39.54
C ALA C 822 -27.72 14.83 -40.18
N ARG C 823 -27.43 15.91 -39.45
CA ARG C 823 -27.62 17.27 -39.97
C ARG C 823 -26.41 17.67 -40.79
N ALA C 824 -26.36 17.14 -42.01
CA ALA C 824 -25.28 17.44 -42.93
C ALA C 824 -25.68 17.00 -44.34
N ASN C 825 -25.11 17.68 -45.33
CA ASN C 825 -25.38 17.33 -46.71
C ASN C 825 -24.45 16.22 -47.18
N ILE C 826 -24.87 15.53 -48.24
CA ILE C 826 -24.10 14.40 -48.75
C ILE C 826 -22.78 14.86 -49.31
N VAL C 827 -22.76 16.02 -49.99
CA VAL C 827 -21.53 16.47 -50.63
C VAL C 827 -20.46 16.81 -49.61
N GLU C 828 -20.85 17.36 -48.46
CA GLU C 828 -19.87 17.67 -47.41
C GLU C 828 -19.17 16.40 -46.94
N VAL C 829 -19.95 15.39 -46.56
CA VAL C 829 -19.36 14.13 -46.12
C VAL C 829 -18.55 13.49 -47.24
N GLU C 830 -19.00 13.64 -48.48
CA GLU C 830 -18.25 13.11 -49.61
C GLU C 830 -16.86 13.74 -49.71
N VAL C 831 -16.79 15.08 -49.64
CA VAL C 831 -15.50 15.73 -49.78
C VAL C 831 -14.61 15.40 -48.60
N ILE C 832 -15.18 15.28 -47.40
CA ILE C 832 -14.38 14.89 -46.24
C ILE C 832 -13.83 13.48 -46.42
N LEU C 833 -14.68 12.55 -46.87
CA LEU C 833 -14.22 11.17 -47.05
C LEU C 833 -13.14 11.10 -48.13
N LYS C 834 -13.31 11.84 -49.21
CA LYS C 834 -12.31 11.84 -50.28
C LYS C 834 -10.97 12.37 -49.78
N ASN C 835 -11.01 13.41 -48.95
CA ASN C 835 -9.79 13.97 -48.38
C ASN C 835 -9.31 13.12 -47.21
N ASN C 858 -17.53 7.24 -58.16
CA ASN C 858 -17.71 6.27 -59.23
C ASN C 858 -16.81 5.05 -59.02
N MET C 859 -15.68 5.26 -58.34
CA MET C 859 -14.74 4.19 -58.05
C MET C 859 -14.99 3.66 -56.65
N ARG C 860 -15.18 2.35 -56.53
CA ARG C 860 -15.37 1.72 -55.24
C ARG C 860 -14.03 1.62 -54.52
N THR C 861 -13.86 2.41 -53.46
CA THR C 861 -12.57 2.52 -52.80
C THR C 861 -12.67 2.10 -51.33
N ILE C 862 -13.77 2.45 -50.67
CA ILE C 862 -13.96 2.04 -49.28
C ILE C 862 -14.50 0.61 -49.27
N TRP C 863 -14.48 -0.02 -48.09
CA TRP C 863 -15.05 -1.34 -47.92
C TRP C 863 -15.81 -1.39 -46.61
N VAL C 864 -16.95 -2.09 -46.61
CA VAL C 864 -17.73 -2.33 -45.41
C VAL C 864 -18.37 -3.69 -45.53
N THR C 865 -18.55 -4.35 -44.38
CA THR C 865 -19.08 -5.70 -44.35
C THR C 865 -20.44 -5.75 -45.04
N GLY C 866 -20.61 -6.71 -45.95
CA GLY C 866 -21.86 -6.86 -46.66
C GLY C 866 -22.20 -5.64 -47.49
N ARG C 867 -21.27 -5.20 -48.32
CA ARG C 867 -21.45 -3.98 -49.10
C ARG C 867 -22.07 -4.31 -50.46
N LYS C 868 -22.20 -3.28 -51.28
CA LYS C 868 -22.73 -3.40 -52.63
C LYS C 868 -21.93 -2.44 -53.51
N GLY C 869 -22.46 -2.09 -54.66
CA GLY C 869 -21.73 -1.19 -55.55
C GLY C 869 -21.64 0.19 -54.95
N LEU C 870 -20.86 0.29 -53.88
CA LEU C 870 -20.77 1.49 -53.05
C LEU C 870 -19.49 2.24 -53.38
N THR C 871 -19.60 3.56 -53.52
CA THR C 871 -18.45 4.42 -53.78
C THR C 871 -18.40 5.53 -52.71
N GLU C 872 -17.49 6.48 -52.91
CA GLU C 872 -17.40 7.59 -51.98
C GLU C 872 -18.65 8.46 -52.00
N ARG C 873 -19.37 8.46 -53.12
CA ARG C 873 -20.57 9.28 -53.24
C ARG C 873 -21.73 8.67 -52.45
N GLU C 874 -22.14 7.45 -52.82
CA GLU C 874 -23.29 6.83 -52.16
C GLU C 874 -22.99 6.47 -50.72
N ALA C 875 -21.73 6.22 -50.38
CA ALA C 875 -21.37 5.92 -48.99
C ALA C 875 -21.70 7.09 -48.08
N ALA C 876 -21.38 8.31 -48.51
CA ALA C 876 -21.73 9.49 -47.72
C ALA C 876 -23.24 9.64 -47.60
N ALA C 877 -23.99 9.37 -48.67
CA ALA C 877 -25.44 9.49 -48.62
C ALA C 877 -26.05 8.48 -47.66
N LEU C 878 -25.52 7.26 -47.64
CA LEU C 878 -26.04 6.24 -46.74
C LEU C 878 -25.61 6.49 -45.29
N ILE C 879 -24.45 7.11 -45.08
CA ILE C 879 -24.00 7.40 -43.72
C ILE C 879 -24.98 8.35 -43.03
N VAL C 880 -25.38 9.41 -43.72
CA VAL C 880 -26.33 10.36 -43.13
C VAL C 880 -27.71 9.72 -43.02
N GLU C 881 -28.10 8.90 -44.00
CA GLU C 881 -29.40 8.26 -43.95
C GLU C 881 -29.52 7.33 -42.75
N GLU C 882 -28.48 6.51 -42.49
CA GLU C 882 -28.51 5.63 -41.34
C GLU C 882 -28.51 6.41 -40.04
N ALA C 883 -27.79 7.54 -39.98
CA ALA C 883 -27.81 8.37 -38.79
C ALA C 883 -29.22 8.85 -38.50
N ARG C 884 -29.97 9.24 -39.54
CA ARG C 884 -31.35 9.68 -39.32
C ARG C 884 -32.20 8.55 -38.73
N MET C 885 -32.04 7.33 -39.23
CA MET C 885 -32.82 6.21 -38.71
C MET C 885 -32.49 5.95 -37.24
N ILE C 886 -31.22 6.09 -36.85
CA ILE C 886 -30.84 5.88 -35.46
C ILE C 886 -31.61 6.85 -34.56
N LEU C 887 -31.76 8.10 -35.00
CA LEU C 887 -32.54 9.08 -34.26
C LEU C 887 -34.03 8.82 -34.44
N GLY D 108 -30.12 51.02 -23.88
CA GLY D 108 -29.37 50.16 -22.98
C GLY D 108 -28.24 50.89 -22.28
N LYS D 109 -28.57 52.01 -21.63
CA LYS D 109 -27.60 52.80 -20.90
C LYS D 109 -27.46 52.36 -19.45
N ASN D 110 -27.77 51.11 -19.14
CA ASN D 110 -27.72 50.60 -17.78
C ASN D 110 -28.65 51.38 -16.87
N LEU D 111 -28.72 50.98 -15.60
CA LEU D 111 -29.61 51.62 -14.63
C LEU D 111 -29.25 51.11 -13.24
N VAL D 112 -29.41 51.97 -12.24
CA VAL D 112 -29.28 51.59 -10.85
C VAL D 112 -30.30 52.37 -10.06
N TYR D 113 -31.08 51.69 -9.23
CA TYR D 113 -32.11 52.35 -8.44
C TYR D 113 -32.28 51.59 -7.13
N SER D 114 -32.80 52.31 -6.14
CA SER D 114 -33.04 51.75 -4.82
C SER D 114 -34.41 52.22 -4.34
N ALA D 115 -35.08 51.37 -3.57
CA ALA D 115 -36.38 51.69 -2.99
C ALA D 115 -36.65 50.70 -1.88
N PRO D 116 -37.39 51.09 -0.86
CA PRO D 116 -37.67 50.14 0.24
C PRO D 116 -38.53 48.98 -0.24
N THR D 117 -38.32 47.82 0.38
CA THR D 117 -39.14 46.67 0.07
C THR D 117 -40.57 46.91 0.54
N SER D 118 -41.48 46.08 0.03
CA SER D 118 -42.91 46.27 0.29
C SER D 118 -43.44 47.49 -0.44
N ALA D 119 -42.73 47.92 -1.48
CA ALA D 119 -43.15 49.05 -2.30
C ALA D 119 -43.08 48.73 -3.79
N GLY D 120 -43.09 47.45 -4.16
CA GLY D 120 -43.04 47.08 -5.56
C GLY D 120 -41.77 47.52 -6.25
N LYS D 121 -40.64 47.49 -5.54
CA LYS D 121 -39.39 47.94 -6.14
C LYS D 121 -38.97 47.04 -7.29
N THR D 122 -39.31 45.75 -7.20
CA THR D 122 -38.97 44.83 -8.27
C THR D 122 -39.84 44.99 -9.51
N LEU D 123 -40.94 45.74 -9.41
CA LEU D 123 -41.88 45.82 -10.52
C LEU D 123 -41.20 46.36 -11.78
N VAL D 124 -40.43 47.44 -11.65
CA VAL D 124 -39.77 48.02 -12.81
C VAL D 124 -38.87 46.99 -13.47
N ALA D 125 -38.30 46.08 -12.67
CA ALA D 125 -37.42 45.06 -13.23
C ALA D 125 -38.16 44.19 -14.23
N GLU D 126 -39.38 43.77 -13.90
CA GLU D 126 -40.12 42.89 -14.80
C GLU D 126 -40.36 43.57 -16.14
N LEU D 127 -40.79 44.84 -16.11
CA LEU D 127 -41.00 45.56 -17.36
C LEU D 127 -39.71 45.68 -18.14
N LEU D 128 -38.59 45.98 -17.47
CA LEU D 128 -37.33 46.14 -18.18
C LEU D 128 -36.91 44.84 -18.86
N ILE D 129 -36.99 43.71 -18.13
CA ILE D 129 -36.64 42.43 -18.74
C ILE D 129 -37.57 42.12 -19.90
N LEU D 130 -38.87 42.35 -19.73
CA LEU D 130 -39.80 42.05 -20.81
C LEU D 130 -39.47 42.85 -22.05
N LYS D 131 -39.25 44.16 -21.90
CA LYS D 131 -38.94 45.00 -23.04
C LYS D 131 -37.65 44.53 -23.72
N ARG D 132 -36.59 44.35 -22.94
CA ARG D 132 -35.31 43.98 -23.53
C ARG D 132 -35.38 42.63 -24.22
N VAL D 133 -35.99 41.63 -23.58
CA VAL D 133 -36.01 40.29 -24.16
C VAL D 133 -36.88 40.24 -25.40
N LEU D 134 -37.99 40.99 -25.40
CA LEU D 134 -38.84 40.99 -26.61
C LEU D 134 -38.22 41.79 -27.74
N GLU D 135 -37.45 42.84 -27.42
CA GLU D 135 -36.87 43.66 -28.47
C GLU D 135 -35.62 43.04 -29.05
N MET D 136 -34.59 42.86 -28.22
CA MET D 136 -33.31 42.35 -28.71
C MET D 136 -33.28 40.83 -28.82
N ARG D 137 -34.27 40.14 -28.27
CA ARG D 137 -34.32 38.68 -28.32
C ARG D 137 -33.09 38.06 -27.68
N LYS D 138 -32.52 38.76 -26.69
CA LYS D 138 -31.33 38.33 -25.99
C LYS D 138 -31.70 37.89 -24.57
N LYS D 139 -30.71 37.36 -23.86
CA LYS D 139 -30.94 36.78 -22.54
C LYS D 139 -30.98 37.86 -21.47
N ALA D 140 -31.42 37.45 -20.28
CA ALA D 140 -31.52 38.38 -19.15
C ALA D 140 -31.28 37.58 -17.88
N LEU D 141 -30.10 37.77 -17.28
CA LEU D 141 -29.73 37.07 -16.05
C LEU D 141 -30.30 37.85 -14.88
N PHE D 142 -31.22 37.23 -14.15
CA PHE D 142 -31.78 37.79 -12.94
C PHE D 142 -31.02 37.19 -11.76
N ILE D 143 -30.14 37.96 -11.14
CA ILE D 143 -29.26 37.47 -10.10
C ILE D 143 -29.90 37.74 -8.74
N LEU D 144 -29.95 36.72 -7.90
CA LEU D 144 -30.52 36.79 -6.56
C LEU D 144 -29.49 36.35 -5.55
N PRO D 145 -29.59 36.84 -4.30
CA PRO D 145 -28.59 36.45 -3.30
C PRO D 145 -28.70 35.01 -2.84
N PHE D 146 -29.91 34.59 -2.46
CA PHE D 146 -30.12 33.28 -1.86
C PHE D 146 -30.90 32.38 -2.80
N VAL D 147 -30.84 31.08 -2.51
CA VAL D 147 -31.49 30.07 -3.34
C VAL D 147 -32.99 30.06 -3.13
N SER D 148 -33.48 30.33 -1.91
CA SER D 148 -34.92 30.35 -1.69
C SER D 148 -35.57 31.48 -2.46
N VAL D 149 -35.01 32.69 -2.35
CA VAL D 149 -35.54 33.83 -3.09
C VAL D 149 -35.36 33.63 -4.58
N ALA D 150 -34.27 32.99 -5.00
CA ALA D 150 -34.10 32.69 -6.42
C ALA D 150 -35.19 31.75 -6.93
N LYS D 151 -35.50 30.70 -6.16
CA LYS D 151 -36.61 29.81 -6.54
C LYS D 151 -37.92 30.59 -6.63
N GLU D 152 -38.21 31.40 -5.61
CA GLU D 152 -39.47 32.12 -5.59
C GLU D 152 -39.57 33.06 -6.80
N LYS D 153 -38.48 33.77 -7.11
CA LYS D 153 -38.50 34.69 -8.24
C LYS D 153 -38.61 33.94 -9.56
N LYS D 154 -37.96 32.78 -9.65
CA LYS D 154 -38.08 31.98 -10.87
C LYS D 154 -39.52 31.55 -11.09
N TYR D 155 -40.20 31.11 -10.02
CA TYR D 155 -41.62 30.76 -10.15
C TYR D 155 -42.47 31.97 -10.52
N TYR D 156 -42.18 33.12 -9.91
CA TYR D 156 -42.92 34.34 -10.21
C TYR D 156 -42.78 34.72 -11.68
N LEU D 157 -41.54 34.72 -12.19
CA LEU D 157 -41.33 35.07 -13.58
C LEU D 157 -41.92 34.03 -14.52
N GLN D 158 -41.86 32.75 -14.15
CA GLN D 158 -42.50 31.72 -14.95
C GLN D 158 -43.99 31.99 -15.08
N SER D 159 -44.66 32.25 -13.95
CA SER D 159 -46.09 32.54 -14.00
C SER D 159 -46.38 33.78 -14.84
N LEU D 160 -45.57 34.83 -14.68
CA LEU D 160 -45.87 36.10 -15.33
C LEU D 160 -45.48 36.14 -16.79
N PHE D 161 -44.62 35.23 -17.27
CA PHE D 161 -44.17 35.28 -18.65
C PHE D 161 -44.37 33.95 -19.39
N GLN D 162 -45.16 33.03 -18.83
CA GLN D 162 -45.50 31.82 -19.57
C GLN D 162 -46.38 32.13 -20.77
N GLU D 163 -47.27 33.11 -20.65
CA GLU D 163 -48.25 33.41 -21.68
C GLU D 163 -47.68 34.21 -22.84
N VAL D 164 -46.35 34.32 -22.95
CA VAL D 164 -45.72 35.07 -24.02
C VAL D 164 -44.70 34.19 -24.73
N GLY D 165 -44.77 32.89 -24.49
CA GLY D 165 -43.83 31.96 -25.09
C GLY D 165 -42.39 32.32 -24.81
N ILE D 166 -42.02 32.36 -23.53
CA ILE D 166 -40.68 32.72 -23.11
C ILE D 166 -40.22 31.73 -22.04
N LYS D 167 -38.98 31.27 -22.15
CA LYS D 167 -38.44 30.28 -21.24
C LYS D 167 -37.82 30.97 -20.03
N VAL D 168 -38.11 30.46 -18.84
CA VAL D 168 -37.60 31.03 -17.60
C VAL D 168 -37.15 29.91 -16.68
N ASP D 169 -35.83 29.70 -16.60
CA ASP D 169 -35.27 28.66 -15.75
C ASP D 169 -33.89 29.11 -15.32
N GLY D 170 -33.65 29.15 -14.01
CA GLY D 170 -32.41 29.68 -13.48
C GLY D 170 -31.47 28.61 -12.97
N TYR D 171 -30.25 29.05 -12.65
CA TYR D 171 -29.19 28.22 -12.10
C TYR D 171 -28.99 28.64 -10.66
N MET D 172 -29.58 27.90 -9.72
CA MET D 172 -29.49 28.26 -8.31
C MET D 172 -29.27 27.01 -7.48
N GLY D 173 -28.46 27.12 -6.44
CA GLY D 173 -28.16 25.97 -5.62
C GLY D 173 -27.44 24.90 -6.44
N SER D 174 -27.73 23.65 -6.10
CA SER D 174 -27.17 22.54 -6.87
C SER D 174 -27.97 22.27 -8.14
N THR D 175 -29.17 22.82 -8.27
CA THR D 175 -30.05 22.48 -9.37
C THR D 175 -29.61 23.20 -10.64
N SER D 176 -30.30 22.91 -11.73
CA SER D 176 -30.01 23.50 -13.03
C SER D 176 -31.13 23.14 -13.98
N PRO D 177 -31.34 23.93 -15.03
CA PRO D 177 -32.40 23.61 -15.99
C PRO D 177 -32.06 22.33 -16.76
N SER D 178 -33.13 21.63 -17.16
CA SER D 178 -33.01 20.41 -17.95
C SER D 178 -32.89 20.71 -19.45
N ARG D 179 -32.56 21.93 -19.82
CA ARG D 179 -32.41 22.32 -21.21
C ARG D 179 -31.22 23.26 -21.33
N HIS D 180 -30.66 23.33 -22.54
CA HIS D 180 -29.47 24.12 -22.75
C HIS D 180 -29.72 25.58 -22.41
N PHE D 181 -28.61 26.32 -22.27
CA PHE D 181 -28.69 27.76 -22.02
C PHE D 181 -29.17 28.53 -23.24
N SER D 182 -28.98 27.96 -24.44
CA SER D 182 -29.42 28.66 -25.65
C SER D 182 -30.93 28.84 -25.67
N SER D 183 -31.67 27.78 -25.36
CA SER D 183 -33.13 27.86 -25.38
C SER D 183 -33.67 28.83 -24.32
N LEU D 184 -32.90 29.10 -23.28
CA LEU D 184 -33.39 29.95 -22.20
C LEU D 184 -33.48 31.40 -22.65
N ASP D 185 -34.36 32.13 -21.99
CA ASP D 185 -34.51 33.57 -22.20
C ASP D 185 -34.20 34.37 -20.94
N ILE D 186 -34.71 33.95 -19.79
CA ILE D 186 -34.40 34.56 -18.50
C ILE D 186 -33.85 33.47 -17.60
N ALA D 187 -32.63 33.66 -17.11
CA ALA D 187 -31.98 32.73 -16.20
C ALA D 187 -31.94 33.38 -14.83
N VAL D 188 -32.78 32.91 -13.92
CA VAL D 188 -32.85 33.48 -12.56
C VAL D 188 -31.81 32.73 -11.74
N CYS D 189 -30.57 33.18 -11.84
CA CYS D 189 -29.45 32.52 -11.19
C CYS D 189 -29.12 33.19 -9.86
N THR D 190 -28.34 32.49 -9.06
CA THR D 190 -27.77 33.03 -7.84
C THR D 190 -26.38 33.61 -8.15
N ILE D 191 -25.88 34.45 -7.23
CA ILE D 191 -24.64 35.17 -7.49
C ILE D 191 -23.52 34.20 -7.85
N GLU D 192 -23.41 33.10 -7.12
CA GLU D 192 -22.31 32.17 -7.35
C GLU D 192 -22.34 31.62 -8.77
N ARG D 193 -23.52 31.26 -9.25
CA ARG D 193 -23.65 30.58 -10.54
C ARG D 193 -23.79 31.53 -11.70
N ALA D 194 -24.23 32.76 -11.46
CA ALA D 194 -24.19 33.77 -12.52
C ALA D 194 -22.75 34.05 -12.95
N ASN D 195 -21.82 34.06 -12.00
CA ASN D 195 -20.41 34.22 -12.34
C ASN D 195 -19.95 33.09 -13.26
N GLY D 196 -20.34 31.86 -12.96
CA GLY D 196 -19.97 30.75 -13.81
C GLY D 196 -20.58 30.85 -15.20
N LEU D 197 -21.84 31.30 -15.26
CA LEU D 197 -22.48 31.52 -16.56
C LEU D 197 -21.69 32.53 -17.38
N ILE D 198 -21.33 33.65 -16.75
CA ILE D 198 -20.56 34.68 -17.46
C ILE D 198 -19.21 34.14 -17.88
N ASN D 199 -18.56 33.36 -17.02
CA ASN D 199 -17.26 32.80 -17.36
C ASN D 199 -17.36 31.89 -18.56
N ARG D 200 -18.36 31.02 -18.61
CA ARG D 200 -18.48 30.12 -19.75
C ARG D 200 -18.85 30.88 -21.01
N LEU D 201 -19.67 31.93 -20.90
CA LEU D 201 -19.94 32.76 -22.07
C LEU D 201 -18.66 33.39 -22.59
N ILE D 202 -17.84 33.92 -21.70
CA ILE D 202 -16.59 34.55 -22.13
C ILE D 202 -15.68 33.53 -22.78
N GLU D 203 -15.56 32.34 -22.19
CA GLU D 203 -14.66 31.33 -22.74
C GLU D 203 -15.17 30.81 -24.08
N GLU D 204 -16.49 30.78 -24.26
CA GLU D 204 -17.08 30.37 -25.53
C GLU D 204 -17.22 31.53 -26.51
N ASN D 205 -16.83 32.74 -26.11
CA ASN D 205 -16.88 33.91 -26.99
C ASN D 205 -18.29 34.13 -27.54
N LYS D 206 -19.28 33.92 -26.68
CA LYS D 206 -20.68 34.14 -27.00
C LYS D 206 -21.27 35.19 -26.06
N MET D 207 -20.46 36.20 -25.74
CA MET D 207 -20.90 37.22 -24.78
C MET D 207 -22.05 38.06 -25.33
N ASP D 208 -22.13 38.25 -26.65
CA ASP D 208 -23.18 39.06 -27.22
C ASP D 208 -24.57 38.46 -27.03
N LEU D 209 -24.64 37.18 -26.63
CA LEU D 209 -25.95 36.55 -26.43
C LEU D 209 -26.75 37.25 -25.33
N LEU D 210 -26.07 37.90 -24.38
CA LEU D 210 -26.77 38.52 -23.27
C LEU D 210 -27.32 39.88 -23.66
N GLY D 211 -28.48 40.20 -23.10
CA GLY D 211 -29.11 41.48 -23.31
C GLY D 211 -29.27 42.27 -22.03
N MET D 212 -29.40 41.58 -20.90
CA MET D 212 -29.54 42.27 -19.62
C MET D 212 -29.01 41.41 -18.49
N VAL D 213 -28.57 42.09 -17.42
CA VAL D 213 -28.19 41.44 -16.17
C VAL D 213 -28.81 42.26 -15.05
N VAL D 214 -29.97 41.84 -14.57
CA VAL D 214 -30.59 42.48 -13.41
C VAL D 214 -29.99 41.88 -12.15
N VAL D 215 -29.74 42.71 -11.15
CA VAL D 215 -29.19 42.28 -9.88
C VAL D 215 -30.12 42.75 -8.77
N ASP D 216 -30.48 41.84 -7.87
CA ASP D 216 -31.40 42.13 -6.77
C ASP D 216 -30.63 42.19 -5.46
N GLU D 217 -31.03 43.13 -4.60
CA GLU D 217 -30.42 43.29 -3.28
C GLU D 217 -28.91 43.51 -3.41
N LEU D 218 -28.59 44.65 -4.05
CA LEU D 218 -27.22 45.01 -4.39
C LEU D 218 -26.37 45.37 -3.17
N HIS D 219 -26.98 45.65 -2.02
CA HIS D 219 -26.19 45.97 -0.84
C HIS D 219 -25.33 44.80 -0.40
N MET D 220 -25.61 43.59 -0.89
CA MET D 220 -24.76 42.44 -0.63
C MET D 220 -23.40 42.57 -1.29
N LEU D 221 -23.21 43.55 -2.18
CA LEU D 221 -21.92 43.75 -2.83
C LEU D 221 -20.82 44.04 -1.81
N GLY D 222 -21.17 44.61 -0.66
CA GLY D 222 -20.17 45.03 0.30
C GLY D 222 -19.64 43.91 1.17
N ASP D 223 -19.62 44.14 2.49
CA ASP D 223 -19.05 43.17 3.43
C ASP D 223 -19.89 41.90 3.38
N SER D 224 -19.33 40.85 2.79
CA SER D 224 -20.06 39.61 2.60
C SER D 224 -19.10 38.56 2.05
N HIS D 225 -19.43 37.29 2.29
CA HIS D 225 -18.65 36.17 1.78
C HIS D 225 -19.04 35.78 0.36
N ARG D 226 -19.97 36.52 -0.25
CA ARG D 226 -20.36 36.29 -1.64
C ARG D 226 -20.40 37.57 -2.45
N GLY D 227 -20.35 38.75 -1.81
CA GLY D 227 -20.44 39.99 -2.56
C GLY D 227 -19.32 40.17 -3.57
N TYR D 228 -18.13 39.64 -3.29
CA TYR D 228 -17.03 39.79 -4.22
C TYR D 228 -17.34 39.12 -5.54
N LEU D 229 -18.08 38.01 -5.52
CA LEU D 229 -18.48 37.37 -6.77
C LEU D 229 -19.36 38.30 -7.59
N LEU D 230 -20.29 38.99 -6.94
CA LEU D 230 -21.12 39.97 -7.64
C LEU D 230 -20.26 41.10 -8.20
N GLU D 231 -19.28 41.55 -7.41
CA GLU D 231 -18.38 42.61 -7.87
C GLU D 231 -17.65 42.20 -9.14
N LEU D 232 -17.05 41.00 -9.14
CA LEU D 232 -16.34 40.53 -10.32
C LEU D 232 -17.29 40.33 -11.50
N LEU D 233 -18.48 39.79 -11.25
CA LEU D 233 -19.44 39.58 -12.32
C LEU D 233 -19.78 40.89 -12.99
N LEU D 234 -20.05 41.93 -12.19
CA LEU D 234 -20.38 43.23 -12.77
C LEU D 234 -19.17 43.86 -13.45
N THR D 235 -17.98 43.65 -12.91
CA THR D 235 -16.78 44.20 -13.53
C THR D 235 -16.56 43.60 -14.91
N LYS D 236 -16.78 42.29 -15.06
CA LYS D 236 -16.59 41.68 -16.37
C LYS D 236 -17.52 42.29 -17.42
N ILE D 237 -18.78 42.53 -17.06
CA ILE D 237 -19.72 43.08 -18.03
C ILE D 237 -19.27 44.45 -18.51
N CYS D 238 -18.91 45.33 -17.57
CA CYS D 238 -18.50 46.67 -17.96
C CYS D 238 -17.21 46.62 -18.78
N TYR D 239 -16.25 45.78 -18.40
CA TYR D 239 -15.02 45.66 -19.16
C TYR D 239 -15.32 45.23 -20.59
N ILE D 240 -16.07 44.14 -20.75
CA ILE D 240 -16.33 43.61 -22.08
C ILE D 240 -17.10 44.61 -22.92
N THR D 241 -18.10 45.29 -22.32
CA THR D 241 -18.86 46.29 -23.07
C THR D 241 -17.97 47.43 -23.52
N ARG D 242 -17.07 47.91 -22.66
CA ARG D 242 -16.24 49.04 -23.04
C ARG D 242 -15.20 48.67 -24.08
N LYS D 243 -14.63 47.47 -23.99
CA LYS D 243 -13.70 47.04 -25.03
C LYS D 243 -14.42 46.83 -26.37
N SER D 244 -15.63 46.26 -26.33
CA SER D 244 -16.39 45.94 -27.54
C SER D 244 -17.80 46.49 -27.36
N ALA D 245 -18.09 47.60 -28.04
CA ALA D 245 -19.42 48.20 -27.98
C ALA D 245 -20.34 47.56 -29.00
N SER D 256 -25.55 51.81 -28.29
CA SER D 256 -25.58 51.75 -26.84
C SER D 256 -26.66 50.77 -26.36
N ASN D 257 -26.63 49.56 -26.91
CA ASN D 257 -27.59 48.52 -26.57
C ASN D 257 -26.88 47.18 -26.41
N ALA D 258 -25.73 47.18 -25.74
CA ALA D 258 -24.94 45.96 -25.60
C ALA D 258 -25.47 45.10 -24.45
N VAL D 259 -25.42 45.62 -23.23
CA VAL D 259 -25.85 44.89 -22.04
C VAL D 259 -26.32 45.89 -21.00
N GLN D 260 -27.55 45.75 -20.54
CA GLN D 260 -28.13 46.62 -19.54
C GLN D 260 -28.01 46.00 -18.16
N ILE D 261 -27.72 46.82 -17.16
CA ILE D 261 -27.55 46.38 -15.78
C ILE D 261 -28.55 47.13 -14.91
N VAL D 262 -29.18 46.41 -13.99
CA VAL D 262 -30.17 46.98 -13.08
C VAL D 262 -29.88 46.50 -11.68
N GLY D 263 -30.10 47.36 -10.70
CA GLY D 263 -29.80 47.03 -9.32
C GLY D 263 -30.91 47.47 -8.40
N MET D 264 -30.95 46.86 -7.22
CA MET D 264 -31.90 47.20 -6.18
C MET D 264 -31.20 47.19 -4.83
N SER D 265 -31.76 47.94 -3.88
CA SER D 265 -31.26 47.92 -2.51
C SER D 265 -32.13 48.86 -1.68
N ALA D 266 -31.87 48.86 -0.38
CA ALA D 266 -32.46 49.85 0.52
C ALA D 266 -31.73 51.17 0.37
N THR D 267 -31.84 52.07 1.35
CA THR D 267 -31.23 53.37 1.25
C THR D 267 -29.71 53.29 1.43
N LEU D 268 -28.99 53.19 0.31
CA LEU D 268 -27.53 53.09 0.36
C LEU D 268 -26.90 54.48 0.47
N PRO D 269 -26.01 54.70 1.45
CA PRO D 269 -25.34 56.00 1.54
C PRO D 269 -24.54 56.36 0.31
N ASN D 270 -24.09 55.38 -0.47
CA ASN D 270 -23.27 55.62 -1.65
C ASN D 270 -23.87 54.95 -2.87
N LEU D 271 -25.19 55.09 -3.03
CA LEU D 271 -25.86 54.59 -4.23
C LEU D 271 -25.34 55.29 -5.48
N GLU D 272 -25.18 56.62 -5.40
CA GLU D 272 -24.66 57.37 -6.54
C GLU D 272 -23.27 56.89 -6.91
N LEU D 273 -22.44 56.53 -5.92
CA LEU D 273 -21.12 56.00 -6.22
C LEU D 273 -21.21 54.70 -7.00
N VAL D 274 -22.13 53.82 -6.61
CA VAL D 274 -22.31 52.56 -7.33
C VAL D 274 -22.77 52.83 -8.76
N ALA D 275 -23.72 53.76 -8.93
CA ALA D 275 -24.16 54.09 -10.28
C ALA D 275 -23.02 54.64 -11.12
N SER D 276 -22.20 55.50 -10.53
CA SER D 276 -21.03 56.03 -11.25
C SER D 276 -20.08 54.91 -11.65
N TRP D 277 -19.86 53.95 -10.76
CA TRP D 277 -19.02 52.80 -11.12
C TRP D 277 -19.63 52.05 -12.30
N LEU D 278 -20.94 51.83 -12.28
CA LEU D 278 -21.60 51.08 -13.33
C LEU D 278 -21.94 51.92 -14.56
N ASN D 279 -21.76 53.25 -14.49
CA ASN D 279 -22.14 54.15 -15.57
C ASN D 279 -23.64 54.00 -15.87
N ALA D 280 -24.44 54.25 -14.84
CA ALA D 280 -25.87 54.06 -14.92
C ALA D 280 -26.57 55.22 -14.22
N GLU D 281 -27.87 55.33 -14.45
CA GLU D 281 -28.67 56.40 -13.86
C GLU D 281 -28.87 56.13 -12.38
N LEU D 282 -29.64 57.00 -11.72
CA LEU D 282 -29.83 56.93 -10.28
C LEU D 282 -31.28 57.24 -9.95
N TYR D 283 -31.86 56.47 -9.04
CA TYR D 283 -33.20 56.74 -8.51
C TYR D 283 -33.25 56.21 -7.10
N HIS D 284 -33.48 57.10 -6.14
CA HIS D 284 -33.57 56.74 -4.73
C HIS D 284 -34.78 57.44 -4.12
N THR D 285 -35.66 56.66 -3.50
CA THR D 285 -36.86 57.21 -2.89
C THR D 285 -37.24 56.35 -1.69
N ASP D 286 -37.80 57.01 -0.68
CA ASP D 286 -38.25 56.35 0.55
C ASP D 286 -39.77 56.50 0.62
N PHE D 287 -40.47 55.56 -0.01
CA PHE D 287 -41.93 55.56 -0.06
C PHE D 287 -42.43 54.15 0.15
N ARG D 288 -43.54 54.02 0.87
CA ARG D 288 -44.17 52.73 1.09
C ARG D 288 -45.66 52.95 1.31
N PRO D 289 -46.52 52.11 0.74
CA PRO D 289 -47.97 52.33 0.90
C PRO D 289 -48.41 52.20 2.34
N VAL D 290 -47.73 51.35 3.10
CA VAL D 290 -48.04 51.15 4.51
C VAL D 290 -46.96 51.85 5.33
N PRO D 291 -47.15 53.11 5.69
CA PRO D 291 -46.08 53.83 6.42
C PRO D 291 -45.80 53.17 7.76
N LEU D 292 -44.53 52.97 8.05
CA LEU D 292 -44.11 52.39 9.32
C LEU D 292 -43.97 53.48 10.38
N LEU D 293 -44.50 53.19 11.56
CA LEU D 293 -44.43 54.12 12.68
C LEU D 293 -43.30 53.72 13.63
N GLU D 294 -42.93 54.65 14.50
CA GLU D 294 -41.85 54.41 15.46
C GLU D 294 -42.03 55.38 16.62
N SER D 295 -42.42 54.84 17.78
CA SER D 295 -42.55 55.65 18.99
C SER D 295 -42.36 54.72 20.18
N VAL D 296 -41.16 54.74 20.77
CA VAL D 296 -40.85 53.83 21.87
C VAL D 296 -41.74 54.12 23.05
N LYS D 297 -42.24 53.06 23.70
CA LYS D 297 -43.12 53.18 24.87
C LYS D 297 -42.73 52.05 25.83
N VAL D 298 -41.95 52.40 26.85
CA VAL D 298 -41.53 51.43 27.85
C VAL D 298 -42.61 51.25 28.90
N ASP D 324 -40.76 40.92 30.24
CA ASP D 324 -41.00 40.95 28.81
C ASP D 324 -42.25 41.76 28.49
N HIS D 325 -43.33 41.46 29.19
CA HIS D 325 -44.62 42.14 29.00
C HIS D 325 -45.07 42.01 27.55
N VAL D 326 -45.29 40.77 27.13
CA VAL D 326 -45.76 40.46 25.79
C VAL D 326 -47.15 39.87 25.77
N VAL D 327 -47.70 39.48 26.92
CA VAL D 327 -48.99 38.80 26.94
C VAL D 327 -50.11 39.75 26.48
N SER D 328 -50.22 40.92 27.13
CA SER D 328 -51.26 41.87 26.75
C SER D 328 -51.01 42.41 25.34
N LEU D 329 -49.75 42.65 24.99
CA LEU D 329 -49.44 43.13 23.65
C LEU D 329 -49.91 42.14 22.59
N CYS D 330 -49.66 40.85 22.80
CA CYS D 330 -50.10 39.84 21.86
C CYS D 330 -51.62 39.71 21.85
N TYR D 331 -52.26 39.81 23.02
CA TYR D 331 -53.71 39.67 23.07
C TYR D 331 -54.41 40.80 22.32
N GLU D 332 -53.99 42.05 22.56
CA GLU D 332 -54.62 43.16 21.86
C GLU D 332 -54.35 43.12 20.37
N THR D 333 -53.19 42.60 19.96
CA THR D 333 -52.88 42.52 18.54
C THR D 333 -53.67 41.41 17.86
N ILE D 334 -53.80 40.26 18.51
CA ILE D 334 -54.57 39.16 17.94
C ILE D 334 -56.05 39.50 17.90
N CYS D 335 -56.56 40.21 18.91
CA CYS D 335 -57.96 40.60 18.90
C CYS D 335 -58.29 41.46 17.69
N ASP D 336 -57.30 42.15 17.14
CA ASP D 336 -57.50 43.02 15.98
C ASP D 336 -57.48 42.25 14.66
N ASN D 337 -57.25 40.94 14.71
CA ASN D 337 -57.23 40.11 13.50
C ASN D 337 -56.01 40.43 12.63
N HIS D 338 -54.87 40.62 13.28
CA HIS D 338 -53.62 40.92 12.60
C HIS D 338 -52.53 40.00 13.12
N SER D 339 -51.58 39.68 12.24
CA SER D 339 -50.50 38.77 12.56
C SER D 339 -49.39 39.51 13.32
N VAL D 340 -48.41 38.73 13.78
CA VAL D 340 -47.23 39.27 14.44
C VAL D 340 -46.01 38.45 14.03
N LEU D 341 -44.93 39.14 13.72
CA LEU D 341 -43.67 38.51 13.31
C LEU D 341 -42.63 38.85 14.36
N LEU D 342 -42.33 37.90 15.24
CA LEU D 342 -41.30 38.08 16.25
C LEU D 342 -39.98 37.54 15.73
N PHE D 343 -38.90 38.26 16.03
CA PHE D 343 -37.56 37.88 15.61
C PHE D 343 -36.72 37.60 16.85
N CYS D 344 -36.14 36.39 16.90
CA CYS D 344 -35.38 35.95 18.05
C CYS D 344 -34.02 35.45 17.57
N PRO D 345 -32.92 35.78 18.27
CA PRO D 345 -31.60 35.37 17.77
C PRO D 345 -31.33 33.89 17.93
N SER D 346 -31.66 33.36 19.10
CA SER D 346 -31.38 31.97 19.41
C SER D 346 -32.46 31.05 18.83
N LYS D 347 -32.06 29.80 18.58
CA LYS D 347 -32.94 28.80 17.99
C LYS D 347 -33.76 28.07 19.05
N LYS D 348 -33.10 27.46 20.03
CA LYS D 348 -33.82 26.76 21.08
C LYS D 348 -34.71 27.71 21.87
N TRP D 349 -34.19 28.90 22.18
CA TRP D 349 -35.01 29.87 22.91
C TRP D 349 -36.11 30.43 22.02
N CYS D 350 -35.90 30.48 20.70
CA CYS D 350 -36.99 30.85 19.80
C CYS D 350 -38.10 29.82 19.83
N GLU D 351 -37.73 28.53 19.82
CA GLU D 351 -38.73 27.48 19.90
C GLU D 351 -39.48 27.54 21.22
N LYS D 352 -38.77 27.75 22.33
CA LYS D 352 -39.44 27.85 23.62
C LYS D 352 -40.31 29.10 23.70
N LEU D 353 -39.89 30.19 23.06
CA LEU D 353 -40.71 31.40 23.03
C LEU D 353 -42.00 31.17 22.27
N ALA D 354 -41.93 30.42 21.16
CA ALA D 354 -43.16 30.04 20.47
C ALA D 354 -44.03 29.15 21.35
N ASP D 355 -43.39 28.20 22.06
CA ASP D 355 -44.14 27.25 22.87
C ASP D 355 -44.89 27.95 24.00
N ILE D 356 -44.25 28.90 24.66
CA ILE D 356 -44.93 29.59 25.77
C ILE D 356 -46.10 30.42 25.26
N ILE D 357 -45.93 31.08 24.11
CA ILE D 357 -47.04 31.84 23.55
C ILE D 357 -48.20 30.92 23.21
N ALA D 358 -47.91 29.77 22.61
CA ALA D 358 -48.98 28.81 22.34
C ALA D 358 -49.64 28.35 23.63
N ARG D 359 -48.86 28.14 24.70
CA ARG D 359 -49.43 27.71 25.96
C ARG D 359 -50.34 28.77 26.56
N GLU D 360 -49.93 30.05 26.51
CA GLU D 360 -50.80 31.10 27.02
C GLU D 360 -52.07 31.22 26.19
N PHE D 361 -51.97 31.08 24.87
CA PHE D 361 -53.18 31.10 24.05
C PHE D 361 -54.10 29.93 24.39
N TYR D 362 -53.53 28.75 24.62
CA TYR D 362 -54.34 27.59 24.99
C TYR D 362 -55.02 27.81 26.33
N ASN D 363 -54.30 28.36 27.31
CA ASN D 363 -54.86 28.52 28.64
C ASN D 363 -55.92 29.62 28.66
N LEU D 364 -55.56 30.82 28.23
CA LEU D 364 -56.47 31.96 28.35
C LEU D 364 -57.60 31.87 27.33
N HIS D 365 -57.27 31.85 26.05
CA HIS D 365 -58.28 31.83 25.00
C HIS D 365 -58.80 30.41 24.79
N GLU D 383 -58.59 29.48 9.88
CA GLU D 383 -59.72 28.58 10.07
C GLU D 383 -59.26 27.19 10.46
N GLN D 384 -60.09 26.49 11.24
CA GLN D 384 -59.70 25.19 11.78
C GLN D 384 -59.50 24.16 10.68
N LYS D 385 -60.34 24.17 9.64
CA LYS D 385 -60.16 23.20 8.56
C LYS D 385 -58.84 23.42 7.83
N GLU D 386 -58.51 24.68 7.53
CA GLU D 386 -57.25 24.97 6.85
C GLU D 386 -56.05 24.69 7.75
N LEU D 387 -56.18 24.98 9.04
CA LEU D 387 -55.09 24.66 9.97
C LEU D 387 -54.88 23.15 10.07
N LEU D 388 -55.96 22.37 10.05
CA LEU D 388 -55.83 20.92 9.99
C LEU D 388 -55.19 20.47 8.69
N GLU D 389 -55.50 21.15 7.58
CA GLU D 389 -54.84 20.84 6.32
C GLU D 389 -53.33 21.08 6.43
N VAL D 390 -52.93 22.17 7.08
CA VAL D 390 -51.51 22.43 7.29
C VAL D 390 -50.90 21.37 8.21
N MET D 391 -51.66 20.95 9.23
CA MET D 391 -51.23 19.83 10.06
C MET D 391 -50.91 18.61 9.20
N ASP D 392 -51.84 18.21 8.34
CA ASP D 392 -51.65 17.02 7.54
C ASP D 392 -50.50 17.19 6.56
N GLN D 393 -50.35 18.39 5.98
CA GLN D 393 -49.22 18.64 5.08
C GLN D 393 -47.90 18.49 5.82
N LEU D 394 -47.83 18.96 7.06
CA LEU D 394 -46.62 18.78 7.85
C LEU D 394 -46.41 17.32 8.22
N ARG D 395 -47.49 16.56 8.42
CA ARG D 395 -47.36 15.19 8.89
C ARG D 395 -46.60 14.33 7.89
N ARG D 396 -46.95 14.41 6.61
CA ARG D 396 -46.36 13.54 5.60
C ARG D 396 -45.14 14.24 5.01
N LEU D 397 -44.03 14.19 5.71
CA LEU D 397 -42.78 14.74 5.23
C LEU D 397 -41.68 13.75 5.53
N PRO D 398 -40.57 13.79 4.79
CA PRO D 398 -39.46 12.86 5.10
C PRO D 398 -39.01 12.97 6.54
N SER D 399 -39.01 14.17 7.11
CA SER D 399 -38.66 14.36 8.51
C SER D 399 -39.84 14.23 9.44
N GLY D 400 -41.06 14.29 8.92
CA GLY D 400 -42.25 14.15 9.73
C GLY D 400 -42.70 15.45 10.37
N LEU D 401 -43.22 15.36 11.59
CA LEU D 401 -43.75 16.52 12.31
C LEU D 401 -43.09 16.58 13.68
N ASP D 402 -42.61 17.77 14.05
CA ASP D 402 -41.94 17.95 15.32
C ASP D 402 -42.94 17.90 16.47
N SER D 403 -42.46 17.42 17.63
CA SER D 403 -43.33 17.35 18.80
C SER D 403 -43.78 18.73 19.23
N VAL D 404 -42.84 19.68 19.33
CA VAL D 404 -43.20 21.03 19.75
C VAL D 404 -44.06 21.71 18.69
N LEU D 405 -43.72 21.53 17.42
CA LEU D 405 -44.50 22.14 16.35
C LEU D 405 -45.94 21.63 16.35
N GLN D 406 -46.14 20.34 16.65
CA GLN D 406 -47.50 19.80 16.68
C GLN D 406 -48.35 20.51 17.71
N LYS D 407 -47.82 20.72 18.92
CA LYS D 407 -48.60 21.35 19.98
C LYS D 407 -48.68 22.87 19.80
N THR D 408 -47.76 23.45 19.03
CA THR D 408 -47.74 24.90 18.88
C THR D 408 -48.57 25.39 17.70
N VAL D 409 -48.57 24.65 16.60
CA VAL D 409 -49.25 25.14 15.39
C VAL D 409 -50.74 25.40 15.61
N PRO D 410 -51.51 24.53 16.30
CA PRO D 410 -53.02 24.79 16.28
C PRO D 410 -53.52 25.93 17.17
N TRP D 411 -52.65 26.78 17.71
CA TRP D 411 -53.03 27.98 18.43
C TRP D 411 -52.53 29.24 17.71
N GLY D 412 -52.36 29.16 16.40
CA GLY D 412 -51.91 30.29 15.60
C GLY D 412 -50.52 30.75 15.91
N VAL D 413 -49.65 29.85 16.36
CA VAL D 413 -48.26 30.18 16.66
C VAL D 413 -47.36 29.20 15.92
N ALA D 414 -46.28 29.70 15.35
CA ALA D 414 -45.31 28.85 14.67
C ALA D 414 -43.93 29.45 14.85
N PHE D 415 -42.91 28.68 14.47
CA PHE D 415 -41.54 29.16 14.53
C PHE D 415 -40.84 28.81 13.23
N HIS D 416 -39.76 29.53 12.95
CA HIS D 416 -39.06 29.42 11.69
C HIS D 416 -37.58 29.65 11.93
N HIS D 417 -36.76 28.65 11.63
CA HIS D 417 -35.32 28.75 11.79
C HIS D 417 -34.65 27.75 10.87
N ALA D 418 -33.35 27.93 10.68
CA ALA D 418 -32.59 27.06 9.80
C ALA D 418 -32.60 25.62 10.26
N GLY D 419 -32.95 25.37 11.52
CA GLY D 419 -33.02 23.99 12.01
C GLY D 419 -34.03 23.16 11.28
N LEU D 420 -35.15 23.76 10.87
CA LEU D 420 -36.16 23.03 10.13
C LEU D 420 -35.65 22.69 8.73
N THR D 421 -36.41 21.86 8.03
CA THR D 421 -36.11 21.58 6.63
C THR D 421 -36.62 22.70 5.74
N PHE D 422 -36.16 22.72 4.49
CA PHE D 422 -36.67 23.69 3.54
C PHE D 422 -38.17 23.53 3.35
N GLU D 423 -38.65 22.29 3.36
CA GLU D 423 -40.07 22.04 3.16
C GLU D 423 -40.90 22.55 4.34
N GLU D 424 -40.42 22.31 5.57
CA GLU D 424 -41.14 22.81 6.73
C GLU D 424 -41.15 24.33 6.76
N ARG D 425 -40.03 24.95 6.40
CA ARG D 425 -39.99 26.41 6.27
C ARG D 425 -40.99 26.88 5.24
N ASP D 426 -41.09 26.18 4.11
CA ASP D 426 -42.06 26.56 3.10
C ASP D 426 -43.49 26.45 3.61
N ILE D 427 -43.79 25.38 4.34
CA ILE D 427 -45.14 25.22 4.91
C ILE D 427 -45.45 26.39 5.82
N ILE D 428 -44.52 26.71 6.74
CA ILE D 428 -44.78 27.76 7.71
C ILE D 428 -44.91 29.12 7.02
N GLU D 429 -44.05 29.39 6.05
CA GLU D 429 -44.13 30.67 5.33
C GLU D 429 -45.46 30.79 4.60
N GLY D 430 -45.89 29.74 3.92
CA GLY D 430 -47.17 29.78 3.23
C GLY D 430 -48.33 29.97 4.20
N ALA D 431 -48.29 29.27 5.34
CA ALA D 431 -49.36 29.39 6.32
C ALA D 431 -49.44 30.81 6.88
N PHE D 432 -48.28 31.41 7.18
CA PHE D 432 -48.28 32.78 7.69
C PHE D 432 -48.74 33.77 6.63
N ARG D 433 -48.27 33.60 5.39
CA ARG D 433 -48.66 34.53 4.33
C ARG D 433 -50.16 34.48 4.08
N GLN D 434 -50.74 33.28 4.06
CA GLN D 434 -52.18 33.15 3.89
C GLN D 434 -52.95 33.68 5.10
N GLY D 435 -52.28 33.87 6.23
CA GLY D 435 -52.93 34.31 7.45
C GLY D 435 -53.34 33.19 8.37
N LEU D 436 -53.11 31.93 8.00
CA LEU D 436 -53.45 30.82 8.88
C LEU D 436 -52.66 30.89 10.17
N ILE D 437 -51.39 31.27 10.09
CA ILE D 437 -50.54 31.44 11.27
C ILE D 437 -50.54 32.92 11.63
N ARG D 438 -50.85 33.23 12.89
CA ARG D 438 -50.95 34.60 13.34
C ARG D 438 -49.65 35.12 13.94
N VAL D 439 -49.00 34.31 14.76
CA VAL D 439 -47.74 34.67 15.39
C VAL D 439 -46.65 33.75 14.85
N LEU D 440 -45.56 34.34 14.38
CA LEU D 440 -44.45 33.58 13.83
C LEU D 440 -43.15 34.06 14.46
N ALA D 441 -42.48 33.17 15.20
CA ALA D 441 -41.17 33.46 15.78
C ALA D 441 -40.11 32.97 14.80
N ALA D 442 -39.61 33.89 13.99
CA ALA D 442 -38.55 33.58 13.03
C ALA D 442 -37.19 33.89 13.64
N THR D 443 -36.14 33.85 12.84
CA THR D 443 -34.80 34.17 13.29
C THR D 443 -34.17 35.09 12.24
N SER D 444 -32.89 35.39 12.42
CA SER D 444 -32.20 36.28 11.49
C SER D 444 -32.15 35.72 10.08
N THR D 445 -32.35 34.41 9.90
CA THR D 445 -32.34 33.84 8.56
C THR D 445 -33.46 34.40 7.71
N LEU D 446 -34.67 34.50 8.27
CA LEU D 446 -35.82 34.98 7.53
C LEU D 446 -35.73 36.46 7.18
N SER D 447 -34.84 37.21 7.83
CA SER D 447 -34.76 38.65 7.59
C SER D 447 -34.46 38.94 6.13
N SER D 448 -33.54 38.18 5.54
CA SER D 448 -33.18 38.33 4.14
C SER D 448 -33.83 37.25 3.27
N GLY D 449 -34.90 36.65 3.77
CA GLY D 449 -35.59 35.57 3.07
C GLY D 449 -36.61 36.07 2.09
N VAL D 450 -37.57 35.20 1.76
CA VAL D 450 -38.60 35.51 0.78
C VAL D 450 -39.47 36.64 1.33
N ASN D 451 -40.25 37.27 0.45
CA ASN D 451 -41.17 38.32 0.87
C ASN D 451 -42.26 37.72 1.75
N LEU D 452 -42.34 38.18 3.00
CA LEU D 452 -43.33 37.68 3.96
C LEU D 452 -43.77 38.83 4.85
N PRO D 453 -44.61 39.72 4.33
CA PRO D 453 -45.01 40.89 5.11
C PRO D 453 -45.86 40.50 6.31
N ALA D 454 -45.80 41.34 7.35
CA ALA D 454 -46.57 41.15 8.56
C ALA D 454 -47.11 42.50 9.02
N ARG D 455 -48.16 42.46 9.83
CA ARG D 455 -48.76 43.70 10.33
C ARG D 455 -47.90 44.35 11.40
N ARG D 456 -47.37 43.55 12.34
CA ARG D 456 -46.59 44.07 13.45
C ARG D 456 -45.34 43.23 13.60
N VAL D 457 -44.18 43.88 13.54
CA VAL D 457 -42.89 43.22 13.73
C VAL D 457 -42.41 43.51 15.14
N ILE D 458 -41.81 42.50 15.77
CA ILE D 458 -41.23 42.63 17.10
C ILE D 458 -39.88 41.94 17.09
N ILE D 459 -38.98 42.39 17.96
CA ILE D 459 -37.64 41.82 18.08
C ILE D 459 -37.38 41.48 19.54
N ARG D 460 -36.88 40.27 19.79
CA ARG D 460 -36.66 39.82 21.16
C ARG D 460 -35.62 40.68 21.86
N THR D 461 -34.51 40.99 21.19
CA THR D 461 -33.45 41.77 21.82
C THR D 461 -32.47 42.20 20.74
N PRO D 462 -31.97 43.44 20.79
CA PRO D 462 -30.90 43.83 19.84
C PRO D 462 -29.70 42.89 19.86
N ILE D 463 -29.39 42.28 21.01
CA ILE D 463 -28.24 41.40 21.09
C ILE D 463 -28.49 40.19 20.20
N PHE D 464 -27.59 39.96 19.26
CA PHE D 464 -27.67 38.84 18.32
C PHE D 464 -26.30 38.18 18.23
N GLY D 465 -26.17 36.99 18.78
CA GLY D 465 -24.89 36.29 18.76
C GLY D 465 -23.81 36.99 19.56
N GLY D 466 -24.14 37.46 20.76
CA GLY D 466 -23.15 38.13 21.59
C GLY D 466 -22.62 39.41 20.99
N ARG D 467 -23.48 40.24 20.41
CA ARG D 467 -23.08 41.50 19.82
C ARG D 467 -24.30 42.29 19.38
N PRO D 468 -24.18 43.60 19.17
CA PRO D 468 -25.32 44.37 18.68
C PRO D 468 -25.78 43.86 17.33
N LEU D 469 -27.09 43.89 17.12
CA LEU D 469 -27.66 43.44 15.87
C LEU D 469 -27.21 44.32 14.71
N ASP D 470 -26.92 43.69 13.58
CA ASP D 470 -26.52 44.42 12.39
C ASP D 470 -27.62 45.40 11.99
N ILE D 471 -27.21 46.60 11.58
CA ILE D 471 -28.19 47.63 11.23
C ILE D 471 -28.89 47.29 9.92
N LEU D 472 -28.15 46.73 8.95
CA LEU D 472 -28.78 46.33 7.69
C LEU D 472 -29.81 45.24 7.94
N THR D 473 -29.51 44.29 8.82
CA THR D 473 -30.46 43.26 9.16
C THR D 473 -31.73 43.86 9.77
N TYR D 474 -31.57 44.84 10.66
CA TYR D 474 -32.72 45.53 11.23
C TYR D 474 -33.52 46.23 10.14
N LYS D 475 -32.82 46.89 9.21
CA LYS D 475 -33.51 47.60 8.15
C LYS D 475 -34.37 46.66 7.31
N GLN D 476 -33.81 45.50 6.95
CA GLN D 476 -34.59 44.53 6.18
C GLN D 476 -35.66 43.84 7.02
N MET D 477 -35.47 43.73 8.33
CA MET D 477 -36.52 43.21 9.19
C MET D 477 -37.74 44.13 9.18
N VAL D 478 -37.53 45.42 9.43
CA VAL D 478 -38.65 46.33 9.56
C VAL D 478 -39.47 46.43 8.28
N GLY D 479 -38.87 46.17 7.13
CA GLY D 479 -39.61 46.20 5.88
C GLY D 479 -40.78 45.22 5.85
N ARG D 480 -40.72 44.18 6.68
CA ARG D 480 -41.77 43.18 6.75
C ARG D 480 -42.89 43.56 7.72
N ALA D 481 -43.04 44.85 8.01
CA ALA D 481 -44.08 45.34 8.90
C ALA D 481 -45.04 46.21 8.08
N GLY D 482 -46.03 45.57 7.47
CA GLY D 482 -47.01 46.27 6.66
C GLY D 482 -47.32 45.56 5.36
N ARG D 483 -48.61 45.31 5.10
CA ARG D 483 -49.07 44.61 3.91
C ARG D 483 -49.68 45.62 2.95
N LYS D 484 -49.15 45.68 1.73
CA LYS D 484 -49.62 46.63 0.73
C LYS D 484 -50.91 46.12 0.11
N GLY D 485 -52.03 46.73 0.47
CA GLY D 485 -53.33 46.39 -0.09
C GLY D 485 -54.38 46.02 0.94
N VAL D 486 -53.97 45.56 2.12
CA VAL D 486 -54.92 45.15 3.15
C VAL D 486 -54.61 45.87 4.46
N ASP D 487 -53.37 46.34 4.62
CA ASP D 487 -52.94 47.02 5.81
C ASP D 487 -52.95 48.54 5.61
N THR D 488 -53.25 49.26 6.68
CA THR D 488 -53.22 50.72 6.66
C THR D 488 -51.87 51.25 7.13
N VAL D 489 -51.46 50.87 8.33
CA VAL D 489 -50.19 51.33 8.90
C VAL D 489 -49.51 50.14 9.58
N GLY D 490 -48.21 49.99 9.34
CA GLY D 490 -47.44 48.93 9.95
C GLY D 490 -46.67 49.42 11.16
N GLU D 491 -46.31 48.48 12.04
CA GLU D 491 -45.65 48.79 13.29
C GLU D 491 -44.43 47.91 13.49
N SER D 492 -43.41 48.49 14.12
CA SER D 492 -42.21 47.75 14.51
C SER D 492 -41.88 48.14 15.94
N ILE D 493 -41.92 47.16 16.84
CA ILE D 493 -41.67 47.39 18.27
C ILE D 493 -40.39 46.65 18.66
N LEU D 494 -39.50 47.36 19.34
CA LEU D 494 -38.19 46.83 19.74
C LEU D 494 -38.10 46.92 21.26
N ILE D 495 -38.40 45.83 21.95
CA ILE D 495 -38.28 45.81 23.40
C ILE D 495 -36.82 45.96 23.80
N CYS D 496 -36.59 46.71 24.87
CA CYS D 496 -35.24 46.97 25.36
C CYS D 496 -35.21 46.78 26.88
N LYS D 497 -34.05 47.02 27.48
CA LYS D 497 -33.83 46.89 28.90
C LYS D 497 -33.01 48.08 29.38
N ASN D 498 -32.67 48.07 30.68
CA ASN D 498 -31.88 49.17 31.23
C ASN D 498 -30.53 49.27 30.56
N SER D 499 -29.79 48.17 30.49
CA SER D 499 -28.50 48.17 29.81
C SER D 499 -28.67 48.20 28.29
N GLU D 500 -29.74 47.59 27.78
CA GLU D 500 -29.98 47.53 26.34
C GLU D 500 -30.63 48.79 25.80
N LYS D 501 -31.00 49.76 26.65
CA LYS D 501 -31.62 50.98 26.15
C LYS D 501 -30.67 51.74 25.23
N SER D 502 -29.39 51.85 25.61
CA SER D 502 -28.43 52.55 24.79
C SER D 502 -28.27 51.88 23.43
N LYS D 503 -28.14 50.56 23.42
CA LYS D 503 -28.01 49.84 22.14
C LYS D 503 -29.27 50.00 21.29
N GLY D 504 -30.44 49.95 21.93
CA GLY D 504 -31.68 50.08 21.18
C GLY D 504 -31.82 51.45 20.54
N ILE D 505 -31.53 52.51 21.31
CA ILE D 505 -31.62 53.85 20.74
C ILE D 505 -30.56 54.05 19.66
N ALA D 506 -29.38 53.46 19.83
CA ALA D 506 -28.36 53.55 18.80
C ALA D 506 -28.82 52.88 17.51
N LEU D 507 -29.47 51.71 17.64
CA LEU D 507 -29.94 50.98 16.46
C LEU D 507 -31.16 51.62 15.82
N LEU D 508 -31.99 52.32 16.59
CA LEU D 508 -33.15 53.00 16.02
C LEU D 508 -32.72 54.04 14.99
N GLN D 509 -31.68 54.81 15.30
CA GLN D 509 -31.16 55.82 14.40
C GLN D 509 -30.00 55.27 13.59
N GLY D 510 -29.71 55.94 12.48
CA GLY D 510 -28.60 55.57 11.64
C GLY D 510 -28.96 54.54 10.59
N SER D 511 -28.69 54.86 9.32
CA SER D 511 -28.98 53.94 8.23
C SER D 511 -27.85 52.92 8.12
N LEU D 512 -27.81 52.16 7.03
CA LEU D 512 -26.84 51.09 6.90
C LEU D 512 -25.47 51.66 6.55
N LYS D 513 -24.43 50.87 6.83
CA LYS D 513 -23.07 51.31 6.60
C LYS D 513 -22.75 51.34 5.11
N PRO D 514 -21.69 52.03 4.71
CA PRO D 514 -21.36 52.11 3.28
C PRO D 514 -20.88 50.76 2.75
N VAL D 515 -21.01 50.60 1.43
CA VAL D 515 -20.65 49.33 0.80
C VAL D 515 -19.15 49.30 0.52
N ARG D 516 -18.50 48.23 0.98
CA ARG D 516 -17.08 48.02 0.78
C ARG D 516 -16.86 47.24 -0.53
N SER D 517 -15.64 46.76 -0.73
CA SER D 517 -15.30 45.97 -1.91
C SER D 517 -14.72 44.61 -1.58
N CYS D 518 -14.07 44.46 -0.43
CA CYS D 518 -13.45 43.19 -0.04
C CYS D 518 -12.50 42.70 -1.12
N LEU D 519 -11.69 43.61 -1.65
CA LEU D 519 -10.71 43.27 -2.67
C LEU D 519 -9.35 43.88 -2.33
N VAL D 527 -3.28 40.23 -2.78
CA VAL D 527 -2.98 39.14 -1.85
C VAL D 527 -4.26 38.40 -1.50
N THR D 528 -5.39 39.10 -1.60
CA THR D 528 -6.67 38.48 -1.30
C THR D 528 -7.05 37.48 -2.39
N GLY D 529 -7.68 36.38 -1.97
CA GLY D 529 -8.07 35.35 -2.92
C GLY D 529 -9.01 35.85 -3.99
N SER D 530 -9.78 36.90 -3.68
CA SER D 530 -10.71 37.45 -4.67
C SER D 530 -9.96 38.01 -5.87
N MET D 531 -8.86 38.72 -5.64
CA MET D 531 -8.09 39.26 -6.76
C MET D 531 -7.42 38.14 -7.55
N ILE D 532 -7.02 37.06 -6.88
CA ILE D 532 -6.48 35.91 -7.60
C ILE D 532 -7.54 35.33 -8.52
N ARG D 533 -8.76 35.16 -8.00
CA ARG D 533 -9.85 34.66 -8.82
C ARG D 533 -10.10 35.58 -10.00
N ALA D 534 -10.13 36.89 -9.76
CA ALA D 534 -10.40 37.85 -10.84
C ALA D 534 -9.34 37.78 -11.93
N ILE D 535 -8.06 37.77 -11.52
CA ILE D 535 -6.98 37.70 -12.50
C ILE D 535 -7.08 36.42 -13.29
N LEU D 536 -7.35 35.29 -12.61
CA LEU D 536 -7.51 34.04 -13.32
C LEU D 536 -8.63 34.11 -14.34
N GLU D 537 -9.79 34.62 -13.93
CA GLU D 537 -10.94 34.68 -14.84
C GLU D 537 -10.57 35.47 -16.08
N ILE D 538 -9.99 36.66 -15.88
CA ILE D 538 -9.71 37.51 -17.04
C ILE D 538 -8.62 36.90 -17.91
N ILE D 539 -7.64 36.23 -17.32
CA ILE D 539 -6.54 35.70 -18.13
C ILE D 539 -6.99 34.52 -18.96
N VAL D 540 -7.69 33.56 -18.36
CA VAL D 540 -8.08 32.40 -19.15
C VAL D 540 -9.24 32.76 -20.07
N GLY D 541 -10.02 33.79 -19.73
CA GLY D 541 -11.06 34.24 -20.62
C GLY D 541 -10.53 34.85 -21.90
N GLY D 542 -9.25 35.19 -21.94
CA GLY D 542 -8.67 35.81 -23.13
C GLY D 542 -9.05 37.26 -23.30
N VAL D 543 -9.42 37.94 -22.22
CA VAL D 543 -9.84 39.34 -22.31
C VAL D 543 -8.74 40.23 -21.75
N ALA D 544 -7.90 39.67 -20.88
CA ALA D 544 -6.75 40.39 -20.31
C ALA D 544 -5.57 39.42 -20.32
N SER D 545 -4.81 39.43 -21.42
CA SER D 545 -3.66 38.56 -21.59
C SER D 545 -2.34 39.23 -21.23
N THR D 546 -2.09 40.42 -21.75
CA THR D 546 -0.85 41.15 -21.52
C THR D 546 -1.02 42.11 -20.35
N SER D 547 0.09 42.38 -19.67
CA SER D 547 0.05 43.25 -18.49
C SER D 547 -0.63 44.58 -18.79
N GLN D 548 -0.42 45.14 -19.98
CA GLN D 548 -0.84 46.51 -20.24
C GLN D 548 -2.33 46.69 -19.98
N ASP D 549 -3.15 45.72 -20.38
CA ASP D 549 -4.60 45.84 -20.23
C ASP D 549 -5.11 45.38 -18.88
N MET D 550 -4.38 44.50 -18.18
CA MET D 550 -4.84 44.03 -16.88
C MET D 550 -4.94 45.19 -15.88
N HIS D 551 -4.16 46.25 -16.08
CA HIS D 551 -4.29 47.41 -15.19
C HIS D 551 -5.63 48.10 -15.38
N THR D 552 -6.18 48.09 -16.59
CA THR D 552 -7.49 48.69 -16.81
C THR D 552 -8.58 47.94 -16.03
N TYR D 553 -8.47 46.62 -15.92
CA TYR D 553 -9.42 45.87 -15.09
C TYR D 553 -9.46 46.43 -13.68
N ALA D 554 -8.31 46.81 -13.12
CA ALA D 554 -8.31 47.40 -11.78
C ALA D 554 -9.17 48.64 -11.74
N ALA D 555 -9.03 49.52 -12.75
CA ALA D 555 -9.87 50.70 -12.81
C ALA D 555 -11.34 50.35 -12.96
N CYS D 556 -11.63 49.21 -13.62
CA CYS D 556 -13.02 48.81 -13.82
C CYS D 556 -13.70 48.36 -12.53
N THR D 557 -12.93 48.04 -11.49
CA THR D 557 -13.51 47.48 -10.28
C THR D 557 -14.18 48.56 -9.44
N PHE D 558 -15.02 48.10 -8.51
CA PHE D 558 -15.66 49.02 -7.57
C PHE D 558 -14.72 49.47 -6.47
N LEU D 559 -13.69 48.67 -6.17
CA LEU D 559 -12.65 49.14 -5.25
C LEU D 559 -11.93 50.35 -5.81
N ALA D 560 -11.61 50.33 -7.10
CA ALA D 560 -10.91 51.46 -7.71
C ALA D 560 -11.80 52.69 -7.78
N ALA D 561 -13.01 52.53 -8.30
CA ALA D 561 -13.91 53.68 -8.44
C ALA D 561 -14.24 54.30 -7.09
N SER D 562 -14.18 53.53 -6.01
CA SER D 562 -14.44 54.05 -4.69
C SER D 562 -13.22 54.78 -4.14
N GLY D 580 -2.00 48.11 -6.26
CA GLY D 580 -0.92 47.38 -6.90
C GLY D 580 -0.85 45.93 -6.48
N ALA D 581 -2.00 45.39 -6.06
CA ALA D 581 -2.09 44.00 -5.62
C ALA D 581 -2.20 43.02 -6.78
N ILE D 582 -2.33 43.51 -8.01
CA ILE D 582 -2.43 42.61 -9.16
C ILE D 582 -1.17 41.80 -9.33
N GLU D 583 0.00 42.44 -9.23
CA GLU D 583 1.26 41.74 -9.42
C GLU D 583 1.45 40.65 -8.37
N ALA D 584 1.10 40.95 -7.11
CA ALA D 584 1.22 39.94 -6.06
C ALA D 584 0.35 38.73 -6.36
N CYS D 585 -0.82 38.95 -6.94
CA CYS D 585 -1.68 37.84 -7.34
C CYS D 585 -1.17 37.15 -8.59
N VAL D 586 -0.69 37.90 -9.58
CA VAL D 586 -0.23 37.29 -10.83
C VAL D 586 0.93 36.34 -10.55
N MET D 587 1.88 36.76 -9.71
CA MET D 587 2.96 35.87 -9.33
C MET D 587 2.44 34.66 -8.54
N TRP D 588 1.46 34.85 -7.67
CA TRP D 588 0.87 33.73 -6.96
C TRP D 588 0.34 32.68 -7.92
N LEU D 589 -0.20 33.11 -9.06
CA LEU D 589 -0.72 32.15 -10.04
C LEU D 589 0.40 31.44 -10.77
N LEU D 590 1.45 32.18 -11.17
CA LEU D 590 2.62 31.53 -11.76
C LEU D 590 3.35 30.67 -10.74
N GLU D 591 3.42 31.12 -9.49
CA GLU D 591 4.02 30.30 -8.45
C GLU D 591 3.34 28.94 -8.35
N ASN D 592 2.02 28.93 -8.46
CA ASN D 592 1.24 27.70 -8.39
C ASN D 592 0.93 27.11 -9.75
N GLU D 593 1.61 27.58 -10.80
CA GLU D 593 1.51 27.00 -12.14
C GLU D 593 0.09 27.07 -12.70
N PHE D 594 -0.68 28.05 -12.24
CA PHE D 594 -2.01 28.27 -12.82
C PHE D 594 -1.92 28.85 -14.23
N ILE D 595 -0.86 29.60 -14.52
CA ILE D 595 -0.69 30.26 -15.81
C ILE D 595 0.77 30.18 -16.23
N GLN D 596 1.01 30.42 -17.51
CA GLN D 596 2.35 30.39 -18.09
C GLN D 596 2.65 31.75 -18.72
N SER D 597 3.82 32.30 -18.39
CA SER D 597 4.22 33.60 -18.93
C SER D 597 4.86 33.43 -20.30
N THR D 598 4.62 34.39 -21.18
CA THR D 598 5.18 34.37 -22.52
C THR D 598 5.43 35.79 -23.03
N LYS D 607 5.16 38.96 -20.94
CA LYS D 607 4.55 39.85 -21.92
C LYS D 607 3.11 39.46 -22.18
N VAL D 608 2.88 38.17 -22.44
CA VAL D 608 1.55 37.61 -22.63
C VAL D 608 1.39 36.43 -21.68
N TYR D 609 0.24 36.35 -21.02
CA TYR D 609 -0.03 35.32 -20.02
C TYR D 609 -1.12 34.40 -20.55
N HIS D 610 -1.02 33.12 -20.20
CA HIS D 610 -2.00 32.13 -20.64
C HIS D 610 -2.13 31.08 -19.55
N PRO D 611 -3.22 30.31 -19.55
CA PRO D 611 -3.32 29.15 -18.67
C PRO D 611 -2.83 27.89 -19.36
N THR D 612 -2.31 26.95 -18.57
CA THR D 612 -1.74 25.74 -19.15
C THR D 612 -2.76 24.61 -19.21
N HIS D 613 -3.11 24.05 -18.05
CA HIS D 613 -4.27 23.15 -17.96
C HIS D 613 -5.07 23.42 -16.70
N LEU D 614 -4.37 23.72 -15.60
CA LEU D 614 -5.04 23.84 -14.30
C LEU D 614 -5.82 25.15 -14.20
N GLY D 615 -5.33 26.22 -14.82
CA GLY D 615 -6.10 27.45 -14.85
C GLY D 615 -7.39 27.30 -15.63
N SER D 616 -7.31 26.67 -16.80
CA SER D 616 -8.51 26.44 -17.60
C SER D 616 -9.50 25.55 -16.86
N ALA D 617 -9.01 24.50 -16.19
CA ALA D 617 -9.89 23.63 -15.44
C ALA D 617 -10.40 24.29 -14.18
N THR D 618 -9.65 25.25 -13.63
CA THR D 618 -10.08 25.92 -12.41
C THR D 618 -11.20 26.91 -12.69
N LEU D 619 -11.09 27.66 -13.79
CA LEU D 619 -12.08 28.68 -14.10
C LEU D 619 -13.38 28.06 -14.60
N SER D 620 -13.27 27.04 -15.47
CA SER D 620 -14.47 26.36 -15.95
C SER D 620 -15.16 25.61 -14.83
N SER D 621 -14.41 25.24 -13.79
CA SER D 621 -15.00 24.56 -12.64
C SER D 621 -15.58 25.51 -11.61
N SER D 622 -15.35 26.82 -11.77
CA SER D 622 -15.85 27.83 -10.83
C SER D 622 -15.38 27.54 -9.40
N LEU D 623 -14.20 26.95 -9.27
CA LEU D 623 -13.60 26.69 -7.98
C LEU D 623 -12.67 27.85 -7.61
N SER D 624 -12.54 28.08 -6.31
CA SER D 624 -11.60 29.10 -5.85
C SER D 624 -10.17 28.62 -6.11
N PRO D 625 -9.35 29.41 -6.80
CA PRO D 625 -7.98 28.96 -7.08
C PRO D 625 -7.18 28.67 -5.82
N ALA D 626 -7.55 29.24 -4.69
CA ALA D 626 -6.87 28.93 -3.44
C ALA D 626 -7.00 27.45 -3.10
N ASP D 627 -8.22 26.91 -3.20
CA ASP D 627 -8.47 25.52 -2.83
C ASP D 627 -8.25 24.55 -3.97
N THR D 628 -8.02 25.04 -5.19
CA THR D 628 -7.82 24.13 -6.32
C THR D 628 -6.53 23.36 -6.21
N LEU D 629 -5.50 23.90 -5.56
CA LEU D 629 -4.28 23.13 -5.34
C LEU D 629 -4.56 21.92 -4.46
N ASP D 630 -5.28 22.12 -3.35
CA ASP D 630 -5.63 21.02 -2.48
C ASP D 630 -6.53 20.02 -3.20
N ILE D 631 -7.48 20.51 -3.99
CA ILE D 631 -8.37 19.62 -4.73
C ILE D 631 -7.58 18.80 -5.73
N PHE D 632 -6.66 19.44 -6.45
CA PHE D 632 -5.81 18.73 -7.40
C PHE D 632 -5.01 17.66 -6.70
N ALA D 633 -4.42 17.97 -5.54
CA ALA D 633 -3.64 16.99 -4.81
C ALA D 633 -4.51 15.82 -4.36
N ASP D 634 -5.69 16.10 -3.81
CA ASP D 634 -6.55 15.04 -3.31
C ASP D 634 -7.07 14.16 -4.44
N LEU D 635 -7.40 14.75 -5.58
CA LEU D 635 -7.87 13.96 -6.71
C LEU D 635 -6.75 13.10 -7.28
N GLN D 636 -5.59 13.71 -7.53
CA GLN D 636 -4.46 12.93 -8.06
C GLN D 636 -4.06 11.82 -7.10
N ARG D 637 -4.03 12.09 -5.80
CA ARG D 637 -3.72 11.04 -4.84
C ARG D 637 -4.78 9.94 -4.88
N ALA D 638 -6.05 10.31 -5.01
CA ALA D 638 -7.12 9.33 -4.97
C ALA D 638 -7.02 8.36 -6.14
N MET D 639 -6.77 8.87 -7.35
CA MET D 639 -6.73 8.01 -8.52
C MET D 639 -5.66 6.94 -8.41
N LYS D 640 -4.60 7.18 -7.64
CA LYS D 640 -3.55 6.18 -7.47
C LYS D 640 -4.08 4.94 -6.77
N GLY D 641 -4.89 5.12 -5.72
CA GLY D 641 -5.32 4.01 -4.90
C GLY D 641 -6.81 3.97 -4.66
N PHE D 642 -7.59 4.29 -5.68
CA PHE D 642 -9.02 4.48 -5.50
C PHE D 642 -9.70 3.21 -4.98
N VAL D 643 -10.70 3.41 -4.14
CA VAL D 643 -11.49 2.33 -3.56
C VAL D 643 -12.87 2.38 -4.21
N LEU D 644 -13.22 1.32 -4.94
CA LEU D 644 -14.51 1.23 -5.61
C LEU D 644 -15.50 0.35 -4.87
N GLU D 645 -15.13 -0.20 -3.72
CA GLU D 645 -16.02 -1.09 -3.00
C GLU D 645 -17.30 -0.38 -2.58
N ASN D 646 -17.21 0.89 -2.23
CA ASN D 646 -18.37 1.67 -1.83
C ASN D 646 -18.21 3.09 -2.33
N ASP D 647 -19.23 3.91 -2.08
CA ASP D 647 -19.23 5.30 -2.50
C ASP D 647 -18.41 6.20 -1.58
N LEU D 648 -17.92 5.69 -0.47
CA LEU D 648 -17.34 6.55 0.55
C LEU D 648 -16.10 7.29 0.03
N HIS D 649 -15.27 6.62 -0.77
CA HIS D 649 -14.10 7.30 -1.31
C HIS D 649 -14.50 8.36 -2.32
N ILE D 650 -15.55 8.11 -3.11
CA ILE D 650 -16.04 9.13 -4.03
C ILE D 650 -16.66 10.28 -3.25
N LEU D 651 -17.41 9.97 -2.20
CA LEU D 651 -18.01 11.03 -1.39
C LEU D 651 -16.95 11.89 -0.73
N TYR D 652 -15.86 11.28 -0.25
CA TYR D 652 -14.83 12.06 0.42
C TYR D 652 -14.27 13.14 -0.51
N LEU D 653 -14.14 12.82 -1.79
CA LEU D 653 -13.61 13.78 -2.75
C LEU D 653 -14.59 14.89 -3.11
N VAL D 654 -15.88 14.70 -2.85
CA VAL D 654 -16.88 15.71 -3.15
C VAL D 654 -17.52 16.18 -1.85
N THR D 655 -16.77 16.12 -0.76
CA THR D 655 -17.20 16.64 0.52
C THR D 655 -16.61 18.02 0.73
N PRO D 656 -17.41 19.07 0.82
CA PRO D 656 -16.86 20.40 1.08
C PRO D 656 -16.69 20.65 2.57
N MET D 657 -15.61 21.37 2.91
CA MET D 657 -15.37 21.77 4.29
C MET D 657 -14.90 23.21 4.36
N PHE D 658 -15.47 24.09 3.52
CA PHE D 658 -15.10 25.50 3.56
C PHE D 658 -15.86 26.27 4.64
N GLU D 659 -16.96 25.73 5.16
CA GLU D 659 -17.62 26.27 6.34
C GLU D 659 -17.86 25.15 7.34
N ASP D 660 -18.09 25.55 8.59
CA ASP D 660 -18.40 24.62 9.68
C ASP D 660 -19.90 24.38 9.65
N TRP D 661 -20.33 23.38 8.88
CA TRP D 661 -21.74 23.14 8.71
C TRP D 661 -22.40 22.58 9.97
N THR D 662 -21.62 22.04 10.89
CA THR D 662 -22.16 21.57 12.15
C THR D 662 -21.02 21.30 13.12
N THR D 663 -21.35 21.24 14.41
CA THR D 663 -20.38 20.88 15.43
C THR D 663 -20.31 19.37 15.56
N ILE D 664 -19.10 18.83 15.52
CA ILE D 664 -18.87 17.39 15.49
C ILE D 664 -18.72 16.90 16.92
N ASP D 665 -19.48 15.86 17.27
CA ASP D 665 -19.32 15.16 18.54
C ASP D 665 -18.36 14.01 18.33
N TRP D 666 -17.17 14.12 18.90
CA TRP D 666 -16.11 13.15 18.63
C TRP D 666 -16.32 11.83 19.35
N TYR D 667 -17.14 11.79 20.41
CA TYR D 667 -17.41 10.51 21.06
C TYR D 667 -18.26 9.61 20.17
N ARG D 668 -19.35 10.15 19.64
CA ARG D 668 -20.17 9.39 18.71
C ARG D 668 -19.39 9.05 17.43
N PHE D 669 -18.52 9.96 17.00
CA PHE D 669 -17.69 9.69 15.83
C PHE D 669 -16.73 8.53 16.10
N PHE D 670 -16.16 8.47 17.31
CA PHE D 670 -15.31 7.34 17.67
C PHE D 670 -16.11 6.05 17.72
N CYS D 671 -17.34 6.10 18.26
CA CYS D 671 -18.17 4.91 18.26
C CYS D 671 -18.42 4.42 16.85
N LEU D 672 -18.80 5.33 15.95
CA LEU D 672 -19.03 4.96 14.56
C LEU D 672 -17.76 4.40 13.92
N TRP D 673 -16.61 5.01 14.21
CA TRP D 673 -15.34 4.50 13.73
C TRP D 673 -15.12 3.07 14.18
N GLU D 674 -15.43 2.77 15.44
CA GLU D 674 -15.33 1.42 15.94
C GLU D 674 -16.25 0.47 15.17
N LYS D 675 -17.46 0.93 14.88
CA LYS D 675 -18.44 0.08 14.21
C LYS D 675 -18.32 0.09 12.69
N LEU D 676 -17.36 0.83 12.13
CA LEU D 676 -17.26 0.93 10.68
C LEU D 676 -16.80 -0.41 10.08
N PRO D 677 -17.26 -0.73 8.87
CA PRO D 677 -16.70 -1.89 8.16
C PRO D 677 -15.27 -1.63 7.73
N THR D 678 -14.59 -2.71 7.37
CA THR D 678 -13.19 -2.62 6.95
C THR D 678 -13.06 -1.90 5.61
N SER D 679 -14.04 -2.08 4.72
CA SER D 679 -13.98 -1.41 3.42
C SER D 679 -13.93 0.10 3.59
N MET D 680 -14.75 0.63 4.49
CA MET D 680 -14.77 2.05 4.79
C MET D 680 -13.53 2.49 5.54
N LYS D 681 -12.89 1.60 6.30
CA LYS D 681 -11.68 1.95 7.02
C LYS D 681 -10.46 1.98 6.11
N ARG D 682 -10.46 1.21 5.02
CA ARG D 682 -9.37 1.31 4.05
C ARG D 682 -9.33 2.70 3.44
N VAL D 683 -10.47 3.23 3.03
CA VAL D 683 -10.51 4.60 2.52
C VAL D 683 -10.17 5.60 3.61
N ALA D 684 -10.57 5.33 4.85
CA ALA D 684 -10.22 6.23 5.94
C ALA D 684 -8.70 6.32 6.10
N GLU D 685 -8.01 5.19 6.08
CA GLU D 685 -6.56 5.20 6.12
C GLU D 685 -5.98 5.90 4.90
N LEU D 686 -6.56 5.67 3.72
CA LEU D 686 -6.03 6.27 2.51
C LEU D 686 -6.10 7.80 2.57
N VAL D 687 -7.23 8.34 3.04
CA VAL D 687 -7.42 9.78 3.04
C VAL D 687 -6.52 10.44 4.08
N GLY D 688 -6.35 9.81 5.24
CA GLY D 688 -5.47 10.34 6.26
C GLY D 688 -5.98 10.18 7.67
N VAL D 689 -7.19 9.62 7.84
CA VAL D 689 -7.74 9.43 9.17
C VAL D 689 -6.86 8.48 9.96
N GLU D 690 -6.61 8.83 11.23
CA GLU D 690 -5.79 8.03 12.12
C GLU D 690 -6.54 7.78 13.43
N GLU D 691 -6.45 6.56 13.93
CA GLU D 691 -7.09 6.24 15.21
C GLU D 691 -6.51 7.07 16.35
N GLY D 692 -5.24 7.48 16.22
CA GLY D 692 -4.64 8.29 17.27
C GLY D 692 -5.32 9.63 17.45
N PHE D 693 -5.64 10.31 16.34
CA PHE D 693 -6.30 11.61 16.44
C PHE D 693 -7.70 11.48 17.03
N LEU D 694 -8.46 10.47 16.61
CA LEU D 694 -9.77 10.27 17.20
C LEU D 694 -9.66 9.90 18.68
N ALA D 695 -8.63 9.15 19.06
CA ALA D 695 -8.41 8.86 20.47
C ALA D 695 -8.09 10.14 21.24
N ARG D 696 -7.31 11.05 20.65
CA ARG D 696 -7.06 12.32 21.30
C ARG D 696 -8.36 13.10 21.49
N CYS D 697 -9.21 13.14 20.46
CA CYS D 697 -10.40 13.96 20.49
C CYS D 697 -11.53 13.38 21.34
N VAL D 698 -11.58 12.05 21.48
CA VAL D 698 -12.72 11.44 22.18
C VAL D 698 -12.75 11.86 23.64
N LYS D 699 -11.60 11.89 24.29
CA LYS D 699 -11.50 12.24 25.71
C LYS D 699 -10.88 13.62 25.90
N GLY D 700 -9.72 13.87 25.30
CA GLY D 700 -9.06 15.15 25.44
C GLY D 700 -9.84 16.26 24.75
N LYS D 701 -9.59 17.48 25.20
CA LYS D 701 -10.24 18.63 24.62
C LYS D 701 -9.86 18.78 23.16
N VAL D 702 -10.74 19.41 22.39
CA VAL D 702 -10.49 19.60 20.96
C VAL D 702 -9.12 20.25 20.79
N VAL D 703 -8.26 19.59 20.00
CA VAL D 703 -6.90 20.08 19.83
C VAL D 703 -6.90 21.40 19.10
N ALA D 704 -6.16 22.37 19.62
CA ALA D 704 -6.04 23.67 18.98
C ALA D 704 -5.24 23.54 17.70
N ARG D 705 -5.78 24.08 16.60
CA ARG D 705 -5.09 24.06 15.31
C ARG D 705 -4.25 25.32 15.15
N THR D 706 -3.38 25.53 16.13
CA THR D 706 -2.54 26.74 16.13
C THR D 706 -1.66 26.81 14.90
N GLU D 707 -1.20 25.66 14.42
CA GLU D 707 -0.21 25.61 13.34
C GLU D 707 -0.89 25.30 12.00
N ARG D 708 -0.36 25.91 10.94
CA ARG D 708 -0.87 25.65 9.60
C ARG D 708 -0.72 24.19 9.20
N GLN D 709 0.21 23.46 9.81
CA GLN D 709 0.41 22.06 9.48
C GLN D 709 -0.69 21.16 10.02
N HIS D 710 -1.62 21.71 10.80
CA HIS D 710 -2.68 20.91 11.41
C HIS D 710 -3.96 20.94 10.60
N ARG D 711 -3.83 20.97 9.28
CA ARG D 711 -4.96 20.71 8.40
C ARG D 711 -5.45 19.27 8.52
N GLN D 712 -4.70 18.41 9.19
CA GLN D 712 -5.15 17.04 9.42
C GLN D 712 -6.31 16.97 10.41
N MET D 713 -6.64 18.08 11.07
CA MET D 713 -7.93 18.16 11.75
C MET D 713 -9.07 18.26 10.75
N ALA D 714 -8.82 18.92 9.61
CA ALA D 714 -9.84 19.00 8.59
C ALA D 714 -10.07 17.67 7.89
N ILE D 715 -9.07 16.79 7.90
CA ILE D 715 -9.24 15.47 7.29
C ILE D 715 -10.31 14.67 8.04
N HIS D 716 -10.30 14.73 9.36
CA HIS D 716 -11.26 13.93 10.13
C HIS D 716 -12.65 14.55 10.10
N LYS D 717 -12.75 15.87 10.08
CA LYS D 717 -14.04 16.51 9.87
C LYS D 717 -14.59 16.17 8.50
N ARG D 718 -13.71 16.18 7.48
CA ARG D 718 -14.13 15.81 6.14
C ARG D 718 -14.63 14.37 6.10
N PHE D 719 -13.93 13.45 6.78
CA PHE D 719 -14.36 12.06 6.79
C PHE D 719 -15.70 11.90 7.50
N PHE D 720 -15.89 12.60 8.62
CA PHE D 720 -17.18 12.57 9.31
C PHE D 720 -18.30 13.07 8.39
N THR D 721 -18.06 14.19 7.71
CA THR D 721 -19.05 14.72 6.79
C THR D 721 -19.32 13.75 5.64
N SER D 722 -18.28 13.09 5.13
CA SER D 722 -18.47 12.13 4.05
C SER D 722 -19.27 10.92 4.50
N LEU D 723 -19.08 10.48 5.76
CA LEU D 723 -19.93 9.42 6.29
C LEU D 723 -21.38 9.88 6.36
N VAL D 724 -21.59 11.11 6.81
CA VAL D 724 -22.96 11.63 6.84
C VAL D 724 -23.54 11.65 5.43
N LEU D 725 -22.75 12.08 4.45
CA LEU D 725 -23.22 12.12 3.07
C LEU D 725 -23.49 10.73 2.51
N LEU D 726 -22.70 9.73 2.92
CA LEU D 726 -22.97 8.37 2.48
C LEU D 726 -24.29 7.87 3.04
N ASP D 727 -24.54 8.10 4.34
CA ASP D 727 -25.85 7.78 4.88
C ASP D 727 -26.95 8.57 4.16
N LEU D 728 -26.62 9.78 3.71
CA LEU D 728 -27.59 10.61 3.02
C LEU D 728 -27.98 10.01 1.69
N ILE D 729 -27.00 9.67 0.85
CA ILE D 729 -27.28 9.10 -0.47
C ILE D 729 -27.72 7.65 -0.38
N SER D 730 -27.58 7.01 0.79
CA SER D 730 -28.16 5.69 0.99
C SER D 730 -29.67 5.76 1.20
N GLU D 731 -30.25 6.96 1.22
CA GLU D 731 -31.69 7.14 1.32
C GLU D 731 -32.22 6.66 2.67
N VAL D 732 -31.53 7.05 3.72
CA VAL D 732 -31.98 6.76 5.08
C VAL D 732 -32.67 8.02 5.62
N PRO D 733 -33.68 7.89 6.47
CA PRO D 733 -34.43 9.07 6.88
C PRO D 733 -33.56 10.07 7.64
N LEU D 734 -33.93 11.35 7.53
CA LEU D 734 -33.14 12.39 8.17
C LEU D 734 -33.04 12.19 9.68
N ARG D 735 -34.08 11.65 10.30
CA ARG D 735 -34.02 11.39 11.73
C ARG D 735 -32.94 10.37 12.06
N GLU D 736 -32.82 9.32 11.23
CA GLU D 736 -31.78 8.33 11.46
C GLU D 736 -30.39 8.93 11.34
N ILE D 737 -30.18 9.81 10.36
CA ILE D 737 -28.89 10.50 10.24
C ILE D 737 -28.67 11.40 11.44
N ASN D 738 -29.74 12.01 11.96
CA ASN D 738 -29.62 12.90 13.10
C ASN D 738 -29.17 12.14 14.35
N GLN D 739 -29.86 11.05 14.67
CA GLN D 739 -29.49 10.28 15.86
C GLN D 739 -28.09 9.67 15.71
N LYS D 740 -27.78 9.18 14.51
CA LYS D 740 -26.51 8.50 14.30
C LYS D 740 -25.33 9.47 14.32
N TYR D 741 -25.55 10.73 13.95
CA TYR D 741 -24.48 11.71 13.83
C TYR D 741 -24.69 12.97 14.65
N GLY D 742 -25.91 13.29 15.04
CA GLY D 742 -26.18 14.44 15.88
C GLY D 742 -26.53 15.71 15.13
N CYS D 743 -26.31 15.74 13.81
CA CYS D 743 -26.66 16.92 13.03
C CYS D 743 -28.15 16.90 12.72
N ASN D 744 -28.82 18.02 12.96
CA ASN D 744 -30.26 18.10 12.73
C ASN D 744 -30.53 18.18 11.23
N ARG D 745 -31.82 18.07 10.90
CA ARG D 745 -32.21 17.91 9.50
C ARG D 745 -31.89 19.15 8.67
N GLY D 746 -32.05 20.35 9.25
CA GLY D 746 -31.72 21.55 8.51
C GLY D 746 -30.24 21.61 8.15
N GLN D 747 -29.38 21.27 9.10
CA GLN D 747 -27.95 21.19 8.80
C GLN D 747 -27.68 20.14 7.75
N ILE D 748 -28.39 19.01 7.82
CA ILE D 748 -28.18 17.95 6.84
C ILE D 748 -28.60 18.40 5.45
N GLN D 749 -29.63 19.22 5.35
CA GLN D 749 -30.06 19.72 4.04
C GLN D 749 -29.11 20.77 3.50
N SER D 750 -28.59 21.64 4.37
CA SER D 750 -27.56 22.57 3.93
C SER D 750 -26.34 21.82 3.45
N LEU D 751 -25.95 20.75 4.16
CA LEU D 751 -24.86 19.91 3.71
C LEU D 751 -25.20 19.24 2.38
N GLN D 752 -26.44 18.77 2.23
CA GLN D 752 -26.89 18.25 0.94
C GLN D 752 -26.55 19.22 -0.18
N GLN D 753 -27.06 20.45 -0.06
CA GLN D 753 -26.91 21.41 -1.15
C GLN D 753 -25.44 21.73 -1.39
N SER D 754 -24.69 21.98 -0.32
CA SER D 754 -23.28 22.33 -0.49
C SER D 754 -22.50 21.19 -1.11
N ALA D 755 -22.76 19.95 -0.68
CA ALA D 755 -22.06 18.79 -1.21
C ALA D 755 -22.42 18.55 -2.66
N ALA D 756 -23.69 18.73 -3.03
CA ALA D 756 -24.08 18.55 -4.42
C ALA D 756 -23.43 19.60 -5.31
N VAL D 757 -23.43 20.86 -4.87
CA VAL D 757 -22.79 21.91 -5.64
C VAL D 757 -21.30 21.60 -5.81
N TYR D 758 -20.65 21.20 -4.72
CA TYR D 758 -19.24 20.87 -4.79
C TYR D 758 -18.98 19.68 -5.70
N ALA D 759 -19.86 18.67 -5.65
CA ALA D 759 -19.70 17.51 -6.52
C ALA D 759 -19.79 17.91 -7.99
N GLY D 760 -20.75 18.78 -8.32
CA GLY D 760 -20.82 19.27 -9.69
C GLY D 760 -19.57 20.03 -10.10
N MET D 761 -19.08 20.89 -9.22
CA MET D 761 -17.87 21.65 -9.53
C MET D 761 -16.69 20.72 -9.76
N ILE D 762 -16.53 19.72 -8.89
CA ILE D 762 -15.43 18.78 -9.03
C ILE D 762 -15.58 17.94 -10.27
N THR D 763 -16.82 17.58 -10.64
CA THR D 763 -17.03 16.85 -11.87
C THR D 763 -16.58 17.65 -13.08
N VAL D 764 -16.91 18.95 -13.11
CA VAL D 764 -16.47 19.78 -14.22
C VAL D 764 -14.96 19.93 -14.20
N PHE D 765 -14.37 20.08 -13.01
CA PHE D 765 -12.92 20.17 -12.89
C PHE D 765 -12.25 18.94 -13.49
N SER D 766 -12.70 17.75 -13.09
CA SER D 766 -12.15 16.51 -13.63
C SER D 766 -12.39 16.39 -15.13
N ASN D 767 -13.58 16.77 -15.60
CA ASN D 767 -13.86 16.70 -17.03
C ASN D 767 -12.85 17.53 -17.80
N ARG D 768 -12.62 18.76 -17.35
CA ARG D 768 -11.70 19.65 -18.07
C ARG D 768 -10.25 19.24 -17.92
N LEU D 769 -9.89 18.58 -16.82
CA LEU D 769 -8.51 18.15 -16.63
C LEU D 769 -8.15 16.92 -17.46
N GLY D 770 -9.14 16.27 -18.07
CA GLY D 770 -8.88 15.05 -18.81
C GLY D 770 -8.94 13.78 -18.01
N TRP D 771 -9.50 13.81 -16.81
CA TRP D 771 -9.60 12.63 -15.95
C TRP D 771 -10.95 11.98 -16.19
N HIS D 772 -10.99 11.08 -17.17
CA HIS D 772 -12.27 10.52 -17.62
C HIS D 772 -12.87 9.57 -16.60
N ASN D 773 -12.05 8.72 -15.99
CA ASN D 773 -12.59 7.76 -15.02
C ASN D 773 -13.09 8.48 -13.77
N MET D 774 -12.34 9.47 -13.28
CA MET D 774 -12.79 10.23 -12.13
C MET D 774 -14.08 10.97 -12.45
N GLU D 775 -14.16 11.58 -13.63
CA GLU D 775 -15.38 12.27 -14.04
C GLU D 775 -16.55 11.31 -14.11
N LEU D 776 -16.35 10.13 -14.67
CA LEU D 776 -17.43 9.15 -14.78
C LEU D 776 -17.90 8.71 -13.40
N LEU D 777 -16.97 8.48 -12.49
CA LEU D 777 -17.37 8.08 -11.14
C LEU D 777 -18.08 9.20 -10.41
N LEU D 778 -17.74 10.46 -10.70
CA LEU D 778 -18.34 11.59 -10.02
C LEU D 778 -19.68 12.03 -10.61
N SER D 779 -19.94 11.75 -11.88
CA SER D 779 -21.07 12.37 -12.57
C SER D 779 -22.38 12.06 -11.87
N GLN D 780 -22.62 10.79 -11.52
CA GLN D 780 -23.89 10.42 -10.92
C GLN D 780 -24.10 11.09 -9.57
N PHE D 781 -23.02 11.48 -8.90
CA PHE D 781 -23.12 11.87 -7.50
C PHE D 781 -23.75 13.24 -7.30
N GLN D 782 -23.67 14.13 -8.28
CA GLN D 782 -24.27 15.45 -8.12
C GLN D 782 -25.78 15.34 -7.92
N LYS D 783 -26.46 14.56 -8.78
CA LYS D 783 -27.90 14.41 -8.65
C LYS D 783 -28.27 13.62 -7.40
N ARG D 784 -27.51 12.56 -7.10
CA ARG D 784 -27.78 11.79 -5.90
C ARG D 784 -27.67 12.64 -4.65
N LEU D 785 -26.68 13.54 -4.61
CA LEU D 785 -26.53 14.44 -3.48
C LEU D 785 -27.63 15.49 -3.46
N THR D 786 -28.00 16.03 -4.62
CA THR D 786 -29.08 17.00 -4.67
C THR D 786 -30.36 16.44 -4.10
N PHE D 787 -30.69 15.20 -4.47
CA PHE D 787 -31.94 14.59 -4.03
C PHE D 787 -31.77 13.56 -2.92
N GLY D 788 -30.54 13.15 -2.62
CA GLY D 788 -30.31 12.16 -1.59
C GLY D 788 -30.95 10.84 -1.93
N ILE D 789 -30.69 10.34 -3.14
CA ILE D 789 -31.33 9.15 -3.67
C ILE D 789 -30.27 8.18 -4.16
N GLN D 790 -30.70 6.94 -4.38
CA GLN D 790 -29.84 5.88 -4.88
C GLN D 790 -29.73 6.00 -6.40
N ARG D 791 -28.82 5.20 -6.98
CA ARG D 791 -28.61 5.26 -8.43
C ARG D 791 -29.90 5.01 -9.19
N GLU D 792 -30.74 4.10 -8.71
CA GLU D 792 -31.91 3.69 -9.48
C GLU D 792 -32.93 4.81 -9.63
N LEU D 793 -33.05 5.67 -8.62
CA LEU D 793 -34.03 6.76 -8.65
C LEU D 793 -33.53 7.96 -9.44
N CYS D 794 -32.30 7.93 -9.93
CA CYS D 794 -31.72 9.11 -10.56
C CYS D 794 -32.42 9.44 -11.88
N ASP D 795 -32.82 8.43 -12.64
CA ASP D 795 -33.56 8.62 -13.88
C ASP D 795 -35.01 8.98 -13.63
N LEU D 796 -35.46 8.89 -12.37
CA LEU D 796 -36.87 9.11 -12.03
C LEU D 796 -37.12 10.46 -11.37
N VAL D 797 -36.10 11.14 -10.84
CA VAL D 797 -36.28 12.42 -10.19
C VAL D 797 -36.12 13.54 -11.21
N ARG D 798 -36.05 13.17 -12.49
CA ARG D 798 -36.04 14.18 -13.54
C ARG D 798 -37.35 14.97 -13.58
N VAL D 799 -38.42 14.41 -13.03
CA VAL D 799 -39.69 15.13 -12.95
C VAL D 799 -39.66 16.02 -11.71
N SER D 800 -39.81 17.32 -11.92
CA SER D 800 -39.72 18.26 -10.81
C SER D 800 -40.72 17.94 -9.71
N LEU D 801 -41.86 17.35 -10.07
CA LEU D 801 -42.90 17.08 -9.09
C LEU D 801 -42.49 15.94 -8.16
N LEU D 802 -41.45 15.19 -8.53
CA LEU D 802 -41.11 13.98 -7.79
C LEU D 802 -39.98 14.25 -6.79
N ASN D 803 -40.22 13.86 -5.55
CA ASN D 803 -39.32 14.04 -4.42
C ASN D 803 -38.53 12.76 -4.20
N ALA D 804 -37.71 12.76 -3.15
CA ALA D 804 -36.99 11.55 -2.76
C ALA D 804 -37.96 10.46 -2.32
N GLN D 805 -38.96 10.83 -1.50
CA GLN D 805 -39.94 9.84 -1.06
C GLN D 805 -40.91 9.51 -2.19
N ARG D 806 -41.36 10.51 -2.94
CA ARG D 806 -42.30 10.27 -4.03
C ARG D 806 -41.64 9.58 -5.22
N ALA D 807 -40.31 9.51 -5.25
CA ALA D 807 -39.64 8.71 -6.27
C ALA D 807 -39.46 7.27 -5.81
N ARG D 808 -39.41 7.04 -4.50
CA ARG D 808 -39.31 5.67 -4.01
C ARG D 808 -40.64 4.94 -4.11
N VAL D 809 -41.74 5.61 -3.78
CA VAL D 809 -43.05 4.97 -3.83
C VAL D 809 -43.36 4.51 -5.24
N LEU D 810 -43.09 5.35 -6.23
CA LEU D 810 -43.30 4.96 -7.62
C LEU D 810 -42.30 3.89 -8.06
N TYR D 811 -41.06 3.97 -7.63
CA TYR D 811 -40.09 2.93 -7.97
C TYR D 811 -40.48 1.60 -7.35
N ALA D 812 -40.97 1.62 -6.12
CA ALA D 812 -41.45 0.38 -5.51
C ALA D 812 -42.63 -0.20 -6.28
N SER D 813 -43.53 0.65 -6.77
CA SER D 813 -44.66 0.17 -7.55
C SER D 813 -44.19 -0.50 -8.83
N GLY D 814 -43.19 0.06 -9.51
CA GLY D 814 -42.69 -0.52 -10.73
C GLY D 814 -42.32 0.52 -11.78
N PHE D 815 -42.60 1.78 -11.50
CA PHE D 815 -42.24 2.87 -12.40
C PHE D 815 -40.76 3.18 -12.20
N HIS D 816 -39.92 2.44 -12.92
CA HIS D 816 -38.47 2.54 -12.79
C HIS D 816 -37.86 3.48 -13.81
N THR D 817 -38.65 4.38 -14.39
CA THR D 817 -38.16 5.27 -15.43
C THR D 817 -39.25 6.27 -15.76
N VAL D 818 -38.84 7.48 -16.14
CA VAL D 818 -39.80 8.54 -16.45
C VAL D 818 -40.66 8.13 -17.64
N ALA D 819 -40.06 7.48 -18.63
CA ALA D 819 -40.85 6.97 -19.76
C ALA D 819 -41.91 6.00 -19.28
N ASP D 820 -41.55 5.10 -18.36
CA ASP D 820 -42.54 4.18 -17.80
C ASP D 820 -43.63 4.95 -17.05
N LEU D 821 -43.24 5.97 -16.29
CA LEU D 821 -44.20 6.74 -15.52
C LEU D 821 -45.16 7.52 -16.42
N ALA D 822 -44.72 7.86 -17.63
CA ALA D 822 -45.62 8.50 -18.58
C ALA D 822 -46.72 7.55 -19.03
N ARG D 823 -46.36 6.28 -19.28
CA ARG D 823 -47.33 5.27 -19.72
C ARG D 823 -48.02 4.70 -18.49
N ALA D 824 -49.00 5.45 -17.99
CA ALA D 824 -49.76 5.04 -16.82
C ALA D 824 -50.97 5.93 -16.67
N ASN D 825 -52.07 5.34 -16.20
CA ASN D 825 -53.29 6.11 -15.95
C ASN D 825 -53.13 6.94 -14.69
N ILE D 826 -53.93 8.02 -14.62
CA ILE D 826 -53.82 8.95 -13.50
C ILE D 826 -54.30 8.29 -12.22
N VAL D 827 -55.35 7.47 -12.30
CA VAL D 827 -55.92 6.85 -11.10
C VAL D 827 -54.92 5.91 -10.45
N GLU D 828 -54.11 5.20 -11.25
CA GLU D 828 -53.12 4.30 -10.69
C GLU D 828 -52.14 5.07 -9.81
N VAL D 829 -51.55 6.13 -10.35
CA VAL D 829 -50.61 6.93 -9.57
C VAL D 829 -51.32 7.57 -8.38
N GLU D 830 -52.59 7.94 -8.56
CA GLU D 830 -53.35 8.50 -7.45
C GLU D 830 -53.45 7.53 -6.28
N VAL D 831 -53.82 6.28 -6.57
CA VAL D 831 -53.98 5.31 -5.50
C VAL D 831 -52.63 4.96 -4.88
N ILE D 832 -51.59 4.88 -5.70
CA ILE D 832 -50.26 4.61 -5.14
C ILE D 832 -49.84 5.74 -4.21
N LEU D 833 -50.05 7.00 -4.62
CA LEU D 833 -49.69 8.12 -3.77
C LEU D 833 -50.49 8.11 -2.48
N LYS D 834 -51.79 7.81 -2.57
CA LYS D 834 -52.60 7.71 -1.36
C LYS D 834 -52.08 6.62 -0.44
N ASN D 835 -51.69 5.48 -0.99
CA ASN D 835 -51.13 4.40 -0.20
C ASN D 835 -49.67 4.67 0.13
N ASN D 858 -59.04 15.88 -2.76
CA ASN D 858 -59.72 17.11 -2.37
C ASN D 858 -58.96 17.82 -1.25
N MET D 859 -58.23 17.05 -0.45
CA MET D 859 -57.43 17.60 0.63
C MET D 859 -55.99 17.75 0.18
N ARG D 860 -55.47 18.97 0.27
CA ARG D 860 -54.08 19.25 -0.08
C ARG D 860 -53.18 18.68 1.01
N THR D 861 -52.48 17.59 0.70
CA THR D 861 -51.71 16.89 1.71
C THR D 861 -50.22 16.85 1.35
N ILE D 862 -49.92 16.73 0.06
CA ILE D 862 -48.52 16.76 -0.37
C ILE D 862 -48.08 18.20 -0.49
N TRP D 863 -46.77 18.43 -0.64
CA TRP D 863 -46.24 19.76 -0.84
C TRP D 863 -45.10 19.70 -1.85
N VAL D 864 -45.03 20.72 -2.70
CA VAL D 864 -43.95 20.88 -3.66
C VAL D 864 -43.67 22.36 -3.84
N THR D 865 -42.41 22.68 -4.12
CA THR D 865 -42.00 24.08 -4.23
C THR D 865 -42.83 24.77 -5.31
N GLY D 866 -43.36 25.95 -4.97
CA GLY D 866 -44.18 26.70 -5.90
C GLY D 866 -45.44 25.94 -6.31
N ARG D 867 -46.20 25.48 -5.32
CA ARG D 867 -47.40 24.69 -5.57
C ARG D 867 -48.63 25.60 -5.66
N LYS D 868 -49.77 24.96 -5.92
CA LYS D 868 -51.06 25.63 -6.03
C LYS D 868 -52.08 24.73 -5.34
N GLY D 869 -53.36 24.91 -5.64
CA GLY D 869 -54.38 24.12 -4.98
C GLY D 869 -54.28 22.67 -5.40
N LEU D 870 -53.20 22.02 -4.98
CA LEU D 870 -52.80 20.70 -5.44
C LEU D 870 -53.17 19.66 -4.39
N THR D 871 -53.78 18.56 -4.84
CA THR D 871 -54.11 17.46 -3.94
C THR D 871 -53.54 16.15 -4.47
N GLU D 872 -53.82 15.04 -3.78
CA GLU D 872 -53.36 13.75 -4.25
C GLU D 872 -53.93 13.38 -5.61
N ARG D 873 -55.10 13.92 -5.95
CA ARG D 873 -55.74 13.57 -7.21
C ARG D 873 -55.01 14.22 -8.39
N GLU D 874 -54.97 15.54 -8.43
CA GLU D 874 -54.40 16.25 -9.57
C GLU D 874 -52.87 16.28 -9.53
N ALA D 875 -52.27 15.97 -8.38
CA ALA D 875 -50.82 15.82 -8.34
C ALA D 875 -50.37 14.66 -9.21
N ALA D 876 -51.10 13.54 -9.16
CA ALA D 876 -50.80 12.43 -10.05
C ALA D 876 -51.01 12.81 -11.51
N ALA D 877 -51.98 13.70 -11.78
CA ALA D 877 -52.22 14.12 -13.16
C ALA D 877 -51.04 14.91 -13.70
N LEU D 878 -50.45 15.78 -12.90
CA LEU D 878 -49.31 16.57 -13.34
C LEU D 878 -48.03 15.73 -13.41
N ILE D 879 -47.89 14.72 -12.56
CA ILE D 879 -46.71 13.88 -12.60
C ILE D 879 -46.59 13.18 -13.96
N VAL D 880 -47.69 12.60 -14.42
CA VAL D 880 -47.67 11.92 -15.72
C VAL D 880 -47.56 12.94 -16.84
N GLU D 881 -48.24 14.08 -16.72
CA GLU D 881 -48.17 15.09 -17.77
C GLU D 881 -46.76 15.63 -17.94
N GLU D 882 -46.08 15.93 -16.82
CA GLU D 882 -44.71 16.41 -16.90
C GLU D 882 -43.78 15.35 -17.47
N ALA D 883 -44.00 14.08 -17.13
CA ALA D 883 -43.19 13.00 -17.70
C ALA D 883 -43.32 12.98 -19.21
N ARG D 884 -44.53 13.17 -19.73
CA ARG D 884 -44.72 13.22 -21.18
C ARG D 884 -43.91 14.35 -21.80
N MET D 885 -43.93 15.53 -21.19
CA MET D 885 -43.16 16.66 -21.73
C MET D 885 -41.68 16.37 -21.75
N ILE D 886 -41.16 15.69 -20.72
CA ILE D 886 -39.74 15.36 -20.69
C ILE D 886 -39.37 14.52 -21.90
N LEU D 887 -40.23 13.57 -22.28
CA LEU D 887 -40.01 12.77 -23.47
C LEU D 887 -40.32 13.57 -24.72
C01 A1CER E . 21.62 10.97 23.24
C03 A1CER E . 23.18 11.62 21.54
C04 A1CER E . 23.46 10.29 21.25
C06 A1CER E . 25.29 10.89 19.96
C08 A1CER E . 25.07 12.24 20.21
C09 A1CER E . 24.00 12.62 21.01
C10 A1CER E . 23.75 14.13 21.29
C11 A1CER E . 23.43 14.94 20.21
C13 A1CER E . 23.27 16.80 21.56
C14 A1CER E . 23.58 16.05 22.68
C15 A1CER E . 23.83 14.69 22.56
C16 A1CER E . 24.19 13.92 23.84
C19 A1CER E . 25.48 12.03 24.97
C22 A1CER E . 25.83 10.99 27.16
C24 A1CER E . 25.81 10.48 28.60
C25 A1CER E . 24.96 9.37 27.96
C26 A1CER E . 25.86 9.05 29.17
C27 A1CER E . 25.88 8.99 30.71
C28 A1CER E . 26.14 10.13 31.47
C29 A1CER E . 26.16 10.05 32.86
C30 A1CER E . 25.95 8.82 33.48
C31 A1CER E . 25.70 7.68 32.72
C32 A1CER E . 25.67 7.77 31.33
C33 A1CER E . 25.97 8.71 35.01
N05 A1CER E . 24.49 9.97 20.48
N12 A1CER E . 23.21 16.23 20.37
N18 A1CER E . 25.08 12.77 23.77
N20 A1CER E . 26.61 11.28 24.97
N21 A1CER E . 26.83 10.65 26.29
N34 A1CER E . 25.99 8.63 36.14
O02 A1CER E . 22.08 11.97 22.35
O17 A1CER E . 23.76 14.27 24.87
S23 A1CER E . 24.75 11.97 26.43
CL07 A1CER E . 26.66 10.38 18.93
H011 A1CER E . 20.96 11.42 23.98
H012 A1CER E . 22.47 10.51 23.75
H013 A1CER E . 21.08 10.21 22.68
H041 A1CER E . 22.83 9.50 21.65
H081 A1CER E . 25.73 12.98 19.78
H111 A1CER E . 23.36 14.51 19.21
H131 A1CER E . 23.08 17.87 21.65
H141 A1CER E . 23.64 16.53 23.66
H241 A1CER E . 25.17 11.10 29.20
H251 A1CER E . 25.29 8.95 27.02
H252 A1CER E . 23.90 9.44 28.18
H261 A1CER E . 26.76 8.55 28.79
H281 A1CER E . 26.32 11.09 30.98
H291 A1CER E . 26.35 10.93 33.45
H311 A1CER E . 25.53 6.73 33.21
H321 A1CER E . 25.48 6.88 30.74
H181 A1CER E . 25.46 12.49 22.89
C01 A1CER F . 21.11 -23.64 10.82
C03 A1CER F . 19.56 -24.33 12.51
C04 A1CER F . 19.73 -23.14 13.22
C06 A1CER F . 18.69 -24.03 15.08
C08 A1CER F . 18.48 -25.25 14.45
C09 A1CER F . 18.93 -25.41 13.14
C10 A1CER F . 18.73 -26.74 12.40
C11 A1CER F . 17.43 -27.10 12.08
C13 A1CER F . 18.11 -29.06 11.10
C14 A1CER F . 19.44 -28.79 11.38
C15 A1CER F . 19.78 -27.60 12.05
C16 A1CER F . 21.27 -27.38 12.33
C19 A1CER F . 23.17 -26.24 13.62
C22 A1CER F . 25.61 -26.17 13.74
C24 A1CER F . 27.14 -26.27 13.55
C25 A1CER F . 26.78 -25.28 12.44
C26 A1CER F . 28.15 -25.21 13.12
C27 A1CER F . 29.61 -25.69 12.98
C28 A1CER F . 29.95 -27.01 12.67
C29 A1CER F . 31.29 -27.37 12.55
C30 A1CER F . 32.29 -26.42 12.74
C31 A1CER F . 31.96 -25.10 13.04
C32 A1CER F . 30.62 -24.74 13.17
C33 A1CER F . 33.76 -26.80 12.61
N05 A1CER F . 19.29 -23.02 14.46
N12 A1CER F . 17.15 -28.23 11.45
N18 A1CER F . 21.75 -26.43 13.33
N20 A1CER F . 23.58 -25.58 14.74
N21 A1CER F . 25.06 -25.53 14.81
N34 A1CER F . 34.87 -27.07 12.52
O02 A1CER F . 20.03 -24.47 11.19
O17 A1CER F . 22.07 -28.02 11.74
S23 A1CER F . 24.45 -26.75 12.75
CL07 A1CER F . 18.12 -23.80 16.76
H011 A1CER F . 21.86 -23.63 11.62
H012 A1CER F . 20.75 -22.62 10.65
H013 A1CER F . 21.55 -24.01 9.90
H041 A1CER F . 20.22 -22.29 12.74
H081 A1CER F . 17.99 -26.06 14.97
H111 A1CER F . 16.61 -26.43 12.35
H131 A1CER F . 17.85 -29.98 10.57
H141 A1CER F . 20.22 -29.48 11.08
H241 A1CER F . 27.36 -27.23 13.09
H251 A1CER F . 26.10 -24.47 12.71
H252 A1CER F . 26.79 -25.68 11.43
H261 A1CER F . 28.13 -24.41 13.87
H281 A1CER F . 29.18 -27.76 12.52
H291 A1CER F . 31.55 -28.39 12.32
H311 A1CER F . 32.73 -24.36 13.19
H321 A1CER F . 30.36 -23.72 13.40
H181 A1CER F . 21.09 -25.88 13.85
C01 A1CER G . -23.39 -11.39 -21.18
C03 A1CER G . -21.88 -11.24 -23.04
C04 A1CER G . -21.91 -9.84 -22.99
C06 A1CER G . -20.89 -9.67 -25.05
C08 A1CER G . -20.81 -11.05 -25.17
C09 A1CER G . -21.32 -11.85 -24.16
C10 A1CER G . -21.24 -13.40 -24.28
C11 A1CER G . -19.99 -13.99 -24.35
C13 A1CER G . -20.91 -16.10 -24.50
C14 A1CER G . -22.20 -15.59 -24.43
C15 A1CER G . -22.39 -14.21 -24.33
C16 A1CER G . -23.82 -13.66 -24.27
C19 A1CER G . -25.47 -11.86 -25.00
C22 A1CER G . -27.88 -11.33 -24.86
C24 A1CER G . -29.39 -11.31 -24.65
C25 A1CER G . -28.96 -10.87 -23.25
C26 A1CER G . -30.29 -10.38 -23.82
C27 A1CER G . -31.80 -10.70 -23.84
C28 A1CER G . -32.31 -11.86 -24.41
C29 A1CER G . -33.68 -12.10 -24.39
C30 A1CER G . -34.55 -11.17 -23.81
C31 A1CER G . -34.04 -10.01 -23.24
C32 A1CER G . -32.67 -9.77 -23.25
C33 A1CER G . -36.05 -11.42 -23.80
N05 A1CER G . -21.42 -9.11 -23.97
N12 A1CER G . -19.86 -15.31 -24.45
N18 A1CER G . -24.14 -12.44 -24.98
N20 A1CER G . -25.74 -10.63 -25.52
N21 A1CER G . -27.19 -10.30 -25.44
N34 A1CER G . -37.17 -11.60 -23.78
O02 A1CER G . -22.41 -12.02 -21.99
O17 A1CER G . -24.65 -14.25 -23.66
S23 A1CER G . -26.86 -12.56 -24.48
CL07 A1CER G . -20.24 -8.63 -26.35
H011 A1CER G . -22.90 -10.68 -20.51
H012 A1CER G . -23.89 -12.14 -20.58
H013 A1CER G . -24.11 -10.87 -21.80
H041 A1CER G . -22.35 -9.34 -22.12
H081 A1CER G . -20.36 -11.49 -26.06
H111 A1CER G . -19.11 -13.36 -24.32
H131 A1CER G . -20.76 -17.17 -24.58
H141 A1CER G . -23.06 -16.25 -24.48
H241 A1CER G . -29.75 -12.34 -24.59
H251 A1CER G . -28.17 -10.11 -23.20
H252 A1CER G . -29.03 -11.65 -22.49
H261 A1CER G . -30.15 -9.36 -24.19
H281 A1CER G . -31.66 -12.59 -24.87
H291 A1CER G . -34.09 -13.01 -24.84
H311 A1CER G . -34.71 -9.29 -22.78
H321 A1CER G . -32.27 -8.87 -22.80
H181 A1CER G . -23.41 -11.99 -25.49
C01 A1CER H . -19.31 24.23 -12.77
C03 A1CER H . -20.86 24.10 -10.95
C04 A1CER H . -21.30 22.85 -11.38
C06 A1CER H . -23.10 22.90 -9.93
C08 A1CER H . -22.74 24.15 -9.44
C09 A1CER H . -21.59 24.77 -9.96
C10 A1CER H . -21.17 26.16 -9.43
C11 A1CER H . -20.82 26.28 -8.09
C13 A1CER H . -20.40 28.54 -8.32
C14 A1CER H . -20.72 28.50 -9.68
C15 A1CER H . -21.12 27.30 -10.24
C16 A1CER H . -21.48 27.27 -11.74
C19 A1CER H . -23.06 26.40 -13.55
C22 A1CER H . -23.54 26.70 -15.94
C24 A1CER H . -23.63 27.16 -17.40
C25 A1CER H . -22.23 26.55 -17.40
C26 A1CER H . -23.06 26.54 -18.68
C27 A1CER H . -23.29 27.34 -19.99
C28 A1CER H . -23.36 28.73 -20.01
C29 A1CER H . -23.56 29.40 -21.21
C30 A1CER H . -23.67 28.68 -22.40
C31 A1CER H . -23.59 27.30 -22.38
C32 A1CER H . -23.40 26.62 -21.17
C33 A1CER H . -23.89 29.40 -23.73
N05 A1CER H . -22.39 22.30 -10.87
N12 A1CER H . -20.45 27.44 -7.57
N18 A1CER H . -22.63 26.48 -12.17
N20 A1CER H . -23.89 25.43 -14.01
N21 A1CER H . -24.17 25.60 -15.46
N34 A1CER H . -24.06 29.92 -24.72
O02 A1CER H . -19.70 24.69 -11.49
O17 A1CER H . -20.85 27.88 -12.52
S23 A1CER H . -22.68 27.43 -14.77
CL07 A1CER H . -24.56 22.10 -9.28
H011 A1CER H . -18.58 24.91 -13.19
H012 A1CER H . -20.17 24.19 -13.42
H013 A1CER H . -18.86 23.24 -12.67
H041 A1CER H . -20.74 22.32 -12.14
H081 A1CER H . -23.33 24.65 -8.68
H111 A1CER H . -20.86 25.40 -7.44
H131 A1CER H . -20.08 29.47 -7.87
H141 A1CER H . -20.67 29.41 -10.27
H241 A1CER H . -23.55 28.24 -17.43
H251 A1CER H . -22.11 25.58 -16.92
H252 A1CER H . -21.42 27.27 -17.38
H261 A1CER H . -23.51 25.55 -18.81
H281 A1CER H . -23.27 29.30 -19.09
H291 A1CER H . -23.62 30.49 -21.23
H311 A1CER H . -23.70 26.73 -23.30
H321 A1CER H . -23.34 25.54 -21.17
H181 A1CER H . -23.15 25.97 -11.47
#